data_7V2A
#
_entry.id   7V2A
#
_cell.length_a   1.00
_cell.length_b   1.00
_cell.length_c   1.00
_cell.angle_alpha   90.00
_cell.angle_beta   90.00
_cell.angle_gamma   90.00
#
_symmetry.space_group_name_H-M   'P 1'
#
loop_
_entity.id
_entity.type
_entity.pdbx_description
1 polymer 'Spike glycoprotein'
2 polymer 'The light chain of XG014 Fab'
3 polymer 'The heavy chain of XG014'
4 non-polymer 2-acetamido-2-deoxy-beta-D-glucopyranose
#
loop_
_entity_poly.entity_id
_entity_poly.type
_entity_poly.pdbx_seq_one_letter_code
_entity_poly.pdbx_strand_id
1 'polypeptide(L)'
;MFVFLVLLPLVSSQCVNLTTRTQLPPAYTNSFTRGVYYPDKVFRSSVLHSTQDLFLPFFSNVTWFHAIHVSGTNGTKRFD
NPVLPFNDGVYFASTEKSNIIRGWIFGTTLDSKTQSLLIVNNATNVVIKVCEFQFCNDPFLGVYYHKNNKSWMESEFRVY
SSANNCTFEYVSQPFLMDLEGKQGNFKNLREFVFKNIDGYFKIYSKHTPINLVRDLPQGFSALEPLVDLPIGINITRFQT
LLALHRSYLTPGDSSSGWTAGAAAYYVGYLQPRTFLLKYNENGTITDAVDCALDPLSETKCTLKSFTVEKGIYQTSNFRV
QPTESIVRFPNITNLCPFGEVFNATRFASVYAWNRKRISNCVADYSVLYNSASFSTFKCYGVSPTKLNDLCFTNVYADSF
VIRGDEVRQIAPGQTGKIADYNYKLPDDFTGCVIAWNSNNLDSKVGGNYNYLYRLFRKSNLKPFERDISTEIYQAGSTPC
NGVEGFNCYFPLQSYGFQPTNGVGYQPYRVVVLSFELLHAPATVCGPKKSTNLVKNKCVNFNFNGLTGTGVLTESNKKFL
PFQQFGRDIADTTDAVRDPQTLEILDITPCSFGGVSVITPGTNTSNQVAVLYQDVNCTEVPVAIHADQLTPTWRVYSTGS
NVFQTRAGCLIGAEHVNNSYECDIPIGAGICASYQTQTNSPGSASSVASQSIIAYTMSLGAENSVAYSNNSIAIPTNFTI
SVTTEILPVSMTKTSVDCTMYICGDSTECSNLLLQYGSFCTQLNRALTGIAVEQDKNTQEVFAQVKQIYKTPPIKDFGGF
NFSQILPDPSKPSKRSFIEDLLFNKVTLADAGFIKQYGDCLGDIAARDLICAQKFNGLTVLPPLLTDEMIAQYTSALLAG
TITSGWTFGAGAALQIPFAMQMAYRFNGIGVTQNVLYENQKLIANQFNSAIGKIQDSLSSTASALGKLQDVVNQNAQALN
TLVKQLSSNFGAISSVLNDILSRLDPPEAEVQIDRLITGRLQSLQTYVTQQLIRAAEIRASANLAATKMSECVLGQSKRV
DFCGKGYHLMSFPQSAPHGVVFLHVTYVPAQEKNFTTAPAICHDGKAHFPREGVFVSNGTHWFVTQRNFYEPQIITTDNT
FVSGNCDVVIGIVNNTVYDPLQPELDSFKEELDKYFKNHTSPDVDLGDISGINASVVNIQKEIDRLNEVAKNLNESLIDL
QELGKYEQ
;
A,B,C
2 'polypeptide(L)'
;QSVLTQPPSVSAAPGQKVTISCSGSSSNIGNNPVSWYRQVPGTAPKLLIYDNNKRPSGIPDRFSGSKSGASATLGITGLQ
TGDEADYYCGTWHTSLSSGVFGGGTKLTVLSQPKAAPSVTLFPPSSEELQANKATLVCLISDFYPGAVTVAWKADSSPVK
AGVETTTPSKQSNNKYAASSYLSLTPEQWKSHRSYSCQVTHEGSTVEKTVAPTECS
;
D,F,H
3 'polypeptide(L)'
;EVQLVQSGAEVKKPGESLKISCKGSGYSFSNYWIGWVRHMPGKGLEWMGIIYPGDSDTRYSPSFQGQVTISVDTSISTAY
LQWSSLKASDTAMYYCTRHQYGYNYGYFYYYIDVWGKGTTVTVSSASTKGPSVFPLAPSSKSTSGGTAALGCLVKDYFPE
PVTVSWNSGALTSGVHTFPAVLQSSGLYSLSSVVTVPSSSLGTQTYICNVNHKPSNTKVDKRVEPKSCDKTHHHHHH
;
E,G,I
#
# COMPACT_ATOMS: atom_id res chain seq x y z
N ALA A 27 -55.30 7.29 14.51
CA ALA A 27 -55.41 6.68 15.83
C ALA A 27 -54.03 6.40 16.39
N TYR A 28 -53.10 7.30 16.14
CA TYR A 28 -51.68 7.07 16.38
C TYR A 28 -51.40 6.62 17.81
N THR A 29 -50.32 5.87 17.97
CA THR A 29 -49.85 5.46 19.29
C THR A 29 -48.33 5.41 19.27
N ASN A 30 -47.72 5.31 20.46
CA ASN A 30 -46.27 5.32 20.55
C ASN A 30 -45.71 3.91 20.54
N SER A 31 -44.70 3.70 19.71
CA SER A 31 -43.98 2.44 19.61
C SER A 31 -42.81 2.50 20.57
N PHE A 32 -43.06 2.11 21.82
CA PHE A 32 -42.13 2.38 22.89
C PHE A 32 -40.78 1.73 22.61
N THR A 33 -40.72 0.41 22.66
CA THR A 33 -39.49 -0.32 22.41
C THR A 33 -39.71 -1.57 21.56
N ARG A 34 -40.88 -1.71 20.96
CA ARG A 34 -41.16 -2.89 20.17
C ARG A 34 -40.45 -2.83 18.83
N GLY A 35 -40.29 -4.00 18.22
CA GLY A 35 -39.73 -4.09 16.90
C GLY A 35 -38.31 -4.60 16.81
N VAL A 36 -37.73 -5.03 17.91
CA VAL A 36 -36.35 -5.48 17.94
C VAL A 36 -36.31 -6.97 17.64
N TYR A 37 -35.42 -7.36 16.74
CA TYR A 37 -35.38 -8.73 16.24
C TYR A 37 -33.95 -9.13 15.97
N TYR A 38 -33.68 -10.42 16.12
CA TYR A 38 -32.34 -10.93 15.89
C TYR A 38 -31.96 -10.77 14.44
N PRO A 39 -30.93 -9.98 14.12
CA PRO A 39 -30.60 -9.76 12.70
C PRO A 39 -29.88 -10.94 12.05
N ASP A 40 -29.55 -11.97 12.79
CA ASP A 40 -28.95 -13.15 12.14
C ASP A 40 -29.03 -14.30 13.10
N LYS A 41 -28.04 -15.20 13.09
CA LYS A 41 -28.03 -16.39 13.97
C LYS A 41 -26.73 -16.32 14.78
N VAL A 42 -25.62 -15.94 14.14
CA VAL A 42 -24.28 -15.79 14.75
C VAL A 42 -24.46 -15.63 16.25
N PHE A 43 -24.47 -16.73 16.98
CA PHE A 43 -24.69 -16.70 18.42
C PHE A 43 -23.66 -15.77 19.07
N ARG A 44 -24.15 -14.83 19.87
CA ARG A 44 -23.30 -13.93 20.63
C ARG A 44 -23.78 -13.92 22.06
N SER A 45 -22.87 -13.64 22.99
CA SER A 45 -23.24 -13.69 24.39
C SER A 45 -22.51 -12.59 25.16
N SER A 46 -23.28 -11.88 25.98
CA SER A 46 -22.75 -10.79 26.80
C SER A 46 -21.91 -9.84 25.97
N VAL A 47 -22.50 -9.25 24.93
CA VAL A 47 -21.81 -8.35 24.03
C VAL A 47 -22.73 -7.20 23.71
N LEU A 48 -22.23 -5.98 23.81
CA LEU A 48 -22.93 -4.81 23.31
C LEU A 48 -22.57 -4.67 21.83
N HIS A 49 -23.19 -5.51 21.02
CA HIS A 49 -22.84 -5.55 19.61
C HIS A 49 -23.63 -4.50 18.85
N SER A 50 -22.94 -3.81 17.97
CA SER A 50 -23.57 -2.78 17.16
C SER A 50 -23.92 -3.37 15.80
N THR A 51 -24.97 -2.83 15.19
CA THR A 51 -25.35 -3.28 13.86
C THR A 51 -26.09 -2.16 13.16
N GLN A 52 -26.29 -2.31 11.86
CA GLN A 52 -27.02 -1.34 11.08
C GLN A 52 -27.98 -2.07 10.17
N ASP A 53 -29.26 -2.08 10.54
CA ASP A 53 -30.27 -2.82 9.81
C ASP A 53 -31.53 -1.97 9.73
N LEU A 54 -32.57 -2.57 9.15
CA LEU A 54 -33.91 -1.98 9.11
C LEU A 54 -34.63 -2.38 10.39
N PHE A 55 -35.03 -1.38 11.15
CA PHE A 55 -35.67 -1.57 12.43
C PHE A 55 -36.86 -0.62 12.57
N LEU A 56 -37.63 -0.83 13.63
CA LEU A 56 -38.71 0.09 13.98
C LEU A 56 -38.13 1.19 14.85
N PRO A 57 -38.05 2.43 14.37
CA PRO A 57 -37.50 3.50 15.21
C PRO A 57 -38.22 3.60 16.54
N PHE A 58 -37.47 3.96 17.58
CA PHE A 58 -38.05 4.03 18.90
C PHE A 58 -39.00 5.21 19.02
N PHE A 59 -40.09 5.00 19.75
CA PHE A 59 -41.08 6.03 20.02
C PHE A 59 -41.62 6.67 18.76
N SER A 60 -42.07 5.87 17.80
CA SER A 60 -42.70 6.42 16.61
C SER A 60 -44.21 6.32 16.72
N ASN A 61 -44.92 7.17 15.99
CA ASN A 61 -46.37 7.12 15.98
C ASN A 61 -46.84 6.12 14.94
N VAL A 62 -47.70 5.22 15.39
CA VAL A 62 -48.21 4.12 14.59
C VAL A 62 -49.68 4.35 14.34
N THR A 63 -50.16 3.86 13.20
CA THR A 63 -51.56 3.98 12.80
C THR A 63 -52.31 2.79 13.38
N TRP A 64 -53.22 3.07 14.30
CA TRP A 64 -53.94 2.03 15.03
C TRP A 64 -55.23 1.72 14.29
N PHE A 65 -55.18 0.73 13.42
CA PHE A 65 -56.36 0.34 12.68
C PHE A 65 -57.26 -0.53 13.53
N HIS A 66 -58.52 -0.62 13.11
CA HIS A 66 -59.54 -1.26 13.93
C HIS A 66 -60.75 -1.64 13.09
N ASP A 80 -63.13 -2.15 9.11
CA ASP A 80 -62.78 -2.11 7.69
C ASP A 80 -61.26 -1.97 7.51
N ASN A 81 -60.72 -2.65 6.50
CA ASN A 81 -59.28 -2.83 6.36
C ASN A 81 -58.78 -2.32 5.01
N PRO A 82 -58.32 -1.08 4.92
CA PRO A 82 -57.82 -0.57 3.65
C PRO A 82 -56.48 -1.17 3.26
N VAL A 83 -56.03 -0.83 2.06
CA VAL A 83 -54.74 -1.27 1.57
C VAL A 83 -53.67 -0.31 2.09
N LEU A 84 -52.47 -0.84 2.34
CA LEU A 84 -51.43 -0.08 3.02
C LEU A 84 -50.09 -0.26 2.34
N PRO A 85 -49.31 0.80 2.19
CA PRO A 85 -47.98 0.67 1.58
C PRO A 85 -47.07 -0.20 2.45
N PHE A 86 -46.16 -0.92 1.81
CA PHE A 86 -45.21 -1.73 2.59
C PHE A 86 -44.09 -0.86 3.15
N ASN A 87 -43.46 -0.04 2.30
CA ASN A 87 -42.37 0.83 2.71
C ASN A 87 -41.26 0.02 3.40
N ASP A 88 -40.61 -0.82 2.61
CA ASP A 88 -39.43 -1.59 2.99
C ASP A 88 -39.72 -2.63 4.05
N GLY A 89 -40.87 -2.57 4.71
CA GLY A 89 -41.11 -3.48 5.80
C GLY A 89 -42.12 -2.94 6.78
N VAL A 90 -42.77 -3.82 7.54
CA VAL A 90 -43.90 -3.40 8.34
C VAL A 90 -43.91 -4.11 9.68
N TYR A 91 -44.05 -3.34 10.75
CA TYR A 91 -44.39 -3.92 12.05
C TYR A 91 -45.90 -4.10 12.13
N PHE A 92 -46.33 -5.20 12.76
CA PHE A 92 -47.76 -5.46 12.89
C PHE A 92 -48.04 -6.27 14.15
N ALA A 93 -48.86 -5.71 15.03
CA ALA A 93 -49.16 -6.34 16.31
C ALA A 93 -50.66 -6.39 16.52
N SER A 94 -51.16 -7.56 16.92
CA SER A 94 -52.58 -7.72 17.20
C SER A 94 -52.72 -8.40 18.56
N THR A 95 -53.90 -8.23 19.15
CA THR A 95 -54.17 -8.81 20.44
C THR A 95 -55.09 -10.02 20.34
N ASN A 99 -57.63 -15.35 19.41
CA ASN A 99 -57.68 -16.21 18.23
C ASN A 99 -58.80 -15.77 17.30
N ILE A 100 -58.54 -14.71 16.53
CA ILE A 100 -59.52 -14.11 15.64
C ILE A 100 -58.95 -13.87 14.25
N ILE A 101 -57.81 -13.18 14.18
CA ILE A 101 -57.33 -12.65 12.92
C ILE A 101 -56.83 -13.77 12.02
N ARG A 102 -56.85 -13.52 10.71
CA ARG A 102 -56.40 -14.48 9.72
C ARG A 102 -55.18 -13.92 9.00
N GLY A 103 -54.74 -14.58 7.94
CA GLY A 103 -53.51 -14.22 7.30
C GLY A 103 -53.52 -12.84 6.66
N TRP A 104 -52.47 -12.58 5.89
CA TRP A 104 -52.20 -11.30 5.25
C TRP A 104 -52.14 -11.47 3.75
N ILE A 105 -52.12 -10.33 3.06
CA ILE A 105 -51.89 -10.31 1.62
C ILE A 105 -50.98 -9.14 1.33
N PHE A 106 -50.02 -9.36 0.44
CA PHE A 106 -49.11 -8.31 0.00
C PHE A 106 -48.99 -8.38 -1.51
N GLY A 107 -48.53 -7.30 -2.12
CA GLY A 107 -48.26 -7.35 -3.54
C GLY A 107 -48.02 -5.96 -4.08
N THR A 108 -47.96 -5.89 -5.40
CA THR A 108 -47.85 -4.62 -6.11
C THR A 108 -49.21 -4.07 -6.49
N THR A 109 -50.08 -4.90 -7.05
CA THR A 109 -51.42 -4.49 -7.42
C THR A 109 -52.51 -5.43 -6.90
N LEU A 110 -52.14 -6.54 -6.28
CA LEU A 110 -53.09 -7.46 -5.64
C LEU A 110 -54.11 -7.99 -6.65
N ASP A 111 -53.62 -8.35 -7.83
CA ASP A 111 -54.47 -8.92 -8.87
C ASP A 111 -53.62 -9.83 -9.74
N SER A 112 -54.29 -10.67 -10.53
CA SER A 112 -53.63 -11.59 -11.44
C SER A 112 -52.77 -10.89 -12.48
N LYS A 113 -52.81 -9.56 -12.54
CA LYS A 113 -51.97 -8.83 -13.47
C LYS A 113 -50.50 -9.00 -13.14
N THR A 114 -50.12 -8.75 -11.90
CA THR A 114 -48.74 -8.83 -11.46
C THR A 114 -48.61 -9.86 -10.33
N GLN A 115 -47.38 -10.25 -10.03
CA GLN A 115 -47.12 -11.21 -8.98
C GLN A 115 -47.65 -10.71 -7.64
N SER A 116 -48.20 -11.63 -6.86
CA SER A 116 -48.79 -11.30 -5.57
C SER A 116 -48.31 -12.30 -4.54
N LEU A 117 -48.35 -11.91 -3.28
CA LEU A 117 -47.96 -12.79 -2.19
C LEU A 117 -49.11 -12.91 -1.21
N LEU A 118 -49.47 -14.15 -0.89
CA LEU A 118 -50.63 -14.43 -0.04
C LEU A 118 -50.19 -15.41 1.04
N ILE A 119 -50.27 -14.98 2.30
CA ILE A 119 -50.02 -15.85 3.44
C ILE A 119 -51.35 -16.03 4.15
N VAL A 120 -51.97 -17.20 3.95
CA VAL A 120 -53.22 -17.49 4.62
C VAL A 120 -52.91 -18.11 5.97
N ASN A 121 -53.87 -18.08 6.88
CA ASN A 121 -53.72 -18.74 8.17
C ASN A 121 -54.88 -19.72 8.31
N ASN A 122 -54.55 -20.97 8.59
CA ASN A 122 -55.53 -22.05 8.59
C ASN A 122 -55.94 -22.47 9.99
N ALA A 123 -55.24 -22.01 11.02
CA ALA A 123 -55.41 -22.48 12.40
C ALA A 123 -55.06 -23.96 12.51
N THR A 124 -54.61 -24.54 11.41
CA THR A 124 -54.13 -25.91 11.32
C THR A 124 -52.77 -26.01 10.67
N ASN A 125 -52.48 -25.13 9.70
CA ASN A 125 -51.17 -25.05 9.08
C ASN A 125 -51.08 -23.75 8.27
N VAL A 126 -49.93 -23.09 8.37
CA VAL A 126 -49.69 -21.87 7.64
C VAL A 126 -49.36 -22.22 6.20
N VAL A 127 -50.04 -21.56 5.27
CA VAL A 127 -49.87 -21.81 3.84
C VAL A 127 -49.57 -20.48 3.15
N ILE A 128 -48.67 -20.53 2.18
CA ILE A 128 -48.25 -19.35 1.44
C ILE A 128 -48.30 -19.68 -0.04
N LYS A 129 -48.65 -18.69 -0.84
CA LYS A 129 -48.77 -18.88 -2.28
C LYS A 129 -48.45 -17.57 -2.97
N VAL A 130 -47.67 -17.65 -4.05
CA VAL A 130 -47.36 -16.49 -4.87
C VAL A 130 -48.21 -16.56 -6.14
N CYS A 131 -49.16 -17.49 -6.18
CA CYS A 131 -50.07 -17.59 -7.31
C CYS A 131 -50.83 -16.29 -7.49
N GLU A 132 -50.95 -15.84 -8.74
CA GLU A 132 -51.48 -14.52 -9.05
C GLU A 132 -53.01 -14.53 -8.98
N PHE A 133 -53.51 -14.36 -7.76
CA PHE A 133 -54.94 -14.33 -7.53
C PHE A 133 -55.57 -13.08 -8.14
N GLN A 134 -56.90 -13.05 -8.15
CA GLN A 134 -57.60 -11.86 -8.59
C GLN A 134 -57.83 -10.91 -7.42
N PHE A 135 -58.22 -9.68 -7.75
CA PHE A 135 -58.51 -8.68 -6.73
C PHE A 135 -59.78 -9.04 -5.99
N CYS A 136 -59.70 -9.13 -4.66
CA CYS A 136 -60.85 -9.36 -3.81
C CYS A 136 -60.92 -8.19 -2.82
N ASN A 137 -61.61 -7.13 -3.21
CA ASN A 137 -61.65 -5.93 -2.37
C ASN A 137 -62.21 -6.24 -0.99
N ASP A 138 -62.94 -7.34 -0.86
CA ASP A 138 -63.44 -7.82 0.43
C ASP A 138 -63.06 -9.28 0.58
N PRO A 139 -62.08 -9.60 1.42
CA PRO A 139 -61.79 -10.99 1.72
C PRO A 139 -62.88 -11.60 2.61
N PHE A 140 -63.05 -12.91 2.49
CA PHE A 140 -64.07 -13.62 3.26
C PHE A 140 -63.79 -15.13 3.29
N PHE A 157 -63.85 -20.09 2.55
CA PHE A 157 -62.73 -19.19 2.31
C PHE A 157 -62.93 -18.41 1.02
N ARG A 158 -63.78 -17.38 1.08
CA ARG A 158 -64.15 -16.61 -0.11
C ARG A 158 -63.11 -15.55 -0.48
N VAL A 159 -62.04 -15.41 0.31
CA VAL A 159 -60.99 -14.46 -0.04
C VAL A 159 -60.15 -14.94 -1.21
N TYR A 160 -60.08 -16.26 -1.42
CA TYR A 160 -59.32 -16.81 -2.53
C TYR A 160 -60.09 -16.65 -3.83
N SER A 161 -59.65 -15.73 -4.68
CA SER A 161 -60.33 -15.49 -5.96
C SER A 161 -60.06 -16.63 -6.93
N SER A 162 -58.80 -16.81 -7.32
CA SER A 162 -58.42 -17.88 -8.22
C SER A 162 -56.96 -18.23 -7.99
N ALA A 163 -56.67 -19.53 -7.90
CA ALA A 163 -55.30 -20.01 -7.81
C ALA A 163 -54.63 -20.11 -9.17
N ASN A 164 -54.53 -18.99 -9.88
CA ASN A 164 -53.97 -18.98 -11.22
C ASN A 164 -52.47 -18.75 -11.20
N ASN A 165 -51.78 -19.32 -12.19
CA ASN A 165 -50.34 -19.14 -12.39
C ASN A 165 -49.55 -19.42 -11.12
N CYS A 166 -49.83 -20.56 -10.49
CA CYS A 166 -49.18 -20.88 -9.23
C CYS A 166 -47.68 -21.03 -9.44
N THR A 167 -46.91 -20.25 -8.67
CA THR A 167 -45.47 -20.19 -8.83
C THR A 167 -44.69 -20.70 -7.62
N PHE A 168 -45.15 -20.41 -6.41
CA PHE A 168 -44.48 -20.87 -5.20
C PHE A 168 -45.55 -21.33 -4.24
N GLU A 169 -45.19 -22.27 -3.37
CA GLU A 169 -46.10 -22.76 -2.36
C GLU A 169 -45.30 -23.23 -1.15
N TYR A 170 -45.88 -23.08 0.03
CA TYR A 170 -45.22 -23.50 1.24
C TYR A 170 -46.27 -23.77 2.32
N VAL A 171 -46.01 -24.80 3.12
CA VAL A 171 -46.91 -25.20 4.20
C VAL A 171 -46.07 -25.58 5.41
N SER A 172 -46.49 -25.13 6.58
CA SER A 172 -45.85 -25.53 7.83
C SER A 172 -46.85 -25.41 8.97
N GLN A 173 -46.38 -25.60 10.20
CA GLN A 173 -47.26 -25.50 11.34
C GLN A 173 -47.85 -24.10 11.45
N PRO A 174 -49.10 -23.98 11.91
CA PRO A 174 -49.75 -22.67 11.97
C PRO A 174 -49.13 -21.78 13.03
N PHE A 175 -49.32 -20.48 12.86
CA PHE A 175 -48.72 -19.51 13.76
C PHE A 175 -49.57 -19.37 15.03
N LEU A 176 -50.89 -19.37 14.88
CA LEU A 176 -51.82 -19.17 16.00
C LEU A 176 -51.56 -17.83 16.67
N LYS A 187 -55.82 -9.94 25.89
CA LYS A 187 -55.33 -10.93 26.83
C LYS A 187 -53.91 -11.38 26.47
N ASN A 188 -53.64 -11.39 25.17
CA ASN A 188 -52.31 -11.75 24.66
C ASN A 188 -51.83 -10.69 23.69
N LEU A 189 -50.73 -10.97 22.99
CA LEU A 189 -50.28 -10.11 21.90
C LEU A 189 -49.39 -10.93 20.98
N ARG A 190 -49.67 -10.89 19.70
CA ARG A 190 -48.78 -11.43 18.68
C ARG A 190 -48.20 -10.29 17.87
N GLU A 191 -46.89 -10.31 17.69
CA GLU A 191 -46.22 -9.27 16.92
C GLU A 191 -45.39 -9.91 15.81
N PHE A 192 -45.39 -9.26 14.65
CA PHE A 192 -44.74 -9.77 13.46
C PHE A 192 -44.08 -8.63 12.70
N VAL A 193 -42.87 -8.91 12.23
CA VAL A 193 -42.12 -8.02 11.35
C VAL A 193 -42.04 -8.71 10.00
N PHE A 194 -42.38 -7.98 8.95
CA PHE A 194 -42.26 -8.46 7.58
C PHE A 194 -41.26 -7.58 6.86
N LYS A 195 -40.31 -8.21 6.17
CA LYS A 195 -39.43 -7.46 5.29
C LYS A 195 -39.03 -8.32 4.09
N ASN A 196 -38.80 -7.66 2.96
CA ASN A 196 -38.35 -8.32 1.74
C ASN A 196 -36.95 -7.80 1.46
N ILE A 197 -35.96 -8.55 1.93
CA ILE A 197 -34.56 -8.21 1.77
C ILE A 197 -33.99 -9.07 0.65
N ASP A 198 -33.72 -8.44 -0.50
CA ASP A 198 -32.96 -9.06 -1.59
C ASP A 198 -33.47 -10.46 -1.91
N GLY A 199 -34.64 -10.53 -2.51
CA GLY A 199 -35.21 -11.81 -2.91
C GLY A 199 -35.55 -12.73 -1.77
N TYR A 200 -35.54 -12.23 -0.53
CA TYR A 200 -35.77 -13.07 0.63
C TYR A 200 -36.82 -12.44 1.53
N PHE A 201 -37.90 -13.17 1.80
CA PHE A 201 -38.97 -12.63 2.63
C PHE A 201 -38.80 -13.09 4.07
N LYS A 202 -38.26 -12.21 4.89
CA LYS A 202 -38.06 -12.54 6.28
C LYS A 202 -39.29 -12.17 7.10
N ILE A 203 -39.70 -13.10 7.97
CA ILE A 203 -40.80 -12.89 8.90
C ILE A 203 -40.28 -13.15 10.31
N TYR A 204 -40.65 -12.28 11.25
CA TYR A 204 -40.29 -12.45 12.64
C TYR A 204 -41.52 -12.31 13.51
N SER A 205 -41.55 -13.05 14.61
CA SER A 205 -42.75 -13.02 15.44
C SER A 205 -42.41 -13.31 16.88
N LYS A 206 -43.31 -12.87 17.75
CA LYS A 206 -43.31 -13.32 19.15
C LYS A 206 -44.69 -13.09 19.72
N HIS A 207 -44.94 -13.74 20.85
CA HIS A 207 -46.25 -13.78 21.47
C HIS A 207 -46.08 -13.60 22.98
N THR A 208 -46.84 -12.67 23.54
CA THR A 208 -46.58 -12.21 24.87
C THR A 208 -47.84 -12.01 25.68
N PRO A 209 -47.82 -12.28 26.98
CA PRO A 209 -48.95 -11.93 27.83
C PRO A 209 -49.02 -10.43 28.08
N ILE A 210 -50.19 -9.86 27.83
CA ILE A 210 -50.41 -8.43 27.98
C ILE A 210 -51.88 -8.18 28.28
N ASN A 211 -52.16 -7.06 28.93
CA ASN A 211 -53.52 -6.70 29.31
C ASN A 211 -53.91 -5.27 28.95
N LEU A 212 -52.97 -4.33 28.95
CA LEU A 212 -53.26 -2.95 28.59
C LEU A 212 -53.65 -2.94 27.12
N VAL A 213 -54.95 -2.85 26.86
CA VAL A 213 -55.46 -3.01 25.51
C VAL A 213 -55.57 -1.70 24.75
N ARG A 214 -55.86 -0.59 25.43
CA ARG A 214 -56.00 0.69 24.73
C ARG A 214 -54.68 1.12 24.11
N ASP A 215 -53.56 0.77 24.74
CA ASP A 215 -52.24 1.19 24.28
C ASP A 215 -51.32 0.00 24.12
N LEU A 216 -50.28 0.20 23.33
CA LEU A 216 -49.30 -0.84 23.05
C LEU A 216 -48.34 -0.97 24.23
N PRO A 217 -48.20 -2.14 24.84
CA PRO A 217 -47.52 -2.23 26.13
C PRO A 217 -46.10 -1.71 26.07
N GLN A 218 -45.67 -1.17 27.20
CA GLN A 218 -44.30 -0.71 27.41
C GLN A 218 -43.48 -1.84 27.98
N GLY A 219 -42.27 -1.98 27.46
CA GLY A 219 -41.42 -3.10 27.81
C GLY A 219 -40.63 -3.54 26.61
N PHE A 220 -39.91 -4.64 26.75
CA PHE A 220 -39.00 -5.04 25.69
C PHE A 220 -39.22 -6.50 25.31
N SER A 221 -39.05 -6.78 24.03
CA SER A 221 -39.24 -8.12 23.50
C SER A 221 -38.58 -8.23 22.15
N ALA A 222 -37.85 -9.32 21.97
CA ALA A 222 -37.21 -9.64 20.71
C ALA A 222 -38.05 -10.66 19.94
N LEU A 223 -37.88 -10.67 18.63
CA LEU A 223 -38.70 -11.50 17.76
C LEU A 223 -37.79 -12.36 16.90
N GLU A 224 -37.69 -13.64 17.23
CA GLU A 224 -36.81 -14.49 16.44
C GLU A 224 -37.46 -14.78 15.11
N PRO A 225 -36.69 -15.08 14.07
CA PRO A 225 -37.30 -15.38 12.78
C PRO A 225 -38.08 -16.68 12.75
N LEU A 226 -39.12 -16.68 11.93
CA LEU A 226 -39.82 -17.91 11.58
C LEU A 226 -39.32 -18.48 10.27
N VAL A 227 -39.27 -17.67 9.21
CA VAL A 227 -38.86 -18.18 7.92
C VAL A 227 -38.47 -17.03 6.99
N ASP A 228 -37.55 -17.35 6.09
CA ASP A 228 -37.27 -16.58 4.90
C ASP A 228 -37.84 -17.30 3.70
N LEU A 229 -38.31 -16.54 2.73
CA LEU A 229 -38.82 -17.16 1.51
C LEU A 229 -38.09 -16.62 0.29
N PRO A 230 -37.48 -17.48 -0.50
CA PRO A 230 -36.78 -17.05 -1.73
C PRO A 230 -37.77 -16.68 -2.84
N ILE A 231 -38.34 -15.49 -2.74
CA ILE A 231 -39.39 -15.14 -3.68
C ILE A 231 -38.93 -14.03 -4.64
N GLY A 232 -38.67 -12.85 -4.10
CA GLY A 232 -38.33 -11.72 -4.95
C GLY A 232 -39.52 -11.06 -5.62
N ILE A 233 -40.56 -10.73 -4.86
CA ILE A 233 -41.75 -10.07 -5.38
C ILE A 233 -41.75 -8.61 -4.96
N ASN A 234 -41.97 -7.74 -5.95
CA ASN A 234 -42.05 -6.31 -5.70
C ASN A 234 -43.35 -6.04 -4.97
N ILE A 235 -43.25 -5.79 -3.66
CA ILE A 235 -44.40 -5.51 -2.83
C ILE A 235 -44.41 -4.02 -2.51
N THR A 236 -45.54 -3.37 -2.76
CA THR A 236 -45.67 -1.95 -2.42
C THR A 236 -47.02 -1.63 -1.78
N ARG A 237 -47.87 -2.63 -1.63
CA ARG A 237 -49.15 -2.44 -0.96
C ARG A 237 -49.53 -3.76 -0.33
N PHE A 238 -50.38 -3.68 0.69
CA PHE A 238 -50.71 -4.88 1.44
C PHE A 238 -51.91 -4.62 2.34
N GLN A 239 -52.51 -5.69 2.84
CA GLN A 239 -53.70 -5.59 3.66
C GLN A 239 -53.91 -6.87 4.44
N THR A 240 -54.55 -6.75 5.59
CA THR A 240 -54.86 -7.92 6.39
C THR A 240 -56.07 -8.65 5.81
N LEU A 241 -56.11 -9.96 6.02
CA LEU A 241 -57.24 -10.78 5.61
C LEU A 241 -58.05 -11.22 6.82
N LEU A 242 -59.35 -11.34 6.62
CA LEU A 242 -60.25 -11.85 7.65
C LEU A 242 -61.52 -12.33 6.97
N ALA A 243 -61.82 -13.61 7.12
CA ALA A 243 -63.13 -14.14 6.73
C ALA A 243 -64.17 -13.64 7.73
N LEU A 244 -65.16 -12.88 7.23
CA LEU A 244 -66.12 -12.25 8.11
C LEU A 244 -67.07 -13.26 8.73
N HIS A 245 -67.76 -12.84 9.78
CA HIS A 245 -68.83 -13.64 10.37
C HIS A 245 -70.14 -12.85 10.36
N GLY A 261 -66.14 -2.03 13.96
CA GLY A 261 -66.25 -2.52 15.32
C GLY A 261 -65.42 -3.77 15.56
N ALA A 262 -64.70 -4.19 14.53
CA ALA A 262 -63.91 -5.42 14.59
C ALA A 262 -62.70 -5.24 15.51
N ALA A 263 -61.82 -6.24 15.50
CA ALA A 263 -60.67 -6.26 16.38
C ALA A 263 -59.71 -5.12 16.08
N ALA A 264 -58.68 -4.99 16.92
CA ALA A 264 -57.69 -3.94 16.81
C ALA A 264 -56.31 -4.52 16.52
N TYR A 265 -55.58 -3.82 15.65
CA TYR A 265 -54.20 -4.15 15.36
C TYR A 265 -53.47 -2.86 15.04
N TYR A 266 -52.14 -2.93 15.03
CA TYR A 266 -51.31 -1.76 14.83
C TYR A 266 -50.33 -1.99 13.71
N VAL A 267 -49.82 -0.88 13.17
CA VAL A 267 -48.95 -0.92 11.99
C VAL A 267 -47.77 0.01 12.22
N GLY A 268 -46.56 -0.52 12.06
CA GLY A 268 -45.35 0.27 12.16
C GLY A 268 -44.42 0.00 10.99
N TYR A 269 -43.69 1.03 10.60
CA TYR A 269 -42.81 0.98 9.45
C TYR A 269 -41.36 0.87 9.89
N LEU A 270 -40.54 0.24 9.05
CA LEU A 270 -39.13 0.06 9.32
C LEU A 270 -38.31 1.11 8.59
N GLN A 271 -37.14 1.41 9.15
CA GLN A 271 -36.23 2.41 8.63
C GLN A 271 -34.81 1.89 8.77
N PRO A 272 -33.88 2.42 7.98
CA PRO A 272 -32.47 2.01 8.11
C PRO A 272 -31.79 2.68 9.30
N ARG A 273 -31.87 2.08 10.48
CA ARG A 273 -31.40 2.72 11.70
C ARG A 273 -30.33 1.89 12.39
N THR A 274 -29.27 2.55 12.82
CA THR A 274 -28.20 1.88 13.54
C THR A 274 -28.62 1.59 14.97
N PHE A 275 -28.29 0.40 15.46
CA PHE A 275 -28.77 -0.03 16.75
C PHE A 275 -27.63 -0.66 17.53
N LEU A 276 -27.55 -0.33 18.81
CA LEU A 276 -26.73 -1.09 19.74
C LEU A 276 -27.61 -2.11 20.43
N LEU A 277 -27.09 -3.32 20.61
CA LEU A 277 -27.89 -4.41 21.14
C LEU A 277 -27.12 -5.12 22.23
N LYS A 278 -27.74 -5.31 23.38
CA LYS A 278 -27.11 -5.91 24.53
C LYS A 278 -27.58 -7.35 24.65
N TYR A 279 -26.68 -8.29 24.36
CA TYR A 279 -27.01 -9.71 24.35
C TYR A 279 -26.81 -10.28 25.73
N ASN A 280 -27.72 -11.15 26.14
CA ASN A 280 -27.71 -11.65 27.51
C ASN A 280 -26.60 -12.67 27.69
N GLU A 281 -26.48 -13.20 28.91
CA GLU A 281 -25.50 -14.24 29.18
C GLU A 281 -25.78 -15.49 28.37
N ASN A 282 -27.06 -15.80 28.13
CA ASN A 282 -27.42 -16.83 27.18
C ASN A 282 -27.95 -16.26 25.87
N GLY A 283 -27.35 -15.20 25.35
CA GLY A 283 -27.54 -14.82 23.98
C GLY A 283 -28.90 -14.31 23.60
N THR A 284 -29.73 -13.94 24.58
CA THR A 284 -31.02 -13.35 24.26
C THR A 284 -30.91 -11.83 24.32
N ILE A 285 -31.43 -11.18 23.29
CA ILE A 285 -31.44 -9.72 23.24
C ILE A 285 -32.32 -9.22 24.38
N THR A 286 -31.73 -8.45 25.28
CA THR A 286 -32.48 -7.88 26.40
C THR A 286 -32.71 -6.39 26.30
N ASP A 287 -31.85 -5.65 25.60
CA ASP A 287 -32.05 -4.22 25.48
C ASP A 287 -31.36 -3.71 24.23
N ALA A 288 -31.73 -2.50 23.83
CA ALA A 288 -31.23 -1.92 22.60
C ALA A 288 -31.27 -0.42 22.72
N VAL A 289 -30.44 0.24 21.91
CA VAL A 289 -30.34 1.68 21.86
C VAL A 289 -30.41 2.12 20.42
N ASP A 290 -31.25 3.12 20.15
CA ASP A 290 -31.40 3.66 18.81
C ASP A 290 -30.36 4.74 18.62
N CYS A 291 -29.33 4.44 17.87
CA CYS A 291 -28.16 5.28 17.68
C CYS A 291 -28.47 6.57 16.97
N ALA A 292 -29.71 6.86 16.57
CA ALA A 292 -29.98 8.13 15.92
C ALA A 292 -31.21 8.82 16.47
N LEU A 293 -31.78 8.35 17.58
CA LEU A 293 -32.92 9.03 18.16
C LEU A 293 -32.52 10.36 18.75
N ASP A 294 -31.67 10.33 19.78
CA ASP A 294 -31.36 11.51 20.55
C ASP A 294 -29.86 11.60 20.81
N PRO A 295 -29.32 12.80 21.03
CA PRO A 295 -27.95 12.93 21.52
C PRO A 295 -27.56 11.94 22.61
N LEU A 296 -28.34 11.85 23.67
CA LEU A 296 -27.96 10.95 24.75
C LEU A 296 -27.76 9.54 24.22
N SER A 297 -28.59 9.11 23.29
CA SER A 297 -28.36 7.81 22.69
C SER A 297 -27.15 7.82 21.77
N GLU A 298 -26.86 8.93 21.11
CA GLU A 298 -25.68 8.98 20.26
C GLU A 298 -24.42 8.70 21.06
N THR A 299 -24.30 9.29 22.25
CA THR A 299 -23.10 9.05 23.04
C THR A 299 -23.06 7.61 23.54
N LYS A 300 -24.21 7.08 23.95
CA LYS A 300 -24.26 5.69 24.38
C LYS A 300 -23.79 4.80 23.26
N CYS A 301 -24.06 5.23 22.03
CA CYS A 301 -23.70 4.46 20.86
C CYS A 301 -22.19 4.52 20.62
N THR A 302 -21.63 5.73 20.58
CA THR A 302 -20.21 5.86 20.27
C THR A 302 -19.34 5.28 21.37
N LEU A 303 -19.77 5.43 22.62
CA LEU A 303 -19.01 4.88 23.73
C LEU A 303 -19.11 3.36 23.80
N LYS A 304 -20.00 2.76 23.03
CA LYS A 304 -20.24 1.31 23.09
C LYS A 304 -20.59 0.88 24.50
N SER A 305 -21.51 1.61 25.11
CA SER A 305 -22.01 1.19 26.41
C SER A 305 -23.41 1.74 26.60
N PHE A 306 -24.13 1.14 27.53
CA PHE A 306 -25.47 1.58 27.84
C PHE A 306 -25.50 2.69 28.87
N THR A 307 -24.42 2.86 29.63
CA THR A 307 -24.34 3.87 30.66
C THR A 307 -23.11 4.72 30.38
N VAL A 308 -23.24 6.03 30.53
CA VAL A 308 -22.16 6.96 30.24
C VAL A 308 -21.88 7.75 31.50
N GLU A 309 -20.61 7.94 31.83
CA GLU A 309 -20.27 8.70 33.00
C GLU A 309 -20.30 10.19 32.69
N LYS A 310 -20.36 11.00 33.74
CA LYS A 310 -20.47 12.44 33.57
C LYS A 310 -19.29 12.97 32.79
N GLY A 311 -19.51 13.94 31.93
CA GLY A 311 -18.47 14.50 31.12
C GLY A 311 -19.01 15.08 29.84
N ILE A 312 -18.11 15.49 28.97
CA ILE A 312 -18.45 16.00 27.65
C ILE A 312 -17.84 15.06 26.61
N TYR A 313 -18.69 14.43 25.82
CA TYR A 313 -18.25 13.46 24.85
C TYR A 313 -18.52 13.98 23.45
N GLN A 314 -17.58 13.76 22.55
CA GLN A 314 -17.74 14.19 21.17
C GLN A 314 -18.40 13.07 20.38
N THR A 315 -19.66 13.29 20.00
CA THR A 315 -20.42 12.27 19.30
C THR A 315 -20.18 12.25 17.81
N SER A 316 -20.32 13.37 17.13
CA SER A 316 -20.20 13.37 15.68
C SER A 316 -19.85 14.78 15.24
N ASN A 317 -19.88 14.97 13.93
CA ASN A 317 -19.70 16.29 13.36
C ASN A 317 -20.99 16.71 12.68
N PHE A 318 -21.22 18.02 12.61
CA PHE A 318 -22.47 18.53 12.00
C PHE A 318 -22.12 19.54 10.89
N ARG A 319 -22.76 19.44 9.74
CA ARG A 319 -22.55 20.38 8.66
C ARG A 319 -23.90 20.67 8.05
N VAL A 320 -24.03 21.86 7.48
CA VAL A 320 -25.27 22.31 6.88
C VAL A 320 -25.43 21.61 5.55
N GLN A 321 -26.56 20.91 5.40
CA GLN A 321 -26.85 20.24 4.12
C GLN A 321 -26.97 21.31 3.03
N PRO A 322 -26.36 21.18 1.83
CA PRO A 322 -26.44 22.25 0.85
C PRO A 322 -27.88 22.58 0.49
N THR A 323 -28.19 23.85 0.28
CA THR A 323 -29.59 24.29 0.08
C THR A 323 -30.12 23.90 -1.30
N GLU A 324 -29.39 24.21 -2.37
CA GLU A 324 -29.86 23.97 -3.75
C GLU A 324 -28.74 23.42 -4.61
N SER A 325 -28.78 23.67 -5.93
CA SER A 325 -27.67 23.24 -6.83
C SER A 325 -27.62 24.16 -8.05
N ILE A 326 -26.52 24.89 -8.25
CA ILE A 326 -26.51 25.84 -9.35
C ILE A 326 -25.49 25.38 -10.37
N VAL A 327 -25.67 25.81 -11.61
CA VAL A 327 -24.79 25.45 -12.72
C VAL A 327 -24.62 26.68 -13.58
N ARG A 328 -23.38 27.01 -13.91
CA ARG A 328 -23.13 28.14 -14.78
C ARG A 328 -22.06 27.78 -15.81
N PHE A 329 -22.50 27.52 -17.02
CA PHE A 329 -21.63 27.21 -18.15
C PHE A 329 -21.61 28.44 -19.05
N PRO A 330 -20.59 28.57 -19.89
CA PRO A 330 -20.53 29.73 -20.78
C PRO A 330 -21.72 29.78 -21.73
N ASN A 331 -21.83 30.90 -22.43
CA ASN A 331 -23.01 31.20 -23.24
C ASN A 331 -23.02 30.49 -24.59
N ILE A 332 -21.89 29.95 -25.04
CA ILE A 332 -21.77 29.52 -26.42
C ILE A 332 -22.83 28.47 -26.76
N THR A 333 -23.28 28.49 -28.01
CA THR A 333 -24.11 27.42 -28.58
C THR A 333 -23.77 27.38 -30.07
N ASN A 334 -22.78 26.56 -30.41
CA ASN A 334 -22.26 26.47 -31.76
C ASN A 334 -22.01 25.00 -32.12
N LEU A 335 -23.03 24.16 -31.89
CA LEU A 335 -22.88 22.72 -31.69
C LEU A 335 -21.72 22.08 -32.46
N CYS A 336 -20.80 21.35 -31.71
CA CYS A 336 -19.51 20.88 -32.19
C CYS A 336 -19.66 19.95 -33.38
N PRO A 337 -18.78 20.12 -34.36
CA PRO A 337 -18.89 19.33 -35.57
C PRO A 337 -18.32 17.94 -35.39
N PHE A 338 -19.19 16.95 -35.24
CA PHE A 338 -18.69 15.60 -35.16
C PHE A 338 -18.94 14.83 -36.44
N GLY A 339 -20.08 15.02 -37.08
CA GLY A 339 -20.31 14.38 -38.36
C GLY A 339 -19.13 14.58 -39.28
N GLU A 340 -18.67 15.83 -39.37
CA GLU A 340 -17.49 16.17 -40.15
C GLU A 340 -16.31 15.27 -39.81
N VAL A 341 -16.17 14.89 -38.55
CA VAL A 341 -15.15 13.93 -38.15
C VAL A 341 -15.56 12.55 -38.65
N PHE A 342 -16.81 12.18 -38.38
CA PHE A 342 -17.17 10.79 -38.54
C PHE A 342 -17.67 10.48 -39.95
N ASN A 343 -18.51 11.35 -40.51
CA ASN A 343 -19.14 11.00 -41.77
C ASN A 343 -18.16 11.07 -42.93
N ALA A 344 -17.00 11.69 -42.73
CA ALA A 344 -16.03 11.96 -43.78
C ALA A 344 -15.71 10.71 -44.58
N THR A 345 -15.58 10.86 -45.90
CA THR A 345 -15.33 9.73 -46.77
C THR A 345 -13.86 9.40 -46.93
N ARG A 346 -12.98 10.15 -46.28
CA ARG A 346 -11.55 9.91 -46.43
C ARG A 346 -10.90 9.90 -45.06
N PHE A 347 -10.37 8.75 -44.68
CA PHE A 347 -9.57 8.62 -43.48
C PHE A 347 -8.13 8.45 -43.92
N ALA A 348 -7.25 9.28 -43.40
CA ALA A 348 -5.86 9.24 -43.82
C ALA A 348 -5.22 7.93 -43.40
N SER A 349 -4.12 7.59 -44.07
CA SER A 349 -3.37 6.41 -43.68
C SER A 349 -2.74 6.63 -42.32
N VAL A 350 -2.57 5.54 -41.59
CA VAL A 350 -2.02 5.65 -40.25
C VAL A 350 -0.57 6.10 -40.30
N TYR A 351 0.09 6.01 -41.45
CA TYR A 351 1.44 6.56 -41.57
C TYR A 351 1.46 8.03 -41.19
N ALA A 352 0.52 8.80 -41.74
CA ALA A 352 0.35 10.21 -41.42
C ALA A 352 -1.11 10.42 -41.05
N TRP A 353 -1.43 10.19 -39.78
CA TRP A 353 -2.80 10.26 -39.32
C TRP A 353 -3.27 11.70 -39.28
N ASN A 354 -4.49 11.93 -39.72
CA ASN A 354 -5.08 13.26 -39.67
C ASN A 354 -5.33 13.65 -38.22
N ARG A 355 -5.55 14.95 -38.01
CA ARG A 355 -5.94 15.44 -36.69
C ARG A 355 -6.58 16.80 -36.85
N LYS A 356 -7.73 16.99 -36.22
CA LYS A 356 -8.38 18.28 -36.19
C LYS A 356 -8.71 18.65 -34.76
N ARG A 357 -8.76 19.93 -34.50
CA ARG A 357 -9.00 20.46 -33.17
C ARG A 357 -10.40 21.04 -33.12
N ILE A 358 -11.15 20.66 -32.11
CA ILE A 358 -12.51 21.15 -31.94
C ILE A 358 -12.51 22.17 -30.80
N SER A 359 -13.27 23.24 -30.97
CA SER A 359 -13.23 24.33 -30.00
C SER A 359 -14.52 25.13 -30.08
N ASN A 360 -14.81 25.80 -28.97
CA ASN A 360 -15.84 26.84 -28.89
C ASN A 360 -17.18 26.34 -29.39
N CYS A 361 -17.74 25.37 -28.68
CA CYS A 361 -19.01 24.80 -29.10
C CYS A 361 -19.56 23.93 -27.99
N VAL A 362 -20.77 23.48 -28.21
CA VAL A 362 -21.44 22.51 -27.36
C VAL A 362 -21.37 21.15 -28.03
N ALA A 363 -20.93 20.16 -27.28
CA ALA A 363 -20.68 18.82 -27.83
C ALA A 363 -21.65 17.84 -27.19
N ASP A 364 -22.71 17.49 -27.91
CA ASP A 364 -23.55 16.40 -27.46
C ASP A 364 -22.77 15.11 -27.62
N TYR A 365 -22.38 14.49 -26.52
CA TYR A 365 -21.63 13.26 -26.59
C TYR A 365 -22.50 12.03 -26.66
N SER A 366 -23.78 12.17 -26.33
CA SER A 366 -24.66 11.00 -26.28
C SER A 366 -24.75 10.34 -27.64
N VAL A 367 -24.71 11.13 -28.71
CA VAL A 367 -24.85 10.60 -30.05
C VAL A 367 -23.85 9.48 -30.28
N LEU A 368 -22.62 9.66 -29.78
CA LEU A 368 -21.60 8.65 -29.95
C LEU A 368 -21.81 7.47 -29.02
N TYR A 369 -22.07 7.73 -27.75
CA TYR A 369 -22.16 6.65 -26.78
C TYR A 369 -23.33 5.73 -27.11
N ASN A 370 -24.53 6.26 -27.17
CA ASN A 370 -25.69 5.40 -27.31
C ASN A 370 -25.93 4.93 -28.74
N SER A 371 -24.98 5.09 -29.64
CA SER A 371 -25.14 4.53 -30.98
C SER A 371 -24.70 3.08 -30.96
N ALA A 372 -25.52 2.22 -31.53
CA ALA A 372 -25.23 0.79 -31.55
C ALA A 372 -24.34 0.38 -32.71
N SER A 373 -23.73 1.34 -33.39
CA SER A 373 -22.92 0.99 -34.55
C SER A 373 -21.50 0.63 -34.13
N PHE A 374 -20.90 1.46 -33.30
CA PHE A 374 -19.47 1.39 -33.01
C PHE A 374 -19.10 0.06 -32.39
N SER A 375 -18.04 -0.55 -32.92
CA SER A 375 -17.60 -1.83 -32.40
C SER A 375 -16.98 -1.67 -31.02
N THR A 376 -15.75 -1.14 -30.98
CA THR A 376 -15.01 -1.04 -29.70
C THR A 376 -15.15 0.37 -29.11
N PHE A 377 -16.07 0.56 -28.16
CA PHE A 377 -16.15 1.88 -27.48
C PHE A 377 -15.41 1.75 -26.15
N LYS A 378 -14.21 2.34 -26.06
CA LYS A 378 -13.39 2.21 -24.83
C LYS A 378 -12.89 3.59 -24.37
N CYS A 379 -13.19 3.98 -23.13
CA CYS A 379 -12.79 5.31 -22.62
C CYS A 379 -11.76 5.17 -21.48
N TYR A 380 -10.63 5.87 -21.58
CA TYR A 380 -9.58 5.80 -20.58
C TYR A 380 -9.61 7.09 -19.78
N GLY A 381 -9.51 6.98 -18.47
CA GLY A 381 -9.47 8.15 -17.62
C GLY A 381 -10.78 8.89 -17.50
N VAL A 382 -11.75 8.61 -18.35
CA VAL A 382 -13.07 9.22 -18.30
C VAL A 382 -14.09 8.12 -18.55
N SER A 383 -15.25 8.23 -17.93
CA SER A 383 -16.32 7.28 -18.18
C SER A 383 -17.27 7.83 -19.22
N PRO A 384 -17.71 7.02 -20.19
CA PRO A 384 -18.46 7.58 -21.32
C PRO A 384 -19.75 8.23 -20.91
N THR A 385 -20.45 7.67 -19.93
CA THR A 385 -21.74 8.17 -19.53
C THR A 385 -21.69 9.54 -18.88
N LYS A 386 -20.49 10.09 -18.66
CA LYS A 386 -20.36 11.37 -17.98
C LYS A 386 -19.81 12.46 -18.88
N LEU A 387 -19.49 12.14 -20.13
CA LEU A 387 -18.88 13.12 -21.01
C LEU A 387 -19.74 14.35 -21.18
N ASN A 388 -21.04 14.24 -20.89
CA ASN A 388 -21.92 15.39 -21.05
C ASN A 388 -21.66 16.45 -19.99
N ASP A 389 -21.15 16.05 -18.83
CA ASP A 389 -21.08 16.95 -17.70
C ASP A 389 -19.69 17.50 -17.43
N LEU A 390 -18.83 17.52 -18.43
CA LEU A 390 -17.46 17.99 -18.26
C LEU A 390 -17.24 19.17 -19.18
N CYS A 391 -16.24 19.98 -18.88
CA CYS A 391 -15.80 21.03 -19.80
C CYS A 391 -14.33 20.85 -20.09
N PHE A 392 -13.98 20.86 -21.38
CA PHE A 392 -12.60 20.62 -21.79
C PHE A 392 -12.05 21.85 -22.48
N THR A 393 -10.73 21.98 -22.40
CA THR A 393 -10.04 23.05 -23.10
C THR A 393 -9.97 22.76 -24.59
N ASN A 394 -9.37 21.63 -24.96
CA ASN A 394 -9.25 21.23 -26.35
C ASN A 394 -9.66 19.79 -26.49
N VAL A 395 -10.19 19.46 -27.66
CA VAL A 395 -10.57 18.10 -27.99
C VAL A 395 -9.99 17.80 -29.36
N TYR A 396 -9.13 16.81 -29.43
CA TYR A 396 -8.52 16.40 -30.68
C TYR A 396 -9.17 15.13 -31.16
N ALA A 397 -9.44 15.05 -32.45
CA ALA A 397 -10.04 13.86 -33.04
C ALA A 397 -9.14 13.39 -34.17
N ASP A 398 -8.25 12.47 -33.87
CA ASP A 398 -7.33 11.92 -34.85
C ASP A 398 -7.98 10.69 -35.46
N SER A 399 -8.00 10.61 -36.78
CA SER A 399 -8.74 9.58 -37.48
C SER A 399 -7.89 8.89 -38.54
N PHE A 400 -8.01 7.57 -38.64
CA PHE A 400 -7.22 6.78 -39.56
C PHE A 400 -7.80 5.38 -39.64
N VAL A 401 -7.29 4.59 -40.58
CA VAL A 401 -7.75 3.23 -40.82
C VAL A 401 -6.64 2.27 -40.45
N ILE A 402 -7.02 1.01 -40.23
CA ILE A 402 -6.10 0.03 -39.67
C ILE A 402 -6.66 -1.36 -39.88
N ARG A 403 -5.79 -2.36 -39.85
CA ARG A 403 -6.24 -3.73 -39.92
C ARG A 403 -6.90 -4.15 -38.62
N GLY A 404 -7.99 -4.89 -38.73
CA GLY A 404 -8.88 -5.10 -37.59
C GLY A 404 -8.16 -5.68 -36.39
N ASP A 405 -7.35 -6.70 -36.59
CA ASP A 405 -6.67 -7.36 -35.47
C ASP A 405 -5.80 -6.38 -34.69
N GLU A 406 -5.47 -5.23 -35.29
CA GLU A 406 -4.62 -4.27 -34.63
C GLU A 406 -5.38 -3.24 -33.81
N VAL A 407 -6.71 -3.32 -33.70
CA VAL A 407 -7.43 -2.32 -32.94
C VAL A 407 -6.99 -2.37 -31.48
N ARG A 408 -6.50 -3.52 -31.03
CA ARG A 408 -5.95 -3.59 -29.68
C ARG A 408 -4.64 -2.84 -29.55
N GLN A 409 -4.00 -2.51 -30.66
CA GLN A 409 -2.76 -1.75 -30.56
C GLN A 409 -3.02 -0.31 -30.13
N ILE A 410 -4.20 0.22 -30.39
CA ILE A 410 -4.49 1.64 -30.11
C ILE A 410 -5.03 1.69 -28.69
N ALA A 411 -4.11 1.79 -27.75
CA ALA A 411 -4.44 1.87 -26.34
C ALA A 411 -3.19 2.26 -25.59
N PRO A 412 -3.32 2.96 -24.47
CA PRO A 412 -2.13 3.41 -23.76
C PRO A 412 -1.30 2.23 -23.29
N GLY A 413 0.00 2.33 -23.52
CA GLY A 413 0.93 1.34 -22.99
C GLY A 413 0.92 0.00 -23.69
N GLN A 414 0.40 -0.07 -24.91
CA GLN A 414 0.49 -1.29 -25.70
C GLN A 414 1.61 -1.15 -26.71
N THR A 415 2.12 -2.28 -27.18
CA THR A 415 3.24 -2.29 -28.11
C THR A 415 2.91 -3.15 -29.31
N GLY A 416 3.69 -2.98 -30.36
CA GLY A 416 3.51 -3.65 -31.61
C GLY A 416 4.00 -2.79 -32.75
N LYS A 417 3.66 -3.19 -33.97
CA LYS A 417 4.10 -2.41 -35.13
C LYS A 417 3.38 -1.08 -35.20
N ILE A 418 2.06 -1.09 -35.01
CA ILE A 418 1.29 0.14 -35.12
C ILE A 418 1.52 1.03 -33.91
N ALA A 419 1.60 0.42 -32.74
CA ALA A 419 1.67 1.20 -31.51
C ALA A 419 3.05 1.78 -31.29
N ASP A 420 4.05 1.32 -32.03
CA ASP A 420 5.41 1.80 -31.83
C ASP A 420 5.93 2.62 -32.99
N TYR A 421 5.66 2.21 -34.21
CA TYR A 421 6.23 2.84 -35.39
C TYR A 421 5.32 3.87 -36.02
N ASN A 422 4.05 3.91 -35.67
CA ASN A 422 3.12 4.72 -36.45
C ASN A 422 2.32 5.72 -35.63
N TYR A 423 1.83 5.34 -34.46
CA TYR A 423 0.93 6.22 -33.72
C TYR A 423 0.84 5.75 -32.28
N LYS A 424 1.53 6.42 -31.38
CA LYS A 424 1.63 5.96 -30.00
C LYS A 424 0.96 6.95 -29.07
N LEU A 425 0.05 6.46 -28.25
CA LEU A 425 -0.62 7.25 -27.23
C LEU A 425 0.17 7.21 -25.94
N PRO A 426 0.21 8.31 -25.19
CA PRO A 426 1.00 8.33 -23.96
C PRO A 426 0.35 7.48 -22.88
N ASP A 427 1.13 7.22 -21.84
CA ASP A 427 0.57 6.49 -20.70
C ASP A 427 -0.54 7.26 -20.03
N ASP A 428 -0.43 8.59 -19.96
CA ASP A 428 -1.57 9.42 -19.61
C ASP A 428 -2.66 9.22 -20.64
N PHE A 429 -3.90 9.43 -20.21
CA PHE A 429 -5.03 8.94 -20.99
C PHE A 429 -5.17 9.64 -22.33
N THR A 430 -5.73 8.92 -23.28
CA THR A 430 -6.52 9.48 -24.36
C THR A 430 -7.99 9.25 -24.03
N GLY A 431 -8.84 10.24 -24.33
CA GLY A 431 -10.21 10.20 -23.85
C GLY A 431 -10.91 8.89 -24.18
N CYS A 432 -11.23 8.67 -25.45
CA CYS A 432 -11.98 7.49 -25.83
C CYS A 432 -11.53 7.07 -27.21
N VAL A 433 -11.55 5.79 -27.47
CA VAL A 433 -11.26 5.27 -28.79
C VAL A 433 -12.52 4.64 -29.36
N ILE A 434 -12.95 5.13 -30.51
CA ILE A 434 -14.07 4.52 -31.20
C ILE A 434 -13.53 3.87 -32.47
N ALA A 435 -14.06 2.70 -32.79
CA ALA A 435 -13.65 2.05 -34.02
C ALA A 435 -14.80 1.22 -34.53
N TRP A 436 -14.97 1.21 -35.84
CA TRP A 436 -16.05 0.45 -36.44
C TRP A 436 -15.56 -0.20 -37.71
N ASN A 437 -15.98 -1.44 -37.91
CA ASN A 437 -15.55 -2.19 -39.08
C ASN A 437 -16.00 -1.50 -40.35
N SER A 438 -15.11 -1.37 -41.31
CA SER A 438 -15.34 -0.54 -42.47
C SER A 438 -14.79 -1.13 -43.76
N ASN A 439 -15.11 -2.39 -44.06
CA ASN A 439 -14.64 -2.94 -45.34
C ASN A 439 -15.60 -2.62 -46.48
N ASN A 440 -16.77 -2.04 -46.16
CA ASN A 440 -17.68 -1.65 -47.23
C ASN A 440 -17.14 -0.47 -48.01
N LEU A 441 -16.73 0.58 -47.33
CA LEU A 441 -16.16 1.75 -47.99
C LEU A 441 -14.70 1.57 -48.35
N ASP A 442 -13.86 1.38 -47.34
CA ASP A 442 -12.43 1.41 -47.57
C ASP A 442 -11.82 0.04 -47.69
N SER A 443 -12.30 -0.83 -48.58
CA SER A 443 -11.45 -2.00 -48.74
C SER A 443 -10.89 -2.20 -50.15
N LYS A 444 -11.63 -2.86 -51.04
CA LYS A 444 -11.73 -2.65 -52.47
C LYS A 444 -12.16 -3.98 -53.08
N VAL A 445 -12.43 -4.01 -54.39
CA VAL A 445 -12.49 -5.28 -55.10
C VAL A 445 -11.14 -5.98 -55.05
N GLY A 446 -10.07 -5.22 -55.17
CA GLY A 446 -8.74 -5.76 -54.97
C GLY A 446 -8.08 -5.14 -53.76
N GLY A 447 -6.76 -5.30 -53.69
CA GLY A 447 -6.01 -4.66 -52.62
C GLY A 447 -6.07 -3.15 -52.78
N ASN A 448 -6.42 -2.46 -51.70
CA ASN A 448 -6.54 -1.01 -51.78
C ASN A 448 -5.20 -0.36 -52.04
N TYR A 449 -4.21 -0.67 -51.22
CA TYR A 449 -2.85 -0.20 -51.40
C TYR A 449 -2.70 1.30 -51.20
N ASN A 450 -3.80 2.01 -50.89
CA ASN A 450 -3.67 3.42 -50.54
C ASN A 450 -3.32 3.58 -49.07
N TYR A 451 -3.97 2.80 -48.22
CA TYR A 451 -3.68 2.85 -46.80
C TYR A 451 -2.40 2.10 -46.50
N LEU A 452 -1.49 2.74 -45.77
CA LEU A 452 -0.20 2.11 -45.58
C LEU A 452 0.44 2.57 -44.28
N TYR A 453 1.43 1.79 -43.85
CA TYR A 453 2.06 1.97 -42.55
C TYR A 453 3.53 1.60 -42.68
N ARG A 454 4.35 2.18 -41.81
CA ARG A 454 5.78 1.92 -41.83
C ARG A 454 6.08 0.77 -40.88
N LEU A 455 6.97 -0.13 -41.31
CA LEU A 455 7.47 -1.20 -40.44
C LEU A 455 8.93 -1.04 -40.10
N PHE A 456 9.54 0.08 -40.49
CA PHE A 456 10.98 0.21 -40.40
C PHE A 456 11.41 1.59 -39.96
N ARG A 457 10.68 2.20 -39.03
CA ARG A 457 11.20 3.35 -38.31
C ARG A 457 12.36 2.88 -37.44
N LYS A 458 13.38 3.72 -37.29
CA LYS A 458 14.58 3.32 -36.58
C LYS A 458 14.46 3.60 -35.10
N SER A 459 13.69 4.62 -34.75
CA SER A 459 13.68 5.21 -33.42
C SER A 459 12.26 5.41 -32.92
N ASN A 460 11.48 4.34 -32.82
CA ASN A 460 10.03 4.40 -32.61
C ASN A 460 9.57 5.60 -31.79
N LEU A 461 8.52 6.26 -32.27
CA LEU A 461 8.26 7.67 -32.00
C LEU A 461 7.65 7.90 -30.63
N LYS A 462 7.85 9.11 -30.14
CA LYS A 462 7.28 9.54 -28.87
C LYS A 462 5.78 9.75 -29.01
N PRO A 463 5.07 9.92 -27.89
CA PRO A 463 3.64 10.18 -27.97
C PRO A 463 3.29 11.30 -28.93
N PHE A 464 2.33 11.02 -29.82
CA PHE A 464 1.77 12.02 -30.73
C PHE A 464 2.87 12.66 -31.58
N GLU A 465 3.54 11.85 -32.37
CA GLU A 465 4.52 12.34 -33.33
C GLU A 465 4.10 11.85 -34.70
N ARG A 466 4.16 12.72 -35.68
CA ARG A 466 3.67 12.42 -37.02
C ARG A 466 4.86 12.47 -37.97
N ASP A 467 5.54 11.34 -38.12
CA ASP A 467 6.76 11.26 -38.93
C ASP A 467 6.40 10.72 -40.31
N ILE A 468 6.39 11.59 -41.31
CA ILE A 468 6.01 11.23 -42.66
C ILE A 468 7.22 11.15 -43.59
N SER A 469 8.38 10.79 -43.07
CA SER A 469 9.58 10.72 -43.90
C SER A 469 9.70 9.36 -44.58
N THR A 470 10.65 9.28 -45.52
CA THR A 470 10.94 8.06 -46.26
C THR A 470 12.44 7.96 -46.49
N GLU A 471 13.13 7.16 -45.67
CA GLU A 471 14.58 7.13 -45.67
C GLU A 471 15.16 5.77 -46.03
N ILE A 472 14.34 4.82 -46.48
CA ILE A 472 14.79 3.53 -46.99
C ILE A 472 15.73 2.83 -46.01
N TYR A 473 15.15 2.41 -44.89
CA TYR A 473 15.87 1.67 -43.86
C TYR A 473 16.80 0.63 -44.48
N GLN A 474 18.02 0.55 -43.95
CA GLN A 474 19.06 -0.26 -44.57
C GLN A 474 18.78 -1.74 -44.41
N ALA A 475 19.22 -2.52 -45.40
CA ALA A 475 19.09 -3.97 -45.37
C ALA A 475 19.92 -4.58 -44.25
N PHE A 486 18.66 3.47 -51.05
CA PHE A 486 18.51 3.44 -52.51
C PHE A 486 17.82 2.16 -52.94
N ASN A 487 18.40 1.02 -52.55
CA ASN A 487 17.77 -0.27 -52.79
C ASN A 487 17.15 -0.87 -51.54
N CYS A 488 17.70 -0.56 -50.37
CA CYS A 488 17.24 -1.19 -49.14
C CYS A 488 15.78 -0.82 -48.87
N TYR A 489 15.10 -1.76 -48.19
CA TYR A 489 13.63 -1.63 -47.98
C TYR A 489 13.23 -0.30 -47.37
N PHE A 490 12.31 0.38 -48.04
CA PHE A 490 11.83 1.66 -47.54
C PHE A 490 10.67 1.44 -46.57
N PRO A 491 10.40 2.40 -45.68
CA PRO A 491 9.60 2.07 -44.49
C PRO A 491 8.17 1.67 -44.78
N LEU A 492 7.41 2.49 -45.50
CA LEU A 492 5.99 2.26 -45.66
C LEU A 492 5.74 1.05 -46.54
N GLN A 493 5.02 0.07 -46.01
CA GLN A 493 4.51 -1.04 -46.81
C GLN A 493 3.00 -1.05 -46.73
N SER A 494 2.36 -1.05 -47.90
CA SER A 494 0.91 -0.91 -47.98
C SER A 494 0.20 -2.08 -47.31
N TYR A 495 -1.12 -1.89 -47.14
CA TYR A 495 -1.99 -2.96 -46.59
C TYR A 495 -3.08 -3.24 -47.63
N GLY A 496 -3.34 -4.50 -47.95
CA GLY A 496 -4.31 -4.91 -48.95
C GLY A 496 -5.56 -5.50 -48.32
N PHE A 497 -6.71 -4.99 -48.74
CA PHE A 497 -7.99 -5.37 -48.18
C PHE A 497 -8.84 -6.10 -49.21
N GLN A 498 -9.90 -6.76 -48.74
CA GLN A 498 -10.85 -7.41 -49.65
C GLN A 498 -12.18 -7.72 -48.95
N VAL A 503 -11.60 -11.46 -41.25
CA VAL A 503 -12.18 -10.53 -40.30
C VAL A 503 -11.07 -9.94 -39.46
N GLY A 504 -9.89 -10.54 -39.55
CA GLY A 504 -8.71 -9.91 -39.00
C GLY A 504 -8.10 -8.91 -39.97
N TYR A 505 -8.54 -8.96 -41.22
CA TYR A 505 -8.03 -8.05 -42.25
C TYR A 505 -9.12 -7.17 -42.81
N GLN A 506 -10.29 -7.15 -42.20
CA GLN A 506 -11.22 -6.07 -42.46
C GLN A 506 -10.54 -4.74 -42.12
N PRO A 507 -10.60 -3.76 -43.00
CA PRO A 507 -10.14 -2.43 -42.63
C PRO A 507 -11.08 -1.82 -41.61
N TYR A 508 -10.51 -1.38 -40.51
CA TYR A 508 -11.29 -0.75 -39.46
C TYR A 508 -10.96 0.72 -39.44
N ARG A 509 -11.98 1.57 -39.43
CA ARG A 509 -11.80 3.00 -39.29
C ARG A 509 -11.75 3.34 -37.81
N VAL A 510 -10.76 4.13 -37.42
CA VAL A 510 -10.52 4.43 -36.03
C VAL A 510 -10.48 5.92 -35.86
N VAL A 511 -11.22 6.43 -34.89
CA VAL A 511 -11.19 7.84 -34.52
C VAL A 511 -10.96 7.89 -33.02
N VAL A 512 -10.07 8.77 -32.59
CA VAL A 512 -9.62 8.82 -31.21
C VAL A 512 -9.84 10.22 -30.69
N LEU A 513 -10.63 10.35 -29.65
CA LEU A 513 -10.92 11.65 -29.04
C LEU A 513 -10.06 11.80 -27.79
N SER A 514 -9.04 12.61 -27.87
CA SER A 514 -8.14 12.82 -26.74
C SER A 514 -8.44 14.18 -26.13
N PHE A 515 -9.02 14.17 -24.94
CA PHE A 515 -9.43 15.40 -24.28
C PHE A 515 -8.25 16.08 -23.63
N GLU A 516 -8.08 17.36 -23.92
CA GLU A 516 -7.03 18.17 -23.33
C GLU A 516 -7.64 18.84 -22.11
N LEU A 517 -7.41 18.27 -20.95
CA LEU A 517 -8.02 18.72 -19.71
C LEU A 517 -7.02 19.57 -18.93
N LEU A 518 -7.51 20.66 -18.34
CA LEU A 518 -6.75 21.58 -17.51
C LEU A 518 -5.58 22.21 -18.26
N HIS A 519 -5.84 23.12 -19.17
CA HIS A 519 -4.79 23.92 -19.79
C HIS A 519 -5.08 25.41 -19.72
N ALA A 520 -6.34 25.81 -19.61
CA ALA A 520 -6.78 27.18 -19.85
C ALA A 520 -8.23 27.28 -19.38
N PRO A 521 -8.93 28.39 -19.61
CA PRO A 521 -10.38 28.38 -19.40
C PRO A 521 -11.05 27.33 -20.28
N ALA A 522 -12.18 26.83 -19.81
CA ALA A 522 -12.92 25.82 -20.56
C ALA A 522 -13.33 26.36 -21.92
N THR A 523 -13.47 25.44 -22.88
CA THR A 523 -13.88 25.83 -24.23
C THR A 523 -14.89 24.89 -24.87
N VAL A 524 -14.93 23.62 -24.50
CA VAL A 524 -15.86 22.67 -25.08
C VAL A 524 -16.68 22.09 -23.94
N CYS A 525 -17.98 22.35 -23.93
CA CYS A 525 -18.82 21.90 -22.84
C CYS A 525 -20.08 21.26 -23.40
N GLY A 526 -20.38 20.09 -22.88
CA GLY A 526 -21.53 19.35 -23.32
C GLY A 526 -22.82 20.05 -22.98
N PRO A 527 -23.94 19.43 -23.33
CA PRO A 527 -25.23 20.06 -23.07
C PRO A 527 -25.58 20.02 -21.60
N LYS A 528 -25.71 21.20 -21.03
CA LYS A 528 -26.21 21.32 -19.67
C LYS A 528 -26.79 22.72 -19.52
N LYS A 529 -28.10 22.79 -19.40
CA LYS A 529 -28.78 24.07 -19.23
C LYS A 529 -28.34 24.74 -17.94
N SER A 530 -27.60 25.84 -18.08
CA SER A 530 -27.19 26.57 -16.90
C SER A 530 -28.39 27.14 -16.19
N THR A 531 -28.22 27.40 -14.90
CA THR A 531 -29.23 28.10 -14.12
C THR A 531 -28.63 29.38 -13.59
N ASN A 532 -29.47 30.33 -13.23
CA ASN A 532 -28.97 31.55 -12.62
C ASN A 532 -28.29 31.20 -11.30
N LEU A 533 -27.34 32.04 -10.90
CA LEU A 533 -26.59 31.81 -9.68
C LEU A 533 -27.27 32.47 -8.49
N VAL A 534 -26.92 31.98 -7.30
CA VAL A 534 -27.45 32.53 -6.05
C VAL A 534 -26.27 32.99 -5.21
N LYS A 535 -26.53 33.48 -3.99
CA LYS A 535 -25.45 33.86 -3.09
C LYS A 535 -25.82 33.48 -1.67
N ASN A 536 -24.79 33.38 -0.84
CA ASN A 536 -24.93 33.28 0.60
C ASN A 536 -25.80 32.11 1.04
N LYS A 537 -26.09 31.17 0.16
CA LYS A 537 -26.67 29.90 0.51
C LYS A 537 -25.73 28.83 -0.01
N CYS A 538 -25.36 27.89 0.84
CA CYS A 538 -24.34 26.95 0.40
C CYS A 538 -24.98 25.95 -0.56
N VAL A 539 -24.48 25.94 -1.80
CA VAL A 539 -25.10 25.26 -2.91
C VAL A 539 -24.08 24.31 -3.52
N ASN A 540 -24.59 23.27 -4.16
CA ASN A 540 -23.76 22.33 -4.89
C ASN A 540 -23.51 22.92 -6.26
N PHE A 541 -22.56 23.83 -6.35
CA PHE A 541 -22.34 24.61 -7.56
C PHE A 541 -21.57 23.81 -8.59
N ASN A 542 -21.50 24.36 -9.79
CA ASN A 542 -20.76 23.74 -10.88
C ASN A 542 -20.36 24.86 -11.84
N PHE A 543 -19.22 25.49 -11.60
CA PHE A 543 -18.76 26.58 -12.44
C PHE A 543 -17.80 26.02 -13.45
N ASN A 544 -18.28 25.80 -14.66
CA ASN A 544 -17.42 25.46 -15.79
C ASN A 544 -16.78 24.10 -15.62
N GLY A 545 -17.33 23.26 -14.77
CA GLY A 545 -16.73 21.96 -14.51
C GLY A 545 -16.21 21.81 -13.11
N LEU A 546 -15.82 22.91 -12.48
CA LEU A 546 -15.36 22.92 -11.10
C LEU A 546 -16.54 22.60 -10.20
N THR A 547 -16.57 21.41 -9.65
CA THR A 547 -17.74 20.90 -8.93
C THR A 547 -17.45 20.94 -7.45
N GLY A 548 -18.28 21.66 -6.70
CA GLY A 548 -18.04 21.78 -5.28
C GLY A 548 -19.30 22.11 -4.52
N THR A 549 -19.09 22.69 -3.34
CA THR A 549 -20.15 23.21 -2.50
C THR A 549 -19.64 24.44 -1.77
N GLY A 550 -20.57 25.21 -1.21
CA GLY A 550 -20.18 26.35 -0.41
C GLY A 550 -21.05 27.55 -0.70
N VAL A 551 -20.77 28.62 0.02
CA VAL A 551 -21.47 29.88 -0.15
C VAL A 551 -20.61 30.78 -1.03
N LEU A 552 -21.27 31.55 -1.89
CA LEU A 552 -20.59 32.40 -2.85
C LEU A 552 -20.82 33.86 -2.49
N THR A 553 -19.74 34.62 -2.40
CA THR A 553 -19.81 36.03 -2.04
C THR A 553 -19.13 36.83 -3.13
N GLU A 554 -19.56 38.07 -3.31
CA GLU A 554 -18.87 38.96 -4.23
C GLU A 554 -17.43 39.15 -3.77
N SER A 555 -16.53 39.31 -4.72
CA SER A 555 -15.10 39.38 -4.44
C SER A 555 -14.60 40.80 -4.61
N ASN A 556 -13.71 41.22 -3.71
CA ASN A 556 -12.89 42.40 -3.96
C ASN A 556 -11.53 42.02 -4.52
N LYS A 557 -11.23 40.72 -4.60
CA LYS A 557 -9.90 40.28 -4.99
C LYS A 557 -9.63 40.65 -6.44
N LYS A 558 -8.59 41.44 -6.66
CA LYS A 558 -8.27 41.93 -7.99
C LYS A 558 -7.84 40.77 -8.89
N PHE A 559 -8.75 40.29 -9.71
CA PHE A 559 -8.37 39.34 -10.74
C PHE A 559 -7.67 40.09 -11.86
N LEU A 560 -7.17 39.35 -12.83
CA LEU A 560 -6.74 39.93 -14.09
C LEU A 560 -7.51 39.29 -15.23
N PRO A 561 -7.72 40.03 -16.32
CA PRO A 561 -8.58 39.54 -17.41
C PRO A 561 -8.18 38.20 -17.99
N PHE A 562 -7.10 37.60 -17.51
CA PHE A 562 -6.65 36.30 -17.98
C PHE A 562 -6.50 35.33 -16.83
N GLN A 563 -7.11 35.64 -15.69
CA GLN A 563 -7.10 34.77 -14.53
C GLN A 563 -8.49 34.16 -14.38
N GLN A 564 -8.54 32.84 -14.20
CA GLN A 564 -9.83 32.16 -14.10
C GLN A 564 -10.24 31.84 -12.68
N PHE A 565 -9.28 31.53 -11.80
CA PHE A 565 -9.59 31.33 -10.40
C PHE A 565 -8.33 31.44 -9.57
N GLY A 566 -8.50 31.27 -8.27
CA GLY A 566 -7.39 31.30 -7.34
C GLY A 566 -7.50 30.15 -6.35
N ARG A 567 -6.34 29.76 -5.84
CA ARG A 567 -6.27 28.73 -4.82
C ARG A 567 -5.24 29.15 -3.79
N ASP A 568 -5.68 29.33 -2.55
CA ASP A 568 -4.79 29.82 -1.51
C ASP A 568 -3.66 28.84 -1.22
N ILE A 569 -4.00 27.57 -0.98
CA ILE A 569 -3.00 26.52 -0.79
C ILE A 569 -3.74 25.19 -0.79
N ALA A 570 -3.02 24.15 -1.15
CA ALA A 570 -3.51 22.78 -1.02
C ALA A 570 -4.73 22.55 -1.90
N ASP A 571 -4.66 23.11 -3.11
CA ASP A 571 -5.68 22.99 -4.13
C ASP A 571 -7.05 23.47 -3.66
N THR A 572 -7.09 24.35 -2.66
CA THR A 572 -8.34 24.92 -2.18
C THR A 572 -8.74 26.03 -3.13
N THR A 573 -9.59 25.72 -4.10
CA THR A 573 -10.14 26.74 -4.95
C THR A 573 -10.92 27.74 -4.11
N ASP A 574 -10.36 28.93 -3.95
CA ASP A 574 -10.95 29.93 -3.07
C ASP A 574 -11.83 30.93 -3.80
N ALA A 575 -11.47 31.31 -5.03
CA ALA A 575 -12.25 32.24 -5.80
C ALA A 575 -12.46 31.67 -7.19
N VAL A 576 -13.43 32.23 -7.91
CA VAL A 576 -13.68 31.83 -9.30
C VAL A 576 -14.49 32.91 -9.99
N ARG A 577 -14.19 33.16 -11.26
CA ARG A 577 -15.00 34.08 -12.04
C ARG A 577 -16.02 33.28 -12.83
N ASP A 578 -17.28 33.65 -12.69
CA ASP A 578 -18.32 32.93 -13.39
C ASP A 578 -18.11 33.07 -14.88
N PRO A 579 -18.50 32.09 -15.69
CA PRO A 579 -18.21 32.17 -17.12
C PRO A 579 -19.03 33.21 -17.85
N GLN A 580 -20.26 33.48 -17.43
CA GLN A 580 -21.13 34.41 -18.14
C GLN A 580 -20.97 35.84 -17.66
N THR A 581 -21.19 36.08 -16.37
CA THR A 581 -21.14 37.42 -15.82
C THR A 581 -19.73 37.98 -15.78
N LEU A 582 -18.71 37.13 -15.85
CA LEU A 582 -17.32 37.55 -15.69
C LEU A 582 -17.07 38.17 -14.32
N GLU A 583 -17.93 37.84 -13.37
CA GLU A 583 -17.86 38.35 -12.01
C GLU A 583 -17.13 37.37 -11.12
N ILE A 584 -16.28 37.90 -10.24
CA ILE A 584 -15.41 37.09 -9.40
C ILE A 584 -16.04 36.94 -8.04
N LEU A 585 -16.02 35.72 -7.51
CA LEU A 585 -16.69 35.40 -6.25
C LEU A 585 -15.75 34.61 -5.37
N ASP A 586 -15.95 34.70 -4.06
CA ASP A 586 -15.19 33.88 -3.14
C ASP A 586 -16.03 32.68 -2.69
N ILE A 587 -15.36 31.58 -2.42
CA ILE A 587 -16.03 30.32 -2.08
C ILE A 587 -15.56 29.89 -0.70
N THR A 588 -16.40 30.06 0.30
CA THR A 588 -16.11 29.53 1.61
C THR A 588 -17.07 28.40 1.92
N PRO A 589 -16.58 27.22 2.26
CA PRO A 589 -17.47 26.06 2.41
C PRO A 589 -18.40 26.25 3.59
N CYS A 590 -19.65 25.82 3.43
CA CYS A 590 -20.63 26.17 4.43
C CYS A 590 -20.31 25.50 5.76
N SER A 591 -20.60 26.24 6.83
CA SER A 591 -20.05 26.00 8.17
C SER A 591 -20.24 24.57 8.61
N PHE A 592 -19.24 24.07 9.34
CA PHE A 592 -19.30 22.73 9.89
C PHE A 592 -18.50 22.71 11.18
N GLY A 593 -18.82 21.76 12.05
CA GLY A 593 -18.14 21.63 13.31
C GLY A 593 -18.51 20.33 13.96
N GLY A 594 -17.83 20.03 15.06
CA GLY A 594 -18.20 18.88 15.85
C GLY A 594 -19.40 19.19 16.72
N VAL A 595 -20.06 18.15 17.21
CA VAL A 595 -21.15 18.28 18.15
C VAL A 595 -20.85 17.38 19.34
N SER A 596 -20.72 17.97 20.51
CA SER A 596 -20.42 17.21 21.71
C SER A 596 -21.46 17.51 22.77
N VAL A 597 -21.90 16.46 23.44
CA VAL A 597 -23.00 16.54 24.38
C VAL A 597 -22.42 16.62 25.79
N ILE A 598 -23.18 17.23 26.69
CA ILE A 598 -22.76 17.45 28.06
C ILE A 598 -23.74 16.75 28.97
N THR A 599 -23.37 15.59 29.49
CA THR A 599 -24.29 14.82 30.31
C THR A 599 -23.79 14.83 31.75
N PRO A 600 -24.71 14.77 32.72
CA PRO A 600 -24.31 14.65 34.12
C PRO A 600 -24.03 13.23 34.56
N GLY A 601 -24.06 12.27 33.63
CA GLY A 601 -24.06 10.86 33.97
C GLY A 601 -25.34 10.22 33.49
N THR A 602 -25.44 8.92 33.71
CA THR A 602 -26.70 8.28 33.37
C THR A 602 -27.58 8.04 34.56
N ASN A 603 -27.05 7.46 35.63
CA ASN A 603 -27.84 7.26 36.83
C ASN A 603 -28.29 8.58 37.44
N THR A 604 -27.53 9.65 37.25
CA THR A 604 -27.96 10.93 37.78
C THR A 604 -29.11 11.51 36.97
N SER A 605 -29.08 11.43 35.64
CA SER A 605 -30.17 11.95 34.85
C SER A 605 -30.03 11.47 33.41
N ASN A 606 -31.01 11.88 32.60
CA ASN A 606 -30.96 11.70 31.16
C ASN A 606 -31.07 13.01 30.42
N GLN A 607 -31.14 14.12 31.13
CA GLN A 607 -31.13 15.40 30.46
C GLN A 607 -29.71 15.77 30.06
N VAL A 608 -29.58 16.40 28.90
CA VAL A 608 -28.27 16.70 28.35
C VAL A 608 -28.33 18.07 27.70
N ALA A 609 -27.16 18.66 27.51
CA ALA A 609 -26.99 19.81 26.65
C ALA A 609 -26.28 19.35 25.40
N VAL A 610 -26.02 20.27 24.48
CA VAL A 610 -25.31 19.96 23.25
C VAL A 610 -24.54 21.18 22.82
N LEU A 611 -23.28 20.99 22.45
CA LEU A 611 -22.40 22.09 22.09
C LEU A 611 -22.08 22.01 20.61
N TYR A 612 -22.40 23.09 19.89
CA TYR A 612 -22.08 23.21 18.48
C TYR A 612 -20.81 24.05 18.37
N GLN A 613 -19.68 23.38 18.22
CA GLN A 613 -18.40 24.06 18.33
C GLN A 613 -18.24 25.09 17.23
N ASP A 614 -17.60 26.20 17.59
CA ASP A 614 -17.20 27.28 16.67
C ASP A 614 -18.23 27.57 15.59
N VAL A 615 -19.48 27.72 16.00
CA VAL A 615 -20.56 28.07 15.09
C VAL A 615 -21.34 29.22 15.71
N ASN A 616 -21.63 30.24 14.90
CA ASN A 616 -22.43 31.35 15.37
C ASN A 616 -23.85 30.88 15.65
N CYS A 617 -24.47 31.43 16.68
CA CYS A 617 -25.82 31.00 17.03
C CYS A 617 -26.83 31.53 16.03
N THR A 618 -26.72 31.06 14.79
CA THR A 618 -27.69 31.36 13.75
C THR A 618 -28.10 30.13 12.96
N GLU A 619 -27.38 29.03 13.07
CA GLU A 619 -27.73 27.80 12.39
C GLU A 619 -28.38 26.85 13.41
N VAL A 620 -28.81 25.69 12.94
CA VAL A 620 -29.66 24.81 13.72
C VAL A 620 -28.87 24.20 14.86
N ASN A 641 -32.99 26.08 26.12
CA ASN A 641 -32.48 27.41 25.87
C ASN A 641 -31.38 27.39 24.81
N VAL A 642 -30.89 28.57 24.42
CA VAL A 642 -29.77 28.69 23.50
C VAL A 642 -28.84 29.77 24.03
N PHE A 643 -27.57 29.41 24.21
CA PHE A 643 -26.59 30.30 24.79
C PHE A 643 -25.33 30.27 23.94
N GLN A 644 -24.74 31.43 23.71
CA GLN A 644 -23.55 31.56 22.88
C GLN A 644 -22.32 31.72 23.75
N THR A 645 -21.25 31.02 23.37
CA THR A 645 -19.99 31.12 24.07
C THR A 645 -18.90 31.60 23.14
N ARG A 646 -17.66 31.60 23.60
CA ARG A 646 -16.54 31.75 22.69
C ARG A 646 -16.17 30.44 22.02
N ALA A 647 -16.54 29.32 22.64
CA ALA A 647 -16.24 28.02 22.06
C ALA A 647 -17.26 27.64 21.00
N GLY A 648 -18.49 28.10 21.12
CA GLY A 648 -19.52 27.76 20.16
C GLY A 648 -20.89 28.10 20.70
N CYS A 649 -21.89 27.50 20.06
CA CYS A 649 -23.29 27.72 20.43
C CYS A 649 -23.77 26.54 21.24
N LEU A 650 -24.13 26.80 22.50
CA LEU A 650 -24.50 25.75 23.43
C LEU A 650 -25.98 25.84 23.70
N ILE A 651 -26.73 24.81 23.30
CA ILE A 651 -28.16 24.76 23.51
C ILE A 651 -28.45 23.65 24.51
N GLY A 652 -29.39 23.89 25.40
CA GLY A 652 -29.75 22.94 26.43
C GLY A 652 -29.31 23.35 27.81
N ALA A 653 -28.42 24.32 27.92
CA ALA A 653 -27.96 24.79 29.21
C ALA A 653 -28.50 26.18 29.49
N GLU A 654 -28.78 26.43 30.75
CA GLU A 654 -29.36 27.68 31.20
C GLU A 654 -28.28 28.52 31.86
N HIS A 655 -27.87 29.59 31.20
CA HIS A 655 -26.74 30.37 31.66
C HIS A 655 -27.05 31.07 32.96
N VAL A 656 -26.06 31.15 33.85
CA VAL A 656 -26.24 31.77 35.16
C VAL A 656 -25.13 32.79 35.39
N ASN A 657 -25.14 33.41 36.57
CA ASN A 657 -24.20 34.48 36.85
C ASN A 657 -23.26 34.19 38.01
N ASN A 658 -23.75 33.62 39.11
CA ASN A 658 -22.85 33.31 40.20
C ASN A 658 -21.91 32.18 39.77
N SER A 659 -20.64 32.32 40.14
CA SER A 659 -19.61 31.39 39.73
C SER A 659 -19.54 30.21 40.68
N TYR A 660 -19.08 29.08 40.15
CA TYR A 660 -18.86 27.88 40.96
C TYR A 660 -17.52 27.25 40.57
N GLU A 661 -17.07 26.30 41.37
CA GLU A 661 -15.98 25.45 40.94
C GLU A 661 -16.52 24.57 39.82
N CYS A 662 -15.81 24.47 38.72
CA CYS A 662 -16.52 24.04 37.53
C CYS A 662 -16.41 22.55 37.32
N ASP A 663 -17.49 21.98 36.78
CA ASP A 663 -17.66 20.52 36.72
C ASP A 663 -17.14 19.94 35.42
N ILE A 664 -17.74 20.32 34.30
CA ILE A 664 -17.51 19.73 32.99
C ILE A 664 -16.91 20.82 32.11
N PRO A 665 -15.60 20.89 31.96
CA PRO A 665 -15.00 22.02 31.23
C PRO A 665 -15.52 22.10 29.83
N ILE A 666 -15.87 23.32 29.41
CA ILE A 666 -16.45 23.52 28.09
C ILE A 666 -15.48 24.28 27.20
N GLY A 667 -14.91 25.34 27.72
CA GLY A 667 -13.93 26.06 26.94
C GLY A 667 -14.04 27.55 27.17
N ALA A 668 -12.92 28.23 26.95
CA ALA A 668 -12.86 29.68 27.02
C ALA A 668 -13.26 30.20 28.40
N GLY A 669 -13.06 29.38 29.42
CA GLY A 669 -13.38 29.76 30.77
C GLY A 669 -14.76 29.38 31.25
N ILE A 670 -15.52 28.62 30.48
CA ILE A 670 -16.92 28.33 30.81
C ILE A 670 -17.04 26.85 31.09
N CYS A 671 -17.73 26.51 32.17
CA CYS A 671 -17.96 25.12 32.53
C CYS A 671 -19.44 24.88 32.74
N ALA A 672 -19.76 23.64 33.06
CA ALA A 672 -21.14 23.24 33.18
C ALA A 672 -21.35 22.40 34.42
N VAL A 687 -25.03 19.59 36.54
CA VAL A 687 -26.43 19.67 36.93
C VAL A 687 -26.50 20.27 38.31
N ALA A 688 -27.56 21.02 38.57
CA ALA A 688 -27.80 21.59 39.88
C ALA A 688 -29.28 21.88 40.00
N SER A 689 -29.98 21.07 40.78
CA SER A 689 -31.44 21.16 40.91
C SER A 689 -32.12 20.98 39.55
N GLN A 690 -32.02 19.75 39.02
CA GLN A 690 -32.80 19.27 37.88
C GLN A 690 -32.64 20.14 36.63
N SER A 691 -31.51 20.84 36.52
CA SER A 691 -31.26 21.64 35.32
C SER A 691 -29.77 21.71 35.08
N ILE A 692 -29.41 21.95 33.82
CA ILE A 692 -28.02 22.07 33.41
C ILE A 692 -27.64 23.54 33.32
N ILE A 693 -26.65 23.95 34.10
CA ILE A 693 -26.26 25.35 34.16
C ILE A 693 -24.86 25.49 33.59
N ALA A 694 -24.66 26.54 32.81
CA ALA A 694 -23.39 26.81 32.18
C ALA A 694 -22.90 28.18 32.64
N TYR A 695 -21.79 28.20 33.37
CA TYR A 695 -21.36 29.40 34.03
C TYR A 695 -19.90 29.66 33.74
N THR A 696 -19.36 30.69 34.38
CA THR A 696 -17.95 31.00 34.28
C THR A 696 -17.21 30.27 35.39
N MET A 697 -16.03 29.76 35.09
CA MET A 697 -15.25 29.11 36.12
C MET A 697 -14.99 30.09 37.24
N SER A 698 -14.83 29.56 38.44
CA SER A 698 -14.29 30.36 39.51
C SER A 698 -12.88 29.89 39.82
N LEU A 699 -11.99 30.83 40.07
CA LEU A 699 -10.67 30.45 40.52
C LEU A 699 -10.68 30.02 41.97
N GLY A 700 -11.77 30.26 42.68
CA GLY A 700 -11.82 29.99 44.09
C GLY A 700 -12.17 31.26 44.84
N ALA A 701 -12.32 31.11 46.15
CA ALA A 701 -12.68 32.25 46.98
C ALA A 701 -11.57 33.28 46.98
N GLU A 702 -11.94 34.51 46.64
CA GLU A 702 -10.99 35.61 46.54
C GLU A 702 -10.83 36.21 47.92
N ASN A 703 -9.66 36.02 48.52
CA ASN A 703 -9.34 36.65 49.78
C ASN A 703 -7.95 37.26 49.69
N SER A 704 -7.87 38.56 49.81
CA SER A 704 -6.58 39.23 49.86
C SER A 704 -6.22 39.49 51.31
N VAL A 705 -5.01 39.08 51.69
CA VAL A 705 -4.63 39.07 53.10
C VAL A 705 -4.16 40.46 53.49
N ALA A 706 -4.26 40.77 54.78
CA ALA A 706 -4.01 42.11 55.29
C ALA A 706 -2.53 42.40 55.47
N TYR A 707 -1.89 42.90 54.43
CA TYR A 707 -0.49 43.27 54.54
C TYR A 707 -0.32 44.51 55.39
N SER A 708 0.78 44.55 56.13
CA SER A 708 1.17 45.72 56.89
C SER A 708 2.60 46.03 56.53
N ASN A 709 3.18 47.02 57.19
CA ASN A 709 4.63 47.15 57.17
C ASN A 709 5.24 46.68 58.47
N ASN A 710 4.41 46.32 59.45
CA ASN A 710 4.97 45.98 60.75
C ASN A 710 4.18 44.90 61.49
N SER A 711 3.39 44.10 60.80
CA SER A 711 2.53 43.16 61.51
C SER A 711 2.70 41.77 60.95
N ILE A 712 3.04 40.82 61.81
CA ILE A 712 3.18 39.43 61.41
C ILE A 712 2.04 38.64 62.02
N ALA A 713 1.81 37.44 61.51
CA ALA A 713 0.78 36.55 62.02
C ALA A 713 1.35 35.14 62.17
N ILE A 714 1.35 34.61 63.38
CA ILE A 714 2.05 33.37 63.65
C ILE A 714 1.07 32.31 64.14
N PRO A 715 1.08 31.11 63.58
CA PRO A 715 0.09 30.10 63.96
C PRO A 715 0.31 29.61 65.37
N THR A 716 -0.73 29.03 65.96
CA THR A 716 -0.68 28.55 67.33
C THR A 716 -1.13 27.10 67.46
N ASN A 717 -1.45 26.45 66.35
CA ASN A 717 -1.85 25.04 66.40
C ASN A 717 -1.76 24.49 64.98
N PHE A 718 -1.62 23.18 64.89
CA PHE A 718 -1.36 22.55 63.62
C PHE A 718 -2.22 21.32 63.48
N THR A 719 -2.24 20.76 62.30
CA THR A 719 -2.89 19.48 62.06
C THR A 719 -1.97 18.65 61.18
N ILE A 720 -1.48 17.55 61.72
CA ILE A 720 -0.74 16.61 60.88
C ILE A 720 -1.76 15.77 60.13
N SER A 721 -1.68 15.82 58.81
CA SER A 721 -2.72 15.26 57.97
C SER A 721 -2.10 14.32 56.96
N VAL A 722 -2.88 13.37 56.49
CA VAL A 722 -2.41 12.33 55.58
C VAL A 722 -3.19 12.47 54.29
N THR A 723 -2.55 13.05 53.29
CA THR A 723 -3.09 12.94 51.95
C THR A 723 -2.72 11.58 51.39
N THR A 724 -3.02 11.38 50.12
CA THR A 724 -2.49 10.25 49.39
C THR A 724 -1.89 10.76 48.10
N GLU A 725 -1.30 9.85 47.34
CA GLU A 725 -0.70 10.20 46.07
C GLU A 725 -0.48 8.93 45.28
N ILE A 726 -1.19 8.80 44.17
CA ILE A 726 -1.18 7.56 43.40
C ILE A 726 -0.31 7.77 42.19
N LEU A 727 0.50 6.77 41.86
CA LEU A 727 1.32 6.81 40.67
C LEU A 727 1.32 5.43 40.06
N PRO A 728 1.12 5.30 38.76
CA PRO A 728 1.41 4.04 38.10
C PRO A 728 2.90 3.83 38.04
N VAL A 729 3.32 2.57 38.01
CA VAL A 729 4.74 2.28 37.86
C VAL A 729 4.98 1.25 36.78
N SER A 730 3.93 0.61 36.30
CA SER A 730 4.19 -0.42 35.29
C SER A 730 2.89 -0.79 34.61
N MET A 731 3.01 -1.27 33.39
CA MET A 731 1.86 -1.72 32.64
C MET A 731 2.01 -3.21 32.45
N THR A 732 0.97 -3.85 31.94
CA THR A 732 1.00 -5.30 31.81
C THR A 732 1.97 -5.70 30.71
N LYS A 733 2.81 -6.69 31.00
CA LYS A 733 3.84 -7.10 30.06
C LYS A 733 3.18 -7.91 28.95
N THR A 734 2.31 -7.27 28.22
CA THR A 734 1.70 -7.96 27.10
C THR A 734 2.72 -8.17 26.01
N SER A 735 2.51 -9.21 25.23
CA SER A 735 3.38 -9.53 24.12
C SER A 735 2.55 -10.14 23.02
N VAL A 736 2.98 -9.94 21.79
CA VAL A 736 2.22 -10.39 20.63
C VAL A 736 3.19 -11.05 19.68
N ASP A 737 2.83 -12.23 19.19
CA ASP A 737 3.62 -12.91 18.17
C ASP A 737 3.21 -12.33 16.82
N CYS A 738 4.18 -11.79 16.10
CA CYS A 738 3.82 -11.09 14.88
C CYS A 738 3.24 -12.03 13.84
N THR A 739 4.00 -13.04 13.43
CA THR A 739 3.56 -13.85 12.30
C THR A 739 2.26 -14.56 12.60
N MET A 740 2.02 -14.93 13.85
CA MET A 740 0.77 -15.62 14.14
C MET A 740 -0.40 -14.68 14.14
N TYR A 741 -0.16 -13.40 14.38
CA TYR A 741 -1.23 -12.44 14.27
C TYR A 741 -1.58 -12.20 12.81
N ILE A 742 -0.58 -11.99 11.98
CA ILE A 742 -0.81 -11.60 10.60
C ILE A 742 -1.25 -12.77 9.77
N CYS A 743 -0.57 -13.91 9.93
CA CYS A 743 -0.92 -15.11 9.18
C CYS A 743 -1.83 -16.03 9.96
N GLY A 744 -1.44 -16.42 11.16
CA GLY A 744 -2.30 -17.25 11.98
C GLY A 744 -2.29 -18.70 11.55
N ASP A 745 -1.11 -19.31 11.58
CA ASP A 745 -0.97 -20.72 11.20
C ASP A 745 -1.41 -20.95 9.77
N SER A 746 -0.73 -20.32 8.83
CA SER A 746 -0.94 -20.52 7.41
C SER A 746 0.43 -20.56 6.74
N THR A 747 0.62 -21.49 5.82
CA THR A 747 1.90 -21.60 5.13
C THR A 747 1.95 -20.67 3.94
N GLU A 748 0.81 -20.46 3.30
CA GLU A 748 0.78 -19.58 2.13
C GLU A 748 1.01 -18.14 2.54
N CYS A 749 0.44 -17.72 3.65
CA CYS A 749 0.59 -16.35 4.09
C CYS A 749 2.00 -16.05 4.55
N SER A 750 2.62 -16.95 5.30
CA SER A 750 3.94 -16.66 5.84
C SER A 750 4.96 -16.42 4.74
N ASN A 751 5.03 -17.32 3.77
CA ASN A 751 6.00 -17.17 2.70
C ASN A 751 5.79 -15.89 1.91
N LEU A 752 4.64 -15.25 2.08
CA LEU A 752 4.49 -13.88 1.61
C LEU A 752 5.09 -12.92 2.61
N LEU A 753 4.78 -13.10 3.88
CA LEU A 753 5.27 -12.21 4.91
C LEU A 753 6.79 -12.21 4.97
N LEU A 754 7.42 -13.24 4.42
CA LEU A 754 8.87 -13.25 4.37
C LEU A 754 9.43 -12.24 3.40
N GLN A 755 8.62 -11.74 2.49
CA GLN A 755 9.09 -10.75 1.54
C GLN A 755 9.19 -9.37 2.13
N TYR A 756 8.47 -9.10 3.21
CA TYR A 756 8.53 -7.80 3.85
C TYR A 756 9.72 -7.68 4.76
N GLY A 757 10.79 -8.39 4.46
CA GLY A 757 12.02 -8.20 5.18
C GLY A 757 11.91 -8.63 6.61
N SER A 758 12.35 -7.78 7.53
CA SER A 758 12.32 -8.07 8.94
C SER A 758 11.38 -7.17 9.69
N PHE A 759 10.16 -6.98 9.19
CA PHE A 759 9.17 -6.27 9.98
C PHE A 759 8.74 -7.10 11.17
N CYS A 760 8.51 -8.40 10.94
CA CYS A 760 8.11 -9.26 12.04
C CYS A 760 9.15 -9.30 13.13
N THR A 761 10.42 -9.48 12.76
CA THR A 761 11.48 -9.51 13.76
C THR A 761 11.58 -8.18 14.48
N GLN A 762 11.28 -7.10 13.78
CA GLN A 762 11.51 -5.77 14.31
C GLN A 762 10.49 -5.40 15.36
N LEU A 763 9.22 -5.71 15.12
CA LEU A 763 8.19 -5.41 16.10
C LEU A 763 8.36 -6.29 17.32
N ASN A 764 8.61 -7.57 17.10
CA ASN A 764 8.72 -8.50 18.22
C ASN A 764 9.81 -8.08 19.17
N ARG A 765 10.89 -7.49 18.65
CA ARG A 765 11.94 -6.99 19.51
C ARG A 765 11.49 -5.75 20.25
N ALA A 766 10.68 -4.91 19.62
CA ALA A 766 10.21 -3.71 20.28
C ALA A 766 9.31 -4.06 21.45
N LEU A 767 8.47 -5.07 21.28
CA LEU A 767 7.51 -5.40 22.32
C LEU A 767 8.16 -6.10 23.50
N THR A 768 9.21 -6.88 23.28
CA THR A 768 9.91 -7.45 24.41
C THR A 768 10.96 -6.50 24.93
N GLY A 769 11.10 -5.34 24.31
CA GLY A 769 11.98 -4.33 24.86
C GLY A 769 11.31 -3.57 25.98
N ILE A 770 10.00 -3.45 25.92
CA ILE A 770 9.28 -2.75 26.97
C ILE A 770 8.71 -3.74 27.96
N ALA A 771 8.60 -5.00 27.56
CA ALA A 771 8.21 -6.01 28.53
C ALA A 771 9.31 -6.25 29.52
N VAL A 772 10.56 -6.27 29.06
CA VAL A 772 11.67 -6.43 29.99
C VAL A 772 11.93 -5.16 30.76
N GLU A 773 11.29 -4.06 30.40
CA GLU A 773 11.50 -2.82 31.12
C GLU A 773 10.52 -2.70 32.27
N GLN A 774 9.31 -3.24 32.10
CA GLN A 774 8.36 -3.24 33.22
C GLN A 774 8.94 -3.92 34.43
N ASP A 775 9.91 -4.81 34.22
CA ASP A 775 10.58 -5.43 35.35
C ASP A 775 11.60 -4.52 35.97
N LYS A 776 12.09 -3.54 35.22
CA LYS A 776 13.05 -2.60 35.79
C LYS A 776 12.32 -1.46 36.50
N ASN A 777 11.06 -1.24 36.17
CA ASN A 777 10.31 -0.21 36.87
C ASN A 777 10.00 -0.65 38.28
N THR A 778 9.41 -1.83 38.45
CA THR A 778 9.08 -2.28 39.78
C THR A 778 10.32 -2.62 40.58
N GLN A 779 11.43 -2.85 39.89
CA GLN A 779 12.67 -3.18 40.59
C GLN A 779 13.35 -1.93 41.10
N GLU A 780 12.85 -0.76 40.71
CA GLU A 780 13.45 0.48 41.15
C GLU A 780 12.63 1.15 42.22
N VAL A 781 11.31 1.08 42.08
CA VAL A 781 10.45 1.72 43.06
C VAL A 781 10.52 1.01 44.38
N PHE A 782 10.50 -0.33 44.35
CA PHE A 782 10.44 -1.10 45.58
C PHE A 782 11.80 -1.58 46.03
N ALA A 783 12.54 -2.26 45.17
CA ALA A 783 13.82 -2.86 45.56
C ALA A 783 14.87 -1.79 45.83
N GLN A 784 14.63 -1.01 46.86
CA GLN A 784 15.57 0.01 47.28
C GLN A 784 16.37 -0.39 48.49
N VAL A 785 16.04 -1.51 49.12
CA VAL A 785 16.60 -1.88 50.40
C VAL A 785 17.39 -3.16 50.25
N LYS A 786 18.40 -3.34 51.10
CA LYS A 786 19.21 -4.54 51.04
C LYS A 786 18.51 -5.72 51.67
N GLN A 787 18.28 -5.65 52.97
CA GLN A 787 17.70 -6.76 53.72
C GLN A 787 16.26 -6.45 54.05
N ILE A 788 15.50 -7.51 54.23
CA ILE A 788 14.06 -7.43 54.47
C ILE A 788 13.86 -7.28 55.96
N TYR A 789 13.65 -6.06 56.42
CA TYR A 789 13.45 -5.85 57.83
C TYR A 789 12.11 -6.42 58.26
N LYS A 790 12.05 -6.83 59.52
CA LYS A 790 10.87 -7.45 60.09
C LYS A 790 10.38 -6.60 61.25
N THR A 791 9.08 -6.36 61.27
CA THR A 791 8.53 -5.51 62.29
C THR A 791 8.47 -6.27 63.61
N PRO A 792 8.65 -5.61 64.74
CA PRO A 792 8.76 -6.31 66.01
C PRO A 792 7.42 -6.89 66.44
N PRO A 793 7.42 -7.87 67.34
CA PRO A 793 6.15 -8.38 67.85
C PRO A 793 5.37 -7.35 68.64
N ILE A 794 5.95 -6.80 69.70
CA ILE A 794 5.26 -5.80 70.49
C ILE A 794 5.28 -4.47 69.77
N LYS A 795 4.16 -3.76 69.83
CA LYS A 795 3.99 -2.50 69.10
C LYS A 795 3.64 -1.41 70.11
N ASP A 796 4.65 -0.65 70.51
CA ASP A 796 4.52 0.33 71.58
C ASP A 796 4.84 1.72 71.06
N PHE A 797 4.44 1.98 69.82
CA PHE A 797 4.94 3.16 69.12
C PHE A 797 4.39 4.44 69.70
N GLY A 798 4.81 4.75 70.93
CA GLY A 798 4.54 6.02 71.57
C GLY A 798 3.12 6.51 71.46
N GLY A 799 2.16 5.63 71.24
CA GLY A 799 0.79 6.02 70.99
C GLY A 799 0.39 6.03 69.54
N PHE A 800 1.34 6.11 68.61
CA PHE A 800 1.04 6.07 67.20
C PHE A 800 0.56 4.67 66.86
N ASN A 801 -0.60 4.57 66.21
CA ASN A 801 -1.23 3.30 65.88
C ASN A 801 -1.01 3.01 64.40
N PHE A 802 -0.17 2.02 64.12
CA PHE A 802 0.15 1.65 62.75
C PHE A 802 -0.64 0.45 62.26
N SER A 803 -1.71 0.09 62.95
CA SER A 803 -2.42 -1.14 62.62
C SER A 803 -2.86 -1.16 61.18
N GLN A 804 -3.10 0.00 60.60
CA GLN A 804 -3.69 0.05 59.28
C GLN A 804 -2.71 -0.29 58.18
N ILE A 805 -1.44 0.07 58.33
CA ILE A 805 -0.47 -0.07 57.26
C ILE A 805 0.40 -1.30 57.43
N LEU A 806 0.78 -1.62 58.64
CA LEU A 806 1.65 -2.76 58.81
C LEU A 806 0.90 -4.05 58.47
N PRO A 807 1.60 -5.06 57.99
CA PRO A 807 0.90 -6.23 57.42
C PRO A 807 0.10 -6.99 58.47
N ASP A 808 -0.97 -7.61 57.99
CA ASP A 808 -1.83 -8.47 58.80
C ASP A 808 -1.77 -9.89 58.24
N PRO A 809 -1.33 -10.88 59.01
CA PRO A 809 -1.11 -12.21 58.45
C PRO A 809 -2.40 -12.97 58.16
N SER A 810 -3.55 -12.33 58.36
CA SER A 810 -4.82 -12.99 58.14
C SER A 810 -4.98 -13.45 56.70
N LYS A 811 -4.28 -12.81 55.77
CA LYS A 811 -4.42 -13.14 54.36
C LYS A 811 -3.07 -13.35 53.68
N ARG A 815 -0.36 -9.29 53.62
CA ARG A 815 -0.79 -8.05 52.98
C ARG A 815 -1.50 -7.17 53.99
N SER A 816 -1.36 -5.86 53.83
CA SER A 816 -1.83 -4.95 54.86
C SER A 816 -3.33 -4.70 54.74
N PHE A 817 -3.83 -3.90 55.67
CA PHE A 817 -5.26 -3.61 55.65
C PHE A 817 -5.61 -2.65 54.53
N ILE A 818 -5.01 -1.47 54.52
CA ILE A 818 -5.28 -0.50 53.46
C ILE A 818 -4.96 -1.10 52.09
N GLU A 819 -3.80 -1.76 51.98
CA GLU A 819 -3.45 -2.42 50.73
C GLU A 819 -4.58 -3.33 50.29
N ASP A 820 -5.25 -3.98 51.25
CA ASP A 820 -6.30 -4.90 50.88
C ASP A 820 -7.49 -4.18 50.29
N LEU A 821 -7.72 -2.95 50.74
CA LEU A 821 -8.79 -2.15 50.15
C LEU A 821 -8.41 -1.69 48.75
N LEU A 822 -7.13 -1.37 48.55
CA LEU A 822 -6.67 -0.97 47.23
C LEU A 822 -6.83 -2.10 46.23
N PHE A 823 -6.57 -3.33 46.65
CA PHE A 823 -6.67 -4.42 45.71
C PHE A 823 -8.10 -4.76 45.39
N ASN A 824 -9.07 -4.14 46.07
CA ASN A 824 -10.45 -4.38 45.72
C ASN A 824 -11.03 -3.32 44.80
N LYS A 825 -10.37 -2.18 44.67
CA LYS A 825 -10.92 -1.06 43.93
C LYS A 825 -10.46 -1.00 42.49
N VAL A 826 -9.98 -2.10 41.92
CA VAL A 826 -9.63 -2.13 40.51
C VAL A 826 -10.22 -3.38 39.88
N THR A 827 -10.34 -3.36 38.56
CA THR A 827 -11.05 -4.37 37.79
C THR A 827 -10.18 -4.94 36.68
N LEU A 828 -8.98 -5.36 37.04
CA LEU A 828 -8.04 -5.96 36.09
C LEU A 828 -8.66 -7.10 35.29
N GLN A 853 -6.80 -12.38 29.16
CA GLN A 853 -7.49 -13.25 28.21
C GLN A 853 -6.82 -13.18 26.85
N LYS A 854 -6.39 -14.34 26.35
CA LYS A 854 -5.62 -14.41 25.11
C LYS A 854 -6.35 -15.19 24.03
N PHE A 855 -6.15 -14.75 22.79
CA PHE A 855 -6.89 -15.27 21.66
C PHE A 855 -5.98 -15.91 20.62
N ASN A 856 -5.06 -15.11 20.07
CA ASN A 856 -4.27 -15.55 18.93
C ASN A 856 -3.03 -14.66 18.86
N GLY A 857 -1.86 -15.24 19.09
CA GLY A 857 -0.66 -14.46 19.12
C GLY A 857 -0.52 -13.59 20.34
N LEU A 858 -1.62 -13.15 20.93
CA LEU A 858 -1.56 -12.33 22.13
C LEU A 858 -1.19 -13.20 23.30
N THR A 859 -0.65 -12.58 24.34
CA THR A 859 -0.27 -13.28 25.55
C THR A 859 -0.06 -12.24 26.61
N VAL A 860 0.14 -12.69 27.84
CA VAL A 860 0.47 -11.82 28.95
C VAL A 860 1.52 -12.49 29.79
N LEU A 861 2.76 -12.17 29.56
CA LEU A 861 3.78 -12.71 30.42
C LEU A 861 3.53 -12.25 31.84
N PRO A 862 3.82 -13.09 32.83
CA PRO A 862 3.58 -12.69 34.20
C PRO A 862 4.71 -11.80 34.70
N PRO A 863 4.42 -10.86 35.56
CA PRO A 863 5.48 -10.01 36.09
C PRO A 863 6.47 -10.81 36.90
N LEU A 864 7.71 -10.37 36.90
CA LEU A 864 8.74 -11.14 37.59
C LEU A 864 8.54 -11.08 39.10
N LEU A 865 8.37 -9.91 39.66
CA LEU A 865 8.18 -9.75 41.10
C LEU A 865 6.72 -10.02 41.43
N THR A 866 6.44 -11.18 41.99
CA THR A 866 5.07 -11.53 42.32
C THR A 866 4.50 -10.57 43.36
N ASP A 867 3.17 -10.50 43.39
CA ASP A 867 2.52 -9.51 44.23
C ASP A 867 2.78 -9.74 45.70
N GLU A 868 2.93 -11.00 46.12
CA GLU A 868 3.24 -11.24 47.52
C GLU A 868 4.71 -11.02 47.81
N MET A 869 5.50 -10.73 46.77
CA MET A 869 6.83 -10.18 47.00
C MET A 869 6.77 -8.67 47.04
N ILE A 870 6.12 -8.07 46.05
CA ILE A 870 5.94 -6.62 46.06
C ILE A 870 5.31 -6.19 47.36
N ALA A 871 4.40 -6.99 47.90
CA ALA A 871 3.84 -6.67 49.20
C ALA A 871 4.84 -6.89 50.31
N GLN A 872 5.95 -7.56 50.03
CA GLN A 872 6.94 -7.78 51.08
C GLN A 872 7.97 -6.68 51.14
N TYR A 873 8.46 -6.22 49.99
CA TYR A 873 9.33 -5.05 49.97
C TYR A 873 8.68 -3.90 50.72
N THR A 874 7.42 -3.61 50.42
CA THR A 874 6.74 -2.53 51.09
C THR A 874 6.48 -2.81 52.55
N SER A 875 6.93 -3.94 53.07
CA SER A 875 6.93 -4.12 54.51
C SER A 875 8.26 -3.78 55.12
N ALA A 876 9.37 -4.17 54.49
CA ALA A 876 10.67 -3.73 54.96
C ALA A 876 10.77 -2.22 54.90
N LEU A 877 10.36 -1.63 53.80
CA LEU A 877 10.30 -0.18 53.72
C LEU A 877 9.46 0.40 54.84
N LEU A 878 8.54 -0.37 55.39
CA LEU A 878 7.73 0.09 56.51
C LEU A 878 8.40 -0.17 57.83
N ALA A 879 9.08 -1.30 57.97
CA ALA A 879 9.72 -1.62 59.23
C ALA A 879 11.05 -0.95 59.43
N GLY A 880 11.63 -0.38 58.37
CA GLY A 880 12.84 0.37 58.53
C GLY A 880 12.52 1.80 58.87
N THR A 881 11.47 2.33 58.25
CA THR A 881 11.11 3.71 58.50
C THR A 881 10.35 3.87 59.79
N ILE A 882 9.86 2.77 60.36
CA ILE A 882 9.23 2.85 61.67
C ILE A 882 10.28 2.77 62.75
N THR A 883 11.16 1.78 62.65
CA THR A 883 12.21 1.57 63.63
C THR A 883 13.37 2.53 63.42
N SER A 884 13.98 2.50 62.24
CA SER A 884 15.27 3.13 62.04
C SER A 884 15.19 4.57 61.54
N GLY A 885 14.13 4.93 60.83
CA GLY A 885 13.96 6.32 60.43
C GLY A 885 14.60 6.57 59.09
N TRP A 886 15.53 7.53 59.06
CA TRP A 886 16.23 7.84 57.82
C TRP A 886 17.20 6.75 57.45
N THR A 887 17.85 6.17 58.45
CA THR A 887 19.17 5.61 58.29
C THR A 887 19.20 4.33 57.53
N PHE A 888 18.10 3.59 57.45
CA PHE A 888 18.16 2.33 56.74
C PHE A 888 18.36 2.56 55.26
N GLY A 889 18.34 3.82 54.83
CA GLY A 889 18.59 4.14 53.45
C GLY A 889 20.01 4.58 53.21
N ALA A 890 20.71 4.92 54.29
CA ALA A 890 22.05 5.50 54.13
C ALA A 890 23.14 4.49 54.41
N GLY A 891 22.81 3.40 55.11
CA GLY A 891 23.83 2.44 55.45
C GLY A 891 23.38 1.36 56.40
N ALA A 892 24.12 1.16 57.48
CA ALA A 892 23.69 0.24 58.51
C ALA A 892 22.50 0.82 59.25
N ALA A 893 21.41 0.06 59.32
CA ALA A 893 20.15 0.58 59.84
C ALA A 893 20.22 0.73 61.34
N LEU A 894 20.29 1.97 61.81
CA LEU A 894 20.36 2.27 63.23
C LEU A 894 18.95 2.44 63.75
N GLN A 895 18.65 1.83 64.90
CA GLN A 895 17.31 1.95 65.46
C GLN A 895 17.23 3.14 66.40
N ILE A 896 16.05 3.73 66.49
CA ILE A 896 15.76 4.91 67.30
C ILE A 896 14.29 4.85 67.66
N PRO A 897 13.90 5.07 68.91
CA PRO A 897 12.50 4.94 69.29
C PRO A 897 11.62 5.94 68.55
N PHE A 898 10.49 5.46 68.07
CA PHE A 898 9.66 6.27 67.16
C PHE A 898 9.35 7.64 67.74
N ALA A 899 8.75 7.66 68.93
CA ALA A 899 8.40 8.92 69.56
C ALA A 899 9.58 9.88 69.55
N MET A 900 10.79 9.35 69.50
CA MET A 900 11.96 10.20 69.35
C MET A 900 12.19 10.56 67.89
N GLN A 901 11.82 9.70 66.96
CA GLN A 901 12.05 10.03 65.56
C GLN A 901 11.22 11.22 65.17
N MET A 902 9.91 11.16 65.37
CA MET A 902 9.05 12.28 65.00
C MET A 902 9.55 13.58 65.62
N ALA A 903 10.25 13.48 66.75
CA ALA A 903 10.87 14.68 67.30
C ALA A 903 11.99 15.14 66.42
N TYR A 904 12.66 14.21 65.74
CA TYR A 904 13.81 14.56 64.92
C TYR A 904 13.36 14.91 63.51
N ARG A 905 12.08 14.70 63.21
CA ARG A 905 11.53 15.24 61.98
C ARG A 905 10.85 16.58 62.21
N PHE A 906 10.24 16.77 63.38
CA PHE A 906 9.78 18.11 63.74
C PHE A 906 10.93 19.08 63.71
N ASN A 907 12.11 18.62 64.08
CA ASN A 907 13.29 19.45 63.98
C ASN A 907 13.70 19.67 62.53
N GLY A 908 12.96 19.08 61.60
CA GLY A 908 13.25 19.32 60.20
C GLY A 908 12.61 20.59 59.69
N ILE A 909 11.30 20.71 59.86
CA ILE A 909 10.55 21.77 59.20
C ILE A 909 10.71 23.09 59.93
N GLY A 910 11.41 23.10 61.04
CA GLY A 910 11.64 24.35 61.71
C GLY A 910 10.87 24.52 62.99
N VAL A 911 10.50 23.40 63.60
CA VAL A 911 9.82 23.39 64.90
C VAL A 911 10.75 22.73 65.88
N THR A 912 11.11 23.44 66.94
CA THR A 912 11.92 22.86 68.00
C THR A 912 11.23 21.62 68.54
N GLN A 913 12.04 20.64 68.96
CA GLN A 913 11.49 19.34 69.27
C GLN A 913 10.59 19.37 70.48
N ASN A 914 10.73 20.35 71.35
CA ASN A 914 9.93 20.37 72.56
C ASN A 914 8.45 20.33 72.23
N VAL A 915 8.09 20.84 71.06
CA VAL A 915 6.67 20.89 70.71
C VAL A 915 6.06 19.51 70.71
N LEU A 916 6.76 18.52 70.15
CA LEU A 916 6.19 17.19 70.07
C LEU A 916 5.92 16.62 71.46
N TYR A 917 6.98 16.38 72.24
CA TYR A 917 6.81 15.83 73.57
C TYR A 917 5.74 16.60 74.33
N GLU A 918 5.78 17.92 74.28
CA GLU A 918 4.82 18.70 75.02
C GLU A 918 3.43 18.53 74.46
N ASN A 919 3.30 17.89 73.30
CA ASN A 919 1.99 17.58 72.75
C ASN A 919 1.89 16.15 72.28
N GLN A 920 2.75 15.27 72.79
CA GLN A 920 2.89 13.93 72.21
C GLN A 920 1.56 13.20 72.14
N LYS A 921 0.78 13.24 73.22
CA LYS A 921 -0.43 12.43 73.27
C LYS A 921 -1.45 12.88 72.24
N LEU A 922 -1.66 14.18 72.11
CA LEU A 922 -2.60 14.67 71.12
C LEU A 922 -2.10 14.42 69.72
N ILE A 923 -0.82 14.70 69.48
CA ILE A 923 -0.26 14.53 68.15
C ILE A 923 -0.48 13.10 67.68
N ALA A 924 -0.27 12.13 68.57
CA ALA A 924 -0.48 10.74 68.20
C ALA A 924 -1.92 10.48 67.83
N ASN A 925 -2.85 11.21 68.44
CA ASN A 925 -4.26 10.98 68.14
C ASN A 925 -4.61 11.54 66.77
N GLN A 926 -4.17 12.76 66.47
CA GLN A 926 -4.38 13.31 65.14
C GLN A 926 -3.84 12.37 64.08
N PHE A 927 -2.62 11.92 64.25
CA PHE A 927 -2.04 11.02 63.27
C PHE A 927 -2.84 9.74 63.18
N ASN A 928 -3.15 9.13 64.32
CA ASN A 928 -3.94 7.89 64.29
C ASN A 928 -5.29 8.12 63.64
N SER A 929 -5.91 9.26 63.92
CA SER A 929 -7.21 9.57 63.33
C SER A 929 -7.10 9.86 61.85
N ALA A 930 -6.10 10.62 61.43
CA ALA A 930 -5.95 10.94 60.02
C ALA A 930 -5.82 9.68 59.18
N ILE A 931 -5.08 8.70 59.68
CA ILE A 931 -4.95 7.44 58.95
C ILE A 931 -6.30 6.75 58.82
N GLY A 932 -7.16 6.92 59.82
CA GLY A 932 -8.46 6.29 59.76
C GLY A 932 -9.29 6.78 58.60
N LYS A 933 -9.31 8.09 58.37
CA LYS A 933 -10.15 8.63 57.32
C LYS A 933 -9.72 8.17 55.95
N ILE A 934 -8.47 7.74 55.82
CA ILE A 934 -7.96 7.36 54.52
C ILE A 934 -8.77 6.21 53.94
N GLN A 935 -8.81 5.09 54.64
CA GLN A 935 -9.55 3.94 54.13
C GLN A 935 -11.02 4.27 53.92
N ASP A 936 -11.58 5.16 54.74
CA ASP A 936 -12.95 5.57 54.54
C ASP A 936 -13.10 6.35 53.23
N SER A 937 -12.26 7.37 53.06
CA SER A 937 -12.28 8.12 51.81
C SER A 937 -11.93 7.21 50.63
N LEU A 938 -11.12 6.19 50.87
CA LEU A 938 -10.80 5.27 49.79
C LEU A 938 -11.95 4.32 49.53
N SER A 939 -12.54 3.75 50.58
CA SER A 939 -13.60 2.76 50.37
C SER A 939 -14.86 3.42 49.82
N SER A 940 -15.30 4.50 50.46
CA SER A 940 -16.56 5.11 50.06
C SER A 940 -16.47 5.66 48.64
N THR A 941 -15.64 6.68 48.44
CA THR A 941 -15.62 7.37 47.16
C THR A 941 -15.01 6.48 46.09
N ALA A 942 -15.84 5.97 45.19
CA ALA A 942 -15.34 5.35 43.99
C ALA A 942 -14.67 6.39 43.10
N SER A 943 -13.91 5.92 42.12
CA SER A 943 -13.08 6.77 41.29
C SER A 943 -11.99 7.44 42.11
N ALA A 944 -11.55 6.76 43.16
CA ALA A 944 -10.45 7.23 43.98
C ALA A 944 -9.10 6.83 43.41
N LEU A 945 -9.06 5.78 42.61
CA LEU A 945 -7.86 5.30 41.94
C LEU A 945 -7.95 5.59 40.47
N GLY A 946 -8.30 6.82 40.13
CA GLY A 946 -8.44 7.18 38.74
C GLY A 946 -7.17 6.93 37.96
N LYS A 947 -6.02 7.21 38.57
CA LYS A 947 -4.77 7.14 37.83
C LYS A 947 -4.42 5.71 37.45
N LEU A 948 -4.48 4.79 38.42
CA LEU A 948 -4.14 3.41 38.10
C LEU A 948 -5.15 2.78 37.16
N GLN A 949 -6.40 3.23 37.20
CA GLN A 949 -7.44 2.58 36.41
C GLN A 949 -7.28 2.91 34.94
N ASP A 950 -6.84 4.13 34.62
CA ASP A 950 -6.65 4.48 33.22
C ASP A 950 -5.59 3.60 32.59
N VAL A 951 -4.42 3.54 33.20
CA VAL A 951 -3.33 2.76 32.66
C VAL A 951 -3.73 1.31 32.47
N VAL A 952 -4.78 0.89 33.17
CA VAL A 952 -5.37 -0.41 32.87
C VAL A 952 -6.41 -0.27 31.77
N ASN A 953 -7.21 0.77 31.83
CA ASN A 953 -8.24 0.96 30.82
C ASN A 953 -7.63 1.19 29.45
N GLN A 954 -6.78 2.20 29.34
CA GLN A 954 -6.17 2.50 28.05
C GLN A 954 -5.48 1.28 27.48
N ASN A 955 -4.60 0.69 28.27
CA ASN A 955 -3.74 -0.36 27.75
C ASN A 955 -4.56 -1.60 27.40
N ALA A 956 -5.76 -1.72 27.95
CA ALA A 956 -6.62 -2.83 27.57
C ALA A 956 -7.56 -2.44 26.43
N GLN A 957 -8.00 -1.18 26.42
CA GLN A 957 -8.73 -0.67 25.29
C GLN A 957 -7.91 -0.74 24.02
N ALA A 958 -6.62 -0.45 24.12
CA ALA A 958 -5.77 -0.47 22.94
C ALA A 958 -5.62 -1.87 22.40
N LEU A 959 -5.53 -2.86 23.29
CA LEU A 959 -5.48 -4.25 22.84
C LEU A 959 -6.76 -4.63 22.14
N ASN A 960 -7.88 -4.15 22.63
CA ASN A 960 -9.16 -4.49 22.03
C ASN A 960 -9.21 -4.08 20.57
N THR A 961 -8.76 -2.88 20.27
CA THR A 961 -8.77 -2.42 18.89
C THR A 961 -7.83 -3.25 18.04
N LEU A 962 -6.79 -3.79 18.64
CA LEU A 962 -5.86 -4.59 17.86
C LEU A 962 -6.54 -5.85 17.35
N VAL A 963 -7.46 -6.39 18.14
CA VAL A 963 -8.11 -7.63 17.74
C VAL A 963 -9.28 -7.35 16.82
N LYS A 964 -10.06 -6.31 17.13
CA LYS A 964 -11.15 -5.91 16.24
C LYS A 964 -10.65 -5.75 14.82
N GLN A 965 -9.40 -5.33 14.66
CA GLN A 965 -8.86 -5.13 13.33
C GLN A 965 -8.65 -6.43 12.59
N LEU A 966 -8.76 -7.56 13.26
CA LEU A 966 -8.66 -8.81 12.53
C LEU A 966 -9.89 -9.09 11.70
N SER A 967 -10.97 -8.39 11.97
CA SER A 967 -12.22 -8.63 11.27
C SER A 967 -12.46 -7.65 10.15
N SER A 968 -11.43 -6.97 9.65
CA SER A 968 -11.61 -5.98 8.61
C SER A 968 -11.17 -6.54 7.26
N ASN A 969 -11.83 -6.06 6.19
CA ASN A 969 -11.48 -6.52 4.86
C ASN A 969 -10.18 -5.95 4.36
N PHE A 970 -9.94 -4.67 4.63
CA PHE A 970 -8.91 -3.88 3.98
C PHE A 970 -9.02 -3.94 2.46
N GLY A 971 -10.13 -4.42 1.94
CA GLY A 971 -10.32 -4.51 0.52
C GLY A 971 -10.28 -5.92 -0.05
N ALA A 972 -9.85 -6.91 0.72
CA ALA A 972 -9.90 -8.26 0.21
C ALA A 972 -11.34 -8.75 0.16
N ILE A 973 -11.52 -9.96 -0.35
CA ILE A 973 -12.88 -10.47 -0.50
C ILE A 973 -13.46 -10.82 0.86
N SER A 974 -12.60 -11.17 1.81
CA SER A 974 -13.10 -11.62 3.09
C SER A 974 -12.00 -11.47 4.14
N SER A 975 -12.42 -11.26 5.37
CA SER A 975 -11.48 -10.94 6.43
C SER A 975 -10.91 -12.15 7.11
N VAL A 976 -11.39 -13.35 6.81
CA VAL A 976 -10.91 -14.56 7.45
C VAL A 976 -9.97 -15.27 6.51
N LEU A 977 -8.69 -15.34 6.90
CA LEU A 977 -7.67 -15.80 5.97
C LEU A 977 -7.94 -17.21 5.49
N ASN A 978 -8.72 -17.97 6.24
CA ASN A 978 -8.99 -19.34 5.81
C ASN A 978 -9.86 -19.37 4.57
N ASP A 979 -10.93 -18.57 4.53
CA ASP A 979 -11.82 -18.63 3.40
C ASP A 979 -11.14 -18.16 2.13
N ILE A 980 -10.54 -16.97 2.14
CA ILE A 980 -9.79 -16.52 0.98
C ILE A 980 -8.79 -17.59 0.58
N LEU A 981 -8.33 -18.37 1.54
CA LEU A 981 -7.42 -19.47 1.23
C LEU A 981 -8.19 -20.71 0.82
N SER A 982 -9.38 -20.88 1.38
CA SER A 982 -10.15 -22.09 1.11
C SER A 982 -10.64 -22.13 -0.33
N ARG A 983 -11.05 -20.98 -0.86
CA ARG A 983 -11.74 -20.96 -2.14
C ARG A 983 -11.05 -20.13 -3.20
N LEU A 984 -9.73 -20.23 -3.33
CA LEU A 984 -9.03 -19.48 -4.36
C LEU A 984 -7.74 -20.19 -4.71
N ASP A 985 -7.38 -20.13 -5.98
CA ASP A 985 -6.15 -20.74 -6.44
C ASP A 985 -4.97 -19.90 -6.00
N PRO A 986 -3.82 -20.51 -5.70
CA PRO A 986 -2.71 -19.76 -5.10
C PRO A 986 -2.27 -18.56 -5.92
N PRO A 987 -2.25 -18.62 -7.26
CA PRO A 987 -1.81 -17.44 -8.01
C PRO A 987 -2.67 -16.23 -7.73
N GLU A 988 -3.98 -16.43 -7.67
CA GLU A 988 -4.87 -15.30 -7.46
C GLU A 988 -5.01 -14.99 -5.97
N ALA A 989 -4.98 -16.03 -5.13
CA ALA A 989 -5.21 -15.83 -3.72
C ALA A 989 -4.24 -14.84 -3.12
N GLU A 990 -2.95 -15.02 -3.38
CA GLU A 990 -1.96 -14.18 -2.72
C GLU A 990 -2.14 -12.70 -3.08
N VAL A 991 -2.93 -12.40 -4.11
CA VAL A 991 -3.24 -11.01 -4.41
C VAL A 991 -4.20 -10.45 -3.40
N GLN A 992 -5.06 -11.31 -2.84
CA GLN A 992 -5.94 -10.87 -1.76
C GLN A 992 -5.25 -10.98 -0.42
N ILE A 993 -4.51 -12.07 -0.21
CA ILE A 993 -3.77 -12.23 1.02
C ILE A 993 -2.83 -11.06 1.21
N ASP A 994 -2.34 -10.50 0.12
CA ASP A 994 -1.46 -9.36 0.23
C ASP A 994 -2.19 -8.14 0.76
N ARG A 995 -3.49 -8.04 0.51
CA ARG A 995 -4.22 -6.88 0.97
C ARG A 995 -4.53 -6.98 2.45
N LEU A 996 -4.55 -8.20 2.98
CA LEU A 996 -4.68 -8.35 4.43
C LEU A 996 -3.35 -8.12 5.11
N ILE A 997 -2.31 -8.81 4.67
CA ILE A 997 -0.99 -8.63 5.25
C ILE A 997 -0.61 -7.16 5.28
N THR A 998 -0.85 -6.45 4.20
CA THR A 998 -0.46 -5.05 4.15
C THR A 998 -1.29 -4.24 5.12
N GLY A 999 -2.38 -4.80 5.60
CA GLY A 999 -3.21 -4.07 6.54
C GLY A 999 -2.97 -4.51 7.97
N ARG A 1000 -2.99 -5.82 8.20
CA ARG A 1000 -2.74 -6.31 9.55
C ARG A 1000 -1.36 -5.90 10.01
N LEU A 1001 -0.43 -5.70 9.10
CA LEU A 1001 0.86 -5.17 9.48
C LEU A 1001 0.75 -3.72 9.92
N GLN A 1002 0.14 -2.88 9.10
CA GLN A 1002 0.04 -1.47 9.43
C GLN A 1002 -0.77 -1.26 10.70
N SER A 1003 -1.66 -2.19 11.02
CA SER A 1003 -2.44 -2.05 12.24
C SER A 1003 -1.74 -2.64 13.44
N LEU A 1004 -0.80 -3.55 13.21
CA LEU A 1004 -0.01 -4.06 14.32
C LEU A 1004 1.14 -3.12 14.61
N GLN A 1005 1.66 -2.47 13.59
CA GLN A 1005 2.76 -1.55 13.77
C GLN A 1005 2.26 -0.22 14.31
N THR A 1006 0.97 0.05 14.17
CA THR A 1006 0.38 1.19 14.85
C THR A 1006 0.24 0.92 16.33
N TYR A 1007 -0.13 -0.31 16.69
CA TYR A 1007 -0.25 -0.64 18.10
C TYR A 1007 1.09 -0.57 18.78
N VAL A 1008 2.14 -1.08 18.14
CA VAL A 1008 3.44 -1.08 18.78
C VAL A 1008 3.89 0.34 19.06
N THR A 1009 3.75 1.23 18.08
CA THR A 1009 4.20 2.59 18.26
C THR A 1009 3.49 3.25 19.43
N GLN A 1010 2.18 3.08 19.53
CA GLN A 1010 1.45 3.72 20.61
C GLN A 1010 1.87 3.16 21.96
N GLN A 1011 2.41 1.95 21.99
CA GLN A 1011 2.88 1.41 23.26
C GLN A 1011 4.26 1.95 23.61
N LEU A 1012 5.14 2.03 22.63
CA LEU A 1012 6.46 2.59 22.88
C LEU A 1012 6.33 4.01 23.39
N ILE A 1013 5.29 4.72 22.98
CA ILE A 1013 5.05 6.06 23.49
C ILE A 1013 4.41 6.00 24.86
N ARG A 1014 3.49 5.05 25.03
CA ARG A 1014 2.80 4.94 26.31
C ARG A 1014 3.71 4.40 27.38
N ALA A 1015 4.66 3.56 27.01
CA ALA A 1015 5.60 3.03 28.00
C ALA A 1015 6.55 4.10 28.47
N ALA A 1016 6.86 5.06 27.61
CA ALA A 1016 7.74 6.14 28.02
C ALA A 1016 7.02 7.09 28.97
N GLU A 1017 5.70 7.09 28.94
CA GLU A 1017 4.97 7.90 29.90
C GLU A 1017 4.96 7.24 31.25
N ILE A 1018 5.14 5.93 31.29
CA ILE A 1018 5.16 5.22 32.55
C ILE A 1018 6.57 5.21 33.13
N ARG A 1019 7.58 5.05 32.27
CA ARG A 1019 8.94 5.15 32.75
C ARG A 1019 9.22 6.54 33.27
N ALA A 1020 8.38 7.51 32.91
CA ALA A 1020 8.51 8.83 33.50
C ALA A 1020 7.83 8.88 34.86
N SER A 1021 6.86 8.00 35.08
CA SER A 1021 6.24 7.93 36.39
C SER A 1021 6.96 6.96 37.29
N ALA A 1022 7.37 5.82 36.76
CA ALA A 1022 8.18 4.89 37.51
C ALA A 1022 9.44 5.57 38.04
N ASN A 1023 9.99 6.50 37.27
CA ASN A 1023 11.14 7.25 37.75
C ASN A 1023 10.73 8.27 38.79
N LEU A 1024 9.52 8.78 38.70
CA LEU A 1024 9.07 9.73 39.69
C LEU A 1024 8.73 9.02 40.99
N ALA A 1025 8.27 7.79 40.91
CA ALA A 1025 8.01 7.04 42.12
C ALA A 1025 9.29 6.50 42.71
N ALA A 1026 10.27 6.24 41.85
CA ALA A 1026 11.57 5.82 42.36
C ALA A 1026 12.24 6.96 43.11
N THR A 1027 11.82 8.19 42.81
CA THR A 1027 12.37 9.34 43.51
C THR A 1027 11.58 9.62 44.77
N LYS A 1028 10.27 9.59 44.68
CA LYS A 1028 9.45 9.91 45.84
C LYS A 1028 9.67 8.90 46.95
N MET A 1029 10.16 7.72 46.62
CA MET A 1029 10.47 6.74 47.65
C MET A 1029 11.85 6.96 48.22
N SER A 1030 12.77 7.43 47.39
CA SER A 1030 14.12 7.66 47.88
C SER A 1030 14.23 9.00 48.57
N GLU A 1031 13.31 9.90 48.28
CA GLU A 1031 13.40 11.25 48.78
C GLU A 1031 12.44 11.53 49.91
N CYS A 1032 11.43 10.68 50.10
CA CYS A 1032 10.42 10.93 51.12
C CYS A 1032 10.17 9.76 52.04
N VAL A 1033 10.36 8.53 51.57
CA VAL A 1033 10.28 7.37 52.44
C VAL A 1033 11.62 7.12 53.11
N LEU A 1034 12.70 7.30 52.39
CA LEU A 1034 14.02 7.06 52.94
C LEU A 1034 14.64 8.31 53.50
N GLY A 1035 13.87 9.37 53.64
CA GLY A 1035 14.37 10.60 54.23
C GLY A 1035 13.23 11.55 54.39
N GLN A 1036 13.53 12.74 54.89
CA GLN A 1036 12.53 13.79 54.99
C GLN A 1036 12.89 14.85 53.98
N SER A 1037 12.04 15.05 52.98
CA SER A 1037 12.38 15.90 51.87
C SER A 1037 12.10 17.36 52.18
N LYS A 1038 13.04 18.22 51.83
CA LYS A 1038 12.86 19.65 51.98
C LYS A 1038 12.26 20.33 50.78
N ARG A 1039 12.08 19.61 49.67
CA ARG A 1039 11.53 20.24 48.48
C ARG A 1039 10.11 20.66 48.76
N VAL A 1040 9.76 21.88 48.34
CA VAL A 1040 8.41 22.35 48.60
C VAL A 1040 7.42 21.64 47.71
N ASP A 1041 6.33 21.18 48.31
CA ASP A 1041 5.19 20.61 47.61
C ASP A 1041 5.55 19.38 46.79
N PHE A 1042 6.70 18.77 47.05
CA PHE A 1042 7.01 17.51 46.41
C PHE A 1042 6.21 16.38 47.03
N CYS A 1043 6.23 16.28 48.35
CA CYS A 1043 5.56 15.23 49.10
C CYS A 1043 4.43 15.85 49.90
N GLY A 1044 3.29 16.01 49.26
CA GLY A 1044 2.10 16.49 49.91
C GLY A 1044 2.08 17.98 50.17
N LYS A 1045 0.89 18.55 50.21
CA LYS A 1045 0.76 19.95 50.54
C LYS A 1045 1.08 20.17 52.01
N GLY A 1046 2.07 21.01 52.27
CA GLY A 1046 2.48 21.28 53.63
C GLY A 1046 3.92 20.88 53.84
N TYR A 1047 4.43 21.17 55.03
CA TYR A 1047 5.78 20.79 55.40
C TYR A 1047 5.76 19.28 55.61
N HIS A 1048 6.78 18.61 55.12
CA HIS A 1048 6.76 17.16 55.11
C HIS A 1048 7.17 16.60 56.45
N LEU A 1049 6.55 15.50 56.86
CA LEU A 1049 7.02 14.76 58.01
C LEU A 1049 7.54 13.37 57.65
N MET A 1050 6.78 12.59 56.88
CA MET A 1050 7.23 11.27 56.48
C MET A 1050 6.29 10.76 55.40
N SER A 1051 6.52 9.53 54.95
CA SER A 1051 5.61 8.96 53.99
C SER A 1051 5.67 7.45 54.06
N PHE A 1052 4.62 6.82 53.58
CA PHE A 1052 4.43 5.40 53.72
C PHE A 1052 4.09 4.80 52.37
N PRO A 1053 4.93 3.92 51.84
CA PRO A 1053 4.57 3.24 50.61
C PRO A 1053 3.39 2.33 50.85
N GLN A 1054 2.65 2.07 49.80
CA GLN A 1054 1.65 1.03 49.81
C GLN A 1054 1.56 0.49 48.41
N SER A 1055 1.70 -0.82 48.27
CA SER A 1055 1.58 -1.37 46.94
C SER A 1055 0.17 -1.14 46.42
N ALA A 1056 -0.03 -1.45 45.18
CA ALA A 1056 -1.32 -1.26 44.55
C ALA A 1056 -1.33 -2.24 43.39
N PRO A 1057 -2.41 -2.38 42.64
CA PRO A 1057 -2.39 -3.32 41.52
C PRO A 1057 -1.19 -3.15 40.62
N HIS A 1058 -1.02 -1.99 40.01
CA HIS A 1058 0.09 -1.78 39.10
C HIS A 1058 0.81 -0.47 39.37
N GLY A 1059 0.70 0.04 40.59
CA GLY A 1059 1.26 1.34 40.86
C GLY A 1059 1.86 1.36 42.23
N VAL A 1060 1.72 2.50 42.88
CA VAL A 1060 2.15 2.67 44.24
C VAL A 1060 1.34 3.80 44.83
N VAL A 1061 1.12 3.77 46.13
CA VAL A 1061 0.31 4.77 46.80
C VAL A 1061 1.09 5.26 48.00
N PHE A 1062 1.31 6.56 48.07
CA PHE A 1062 2.05 7.15 49.16
C PHE A 1062 1.07 7.83 50.09
N LEU A 1063 1.36 7.78 51.37
CA LEU A 1063 0.53 8.40 52.40
C LEU A 1063 1.31 9.52 53.04
N HIS A 1064 1.37 10.65 52.39
CA HIS A 1064 2.26 11.71 52.80
C HIS A 1064 1.74 12.33 54.09
N VAL A 1065 2.40 12.05 55.20
CA VAL A 1065 2.05 12.63 56.49
C VAL A 1065 2.73 13.98 56.61
N THR A 1066 1.96 15.06 56.52
CA THR A 1066 2.54 16.39 56.48
C THR A 1066 1.99 17.23 57.61
N TYR A 1067 2.78 18.23 57.99
CA TYR A 1067 2.44 19.18 59.04
C TYR A 1067 1.82 20.41 58.42
N VAL A 1068 0.66 20.84 58.92
CA VAL A 1068 -0.05 21.98 58.39
C VAL A 1068 -0.44 22.92 59.51
N PRO A 1069 0.09 24.14 59.56
CA PRO A 1069 -0.28 25.04 60.66
C PRO A 1069 -1.72 25.51 60.53
N ALA A 1070 -2.21 26.11 61.60
CA ALA A 1070 -3.57 26.64 61.63
C ALA A 1070 -3.73 27.52 62.86
N GLN A 1071 -4.89 28.16 62.95
CA GLN A 1071 -5.22 29.04 64.07
C GLN A 1071 -4.14 30.12 64.24
N GLU A 1072 -4.11 31.02 63.28
CA GLU A 1072 -3.14 32.10 63.27
C GLU A 1072 -3.70 33.30 63.99
N LYS A 1073 -2.81 34.10 64.59
CA LYS A 1073 -3.17 35.35 65.23
C LYS A 1073 -2.18 36.44 64.82
N ASN A 1074 -2.70 37.65 64.69
CA ASN A 1074 -1.90 38.79 64.27
C ASN A 1074 -1.08 39.28 65.44
N PHE A 1075 0.14 39.69 65.17
CA PHE A 1075 0.96 40.36 66.16
C PHE A 1075 1.66 41.54 65.51
N THR A 1076 2.45 42.24 66.29
CA THR A 1076 3.22 43.36 65.80
C THR A 1076 4.70 43.00 65.77
N THR A 1077 5.36 43.31 64.66
CA THR A 1077 6.70 42.84 64.38
C THR A 1077 7.66 44.02 64.39
N ALA A 1078 8.93 43.72 64.57
CA ALA A 1078 9.96 44.73 64.54
C ALA A 1078 11.30 44.10 64.23
N PRO A 1079 11.99 44.57 63.20
CA PRO A 1079 13.10 43.80 62.65
C PRO A 1079 14.23 43.59 63.64
N ALA A 1080 14.43 44.52 64.56
CA ALA A 1080 15.52 44.36 65.51
C ALA A 1080 15.17 45.14 66.77
N ILE A 1081 15.99 44.96 67.78
CA ILE A 1081 15.75 45.62 69.06
C ILE A 1081 16.95 46.46 69.42
N CYS A 1082 16.77 47.78 69.35
CA CYS A 1082 17.83 48.71 69.69
C CYS A 1082 17.93 48.81 71.20
N HIS A 1083 18.98 48.21 71.76
CA HIS A 1083 19.19 48.22 73.20
C HIS A 1083 20.59 48.77 73.41
N ASP A 1084 20.72 49.74 74.31
CA ASP A 1084 22.00 50.39 74.54
C ASP A 1084 22.62 50.86 73.24
N GLY A 1085 21.80 51.43 72.36
CA GLY A 1085 22.26 51.92 71.08
C GLY A 1085 22.60 50.85 70.07
N LYS A 1086 22.94 49.65 70.52
CA LYS A 1086 23.23 48.56 69.62
C LYS A 1086 21.92 47.89 69.23
N ALA A 1087 21.89 47.34 68.03
CA ALA A 1087 20.72 46.61 67.56
C ALA A 1087 20.80 45.20 68.09
N HIS A 1088 19.67 44.53 68.16
CA HIS A 1088 19.62 43.12 68.52
C HIS A 1088 18.71 42.41 67.52
N PHE A 1089 19.23 41.54 66.87
CA PHE A 1089 18.58 40.71 65.89
C PHE A 1089 18.32 39.32 66.46
N PRO A 1090 17.20 38.71 66.09
CA PRO A 1090 16.86 37.42 66.68
C PRO A 1090 17.74 36.33 66.11
N ARG A 1091 18.21 35.45 66.98
CA ARG A 1091 19.01 34.32 66.50
C ARG A 1091 18.16 33.40 65.63
N GLU A 1092 17.12 32.84 66.21
CA GLU A 1092 16.20 31.96 65.51
C GLU A 1092 14.79 32.31 65.98
N GLY A 1093 14.20 33.30 65.35
CA GLY A 1093 12.91 33.76 65.80
C GLY A 1093 12.56 35.09 65.18
N VAL A 1094 11.41 35.61 65.57
CA VAL A 1094 10.90 36.87 65.06
C VAL A 1094 10.51 37.73 66.25
N PHE A 1095 10.86 39.00 66.22
CA PHE A 1095 10.56 39.85 67.37
C PHE A 1095 9.08 40.19 67.38
N VAL A 1096 8.37 39.67 68.37
CA VAL A 1096 6.93 39.70 68.38
C VAL A 1096 6.47 40.34 69.67
N SER A 1097 5.38 41.10 69.61
CA SER A 1097 4.82 41.75 70.77
C SER A 1097 3.32 41.53 70.83
N ASN A 1098 2.81 41.22 72.01
CA ASN A 1098 1.36 41.16 72.22
C ASN A 1098 0.81 42.54 72.55
N GLY A 1099 1.38 43.57 71.94
CA GLY A 1099 0.97 44.93 72.20
C GLY A 1099 1.78 45.55 73.33
N THR A 1100 1.90 44.81 74.43
CA THR A 1100 2.51 45.33 75.64
C THR A 1100 3.91 44.81 75.90
N HIS A 1101 4.16 43.53 75.67
CA HIS A 1101 5.44 42.93 75.97
C HIS A 1101 6.02 42.33 74.69
N TRP A 1102 7.31 42.54 74.49
CA TRP A 1102 7.99 42.06 73.31
C TRP A 1102 8.56 40.68 73.56
N PHE A 1103 8.63 39.88 72.51
CA PHE A 1103 9.15 38.52 72.61
C PHE A 1103 9.82 38.13 71.30
N VAL A 1104 10.50 37.00 71.35
CA VAL A 1104 10.99 36.28 70.19
C VAL A 1104 10.20 34.99 70.12
N THR A 1105 10.07 34.41 68.94
CA THR A 1105 9.42 33.12 68.89
C THR A 1105 9.86 32.39 67.63
N GLN A 1106 9.83 31.06 67.68
CA GLN A 1106 10.13 30.28 66.51
C GLN A 1106 9.13 30.62 65.42
N ARG A 1107 9.59 30.66 64.18
CA ARG A 1107 8.82 31.35 63.17
C ARG A 1107 7.58 30.57 62.73
N ASN A 1108 7.33 29.38 63.27
CA ASN A 1108 6.23 28.57 62.73
C ASN A 1108 5.31 28.01 63.80
N PHE A 1109 5.39 28.49 65.03
CA PHE A 1109 4.54 27.98 66.09
C PHE A 1109 4.60 28.93 67.27
N TYR A 1110 3.47 29.49 67.66
CA TYR A 1110 3.52 30.55 68.66
C TYR A 1110 4.04 30.02 69.99
N GLU A 1111 5.23 30.47 70.36
CA GLU A 1111 5.80 30.17 71.66
C GLU A 1111 6.80 31.28 71.99
N PRO A 1112 6.32 32.36 72.60
CA PRO A 1112 7.19 33.51 72.85
C PRO A 1112 8.07 33.27 74.06
N GLN A 1113 9.14 34.05 74.14
CA GLN A 1113 10.04 33.99 75.28
C GLN A 1113 10.62 35.35 75.57
N ILE A 1114 11.14 35.50 76.78
CA ILE A 1114 11.72 36.76 77.22
C ILE A 1114 13.05 36.99 76.51
N ILE A 1115 13.28 38.22 76.07
CA ILE A 1115 14.41 38.50 75.21
C ILE A 1115 15.67 38.59 76.06
N THR A 1116 16.27 37.46 76.36
CA THR A 1116 17.55 37.46 77.05
C THR A 1116 18.61 37.76 76.01
N THR A 1117 19.87 37.54 76.37
CA THR A 1117 20.93 37.84 75.40
C THR A 1117 21.30 36.61 74.59
N ASP A 1118 21.10 35.41 75.12
CA ASP A 1118 21.54 34.20 74.45
C ASP A 1118 20.61 33.79 73.33
N ASN A 1119 19.54 34.52 73.11
CA ASN A 1119 18.69 34.27 71.97
C ASN A 1119 18.64 35.46 71.02
N THR A 1120 19.54 36.43 71.19
CA THR A 1120 19.73 37.50 70.22
C THR A 1120 21.22 37.66 69.96
N PHE A 1121 21.57 38.12 68.76
CA PHE A 1121 22.93 38.51 68.51
C PHE A 1121 22.98 39.97 68.04
N VAL A 1122 24.09 40.62 68.35
CA VAL A 1122 24.22 42.07 68.26
C VAL A 1122 25.13 42.42 67.10
N SER A 1123 24.92 43.61 66.53
CA SER A 1123 25.79 44.14 65.50
C SER A 1123 25.53 45.61 65.30
N GLY A 1124 26.53 46.44 65.59
CA GLY A 1124 26.48 47.85 65.27
C GLY A 1124 25.48 48.63 66.11
N ASN A 1125 25.58 49.95 66.01
CA ASN A 1125 24.65 50.84 66.67
C ASN A 1125 23.29 50.75 65.99
N CYS A 1126 22.27 51.34 66.60
CA CYS A 1126 20.91 51.19 66.10
C CYS A 1126 20.42 52.40 65.31
N ASP A 1127 21.26 52.96 64.45
CA ASP A 1127 20.84 54.07 63.60
C ASP A 1127 20.54 53.62 62.17
N VAL A 1128 21.06 52.46 61.77
CA VAL A 1128 20.96 52.07 60.37
C VAL A 1128 19.58 51.54 60.04
N VAL A 1129 19.23 50.38 60.59
CA VAL A 1129 18.12 49.59 60.07
C VAL A 1129 16.81 50.18 60.56
N ILE A 1130 15.89 50.40 59.64
CA ILE A 1130 14.67 51.13 59.93
C ILE A 1130 13.62 50.17 60.49
N GLY A 1131 12.92 50.59 61.53
CA GLY A 1131 11.83 49.83 62.08
C GLY A 1131 12.08 49.26 63.44
N ILE A 1132 13.30 49.37 63.95
CA ILE A 1132 13.64 48.80 65.25
C ILE A 1132 12.87 49.54 66.32
N VAL A 1133 12.80 48.96 67.52
CA VAL A 1133 12.15 49.61 68.63
C VAL A 1133 13.09 49.61 69.81
N ASN A 1134 12.85 50.53 70.74
CA ASN A 1134 13.64 50.62 71.97
C ASN A 1134 13.06 49.66 73.00
N ASN A 1135 13.90 48.78 73.53
CA ASN A 1135 13.45 47.77 74.47
C ASN A 1135 14.60 47.42 75.41
N THR A 1136 14.33 46.51 76.33
CA THR A 1136 15.32 46.07 77.29
C THR A 1136 15.57 44.57 77.15
N VAL A 1137 16.82 44.23 76.89
CA VAL A 1137 17.27 42.85 76.81
C VAL A 1137 17.98 42.52 78.11
N TYR A 1138 17.37 41.68 78.93
CA TYR A 1138 17.90 41.38 80.24
C TYR A 1138 19.04 40.38 80.12
N ASP A 1139 20.04 40.52 80.98
CA ASP A 1139 21.18 39.62 81.01
C ASP A 1139 21.01 38.64 82.17
N PRO A 1140 21.06 37.33 81.93
CA PRO A 1140 20.98 36.38 83.05
C PRO A 1140 22.21 36.38 83.94
N LEU A 1141 23.33 36.95 83.50
CA LEU A 1141 24.51 36.96 84.37
C LEU A 1141 24.33 37.91 85.55
N GLN A 1142 23.62 39.02 85.34
CA GLN A 1142 23.50 40.02 86.39
C GLN A 1142 22.85 39.50 87.67
N PRO A 1143 21.73 38.77 87.64
CA PRO A 1143 21.20 38.23 88.89
C PRO A 1143 22.12 37.24 89.59
N GLU A 1144 23.19 36.80 88.91
CA GLU A 1144 24.17 35.92 89.54
C GLU A 1144 25.35 36.68 90.10
N LEU A 1145 25.58 37.91 89.67
CA LEU A 1145 26.62 38.73 90.26
C LEU A 1145 26.27 39.20 91.66
N ASP A 1146 24.99 39.21 92.01
CA ASP A 1146 24.53 39.73 93.30
C ASP A 1146 24.14 38.61 94.25
N GLN B 1 -30.76 -15.39 -62.77
CA GLN B 1 -30.34 -14.45 -63.78
C GLN B 1 -29.60 -13.28 -63.13
N SER B 2 -30.20 -12.69 -62.11
CA SER B 2 -29.60 -11.60 -61.34
C SER B 2 -29.14 -12.15 -59.99
N VAL B 3 -28.12 -11.51 -59.43
CA VAL B 3 -27.57 -11.96 -58.17
C VAL B 3 -28.60 -11.83 -57.06
N LEU B 4 -29.61 -11.00 -57.27
CA LEU B 4 -30.85 -11.06 -56.51
C LEU B 4 -31.91 -11.71 -57.36
N THR B 5 -32.85 -12.38 -56.73
CA THR B 5 -33.92 -13.06 -57.43
C THR B 5 -35.25 -12.42 -57.06
N GLN B 6 -36.07 -12.17 -58.08
CA GLN B 6 -37.32 -11.46 -57.91
C GLN B 6 -38.46 -12.20 -58.58
N PRO B 7 -39.69 -11.93 -58.16
CA PRO B 7 -40.83 -12.43 -58.90
C PRO B 7 -40.99 -11.68 -60.20
N PRO B 8 -41.59 -12.30 -61.22
CA PRO B 8 -41.80 -11.59 -62.48
C PRO B 8 -42.93 -10.58 -62.42
N SER B 9 -44.03 -10.93 -61.76
CA SER B 9 -45.15 -10.00 -61.65
C SER B 9 -46.12 -10.50 -60.59
N VAL B 10 -47.05 -9.60 -60.23
CA VAL B 10 -48.16 -9.90 -59.34
C VAL B 10 -49.36 -9.12 -59.83
N SER B 11 -50.52 -9.39 -59.22
CA SER B 11 -51.70 -8.56 -59.44
C SER B 11 -52.70 -8.79 -58.31
N ALA B 12 -53.36 -7.71 -57.91
CA ALA B 12 -54.39 -7.77 -56.88
C ALA B 12 -55.23 -6.50 -56.96
N ALA B 13 -56.46 -6.62 -56.50
CA ALA B 13 -57.44 -5.56 -56.69
C ALA B 13 -57.07 -4.33 -55.85
N PRO B 14 -57.65 -3.18 -56.18
CA PRO B 14 -57.48 -2.00 -55.32
C PRO B 14 -58.10 -2.22 -53.95
N GLY B 15 -57.31 -1.94 -52.92
CA GLY B 15 -57.73 -2.16 -51.55
C GLY B 15 -57.13 -3.38 -50.90
N GLN B 16 -56.33 -4.15 -51.63
CA GLN B 16 -55.72 -5.36 -51.10
C GLN B 16 -54.33 -5.05 -50.56
N LYS B 17 -53.78 -5.96 -49.77
CA LYS B 17 -52.52 -5.76 -49.08
C LYS B 17 -51.48 -6.67 -49.71
N VAL B 18 -50.62 -6.10 -50.56
CA VAL B 18 -49.78 -6.89 -51.44
C VAL B 18 -48.36 -6.90 -50.91
N THR B 19 -47.76 -8.09 -50.86
CA THR B 19 -46.40 -8.27 -50.36
C THR B 19 -45.62 -9.08 -51.38
N ILE B 20 -44.71 -8.42 -52.08
CA ILE B 20 -43.78 -9.09 -52.99
C ILE B 20 -42.46 -9.26 -52.27
N SER B 21 -41.65 -10.24 -52.69
CA SER B 21 -40.40 -10.49 -52.03
C SER B 21 -39.32 -10.89 -53.03
N CYS B 22 -38.11 -10.36 -52.80
CA CYS B 22 -36.98 -10.59 -53.68
C CYS B 22 -35.82 -11.13 -52.86
N SER B 23 -35.09 -12.09 -53.42
CA SER B 23 -34.13 -12.85 -52.63
C SER B 23 -32.74 -12.74 -53.25
N GLY B 24 -31.74 -12.90 -52.41
CA GLY B 24 -30.36 -12.87 -52.82
C GLY B 24 -29.51 -13.57 -51.79
N SER B 25 -28.20 -13.39 -51.88
CA SER B 25 -27.28 -14.06 -50.96
C SER B 25 -27.28 -13.35 -49.61
N SER B 26 -26.48 -13.88 -48.69
CA SER B 26 -26.22 -13.20 -47.44
C SER B 26 -24.86 -12.53 -47.40
N SER B 27 -24.06 -12.67 -48.47
CA SER B 27 -22.86 -11.84 -48.59
C SER B 27 -23.22 -10.37 -48.72
N ASN B 28 -24.42 -10.07 -49.19
CA ASN B 28 -24.89 -8.69 -49.30
C ASN B 28 -26.08 -8.43 -48.39
N ILE B 29 -27.20 -9.12 -48.61
CA ILE B 29 -28.45 -8.68 -48.02
C ILE B 29 -28.48 -8.95 -46.53
N GLY B 30 -27.83 -10.02 -46.09
CA GLY B 30 -27.84 -10.34 -44.67
C GLY B 30 -27.20 -9.25 -43.82
N ASN B 31 -26.27 -8.50 -44.40
CA ASN B 31 -25.51 -7.51 -43.60
C ASN B 31 -25.81 -6.09 -44.10
N ASN B 32 -26.14 -5.94 -45.39
CA ASN B 32 -26.34 -4.58 -45.95
C ASN B 32 -27.84 -4.31 -46.12
N PRO B 33 -28.36 -3.18 -45.61
CA PRO B 33 -29.80 -2.87 -45.65
C PRO B 33 -30.41 -2.66 -47.04
N VAL B 34 -31.67 -3.08 -47.24
CA VAL B 34 -32.30 -3.22 -48.59
C VAL B 34 -32.99 -1.93 -49.05
N SER B 35 -32.81 -1.56 -50.32
CA SER B 35 -33.50 -0.37 -50.87
C SER B 35 -34.44 -0.77 -52.00
N TRP B 36 -35.62 -0.15 -52.09
CA TRP B 36 -36.60 -0.47 -53.11
C TRP B 36 -37.01 0.81 -53.82
N TYR B 37 -37.22 0.70 -55.12
CA TYR B 37 -37.64 1.83 -55.93
C TYR B 37 -38.83 1.45 -56.78
N ARG B 38 -39.54 2.47 -57.26
CA ARG B 38 -40.65 2.30 -58.17
C ARG B 38 -40.35 3.02 -59.47
N GLN B 39 -40.74 2.43 -60.58
CA GLN B 39 -40.54 2.99 -61.91
C GLN B 39 -41.85 2.85 -62.68
N VAL B 40 -42.43 3.98 -63.08
CA VAL B 40 -43.57 3.95 -63.97
C VAL B 40 -43.06 3.95 -65.41
N PRO B 41 -43.69 3.21 -66.33
CA PRO B 41 -43.23 3.21 -67.71
C PRO B 41 -43.13 4.63 -68.26
N GLY B 42 -41.89 5.01 -68.60
CA GLY B 42 -41.62 6.35 -69.06
C GLY B 42 -41.24 7.34 -67.98
N THR B 43 -41.03 6.88 -66.76
CA THR B 43 -40.65 7.75 -65.66
C THR B 43 -39.42 7.17 -64.98
N ALA B 44 -38.44 8.04 -64.74
CA ALA B 44 -37.20 7.58 -64.14
C ALA B 44 -37.45 7.08 -62.73
N PRO B 45 -36.76 6.03 -62.29
CA PRO B 45 -37.06 5.44 -60.98
C PRO B 45 -36.85 6.43 -59.87
N LYS B 46 -37.68 6.32 -58.85
CA LYS B 46 -37.61 7.20 -57.69
C LYS B 46 -37.39 6.35 -56.45
N LEU B 47 -36.82 6.96 -55.42
CA LEU B 47 -36.57 6.24 -54.18
C LEU B 47 -37.88 5.98 -53.46
N LEU B 48 -38.14 4.71 -53.15
CA LEU B 48 -39.37 4.31 -52.49
C LEU B 48 -39.15 3.93 -51.03
N ILE B 49 -38.31 2.94 -50.78
CA ILE B 49 -38.12 2.40 -49.44
C ILE B 49 -36.64 2.28 -49.16
N TYR B 50 -36.18 2.84 -48.05
CA TYR B 50 -34.74 2.79 -47.83
C TYR B 50 -34.40 2.19 -46.48
N ASP B 51 -33.17 2.37 -46.03
CA ASP B 51 -32.27 1.30 -45.64
C ASP B 51 -33.02 0.03 -45.26
N ASN B 52 -34.05 0.15 -44.45
CA ASN B 52 -34.96 -0.96 -44.21
C ASN B 52 -36.28 -0.34 -43.78
N ASN B 53 -37.39 -0.88 -44.28
CA ASN B 53 -38.73 -0.55 -43.80
C ASN B 53 -38.98 0.94 -43.66
N LYS B 54 -38.22 1.77 -44.36
CA LYS B 54 -38.31 3.21 -44.17
C LYS B 54 -38.46 3.90 -45.51
N ARG B 55 -39.32 4.91 -45.52
CA ARG B 55 -39.70 5.66 -46.70
C ARG B 55 -39.31 7.11 -46.55
N PRO B 56 -38.98 7.78 -47.64
CA PRO B 56 -38.65 9.21 -47.56
C PRO B 56 -39.86 10.05 -47.22
N SER B 57 -39.69 11.36 -47.21
CA SER B 57 -40.82 12.26 -47.09
C SER B 57 -41.46 12.43 -48.46
N GLY B 58 -42.77 12.66 -48.46
CA GLY B 58 -43.53 12.69 -49.68
C GLY B 58 -44.15 11.37 -50.08
N ILE B 59 -43.58 10.26 -49.63
CA ILE B 59 -44.14 8.95 -49.91
C ILE B 59 -45.16 8.63 -48.83
N PRO B 60 -46.37 8.23 -49.18
CA PRO B 60 -47.39 7.97 -48.16
C PRO B 60 -47.04 6.74 -47.34
N ASP B 61 -47.57 6.71 -46.12
CA ASP B 61 -47.30 5.68 -45.12
C ASP B 61 -47.78 4.32 -45.53
N ARG B 62 -48.48 4.20 -46.66
CA ARG B 62 -49.04 2.90 -47.03
C ARG B 62 -47.96 1.88 -47.32
N PHE B 63 -46.77 2.33 -47.67
CA PHE B 63 -45.69 1.44 -48.05
C PHE B 63 -44.91 0.99 -46.83
N SER B 64 -44.44 -0.25 -46.84
CA SER B 64 -43.64 -0.78 -45.75
C SER B 64 -42.74 -1.87 -46.30
N GLY B 65 -41.71 -2.23 -45.52
CA GLY B 65 -40.76 -3.23 -45.95
C GLY B 65 -40.27 -4.04 -44.78
N SER B 66 -39.54 -5.10 -45.09
CA SER B 66 -39.02 -5.98 -44.06
C SER B 66 -37.97 -6.89 -44.65
N LYS B 67 -36.79 -6.89 -44.06
CA LYS B 67 -35.72 -7.77 -44.50
C LYS B 67 -35.65 -8.97 -43.57
N SER B 68 -35.46 -10.15 -44.15
CA SER B 68 -35.29 -11.36 -43.36
C SER B 68 -34.14 -12.14 -43.94
N GLY B 69 -33.10 -12.34 -43.13
CA GLY B 69 -31.98 -13.15 -43.55
C GLY B 69 -31.30 -12.65 -44.81
N ALA B 70 -31.51 -13.35 -45.92
CA ALA B 70 -30.92 -13.00 -47.20
C ALA B 70 -31.99 -12.68 -48.22
N SER B 71 -33.14 -12.18 -47.77
CA SER B 71 -34.20 -11.79 -48.69
C SER B 71 -34.93 -10.60 -48.11
N ALA B 72 -35.81 -10.01 -48.92
CA ALA B 72 -36.52 -8.81 -48.55
C ALA B 72 -37.97 -8.88 -49.02
N THR B 73 -38.84 -8.16 -48.33
CA THR B 73 -40.26 -8.10 -48.64
C THR B 73 -40.70 -6.65 -48.70
N LEU B 74 -41.43 -6.30 -49.75
CA LEU B 74 -42.02 -4.99 -49.91
C LEU B 74 -43.54 -5.14 -49.91
N GLY B 75 -44.20 -4.44 -48.98
CA GLY B 75 -45.64 -4.51 -48.86
C GLY B 75 -46.31 -3.16 -49.02
N ILE B 76 -47.52 -3.18 -49.56
CA ILE B 76 -48.29 -1.98 -49.84
C ILE B 76 -49.73 -2.22 -49.45
N THR B 77 -50.32 -1.26 -48.77
CA THR B 77 -51.72 -1.25 -48.40
C THR B 77 -52.46 -0.18 -49.19
N GLY B 78 -53.78 -0.32 -49.25
CA GLY B 78 -54.62 0.63 -49.95
C GLY B 78 -54.23 0.78 -51.41
N LEU B 79 -54.02 -0.35 -52.08
CA LEU B 79 -53.57 -0.33 -53.46
C LEU B 79 -54.55 0.43 -54.33
N GLN B 80 -54.02 1.19 -55.28
CA GLN B 80 -54.80 1.92 -56.26
C GLN B 80 -54.18 1.74 -57.64
N THR B 81 -54.96 2.07 -58.67
CA THR B 81 -54.56 1.74 -60.04
C THR B 81 -53.34 2.53 -60.50
N GLY B 82 -53.17 3.77 -60.04
CA GLY B 82 -52.00 4.52 -60.39
C GLY B 82 -50.72 4.02 -59.75
N ASP B 83 -50.83 3.04 -58.86
CA ASP B 83 -49.68 2.40 -58.23
C ASP B 83 -49.12 1.28 -59.09
N GLU B 84 -49.77 0.98 -60.22
CA GLU B 84 -49.25 0.01 -61.19
C GLU B 84 -47.89 0.49 -61.68
N ALA B 85 -46.90 -0.37 -61.65
CA ALA B 85 -45.55 0.06 -62.00
C ALA B 85 -44.65 -1.17 -62.11
N ASP B 86 -43.35 -0.89 -62.15
CA ASP B 86 -42.32 -1.88 -61.88
C ASP B 86 -41.65 -1.52 -60.56
N TYR B 87 -41.26 -2.54 -59.81
CA TYR B 87 -40.70 -2.38 -58.48
C TYR B 87 -39.37 -3.12 -58.42
N TYR B 88 -38.36 -2.49 -57.83
CA TYR B 88 -37.00 -3.03 -57.85
C TYR B 88 -36.37 -2.98 -56.46
N CYS B 89 -35.52 -3.97 -56.18
CA CYS B 89 -34.79 -4.07 -54.92
C CYS B 89 -33.30 -4.00 -55.19
N GLY B 90 -32.59 -3.25 -54.35
CA GLY B 90 -31.16 -3.02 -54.55
C GLY B 90 -30.44 -2.74 -53.26
N THR B 91 -29.13 -2.97 -53.27
CA THR B 91 -28.29 -2.86 -52.09
C THR B 91 -26.83 -3.14 -52.45
N TRP B 92 -25.93 -2.29 -51.95
CA TRP B 92 -24.46 -2.49 -52.04
C TRP B 92 -24.07 -3.91 -51.58
N HIS B 93 -23.55 -4.76 -52.50
CA HIS B 93 -23.08 -6.09 -52.19
C HIS B 93 -21.66 -6.01 -51.64
N THR B 94 -21.43 -6.67 -50.51
CA THR B 94 -20.19 -6.46 -49.77
C THR B 94 -19.02 -7.16 -50.45
N SER B 95 -19.18 -8.43 -50.80
CA SER B 95 -18.03 -9.19 -51.28
C SER B 95 -17.47 -8.60 -52.56
N LEU B 96 -18.28 -8.47 -53.60
CA LEU B 96 -17.79 -7.88 -54.84
C LEU B 96 -17.60 -6.39 -54.74
N SER B 97 -17.86 -5.79 -53.56
CA SER B 97 -17.69 -4.35 -53.35
C SER B 97 -18.37 -3.54 -54.43
N SER B 98 -19.52 -3.99 -54.91
CA SER B 98 -20.12 -3.46 -56.12
C SER B 98 -21.49 -2.84 -55.89
N GLY B 99 -22.43 -3.59 -55.35
CA GLY B 99 -23.77 -3.02 -55.27
C GLY B 99 -24.56 -3.45 -56.49
N VAL B 100 -25.78 -3.92 -56.25
CA VAL B 100 -26.55 -4.60 -57.28
C VAL B 100 -28.04 -4.32 -57.11
N PHE B 101 -28.80 -4.82 -58.08
CA PHE B 101 -30.25 -4.70 -58.14
C PHE B 101 -30.90 -6.08 -58.25
N GLY B 102 -32.19 -6.13 -57.94
CA GLY B 102 -32.99 -7.28 -58.26
C GLY B 102 -33.30 -7.33 -59.74
N GLY B 103 -34.20 -8.25 -60.11
CA GLY B 103 -34.57 -8.40 -61.51
C GLY B 103 -35.66 -7.45 -61.97
N GLY B 104 -36.63 -7.18 -61.11
CA GLY B 104 -37.77 -6.36 -61.48
C GLY B 104 -39.07 -7.09 -61.26
N THR B 105 -40.09 -6.40 -60.75
CA THR B 105 -41.39 -7.00 -60.53
C THR B 105 -42.47 -6.13 -61.15
N LYS B 106 -43.35 -6.74 -61.94
CA LYS B 106 -44.41 -6.04 -62.64
C LYS B 106 -45.67 -6.03 -61.78
N LEU B 107 -45.90 -4.93 -61.08
CA LEU B 107 -47.14 -4.81 -60.33
C LEU B 107 -48.19 -4.24 -61.27
N THR B 108 -49.21 -5.05 -61.58
CA THR B 108 -50.36 -4.61 -62.35
C THR B 108 -51.60 -4.71 -61.50
N VAL B 109 -52.31 -3.60 -61.39
CA VAL B 109 -53.54 -3.52 -60.60
C VAL B 109 -54.62 -4.33 -61.30
N LEU B 110 -55.56 -4.88 -60.54
CA LEU B 110 -56.75 -5.43 -61.15
C LEU B 110 -57.77 -4.33 -61.42
N SER B 111 -58.28 -4.31 -62.65
CA SER B 111 -59.29 -3.35 -63.05
C SER B 111 -59.63 -3.43 -64.53
N GLU C 1 -32.93 22.80 -54.44
CA GLU C 1 -33.38 21.52 -54.98
C GLU C 1 -32.39 20.95 -55.98
N VAL C 2 -31.90 19.76 -55.67
CA VAL C 2 -30.90 19.09 -56.49
C VAL C 2 -31.51 18.72 -57.84
N GLN C 3 -30.69 18.81 -58.89
CA GLN C 3 -31.08 18.34 -60.21
C GLN C 3 -29.86 17.81 -60.93
N LEU C 4 -30.05 16.66 -61.59
CA LEU C 4 -29.04 16.12 -62.47
C LEU C 4 -29.62 16.06 -63.87
N VAL C 5 -28.89 16.60 -64.83
CA VAL C 5 -29.35 16.70 -66.21
C VAL C 5 -28.37 15.98 -67.11
N GLN C 6 -28.89 15.24 -68.07
CA GLN C 6 -28.06 14.48 -68.99
C GLN C 6 -28.23 15.01 -70.41
N SER C 7 -27.32 14.56 -71.27
CA SER C 7 -27.33 14.98 -72.65
C SER C 7 -28.58 14.44 -73.35
N GLY C 8 -28.87 15.01 -74.51
CA GLY C 8 -30.08 14.69 -75.23
C GLY C 8 -30.04 13.31 -75.87
N ALA C 9 -31.01 13.09 -76.76
CA ALA C 9 -31.13 11.81 -77.44
C ALA C 9 -29.86 11.48 -78.21
N GLU C 10 -29.38 10.25 -78.06
CA GLU C 10 -28.10 9.84 -78.62
C GLU C 10 -28.29 8.53 -79.38
N VAL C 11 -27.74 8.47 -80.58
CA VAL C 11 -27.68 7.24 -81.35
C VAL C 11 -26.34 7.19 -82.09
N LYS C 12 -25.69 6.04 -82.03
CA LYS C 12 -24.40 5.84 -82.67
C LYS C 12 -24.34 4.43 -83.24
N LYS C 13 -23.29 4.16 -84.01
CA LYS C 13 -23.12 2.87 -84.67
C LYS C 13 -22.04 2.05 -83.98
N PRO C 14 -22.21 0.73 -83.91
CA PRO C 14 -21.15 -0.12 -83.38
C PRO C 14 -19.81 0.16 -84.04
N GLY C 15 -18.76 0.15 -83.22
CA GLY C 15 -17.42 0.50 -83.65
C GLY C 15 -16.90 1.83 -83.10
N GLU C 16 -17.72 2.56 -82.35
CA GLU C 16 -17.39 3.91 -81.93
C GLU C 16 -17.28 4.02 -80.41
N SER C 17 -16.76 5.16 -79.96
CA SER C 17 -16.58 5.49 -78.56
C SER C 17 -17.59 6.54 -78.13
N LEU C 18 -17.88 6.59 -76.83
CA LEU C 18 -18.86 7.53 -76.32
C LEU C 18 -18.36 8.16 -75.04
N LYS C 19 -18.91 9.34 -74.74
CA LYS C 19 -18.67 10.03 -73.48
C LYS C 19 -19.94 10.81 -73.16
N ILE C 20 -20.79 10.22 -72.34
CA ILE C 20 -22.07 10.83 -71.98
C ILE C 20 -21.86 11.74 -70.78
N SER C 21 -22.70 12.78 -70.69
CA SER C 21 -22.51 13.84 -69.72
C SER C 21 -23.60 13.79 -68.66
N CYS C 22 -23.23 14.19 -67.44
CA CYS C 22 -24.21 14.38 -66.39
C CYS C 22 -23.80 15.60 -65.59
N LYS C 23 -24.75 16.51 -65.37
CA LYS C 23 -24.52 17.75 -64.65
C LYS C 23 -25.36 17.79 -63.38
N GLY C 24 -24.75 18.23 -62.29
CA GLY C 24 -25.43 18.33 -61.02
C GLY C 24 -25.51 19.76 -60.55
N SER C 25 -26.66 20.14 -59.98
CA SER C 25 -26.88 21.51 -59.59
C SER C 25 -27.78 21.58 -58.37
N GLY C 26 -27.43 22.46 -57.45
CA GLY C 26 -28.24 22.68 -56.28
C GLY C 26 -27.76 22.01 -55.03
N TYR C 27 -26.54 21.49 -55.01
CA TYR C 27 -26.02 20.82 -53.84
C TYR C 27 -24.51 20.80 -53.93
N SER C 28 -23.86 20.59 -52.78
CA SER C 28 -22.41 20.50 -52.77
C SER C 28 -21.99 19.29 -53.58
N PHE C 29 -21.58 19.52 -54.81
CA PHE C 29 -21.28 18.41 -55.70
C PHE C 29 -20.05 17.63 -55.25
N SER C 30 -19.10 18.29 -54.61
CA SER C 30 -17.83 17.67 -54.30
C SER C 30 -17.85 16.89 -52.99
N ASN C 31 -19.04 16.49 -52.53
CA ASN C 31 -19.17 15.75 -51.29
C ASN C 31 -20.15 14.59 -51.37
N TYR C 32 -20.58 14.21 -52.56
CA TYR C 32 -21.51 13.10 -52.72
C TYR C 32 -21.00 12.19 -53.81
N TRP C 33 -21.20 10.89 -53.65
CA TRP C 33 -20.82 9.97 -54.69
C TRP C 33 -21.75 10.09 -55.88
N ILE C 34 -21.22 9.85 -57.07
CA ILE C 34 -22.04 9.89 -58.27
C ILE C 34 -21.67 8.72 -59.17
N GLY C 35 -22.67 8.05 -59.72
CA GLY C 35 -22.45 6.82 -60.45
C GLY C 35 -23.61 6.49 -61.37
N TRP C 36 -23.41 5.41 -62.13
CA TRP C 36 -24.25 5.11 -63.28
C TRP C 36 -24.96 3.77 -63.08
N VAL C 37 -26.17 3.70 -63.59
CA VAL C 37 -27.00 2.50 -63.53
C VAL C 37 -27.72 2.36 -64.85
N ARG C 38 -27.66 1.17 -65.47
CA ARG C 38 -28.25 0.98 -66.83
C ARG C 38 -29.59 0.26 -66.77
N HIS C 39 -30.66 0.89 -67.25
CA HIS C 39 -31.98 0.20 -67.34
C HIS C 39 -32.26 -0.12 -68.81
N MET C 40 -32.51 -1.39 -69.14
CA MET C 40 -32.69 -1.73 -70.57
C MET C 40 -34.19 -1.76 -70.92
N PRO C 41 -34.66 -1.57 -72.17
CA PRO C 41 -36.11 -1.54 -72.42
C PRO C 41 -36.75 -2.89 -72.15
N GLY C 42 -37.81 -2.87 -71.34
CA GLY C 42 -38.39 -4.11 -70.88
C GLY C 42 -37.42 -4.97 -70.10
N LYS C 43 -36.38 -4.36 -69.54
CA LYS C 43 -35.39 -5.07 -68.75
C LYS C 43 -35.08 -4.22 -67.52
N GLY C 44 -34.40 -4.83 -66.55
CA GLY C 44 -34.22 -4.22 -65.25
C GLY C 44 -32.94 -3.41 -65.17
N LEU C 45 -32.85 -2.59 -64.13
CA LEU C 45 -31.69 -1.72 -63.96
C LEU C 45 -30.48 -2.55 -63.60
N GLU C 46 -29.34 -2.18 -64.15
CA GLU C 46 -28.07 -2.81 -63.81
C GLU C 46 -27.17 -1.80 -63.12
N TRP C 47 -26.56 -2.20 -62.02
CA TRP C 47 -25.60 -1.34 -61.33
C TRP C 47 -24.28 -1.33 -62.07
N MET C 48 -23.81 -0.14 -62.42
CA MET C 48 -22.63 -0.04 -63.28
C MET C 48 -21.35 0.23 -62.51
N GLY C 49 -21.30 1.34 -61.77
CA GLY C 49 -20.07 1.79 -61.15
C GLY C 49 -20.22 3.24 -60.76
N ILE C 50 -19.40 3.65 -59.79
CA ILE C 50 -19.52 4.98 -59.22
C ILE C 50 -18.14 5.59 -58.98
N ILE C 51 -18.14 6.86 -58.63
CA ILE C 51 -16.91 7.58 -58.34
C ILE C 51 -17.21 8.64 -57.29
N TYR C 52 -16.18 8.95 -56.50
CA TYR C 52 -16.23 10.01 -55.53
C TYR C 52 -15.68 11.28 -56.16
N PRO C 53 -16.53 12.24 -56.51
CA PRO C 53 -16.06 13.47 -57.15
C PRO C 53 -14.94 14.17 -56.43
N GLY C 54 -14.91 14.16 -55.11
CA GLY C 54 -13.94 14.96 -54.40
C GLY C 54 -12.51 14.53 -54.68
N ASP C 55 -12.28 13.22 -54.87
CA ASP C 55 -10.93 12.73 -55.04
C ASP C 55 -10.77 11.77 -56.21
N SER C 56 -11.77 11.63 -57.07
CA SER C 56 -11.66 10.77 -58.25
C SER C 56 -11.32 9.34 -57.86
N ASP C 57 -11.97 8.86 -56.81
CA ASP C 57 -11.88 7.46 -56.42
C ASP C 57 -13.08 6.74 -56.99
N THR C 58 -12.84 5.60 -57.64
CA THR C 58 -13.87 4.89 -58.38
C THR C 58 -14.08 3.50 -57.81
N ARG C 59 -15.33 3.05 -57.88
CA ARG C 59 -15.71 1.66 -57.60
C ARG C 59 -16.36 1.13 -58.87
N TYR C 60 -15.91 -0.02 -59.34
CA TYR C 60 -16.45 -0.62 -60.55
C TYR C 60 -17.03 -1.99 -60.27
N SER C 61 -18.29 -2.17 -60.67
CA SER C 61 -18.85 -3.50 -60.66
C SER C 61 -18.07 -4.38 -61.62
N PRO C 62 -17.86 -5.65 -61.27
CA PRO C 62 -17.06 -6.51 -62.14
C PRO C 62 -17.70 -6.72 -63.49
N SER C 63 -19.02 -6.71 -63.56
CA SER C 63 -19.74 -6.87 -64.82
C SER C 63 -19.53 -5.70 -65.77
N PHE C 64 -18.78 -4.69 -65.35
CA PHE C 64 -18.48 -3.57 -66.21
C PHE C 64 -17.03 -3.11 -66.08
N GLN C 65 -16.19 -3.85 -65.36
CA GLN C 65 -14.81 -3.43 -65.19
C GLN C 65 -14.13 -3.44 -66.56
N GLY C 66 -13.36 -2.40 -66.85
CA GLY C 66 -12.71 -2.27 -68.14
C GLY C 66 -13.62 -1.83 -69.25
N GLN C 67 -14.92 -2.14 -69.17
CA GLN C 67 -15.86 -1.68 -70.17
C GLN C 67 -15.87 -0.16 -70.26
N VAL C 68 -16.29 0.49 -69.18
CA VAL C 68 -16.51 1.94 -69.19
C VAL C 68 -15.66 2.55 -68.09
N THR C 69 -14.83 3.52 -68.46
CA THR C 69 -14.01 4.26 -67.52
C THR C 69 -14.71 5.57 -67.22
N ILE C 70 -15.12 5.76 -65.97
CA ILE C 70 -15.98 6.86 -65.59
C ILE C 70 -15.16 7.88 -64.82
N SER C 71 -15.24 9.14 -65.22
CA SER C 71 -14.43 10.20 -64.65
C SER C 71 -15.29 11.42 -64.37
N VAL C 72 -14.65 12.45 -63.82
CA VAL C 72 -15.36 13.63 -63.35
C VAL C 72 -14.56 14.87 -63.74
N ASP C 73 -15.24 16.02 -63.66
CA ASP C 73 -14.65 17.35 -63.72
C ASP C 73 -15.28 18.12 -62.58
N THR C 74 -14.57 18.21 -61.46
CA THR C 74 -15.12 18.96 -60.33
C THR C 74 -15.04 20.47 -60.56
N SER C 75 -14.36 20.91 -61.62
CA SER C 75 -14.30 22.33 -61.90
C SER C 75 -15.68 22.89 -62.21
N ILE C 76 -16.52 22.10 -62.88
CA ILE C 76 -17.87 22.52 -63.21
C ILE C 76 -18.90 21.49 -62.77
N SER C 77 -18.50 20.51 -61.96
CA SER C 77 -19.43 19.56 -61.35
C SER C 77 -20.19 18.76 -62.41
N THR C 78 -19.40 18.06 -63.23
CA THR C 78 -19.94 17.28 -64.33
C THR C 78 -19.18 15.97 -64.47
N ALA C 79 -19.91 14.88 -64.58
CA ALA C 79 -19.31 13.55 -64.66
C ALA C 79 -19.59 12.94 -66.03
N TYR C 80 -18.68 12.07 -66.47
CA TYR C 80 -18.82 11.43 -67.77
C TYR C 80 -18.28 10.01 -67.74
N LEU C 81 -18.58 9.27 -68.80
CA LEU C 81 -18.10 7.92 -69.01
C LEU C 81 -17.18 7.91 -70.22
N GLN C 82 -16.52 6.78 -70.44
CA GLN C 82 -15.74 6.58 -71.66
C GLN C 82 -15.74 5.11 -72.03
N TRP C 83 -15.84 4.84 -73.33
CA TRP C 83 -15.94 3.49 -73.86
C TRP C 83 -14.74 3.15 -74.71
N SER C 84 -14.85 1.98 -75.35
CA SER C 84 -13.93 1.52 -76.36
C SER C 84 -14.60 1.26 -77.70
N SER C 85 -15.71 0.54 -77.71
CA SER C 85 -16.39 0.16 -78.94
C SER C 85 -17.83 -0.18 -78.61
N LEU C 86 -18.76 0.62 -79.12
CA LEU C 86 -20.16 0.37 -78.83
C LEU C 86 -20.60 -0.96 -79.42
N LYS C 87 -21.39 -1.70 -78.65
CA LYS C 87 -22.02 -2.91 -79.16
C LYS C 87 -23.47 -2.61 -79.51
N ALA C 88 -24.02 -3.41 -80.42
CA ALA C 88 -25.38 -3.14 -80.89
C ALA C 88 -26.39 -3.33 -79.78
N SER C 89 -26.15 -4.31 -78.90
CA SER C 89 -26.99 -4.53 -77.73
C SER C 89 -26.72 -3.54 -76.61
N ASP C 90 -25.88 -2.53 -76.84
CA ASP C 90 -25.71 -1.45 -75.88
C ASP C 90 -26.89 -0.50 -75.87
N THR C 91 -27.90 -0.74 -76.71
CA THR C 91 -29.09 0.10 -76.72
C THR C 91 -29.90 -0.11 -75.46
N ALA C 92 -29.83 0.84 -74.55
CA ALA C 92 -30.55 0.79 -73.29
C ALA C 92 -30.63 2.20 -72.74
N MET C 93 -31.43 2.39 -71.69
CA MET C 93 -31.56 3.69 -71.05
C MET C 93 -30.59 3.71 -69.88
N TYR C 94 -29.50 4.45 -70.04
CA TYR C 94 -28.54 4.62 -68.97
C TYR C 94 -29.00 5.73 -68.03
N TYR C 95 -28.38 5.79 -66.86
CA TYR C 95 -28.81 6.73 -65.84
C TYR C 95 -27.62 7.15 -64.99
N CYS C 96 -27.50 8.45 -64.75
CA CYS C 96 -26.54 9.00 -63.81
C CYS C 96 -27.28 9.43 -62.56
N THR C 97 -26.66 9.24 -61.40
CA THR C 97 -27.35 9.58 -60.17
C THR C 97 -26.38 9.74 -59.00
N ARG C 98 -26.85 10.46 -58.00
CA ARG C 98 -26.14 10.69 -56.76
C ARG C 98 -26.78 9.84 -55.68
N HIS C 99 -25.95 9.21 -54.85
CA HIS C 99 -26.44 8.28 -53.85
C HIS C 99 -25.59 8.39 -52.60
N GLN C 100 -26.24 8.52 -51.47
CA GLN C 100 -25.53 8.46 -50.21
C GLN C 100 -24.85 7.12 -50.09
N TYR C 101 -23.57 7.15 -49.80
CA TYR C 101 -22.75 5.96 -49.68
C TYR C 101 -21.94 6.04 -48.40
N GLY C 102 -22.33 6.93 -47.52
CA GLY C 102 -21.51 7.28 -46.38
C GLY C 102 -21.47 6.20 -45.34
N TYR C 103 -20.96 6.56 -44.16
CA TYR C 103 -20.94 5.63 -43.00
C TYR C 103 -21.38 6.52 -41.84
N ASN C 104 -22.69 6.81 -41.75
CA ASN C 104 -23.16 7.79 -40.78
C ASN C 104 -22.63 7.54 -39.38
N TYR C 105 -23.05 6.45 -38.75
CA TYR C 105 -22.21 5.70 -37.80
C TYR C 105 -22.31 4.21 -38.12
N GLY C 106 -23.50 3.77 -38.51
CA GLY C 106 -23.70 2.46 -39.09
C GLY C 106 -24.03 2.62 -40.55
N TYR C 107 -23.41 1.78 -41.38
CA TYR C 107 -23.27 1.97 -42.80
C TYR C 107 -24.62 1.97 -43.51
N PHE C 108 -24.71 2.79 -44.56
CA PHE C 108 -25.97 2.99 -45.28
C PHE C 108 -25.69 3.28 -46.74
N TYR C 109 -26.61 2.80 -47.58
CA TYR C 109 -26.54 3.11 -49.03
C TYR C 109 -27.86 3.81 -49.35
N TYR C 110 -27.94 4.57 -50.44
CA TYR C 110 -29.19 5.32 -50.71
C TYR C 110 -29.28 5.59 -52.21
N TYR C 111 -30.40 6.15 -52.68
CA TYR C 111 -30.54 6.61 -54.09
C TYR C 111 -31.42 7.85 -54.00
N ILE C 112 -30.91 9.03 -54.37
CA ILE C 112 -31.69 10.22 -54.14
C ILE C 112 -32.53 10.53 -55.36
N ASP C 113 -31.88 10.66 -56.51
CA ASP C 113 -32.64 10.98 -57.70
C ASP C 113 -31.76 10.76 -58.92
N VAL C 114 -32.41 10.56 -60.05
CA VAL C 114 -31.73 10.28 -61.31
C VAL C 114 -32.11 11.30 -62.37
N TRP C 115 -33.39 11.32 -62.70
CA TRP C 115 -33.98 12.06 -63.83
C TRP C 115 -33.04 12.23 -65.00
N GLY C 116 -32.66 11.12 -65.64
CA GLY C 116 -31.79 11.16 -66.79
C GLY C 116 -32.41 10.48 -68.01
N LYS C 117 -31.56 10.27 -69.00
CA LYS C 117 -31.93 9.59 -70.24
C LYS C 117 -30.67 9.35 -71.06
N GLY C 118 -30.64 8.19 -71.71
CA GLY C 118 -29.55 7.90 -72.62
C GLY C 118 -29.90 6.69 -73.45
N THR C 119 -29.36 6.66 -74.65
CA THR C 119 -29.52 5.50 -75.53
C THR C 119 -28.41 5.56 -76.57
N THR C 120 -28.37 4.53 -77.41
CA THR C 120 -27.23 4.34 -78.29
C THR C 120 -27.64 3.77 -79.64
N ALA D 27 28.05 41.61 -28.35
CA ALA D 27 27.63 42.84 -27.68
C ALA D 27 26.91 42.52 -26.38
N TYR D 28 27.40 41.50 -25.69
CA TYR D 28 26.70 40.89 -24.56
C TYR D 28 26.30 41.93 -23.51
N THR D 29 25.23 41.63 -22.79
CA THR D 29 24.81 42.45 -21.66
C THR D 29 24.20 41.55 -20.60
N ASN D 30 24.00 42.09 -19.41
CA ASN D 30 23.49 41.29 -18.30
C ASN D 30 21.98 41.37 -18.20
N SER D 31 21.35 40.21 -18.08
CA SER D 31 19.89 40.10 -17.91
C SER D 31 19.62 40.09 -16.42
N PHE D 32 19.47 41.29 -15.85
CA PHE D 32 19.46 41.44 -14.41
C PHE D 32 18.36 40.61 -13.75
N THR D 33 17.11 41.02 -13.98
CA THR D 33 15.97 40.32 -13.42
C THR D 33 14.82 40.21 -14.41
N ARG D 34 15.05 40.51 -15.68
CA ARG D 34 13.99 40.45 -16.66
C ARG D 34 13.66 39.02 -17.02
N GLY D 35 12.47 38.81 -17.55
CA GLY D 35 12.07 37.53 -18.07
C GLY D 35 11.08 36.77 -17.22
N VAL D 36 10.56 37.38 -16.16
CA VAL D 36 9.64 36.70 -15.26
C VAL D 36 8.22 36.92 -15.74
N TYR D 37 7.45 35.83 -15.79
CA TYR D 37 6.13 35.86 -16.38
C TYR D 37 5.21 34.92 -15.62
N TYR D 38 3.94 35.26 -15.61
CA TYR D 38 2.95 34.46 -14.91
C TYR D 38 2.84 33.09 -15.57
N PRO D 39 3.17 31.99 -14.87
CA PRO D 39 3.12 30.68 -15.53
C PRO D 39 1.73 30.13 -15.71
N ASP D 40 0.71 30.79 -15.19
CA ASP D 40 -0.66 30.30 -15.44
C ASP D 40 -1.61 31.44 -15.14
N LYS D 41 -2.79 31.14 -14.59
CA LYS D 41 -3.83 32.17 -14.30
C LYS D 41 -4.34 31.92 -12.88
N VAL D 42 -4.19 30.70 -12.39
CA VAL D 42 -4.56 30.31 -11.00
C VAL D 42 -4.20 31.46 -10.09
N PHE D 43 -5.17 32.30 -9.80
CA PHE D 43 -4.93 33.49 -8.99
C PHE D 43 -4.38 33.09 -7.63
N ARG D 44 -3.27 33.67 -7.25
CA ARG D 44 -2.67 33.45 -5.94
C ARG D 44 -2.36 34.80 -5.33
N SER D 45 -2.34 34.86 -4.00
CA SER D 45 -2.13 36.14 -3.34
C SER D 45 -1.31 35.95 -2.08
N SER D 46 -0.29 36.80 -1.92
CA SER D 46 0.60 36.75 -0.77
C SER D 46 1.11 35.34 -0.51
N VAL D 47 1.76 34.75 -1.50
CA VAL D 47 2.27 33.40 -1.41
C VAL D 47 3.65 33.36 -2.04
N LEU D 48 4.61 32.76 -1.34
CA LEU D 48 5.90 32.45 -1.94
C LEU D 48 5.77 31.10 -2.63
N HIS D 49 5.14 31.12 -3.80
CA HIS D 49 4.86 29.89 -4.49
C HIS D 49 6.04 29.47 -5.34
N SER D 50 6.36 28.19 -5.29
CA SER D 50 7.47 27.66 -6.05
C SER D 50 6.92 27.04 -7.33
N THR D 51 7.75 27.05 -8.37
CA THR D 51 7.34 26.44 -9.62
C THR D 51 8.60 26.02 -10.38
N GLN D 52 8.41 25.22 -11.42
CA GLN D 52 9.51 24.78 -12.26
C GLN D 52 9.09 24.91 -13.70
N ASP D 53 9.58 25.95 -14.37
CA ASP D 53 9.19 26.24 -15.74
C ASP D 53 10.43 26.67 -16.51
N LEU D 54 10.20 27.05 -17.77
CA LEU D 54 11.22 27.63 -18.62
C LEU D 54 11.22 29.13 -18.37
N PHE D 55 12.37 29.63 -17.95
CA PHE D 55 12.55 31.03 -17.60
C PHE D 55 13.86 31.54 -18.14
N LEU D 56 14.03 32.86 -18.04
CA LEU D 56 15.31 33.48 -18.37
C LEU D 56 16.20 33.46 -17.15
N PRO D 57 17.28 32.68 -17.14
CA PRO D 57 18.15 32.64 -15.96
C PRO D 57 18.63 34.02 -15.57
N PHE D 58 18.78 34.23 -14.28
CA PHE D 58 19.17 35.54 -13.79
C PHE D 58 20.63 35.83 -14.14
N PHE D 59 20.89 37.10 -14.47
CA PHE D 59 22.23 37.57 -14.79
C PHE D 59 22.90 36.77 -15.88
N SER D 60 22.23 36.56 -17.00
CA SER D 60 22.87 35.89 -18.12
C SER D 60 23.32 36.92 -19.16
N ASN D 61 24.31 36.53 -19.97
CA ASN D 61 24.79 37.41 -21.01
C ASN D 61 23.94 37.23 -22.27
N VAL D 62 23.44 38.35 -22.77
CA VAL D 62 22.54 38.39 -23.90
C VAL D 62 23.26 39.02 -25.07
N THR D 63 22.88 38.61 -26.28
CA THR D 63 23.47 39.11 -27.52
C THR D 63 22.68 40.35 -27.93
N TRP D 64 23.35 41.50 -27.91
CA TRP D 64 22.71 42.78 -28.16
C TRP D 64 22.82 43.10 -29.63
N PHE D 65 21.81 42.73 -30.40
CA PHE D 65 21.81 43.00 -31.82
C PHE D 65 21.40 44.44 -32.08
N HIS D 66 21.73 44.91 -33.28
CA HIS D 66 21.58 46.31 -33.61
C HIS D 66 21.58 46.54 -35.12
N ASP D 80 21.63 45.15 -39.56
CA ASP D 80 21.42 43.89 -40.25
C ASP D 80 20.98 42.80 -39.26
N ASN D 81 20.05 41.95 -39.69
CA ASN D 81 19.35 41.03 -38.79
C ASN D 81 19.52 39.58 -39.21
N PRO D 82 20.50 38.85 -38.69
CA PRO D 82 20.68 37.45 -39.06
C PRO D 82 19.60 36.55 -38.49
N VAL D 83 19.66 35.29 -38.90
CA VAL D 83 18.73 34.28 -38.39
C VAL D 83 19.29 33.74 -37.07
N LEU D 84 18.39 33.38 -36.15
CA LEU D 84 18.77 33.03 -34.80
C LEU D 84 18.06 31.77 -34.34
N PRO D 85 18.76 30.87 -33.64
CA PRO D 85 18.08 29.66 -33.13
C PRO D 85 17.04 30.03 -32.08
N PHE D 86 15.98 29.23 -32.01
CA PHE D 86 14.96 29.47 -31.00
C PHE D 86 15.40 28.97 -29.64
N ASN D 87 15.86 27.72 -29.57
CA ASN D 87 16.31 27.09 -28.32
C ASN D 87 15.23 27.20 -27.26
N ASP D 88 14.14 26.47 -27.49
CA ASP D 88 13.04 26.28 -26.56
C ASP D 88 12.27 27.56 -26.28
N GLY D 89 12.79 28.71 -26.66
CA GLY D 89 12.13 29.95 -26.31
C GLY D 89 13.10 31.11 -26.25
N VAL D 90 12.58 32.33 -26.41
CA VAL D 90 13.45 33.48 -26.58
C VAL D 90 12.92 34.69 -25.86
N TYR D 91 13.77 35.34 -25.08
CA TYR D 91 13.47 36.67 -24.59
C TYR D 91 13.85 37.69 -25.65
N PHE D 92 13.05 38.75 -25.78
CA PHE D 92 13.34 39.79 -26.76
C PHE D 92 12.80 41.12 -26.31
N ALA D 93 13.70 42.10 -26.19
CA ALA D 93 13.32 43.42 -25.68
C ALA D 93 13.84 44.49 -26.63
N SER D 94 12.97 45.43 -26.96
CA SER D 94 13.36 46.54 -27.82
C SER D 94 12.90 47.84 -27.19
N THR D 95 13.54 48.93 -27.59
CA THR D 95 13.22 50.24 -27.04
C THR D 95 12.41 51.07 -28.04
N ASN D 99 8.30 53.52 -31.61
CA ASN D 99 7.42 52.94 -32.62
C ASN D 99 8.15 52.79 -33.94
N ILE D 100 8.96 51.74 -34.04
CA ILE D 100 9.81 51.49 -35.20
C ILE D 100 9.69 50.04 -35.67
N ILE D 101 9.92 49.09 -34.75
CA ILE D 101 10.12 47.71 -35.14
C ILE D 101 8.81 47.08 -35.62
N ARG D 102 8.94 46.05 -36.44
CA ARG D 102 7.80 45.34 -36.98
C ARG D 102 7.81 43.91 -36.47
N GLY D 103 6.95 43.07 -37.01
CA GLY D 103 6.78 41.73 -36.47
C GLY D 103 8.01 40.85 -36.61
N TRP D 104 7.80 39.57 -36.31
CA TRP D 104 8.84 38.55 -36.28
C TRP D 104 8.53 37.45 -37.27
N ILE D 105 9.51 36.58 -37.47
CA ILE D 105 9.32 35.37 -38.26
C ILE D 105 10.05 34.25 -37.55
N PHE D 106 9.42 33.08 -37.50
CA PHE D 106 10.02 31.90 -36.92
C PHE D 106 9.78 30.72 -37.85
N GLY D 107 10.56 29.66 -37.70
CA GLY D 107 10.29 28.47 -38.46
C GLY D 107 11.45 27.51 -38.36
N THR D 108 11.37 26.46 -39.17
CA THR D 108 12.45 25.49 -39.29
C THR D 108 13.42 25.86 -40.40
N THR D 109 12.91 26.21 -41.57
CA THR D 109 13.74 26.62 -42.70
C THR D 109 13.32 27.93 -43.31
N LEU D 110 12.20 28.52 -42.88
CA LEU D 110 11.75 29.83 -43.33
C LEU D 110 11.54 29.87 -44.84
N ASP D 111 10.92 28.80 -45.36
CA ASP D 111 10.61 28.71 -46.78
C ASP D 111 9.37 27.83 -46.95
N SER D 112 8.76 27.91 -48.13
CA SER D 112 7.59 27.11 -48.46
C SER D 112 7.84 25.62 -48.39
N LYS D 113 9.08 25.20 -48.17
CA LYS D 113 9.38 23.78 -48.04
C LYS D 113 8.70 23.19 -46.80
N THR D 114 8.92 23.81 -45.64
CA THR D 114 8.38 23.33 -44.38
C THR D 114 7.49 24.41 -43.76
N GLN D 115 6.71 24.00 -42.77
CA GLN D 115 5.81 24.92 -42.08
C GLN D 115 6.59 26.09 -41.46
N SER D 116 6.00 27.28 -41.53
CA SER D 116 6.64 28.49 -41.04
C SER D 116 5.63 29.27 -40.22
N LEU D 117 6.12 30.11 -39.32
CA LEU D 117 5.25 30.95 -38.51
C LEU D 117 5.65 32.40 -38.71
N LEU D 118 4.65 33.23 -39.02
CA LEU D 118 4.88 34.64 -39.34
C LEU D 118 3.92 35.47 -38.52
N ILE D 119 4.46 36.32 -37.65
CA ILE D 119 3.66 37.28 -36.89
C ILE D 119 4.04 38.66 -37.42
N VAL D 120 3.16 39.23 -38.25
CA VAL D 120 3.40 40.57 -38.76
C VAL D 120 2.84 41.57 -37.77
N ASN D 121 3.29 42.82 -37.85
CA ASN D 121 2.74 43.88 -37.02
C ASN D 121 2.27 44.98 -37.95
N ASN D 122 1.01 45.36 -37.81
CA ASN D 122 0.37 46.28 -38.74
C ASN D 122 0.24 47.70 -38.20
N ALA D 123 0.51 47.91 -36.91
CA ALA D 123 0.26 49.16 -36.21
C ALA D 123 -1.24 49.48 -36.21
N THR D 124 -2.03 48.57 -36.74
CA THR D 124 -3.48 48.65 -36.75
C THR D 124 -4.13 47.37 -36.24
N ASN D 125 -3.50 46.22 -36.47
CA ASN D 125 -3.96 44.94 -35.94
C ASN D 125 -2.86 43.90 -36.13
N VAL D 126 -2.64 43.10 -35.10
CA VAL D 126 -1.67 42.03 -35.15
C VAL D 126 -2.25 40.88 -35.96
N VAL D 127 -1.47 40.38 -36.93
CA VAL D 127 -1.88 39.30 -37.80
C VAL D 127 -0.82 38.21 -37.76
N ILE D 128 -1.28 36.96 -37.77
CA ILE D 128 -0.40 35.80 -37.71
C ILE D 128 -0.82 34.84 -38.81
N LYS D 129 0.16 34.16 -39.37
CA LYS D 129 -0.10 33.22 -40.45
C LYS D 129 0.93 32.11 -40.41
N VAL D 130 0.48 30.87 -40.59
CA VAL D 130 1.37 29.73 -40.66
C VAL D 130 1.50 29.31 -42.13
N CYS D 131 0.97 30.13 -43.03
CA CYS D 131 1.10 29.87 -44.45
C CYS D 131 2.57 29.80 -44.84
N GLU D 132 2.92 28.81 -45.67
CA GLU D 132 4.32 28.50 -45.96
C GLU D 132 4.86 29.46 -47.01
N PHE D 133 5.31 30.61 -46.52
CA PHE D 133 5.87 31.63 -47.39
C PHE D 133 7.21 31.17 -47.98
N GLN D 134 7.71 31.95 -48.93
CA GLN D 134 9.03 31.69 -49.47
C GLN D 134 10.10 32.40 -48.65
N PHE D 135 11.34 32.02 -48.88
CA PHE D 135 12.47 32.63 -48.19
C PHE D 135 12.68 34.06 -48.69
N CYS D 136 12.67 35.02 -47.77
CA CYS D 136 12.96 36.42 -48.07
C CYS D 136 14.15 36.83 -47.21
N ASN D 137 15.36 36.63 -47.74
CA ASN D 137 16.56 36.92 -46.96
C ASN D 137 16.59 38.37 -46.51
N ASP D 138 15.85 39.24 -47.18
CA ASP D 138 15.70 40.64 -46.78
C ASP D 138 14.22 40.97 -46.72
N PRO D 139 13.65 41.10 -45.52
CA PRO D 139 12.27 41.58 -45.41
C PRO D 139 12.18 43.06 -45.74
N PHE D 140 11.01 43.48 -46.22
CA PHE D 140 10.78 44.87 -46.59
C PHE D 140 9.29 45.19 -46.68
N PHE D 157 4.63 46.19 -48.29
CA PHE D 157 5.06 45.06 -47.45
C PHE D 157 5.74 43.99 -48.29
N ARG D 158 7.00 44.23 -48.64
CA ARG D 158 7.74 43.33 -49.52
C ARG D 158 8.32 42.12 -48.80
N VAL D 159 8.13 42.02 -47.48
CA VAL D 159 8.60 40.84 -46.75
C VAL D 159 7.76 39.63 -47.04
N TYR D 160 6.49 39.82 -47.41
CA TYR D 160 5.60 38.72 -47.73
C TYR D 160 5.91 38.16 -49.10
N SER D 161 6.54 36.99 -49.15
CA SER D 161 6.88 36.38 -50.44
C SER D 161 5.64 35.84 -51.14
N SER D 162 4.98 34.85 -50.53
CA SER D 162 3.77 34.27 -51.11
C SER D 162 2.93 33.69 -49.97
N ALA D 163 1.64 33.97 -49.98
CA ALA D 163 0.70 33.37 -49.05
C ALA D 163 0.25 31.99 -49.50
N ASN D 164 1.19 31.06 -49.65
CA ASN D 164 0.88 29.73 -50.15
C ASN D 164 0.54 28.78 -49.01
N ASN D 165 -0.33 27.81 -49.30
CA ASN D 165 -0.69 26.74 -48.36
C ASN D 165 -1.12 27.30 -47.00
N CYS D 166 -2.01 28.27 -47.03
CA CYS D 166 -2.44 28.92 -45.80
C CYS D 166 -3.15 27.91 -44.90
N THR D 167 -2.62 27.78 -43.67
CA THR D 167 -3.10 26.78 -42.72
C THR D 167 -3.74 27.37 -41.48
N PHE D 168 -3.21 28.45 -40.94
CA PHE D 168 -3.78 29.09 -39.76
C PHE D 168 -3.73 30.59 -39.97
N GLU D 169 -4.64 31.29 -39.33
CA GLU D 169 -4.69 32.74 -39.43
C GLU D 169 -5.30 33.30 -38.16
N TYR D 170 -4.85 34.48 -37.75
CA TYR D 170 -5.37 35.11 -36.56
C TYR D 170 -5.14 36.62 -36.66
N VAL D 171 -6.12 37.37 -36.16
CA VAL D 171 -6.07 38.83 -36.17
C VAL D 171 -6.61 39.34 -34.85
N SER D 172 -5.94 40.33 -34.27
CA SER D 172 -6.44 40.98 -33.06
C SER D 172 -5.87 42.40 -33.01
N GLN D 173 -6.10 43.08 -31.88
CA GLN D 173 -5.58 44.43 -31.73
C GLN D 173 -4.06 44.44 -31.79
N PRO D 174 -3.45 45.49 -32.34
CA PRO D 174 -2.01 45.51 -32.49
C PRO D 174 -1.31 45.66 -31.15
N PHE D 175 -0.04 45.25 -31.13
CA PHE D 175 0.72 45.28 -29.89
C PHE D 175 1.27 46.68 -29.62
N LEU D 176 1.74 47.35 -30.66
CA LEU D 176 2.36 48.67 -30.54
C LEU D 176 3.56 48.62 -29.62
N LYS D 187 13.25 55.59 -24.85
CA LYS D 187 12.23 56.31 -24.07
C LYS D 187 11.28 55.32 -23.41
N ASN D 188 11.04 54.19 -24.08
CA ASN D 188 10.20 53.15 -23.55
C ASN D 188 10.92 51.80 -23.61
N LEU D 189 10.20 50.72 -23.36
CA LEU D 189 10.73 49.39 -23.59
C LEU D 189 9.57 48.42 -23.72
N ARG D 190 9.59 47.62 -24.78
CA ARG D 190 8.68 46.50 -24.92
C ARG D 190 9.47 45.21 -24.81
N GLU D 191 8.96 44.29 -24.00
CA GLU D 191 9.59 43.00 -23.80
C GLU D 191 8.61 41.87 -24.08
N PHE D 192 9.10 40.82 -24.71
CA PHE D 192 8.30 39.70 -25.16
C PHE D 192 9.05 38.40 -24.94
N VAL D 193 8.31 37.42 -24.44
CA VAL D 193 8.79 36.04 -24.31
C VAL D 193 7.99 35.20 -25.30
N PHE D 194 8.70 34.41 -26.09
CA PHE D 194 8.08 33.46 -27.01
C PHE D 194 8.48 32.06 -26.58
N LYS D 195 7.50 31.18 -26.49
CA LYS D 195 7.79 29.77 -26.29
C LYS D 195 6.75 28.91 -26.98
N ASN D 196 7.17 27.73 -27.43
CA ASN D 196 6.29 26.75 -28.06
C ASN D 196 6.23 25.55 -27.13
N ILE D 197 5.23 25.53 -26.27
CA ILE D 197 5.02 24.47 -25.31
C ILE D 197 3.92 23.56 -25.83
N ASP D 198 4.30 22.36 -26.27
CA ASP D 198 3.35 21.29 -26.58
C ASP D 198 2.21 21.78 -27.45
N GLY D 199 2.51 22.05 -28.71
CA GLY D 199 1.50 22.49 -29.65
C GLY D 199 0.88 23.82 -29.34
N TYR D 200 1.44 24.57 -28.41
CA TYR D 200 0.84 25.83 -27.98
C TYR D 200 1.90 26.94 -28.00
N PHE D 201 1.62 28.00 -28.73
CA PHE D 201 2.59 29.09 -28.84
C PHE D 201 2.22 30.21 -27.87
N LYS D 202 2.92 30.22 -26.74
CA LYS D 202 2.67 31.24 -25.74
C LYS D 202 3.53 32.46 -26.00
N ILE D 203 2.89 33.63 -25.92
CA ILE D 203 3.57 34.91 -26.03
C ILE D 203 3.27 35.73 -24.78
N TYR D 204 4.29 36.37 -24.24
CA TYR D 204 4.13 37.25 -23.07
C TYR D 204 4.77 38.59 -23.36
N SER D 205 4.20 39.65 -22.81
CA SER D 205 4.74 40.97 -23.11
C SER D 205 4.48 41.93 -21.97
N LYS D 206 5.29 42.98 -21.94
CA LYS D 206 4.99 44.14 -21.10
C LYS D 206 5.76 45.32 -21.66
N HIS D 207 5.34 46.52 -21.23
CA HIS D 207 5.84 47.77 -21.76
C HIS D 207 6.08 48.73 -20.60
N THR D 208 7.26 49.32 -20.57
CA THR D 208 7.71 50.00 -19.40
C THR D 208 8.44 51.31 -19.73
N PRO D 209 8.28 52.33 -18.90
CA PRO D 209 9.09 53.54 -19.08
C PRO D 209 10.53 53.30 -18.64
N ILE D 210 11.46 53.64 -19.52
CA ILE D 210 12.88 53.45 -19.26
C ILE D 210 13.67 54.49 -20.06
N ASN D 211 14.87 54.79 -19.59
CA ASN D 211 15.73 55.77 -20.24
C ASN D 211 17.16 55.30 -20.44
N LEU D 212 17.70 54.45 -19.57
CA LEU D 212 19.06 53.94 -19.72
C LEU D 212 19.08 53.09 -20.98
N VAL D 213 19.61 53.65 -22.07
CA VAL D 213 19.52 53.00 -23.36
C VAL D 213 20.71 52.10 -23.66
N ARG D 214 21.90 52.44 -23.17
CA ARG D 214 23.07 51.61 -23.46
C ARG D 214 22.94 50.23 -22.84
N ASP D 215 22.27 50.14 -21.70
CA ASP D 215 22.15 48.89 -20.97
C ASP D 215 20.69 48.58 -20.67
N LEU D 216 20.43 47.30 -20.41
CA LEU D 216 19.09 46.83 -20.12
C LEU D 216 18.73 47.16 -18.68
N PRO D 217 17.65 47.89 -18.43
CA PRO D 217 17.43 48.47 -17.10
C PRO D 217 17.40 47.42 -16.01
N GLN D 218 17.84 47.83 -14.83
CA GLN D 218 17.79 47.02 -13.62
C GLN D 218 16.49 47.30 -12.89
N GLY D 219 15.88 46.24 -12.40
CA GLY D 219 14.57 46.32 -11.80
C GLY D 219 13.78 45.10 -12.14
N PHE D 220 12.50 45.10 -11.76
CA PHE D 220 11.70 43.90 -11.89
C PHE D 220 10.40 44.19 -12.62
N SER D 221 9.96 43.22 -13.41
CA SER D 221 8.74 43.36 -14.18
C SER D 221 8.28 41.99 -14.64
N ALA D 222 6.99 41.75 -14.47
CA ALA D 222 6.34 40.53 -14.92
C ALA D 222 5.64 40.78 -16.24
N LEU D 223 5.44 39.70 -17.00
CA LEU D 223 4.89 39.80 -18.34
C LEU D 223 3.68 38.89 -18.45
N GLU D 224 2.49 39.45 -18.43
CA GLU D 224 1.32 38.62 -18.50
C GLU D 224 1.16 38.10 -19.92
N PRO D 225 0.51 36.95 -20.13
CA PRO D 225 0.34 36.45 -21.49
C PRO D 225 -0.59 37.30 -22.33
N LEU D 226 -0.29 37.31 -23.63
CA LEU D 226 -1.20 37.85 -24.64
C LEU D 226 -2.04 36.74 -25.27
N VAL D 227 -1.40 35.68 -25.76
CA VAL D 227 -2.13 34.63 -26.44
C VAL D 227 -1.29 33.37 -26.51
N ASP D 228 -1.98 32.24 -26.53
CA ASP D 228 -1.48 30.96 -26.96
C ASP D 228 -2.06 30.64 -28.33
N LEU D 229 -1.27 29.96 -29.15
CA LEU D 229 -1.76 29.55 -30.46
C LEU D 229 -1.63 28.05 -30.63
N PRO D 230 -2.73 27.36 -30.89
CA PRO D 230 -2.69 25.90 -31.12
C PRO D 230 -2.10 25.56 -32.48
N ILE D 231 -0.77 25.60 -32.59
CA ILE D 231 -0.14 25.42 -33.89
C ILE D 231 0.63 24.12 -33.95
N GLY D 232 1.68 23.98 -33.14
CA GLY D 232 2.53 22.81 -33.23
C GLY D 232 3.51 22.83 -34.38
N ILE D 233 4.26 23.91 -34.55
CA ILE D 233 5.24 24.04 -35.61
C ILE D 233 6.65 23.90 -35.03
N ASN D 234 7.44 23.05 -35.65
CA ASN D 234 8.82 22.83 -35.24
C ASN D 234 9.62 24.07 -35.61
N ILE D 235 9.93 24.90 -34.63
CA ILE D 235 10.68 26.14 -34.83
C ILE D 235 12.08 25.92 -34.30
N THR D 236 13.08 26.22 -35.13
CA THR D 236 14.47 26.10 -34.70
C THR D 236 15.31 27.29 -35.17
N ARG D 237 14.70 28.22 -35.90
CA ARG D 237 15.41 29.42 -36.33
C ARG D 237 14.38 30.52 -36.46
N PHE D 238 14.84 31.76 -36.38
CA PHE D 238 13.91 32.88 -36.37
C PHE D 238 14.68 34.18 -36.57
N GLN D 239 13.94 35.24 -36.90
CA GLN D 239 14.54 36.53 -37.19
C GLN D 239 13.49 37.62 -37.09
N THR D 240 13.94 38.82 -36.76
CA THR D 240 13.04 39.96 -36.70
C THR D 240 12.75 40.47 -38.11
N LEU D 241 11.57 41.05 -38.27
CA LEU D 241 11.18 41.68 -39.53
C LEU D 241 11.16 43.18 -39.39
N LEU D 242 11.50 43.84 -40.49
CA LEU D 242 11.45 45.30 -40.56
C LEU D 242 11.41 45.71 -42.02
N ALA D 243 10.33 46.39 -42.42
CA ALA D 243 10.28 47.04 -43.72
C ALA D 243 11.21 48.25 -43.70
N LEU D 244 12.23 48.25 -44.56
CA LEU D 244 13.25 49.28 -44.53
C LEU D 244 12.69 50.61 -45.02
N HIS D 245 13.43 51.69 -44.73
CA HIS D 245 13.13 53.00 -45.27
C HIS D 245 14.33 53.53 -46.04
N GLY D 261 23.26 50.53 -38.47
CA GLY D 261 22.96 51.75 -37.74
C GLY D 261 21.52 51.81 -37.27
N ALA D 262 20.77 50.74 -37.52
CA ALA D 262 19.37 50.70 -37.18
C ALA D 262 19.17 50.59 -35.66
N ALA D 263 17.92 50.36 -35.26
CA ALA D 263 17.56 50.34 -33.85
C ALA D 263 18.26 49.18 -33.11
N ALA D 264 18.07 49.15 -31.80
CA ALA D 264 18.69 48.17 -30.94
C ALA D 264 17.63 47.30 -30.27
N TYR D 265 17.92 46.01 -30.18
CA TYR D 265 17.10 45.07 -29.45
C TYR D 265 18.01 43.99 -28.86
N TYR D 266 17.46 43.22 -27.94
CA TYR D 266 18.24 42.22 -27.22
C TYR D 266 17.56 40.87 -27.31
N VAL D 267 18.36 39.82 -27.08
CA VAL D 267 17.90 38.44 -27.24
C VAL D 267 18.35 37.63 -26.04
N GLY D 268 17.41 36.94 -25.39
CA GLY D 268 17.72 36.05 -24.30
C GLY D 268 17.02 34.71 -24.48
N TYR D 269 17.69 33.67 -23.99
CA TYR D 269 17.22 32.31 -24.14
C TYR D 269 16.63 31.80 -22.83
N LEU D 270 15.68 30.88 -22.94
CA LEU D 270 15.03 30.28 -21.78
C LEU D 270 15.64 28.93 -21.45
N GLN D 271 15.54 28.57 -20.19
CA GLN D 271 16.09 27.33 -19.67
C GLN D 271 15.11 26.74 -18.67
N PRO D 272 15.20 25.44 -18.41
CA PRO D 272 14.32 24.82 -17.40
C PRO D 272 14.81 25.09 -15.99
N ARG D 273 14.37 26.19 -15.38
CA ARG D 273 14.92 26.62 -14.10
C ARG D 273 13.82 26.76 -13.06
N THR D 274 14.09 26.23 -11.87
CA THR D 274 13.14 26.32 -10.76
C THR D 274 13.15 27.73 -10.18
N PHE D 275 11.98 28.25 -9.88
CA PHE D 275 11.86 29.63 -9.45
C PHE D 275 10.93 29.72 -8.25
N LEU D 276 11.33 30.52 -7.27
CA LEU D 276 10.41 30.94 -6.23
C LEU D 276 9.84 32.30 -6.62
N LEU D 277 8.55 32.49 -6.39
CA LEU D 277 7.87 33.69 -6.83
C LEU D 277 7.03 34.25 -5.72
N LYS D 278 7.18 35.54 -5.45
CA LYS D 278 6.50 36.19 -4.34
C LYS D 278 5.34 37.00 -4.91
N TYR D 279 4.12 36.54 -4.66
CA TYR D 279 2.92 37.15 -5.21
C TYR D 279 2.44 38.24 -4.27
N ASN D 280 2.00 39.35 -4.84
CA ASN D 280 1.65 40.50 -4.03
C ASN D 280 0.32 40.28 -3.33
N GLU D 281 -0.10 41.28 -2.54
CA GLU D 281 -1.40 41.21 -1.88
C GLU D 281 -2.53 41.15 -2.90
N ASN D 282 -2.38 41.85 -4.03
CA ASN D 282 -3.29 41.66 -5.15
C ASN D 282 -2.68 40.84 -6.28
N GLY D 283 -1.97 39.77 -5.96
CA GLY D 283 -1.66 38.75 -6.94
C GLY D 283 -0.73 39.13 -8.05
N THR D 284 -0.01 40.24 -7.92
CA THR D 284 0.99 40.60 -8.91
C THR D 284 2.36 40.12 -8.48
N ILE D 285 3.06 39.47 -9.40
CA ILE D 285 4.41 39.00 -9.12
C ILE D 285 5.30 40.20 -8.89
N THR D 286 5.89 40.29 -7.70
CA THR D 286 6.77 41.39 -7.37
C THR D 286 8.23 41.00 -7.29
N ASP D 287 8.55 39.74 -6.97
CA ASP D 287 9.93 39.34 -6.89
C ASP D 287 10.05 37.84 -7.12
N ALA D 288 11.27 37.40 -7.38
CA ALA D 288 11.51 36.02 -7.74
C ALA D 288 12.94 35.66 -7.35
N VAL D 289 13.17 34.37 -7.16
CA VAL D 289 14.47 33.84 -6.80
C VAL D 289 14.77 32.67 -7.72
N ASP D 290 15.98 32.67 -8.29
CA ASP D 290 16.42 31.60 -9.17
C ASP D 290 17.03 30.51 -8.32
N CYS D 291 16.31 29.43 -8.15
CA CYS D 291 16.66 28.34 -7.26
C CYS D 291 17.90 27.61 -7.68
N ALA D 292 18.58 27.96 -8.76
CA ALA D 292 19.80 27.26 -9.12
C ALA D 292 20.94 28.19 -9.49
N LEU D 293 20.81 29.49 -9.26
CA LEU D 293 21.90 30.41 -9.55
C LEU D 293 23.04 30.20 -8.57
N ASP D 294 22.80 30.45 -7.29
CA ASP D 294 23.85 30.48 -6.30
C ASP D 294 23.41 29.76 -5.04
N PRO D 295 24.35 29.23 -4.25
CA PRO D 295 24.02 28.73 -2.91
C PRO D 295 23.06 29.60 -2.12
N LEU D 296 23.35 30.90 -2.00
CA LEU D 296 22.47 31.73 -1.20
C LEU D 296 21.04 31.66 -1.71
N SER D 297 20.86 31.59 -3.01
CA SER D 297 19.53 31.40 -3.53
C SER D 297 19.01 29.99 -3.27
N GLU D 298 19.88 28.99 -3.27
CA GLU D 298 19.42 27.64 -2.97
C GLU D 298 18.78 27.56 -1.60
N THR D 299 19.39 28.19 -0.60
CA THR D 299 18.81 28.14 0.73
C THR D 299 17.51 28.92 0.78
N LYS D 300 17.45 30.07 0.12
CA LYS D 300 16.23 30.85 0.08
C LYS D 300 15.13 30.00 -0.52
N CYS D 301 15.52 29.13 -1.45
CA CYS D 301 14.56 28.28 -2.13
C CYS D 301 14.06 27.18 -1.20
N THR D 302 14.97 26.45 -0.56
CA THR D 302 14.54 25.33 0.27
C THR D 302 13.80 25.80 1.51
N LEU D 303 14.20 26.94 2.05
CA LEU D 303 13.52 27.47 3.22
C LEU D 303 12.15 28.04 2.88
N LYS D 304 11.83 28.19 1.60
CA LYS D 304 10.60 28.81 1.15
C LYS D 304 10.45 30.20 1.76
N SER D 305 11.50 30.99 1.65
CA SER D 305 11.42 32.38 2.07
C SER D 305 12.45 33.18 1.31
N PHE D 306 12.24 34.49 1.29
CA PHE D 306 13.15 35.39 0.63
C PHE D 306 14.29 35.84 1.53
N THR D 307 14.12 35.71 2.83
CA THR D 307 15.13 36.11 3.81
C THR D 307 15.44 34.90 4.68
N VAL D 308 16.72 34.70 4.97
CA VAL D 308 17.17 33.55 5.75
C VAL D 308 17.92 34.08 6.95
N GLU D 309 17.66 33.50 8.12
CA GLU D 309 18.34 33.94 9.32
C GLU D 309 19.71 33.27 9.40
N LYS D 310 20.58 33.84 10.23
CA LYS D 310 21.94 33.35 10.35
C LYS D 310 21.94 31.90 10.78
N GLY D 311 22.83 31.10 10.25
CA GLY D 311 22.91 29.70 10.60
C GLY D 311 23.53 28.91 9.48
N ILE D 312 23.51 27.59 9.64
CA ILE D 312 23.98 26.66 8.62
C ILE D 312 22.80 25.81 8.17
N TYR D 313 22.45 25.93 6.89
CA TYR D 313 21.29 25.24 6.35
C TYR D 313 21.76 24.20 5.34
N GLN D 314 21.13 23.04 5.37
CA GLN D 314 21.47 21.98 4.43
C GLN D 314 20.61 22.14 3.19
N THR D 315 21.23 22.54 2.09
CA THR D 315 20.49 22.78 0.85
C THR D 315 20.25 21.54 0.02
N SER D 316 21.29 20.78 -0.28
CA SER D 316 21.11 19.63 -1.16
C SER D 316 22.25 18.66 -0.91
N ASN D 317 22.32 17.66 -1.76
CA ASN D 317 23.42 16.73 -1.72
C ASN D 317 24.22 16.86 -3.01
N PHE D 318 25.52 16.56 -2.93
CA PHE D 318 26.39 16.69 -4.12
C PHE D 318 27.10 15.35 -4.39
N ARG D 319 27.13 14.92 -5.65
CA ARG D 319 27.83 13.70 -6.01
C ARG D 319 28.54 13.97 -7.32
N VAL D 320 29.64 13.25 -7.53
CA VAL D 320 30.45 13.42 -8.72
C VAL D 320 29.74 12.74 -9.87
N GLN D 321 29.51 13.49 -10.96
CA GLN D 321 28.87 12.90 -12.16
C GLN D 321 29.86 11.93 -12.82
N PRO D 322 29.42 10.76 -13.34
CA PRO D 322 30.35 9.76 -13.89
C PRO D 322 31.12 10.26 -15.11
N THR D 323 32.43 9.99 -15.15
CA THR D 323 33.29 10.46 -16.27
C THR D 323 32.91 9.79 -17.59
N GLU D 324 32.67 8.47 -17.59
CA GLU D 324 32.40 7.73 -18.85
C GLU D 324 31.70 6.41 -18.53
N SER D 325 31.33 5.63 -19.56
CA SER D 325 30.71 4.30 -19.34
C SER D 325 31.60 3.19 -19.92
N ILE D 326 31.95 2.18 -19.13
CA ILE D 326 32.73 1.06 -19.64
C ILE D 326 31.83 -0.17 -19.70
N VAL D 327 32.19 -1.11 -20.56
CA VAL D 327 31.44 -2.35 -20.75
C VAL D 327 32.45 -3.46 -20.92
N ARG D 328 32.28 -4.56 -20.20
CA ARG D 328 33.15 -5.70 -20.35
C ARG D 328 32.34 -6.98 -20.35
N PHE D 329 32.15 -7.54 -21.53
CA PHE D 329 31.46 -8.80 -21.71
C PHE D 329 32.50 -9.85 -22.04
N PRO D 330 32.18 -11.12 -21.84
CA PRO D 330 33.15 -12.17 -22.13
C PRO D 330 33.55 -12.18 -23.60
N ASN D 331 34.57 -12.97 -23.92
CA ASN D 331 35.19 -12.96 -25.23
C ASN D 331 34.42 -13.74 -26.29
N ILE D 332 33.48 -14.58 -25.90
CA ILE D 332 32.90 -15.55 -26.83
C ILE D 332 32.29 -14.85 -28.03
N THR D 333 32.35 -15.51 -29.18
CA THR D 333 31.62 -15.12 -30.39
C THR D 333 31.32 -16.41 -31.14
N ASN D 334 30.17 -17.01 -30.84
CA ASN D 334 29.77 -18.30 -31.39
C ASN D 334 28.29 -18.26 -31.75
N LEU D 335 27.89 -17.22 -32.51
CA LEU D 335 26.52 -16.72 -32.58
C LEU D 335 25.45 -17.79 -32.39
N CYS D 336 24.51 -17.57 -31.40
CA CYS D 336 23.55 -18.55 -30.90
C CYS D 336 22.64 -19.07 -31.99
N PRO D 337 22.39 -20.37 -31.97
CA PRO D 337 21.58 -20.97 -33.03
C PRO D 337 20.11 -20.74 -32.80
N PHE D 338 19.53 -19.81 -33.54
CA PHE D 338 18.09 -19.64 -33.42
C PHE D 338 17.35 -20.21 -34.61
N GLY D 339 17.88 -20.06 -35.81
CA GLY D 339 17.26 -20.68 -36.96
C GLY D 339 16.94 -22.13 -36.69
N GLU D 340 17.92 -22.84 -36.15
CA GLU D 340 17.75 -24.23 -35.75
C GLU D 340 16.52 -24.41 -34.88
N VAL D 341 16.22 -23.44 -34.02
CA VAL D 341 14.99 -23.46 -33.23
C VAL D 341 13.82 -23.18 -34.16
N PHE D 342 13.94 -22.12 -34.94
CA PHE D 342 12.77 -21.59 -35.61
C PHE D 342 12.55 -22.24 -36.96
N ASN D 343 13.61 -22.41 -37.76
CA ASN D 343 13.38 -22.87 -39.13
C ASN D 343 13.01 -24.34 -39.17
N ALA D 344 13.17 -25.07 -38.07
CA ALA D 344 12.98 -26.51 -38.03
C ALA D 344 11.63 -26.92 -38.60
N THR D 345 11.60 -28.03 -39.35
CA THR D 345 10.39 -28.47 -39.99
C THR D 345 9.55 -29.38 -39.12
N ARG D 346 9.97 -29.65 -37.89
CA ARG D 346 9.23 -30.53 -37.03
C ARG D 346 9.10 -29.92 -35.65
N PHE D 347 7.88 -29.59 -35.27
CA PHE D 347 7.57 -29.15 -33.92
C PHE D 347 6.85 -30.28 -33.22
N ALA D 348 7.36 -30.68 -32.06
CA ALA D 348 6.78 -31.80 -31.36
C ALA D 348 5.37 -31.47 -30.89
N SER D 349 4.60 -32.52 -30.63
CA SER D 349 3.27 -32.33 -30.09
C SER D 349 3.36 -31.77 -28.69
N VAL D 350 2.35 -30.99 -28.32
CA VAL D 350 2.38 -30.37 -27.00
C VAL D 350 2.27 -31.39 -25.90
N TYR D 351 1.85 -32.62 -26.22
CA TYR D 351 1.86 -33.68 -25.22
C TYR D 351 3.25 -33.85 -24.63
N ALA D 352 4.25 -33.94 -25.50
CA ALA D 352 5.65 -34.02 -25.11
C ALA D 352 6.42 -32.95 -25.86
N TRP D 353 6.42 -31.76 -25.30
CA TRP D 353 7.02 -30.61 -25.96
C TRP D 353 8.53 -30.73 -25.96
N ASN D 354 9.15 -30.39 -27.08
CA ASN D 354 10.59 -30.41 -27.18
C ASN D 354 11.18 -29.31 -26.31
N ARG D 355 12.48 -29.41 -26.05
CA ARG D 355 13.20 -28.36 -25.34
C ARG D 355 14.68 -28.51 -25.62
N LYS D 356 15.33 -27.41 -25.98
CA LYS D 356 16.76 -27.39 -26.15
C LYS D 356 17.34 -26.24 -25.35
N ARG D 357 18.59 -26.41 -24.95
CA ARG D 357 19.28 -25.44 -24.11
C ARG D 357 20.33 -24.75 -24.96
N ILE D 358 20.34 -23.43 -24.90
CA ILE D 358 21.30 -22.64 -25.66
C ILE D 358 22.34 -22.10 -24.69
N SER D 359 23.60 -22.10 -25.11
CA SER D 359 24.68 -21.73 -24.21
C SER D 359 25.89 -21.27 -25.01
N ASN D 360 26.72 -20.47 -24.34
CA ASN D 360 28.05 -20.12 -24.79
C ASN D 360 28.02 -19.54 -26.20
N CYS D 361 27.40 -18.37 -26.33
CA CYS D 361 27.27 -17.76 -27.64
C CYS D 361 26.78 -16.33 -27.49
N VAL D 362 26.77 -15.64 -28.60
CA VAL D 362 26.20 -14.31 -28.71
C VAL D 362 24.85 -14.44 -29.40
N ALA D 363 23.83 -13.84 -28.81
CA ALA D 363 22.46 -13.99 -29.27
C ALA D 363 21.96 -12.64 -29.75
N ASP D 364 21.94 -12.43 -31.06
CA ASP D 364 21.28 -11.26 -31.60
C ASP D 364 19.78 -11.46 -31.43
N TYR D 365 19.17 -10.68 -30.54
CA TYR D 365 17.74 -10.82 -30.31
C TYR D 365 16.91 -9.97 -31.25
N SER D 366 17.53 -9.00 -31.92
CA SER D 366 16.77 -8.09 -32.76
C SER D 366 16.07 -8.84 -33.88
N VAL D 367 16.69 -9.90 -34.39
CA VAL D 367 16.13 -10.65 -35.50
C VAL D 367 14.71 -11.08 -35.16
N LEU D 368 14.49 -11.48 -33.92
CA LEU D 368 13.15 -11.93 -33.53
C LEU D 368 12.22 -10.75 -33.31
N TYR D 369 12.67 -9.72 -32.59
CA TYR D 369 11.78 -8.63 -32.25
C TYR D 369 11.32 -7.89 -33.49
N ASN D 370 12.26 -7.38 -34.28
CA ASN D 370 11.85 -6.53 -35.39
C ASN D 370 11.38 -7.30 -36.61
N SER D 371 11.11 -8.60 -36.50
CA SER D 371 10.53 -9.31 -37.62
C SER D 371 9.01 -9.12 -37.60
N ALA D 372 8.46 -8.79 -38.76
CA ALA D 372 7.03 -8.55 -38.87
C ALA D 372 6.23 -9.81 -39.09
N SER D 373 6.83 -10.98 -38.90
CA SER D 373 6.11 -12.21 -39.17
C SER D 373 5.31 -12.65 -37.95
N PHE D 374 5.93 -12.63 -36.79
CA PHE D 374 5.37 -13.26 -35.59
C PHE D 374 4.06 -12.62 -35.19
N SER D 375 3.02 -13.44 -35.07
CA SER D 375 1.67 -12.92 -34.77
C SER D 375 1.60 -12.40 -33.33
N THR D 376 1.69 -13.31 -32.35
CA THR D 376 1.57 -12.89 -30.94
C THR D 376 2.97 -12.75 -30.33
N PHE D 377 3.34 -11.53 -29.94
CA PHE D 377 4.65 -11.33 -29.26
C PHE D 377 4.35 -10.76 -27.88
N LYS D 378 4.85 -11.41 -26.82
CA LYS D 378 4.52 -10.95 -25.44
C LYS D 378 5.62 -11.41 -24.48
N CYS D 379 6.46 -10.49 -24.02
CA CYS D 379 7.46 -10.87 -23.04
C CYS D 379 6.95 -10.59 -21.64
N TYR D 380 7.36 -11.43 -20.70
CA TYR D 380 7.01 -11.30 -19.30
C TYR D 380 8.28 -11.09 -18.52
N GLY D 381 8.27 -10.14 -17.60
CA GLY D 381 9.41 -9.89 -16.76
C GLY D 381 10.59 -9.24 -17.45
N VAL D 382 10.59 -9.20 -18.77
CA VAL D 382 11.64 -8.56 -19.56
C VAL D 382 10.97 -7.80 -20.68
N SER D 383 11.54 -6.68 -21.08
CA SER D 383 11.02 -5.93 -22.20
C SER D 383 11.78 -6.31 -23.46
N PRO D 384 11.11 -6.52 -24.60
CA PRO D 384 11.80 -7.08 -25.76
C PRO D 384 12.91 -6.20 -26.28
N THR D 385 12.72 -4.89 -26.24
CA THR D 385 13.70 -3.97 -26.80
C THR D 385 15.01 -3.94 -26.03
N LYS D 386 15.11 -4.65 -24.92
CA LYS D 386 16.30 -4.62 -24.09
C LYS D 386 17.03 -5.95 -24.06
N LEU D 387 16.51 -6.97 -24.74
CA LEU D 387 17.12 -8.29 -24.67
C LEU D 387 18.57 -8.26 -25.13
N ASN D 388 18.95 -7.24 -25.89
CA ASN D 388 20.32 -7.19 -26.38
C ASN D 388 21.30 -6.88 -25.27
N ASP D 389 20.85 -6.20 -24.23
CA ASP D 389 21.77 -5.67 -23.23
C ASP D 389 21.80 -6.48 -21.94
N LEU D 390 21.41 -7.74 -21.97
CA LEU D 390 21.38 -8.58 -20.79
C LEU D 390 22.31 -9.76 -20.99
N CYS D 391 22.73 -10.37 -19.89
CA CYS D 391 23.47 -11.62 -19.96
C CYS D 391 22.73 -12.69 -19.15
N PHE D 392 22.51 -13.84 -19.74
CA PHE D 392 21.75 -14.89 -19.09
C PHE D 392 22.62 -16.11 -18.89
N THR D 393 22.28 -16.88 -17.87
CA THR D 393 22.96 -18.14 -17.62
C THR D 393 22.53 -19.19 -18.62
N ASN D 394 21.23 -19.48 -18.67
CA ASN D 394 20.70 -20.47 -19.59
C ASN D 394 19.49 -19.88 -20.29
N VAL D 395 19.28 -20.34 -21.52
CA VAL D 395 18.13 -19.94 -22.30
C VAL D 395 17.51 -21.21 -22.87
N TYR D 396 16.27 -21.47 -22.51
CA TYR D 396 15.55 -22.65 -22.98
C TYR D 396 14.58 -22.22 -24.05
N ALA D 397 14.48 -22.99 -25.11
CA ALA D 397 13.54 -22.72 -26.19
C ALA D 397 12.68 -23.95 -26.41
N ASP D 398 11.52 -23.98 -25.76
CA ASP D 398 10.60 -25.08 -25.87
C ASP D 398 9.63 -24.77 -27.00
N SER D 399 9.45 -25.72 -27.91
CA SER D 399 8.70 -25.48 -29.13
C SER D 399 7.65 -26.56 -29.37
N PHE D 400 6.47 -26.15 -29.81
CA PHE D 400 5.37 -27.09 -30.03
C PHE D 400 4.27 -26.37 -30.80
N VAL D 401 3.27 -27.14 -31.22
CA VAL D 401 2.15 -26.62 -32.00
C VAL D 401 0.89 -26.71 -31.17
N ILE D 402 -0.12 -25.95 -31.56
CA ILE D 402 -1.31 -25.78 -30.74
C ILE D 402 -2.42 -25.16 -31.59
N ARG D 403 -3.66 -25.37 -31.15
CA ARG D 403 -4.78 -24.74 -31.82
C ARG D 403 -4.80 -23.25 -31.51
N GLY D 404 -5.12 -22.45 -32.54
CA GLY D 404 -4.89 -21.02 -32.45
C GLY D 404 -5.57 -20.37 -31.26
N ASP D 405 -6.84 -20.70 -31.04
CA ASP D 405 -7.59 -20.08 -29.94
C ASP D 405 -6.92 -20.31 -28.60
N GLU D 406 -6.03 -21.30 -28.51
CA GLU D 406 -5.39 -21.62 -27.26
C GLU D 406 -4.08 -20.87 -27.03
N VAL D 407 -3.68 -19.97 -27.94
CA VAL D 407 -2.41 -19.27 -27.72
C VAL D 407 -2.47 -18.44 -26.45
N ARG D 408 -3.69 -18.06 -26.04
CA ARG D 408 -3.83 -17.36 -24.78
C ARG D 408 -3.60 -18.28 -23.59
N GLN D 409 -3.62 -19.59 -23.79
CA GLN D 409 -3.35 -20.48 -22.68
C GLN D 409 -1.89 -20.45 -22.27
N ILE D 410 -0.99 -20.10 -23.17
CA ILE D 410 0.44 -20.14 -22.90
C ILE D 410 0.81 -18.78 -22.32
N ALA D 411 0.67 -18.67 -21.01
CA ALA D 411 0.98 -17.44 -20.29
C ALA D 411 0.96 -17.76 -18.82
N PRO D 412 1.76 -17.06 -18.01
CA PRO D 412 1.81 -17.39 -16.59
C PRO D 412 0.46 -17.18 -15.94
N GLY D 413 0.06 -18.16 -15.14
CA GLY D 413 -1.14 -18.02 -14.34
C GLY D 413 -2.45 -18.12 -15.10
N GLN D 414 -2.43 -18.69 -16.30
CA GLN D 414 -3.67 -18.95 -17.02
C GLN D 414 -4.03 -20.42 -16.86
N THR D 415 -5.31 -20.74 -17.06
CA THR D 415 -5.80 -22.09 -16.87
C THR D 415 -6.60 -22.52 -18.09
N GLY D 416 -6.80 -23.82 -18.19
CA GLY D 416 -7.49 -24.44 -19.30
C GLY D 416 -6.96 -25.83 -19.52
N LYS D 417 -7.31 -26.42 -20.66
CA LYS D 417 -6.86 -27.77 -20.95
C LYS D 417 -5.37 -27.79 -21.22
N ILE D 418 -4.88 -26.87 -22.05
CA ILE D 418 -3.48 -26.86 -22.41
C ILE D 418 -2.62 -26.37 -21.25
N ALA D 419 -3.12 -25.36 -20.54
CA ALA D 419 -2.31 -24.73 -19.50
C ALA D 419 -2.24 -25.59 -18.25
N ASP D 420 -3.11 -26.58 -18.13
CA ASP D 420 -3.14 -27.39 -16.92
C ASP D 420 -2.66 -28.81 -17.14
N TYR D 421 -3.05 -29.43 -18.24
CA TYR D 421 -2.77 -30.83 -18.47
C TYR D 421 -1.55 -31.08 -19.33
N ASN D 422 -1.01 -30.06 -19.99
CA ASN D 422 -0.01 -30.33 -21.00
C ASN D 422 1.28 -29.55 -20.81
N TYR D 423 1.21 -28.27 -20.46
CA TYR D 423 2.42 -27.45 -20.43
C TYR D 423 2.15 -26.20 -19.64
N LYS D 424 2.60 -26.14 -18.40
CA LYS D 424 2.26 -25.03 -17.52
C LYS D 424 3.51 -24.25 -17.16
N LEU D 425 3.45 -22.95 -17.37
CA LEU D 425 4.52 -22.04 -17.00
C LEU D 425 4.31 -21.53 -15.59
N PRO D 426 5.38 -21.33 -14.83
CA PRO D 426 5.24 -20.90 -13.45
C PRO D 426 4.77 -19.45 -13.37
N ASP D 427 4.34 -19.06 -12.18
CA ASP D 427 3.97 -17.67 -11.97
C ASP D 427 5.15 -16.75 -12.16
N ASP D 428 6.35 -17.17 -11.74
CA ASP D 428 7.55 -16.47 -12.15
C ASP D 428 7.68 -16.51 -13.66
N PHE D 429 8.35 -15.53 -14.23
CA PHE D 429 8.23 -15.28 -15.65
C PHE D 429 8.82 -16.39 -16.49
N THR D 430 8.26 -16.55 -17.68
CA THR D 430 8.98 -17.04 -18.84
C THR D 430 9.33 -15.86 -19.72
N GLY D 431 10.52 -15.88 -20.32
CA GLY D 431 11.01 -14.69 -20.99
C GLY D 431 10.03 -14.11 -21.99
N CYS D 432 9.83 -14.80 -23.10
CA CYS D 432 8.97 -14.27 -24.15
C CYS D 432 8.30 -15.43 -24.83
N VAL D 433 7.09 -15.22 -25.31
CA VAL D 433 6.39 -16.23 -26.07
C VAL D 433 6.21 -15.70 -27.48
N ILE D 434 6.71 -16.44 -28.45
CA ILE D 434 6.49 -16.10 -29.85
C ILE D 434 5.58 -17.16 -30.45
N ALA D 435 4.66 -16.74 -31.29
CA ALA D 435 3.79 -17.69 -31.95
C ALA D 435 3.40 -17.12 -33.29
N TRP D 436 3.33 -17.99 -34.29
CA TRP D 436 2.97 -17.56 -35.62
C TRP D 436 2.08 -18.60 -36.26
N ASN D 437 1.05 -18.12 -36.95
CA ASN D 437 0.09 -19.01 -37.58
C ASN D 437 0.79 -19.89 -38.61
N SER D 438 0.48 -21.18 -38.58
CA SER D 438 1.25 -22.15 -39.34
C SER D 438 0.38 -23.26 -39.92
N ASN D 439 -0.70 -22.91 -40.63
CA ASN D 439 -1.49 -23.97 -41.26
C ASN D 439 -0.95 -24.33 -42.63
N ASN D 440 0.04 -23.59 -43.14
CA ASN D 440 0.63 -23.95 -44.41
C ASN D 440 1.47 -25.21 -44.30
N LEU D 441 2.35 -25.26 -43.32
CA LEU D 441 3.17 -26.45 -43.11
C LEU D 441 2.45 -27.53 -42.34
N ASP D 442 2.06 -27.24 -41.11
CA ASP D 442 1.55 -28.26 -40.23
C ASP D 442 0.04 -28.31 -40.17
N SER D 443 -0.68 -28.41 -41.29
CA SER D 443 -2.08 -28.68 -41.05
C SER D 443 -2.58 -30.00 -41.62
N LYS D 444 -3.02 -30.02 -42.88
CA LYS D 444 -2.91 -31.10 -43.86
C LYS D 444 -4.04 -30.88 -44.86
N VAL D 445 -4.09 -31.68 -45.93
CA VAL D 445 -5.31 -31.78 -46.72
C VAL D 445 -6.45 -32.33 -45.88
N GLY D 446 -6.14 -33.30 -45.02
CA GLY D 446 -7.10 -33.78 -44.05
C GLY D 446 -6.66 -33.47 -42.64
N GLY D 447 -7.28 -34.16 -41.69
CA GLY D 447 -6.85 -34.01 -40.31
C GLY D 447 -5.45 -34.55 -40.13
N ASN D 448 -4.58 -33.74 -39.51
CA ASN D 448 -3.20 -34.17 -39.35
C ASN D 448 -3.11 -35.38 -38.42
N TYR D 449 -3.67 -35.26 -37.23
CA TYR D 449 -3.75 -36.35 -36.27
C TYR D 449 -2.38 -36.75 -35.70
N ASN D 450 -1.31 -36.08 -36.14
CA ASN D 450 -0.02 -36.32 -35.51
C ASN D 450 0.14 -35.48 -34.25
N TYR D 451 -0.27 -34.23 -34.31
CA TYR D 451 -0.20 -33.36 -33.14
C TYR D 451 -1.34 -33.68 -32.20
N LEU D 452 -1.01 -33.88 -30.93
CA LEU D 452 -2.04 -34.34 -30.01
C LEU D 452 -1.73 -33.88 -28.59
N TYR D 453 -2.76 -33.92 -27.76
CA TYR D 453 -2.72 -33.39 -26.41
C TYR D 453 -3.60 -34.23 -25.52
N ARG D 454 -3.28 -34.27 -24.23
CA ARG D 454 -4.05 -35.06 -23.28
C ARG D 454 -5.13 -34.19 -22.67
N LEU D 455 -6.33 -34.76 -22.51
CA LEU D 455 -7.42 -34.09 -21.82
C LEU D 455 -7.77 -34.76 -20.51
N PHE D 456 -6.99 -35.75 -20.10
CA PHE D 456 -7.38 -36.59 -18.98
C PHE D 456 -6.21 -36.95 -18.07
N ARG D 457 -5.31 -36.01 -17.85
CA ARG D 457 -4.36 -36.13 -16.76
C ARG D 457 -5.13 -36.03 -15.45
N LYS D 458 -4.70 -36.78 -14.44
CA LYS D 458 -5.45 -36.86 -13.20
C LYS D 458 -5.02 -35.77 -12.23
N SER D 459 -3.76 -35.38 -12.33
CA SER D 459 -3.10 -34.56 -11.33
C SER D 459 -2.35 -33.40 -11.97
N ASN D 460 -3.05 -32.52 -12.69
CA ASN D 460 -2.46 -31.52 -13.58
C ASN D 460 -1.11 -31.01 -13.11
N LEU D 461 -0.15 -30.94 -14.02
CA LEU D 461 1.27 -31.00 -13.73
C LEU D 461 1.83 -29.70 -13.21
N LYS D 462 2.93 -29.82 -12.48
CA LYS D 462 3.65 -28.68 -11.95
C LYS D 462 4.36 -27.93 -13.08
N PRO D 463 4.88 -26.74 -12.80
CA PRO D 463 5.64 -26.02 -13.83
C PRO D 463 6.72 -26.86 -14.48
N PHE D 464 6.72 -26.86 -15.80
CA PHE D 464 7.76 -27.51 -16.60
C PHE D 464 7.89 -28.98 -16.25
N GLU D 465 6.83 -29.73 -16.47
CA GLU D 465 6.85 -31.17 -16.29
C GLU D 465 6.42 -31.80 -17.61
N ARG D 466 7.12 -32.82 -18.04
CA ARG D 466 6.89 -33.43 -19.34
C ARG D 466 6.43 -34.87 -19.12
N ASP D 467 5.11 -35.04 -18.97
CA ASP D 467 4.53 -36.34 -18.64
C ASP D 467 4.03 -36.98 -19.93
N ILE D 468 4.77 -37.98 -20.42
CA ILE D 468 4.45 -38.65 -21.67
C ILE D 468 3.85 -40.03 -21.44
N SER D 469 3.14 -40.23 -20.34
CA SER D 469 2.57 -41.54 -20.05
C SER D 469 1.20 -41.71 -20.71
N THR D 470 0.71 -42.94 -20.67
CA THR D 470 -0.60 -43.30 -21.22
C THR D 470 -1.25 -44.34 -20.32
N GLU D 471 -2.17 -43.90 -19.46
CA GLU D 471 -2.73 -44.76 -18.42
C GLU D 471 -4.24 -44.96 -18.54
N ILE D 472 -4.86 -44.51 -19.63
CA ILE D 472 -6.26 -44.78 -19.92
C ILE D 472 -7.17 -44.39 -18.74
N TYR D 473 -7.24 -43.08 -18.51
CA TYR D 473 -8.11 -42.53 -17.47
C TYR D 473 -9.46 -43.22 -17.43
N GLN D 474 -9.92 -43.54 -16.23
CA GLN D 474 -11.11 -44.38 -16.06
C GLN D 474 -12.37 -43.63 -16.48
N ALA D 475 -13.34 -44.40 -17.00
CA ALA D 475 -14.64 -43.86 -17.37
C ALA D 475 -15.40 -43.34 -16.16
N PHE D 486 -8.08 -50.08 -19.87
CA PHE D 486 -8.18 -51.05 -20.94
C PHE D 486 -9.16 -50.58 -22.00
N ASN D 487 -10.38 -50.28 -21.58
CA ASN D 487 -11.39 -49.70 -22.46
C ASN D 487 -11.61 -48.21 -22.20
N CYS D 488 -11.41 -47.77 -20.97
CA CYS D 488 -11.71 -46.40 -20.61
C CYS D 488 -10.83 -45.43 -21.39
N TYR D 489 -11.40 -44.24 -21.63
CA TYR D 489 -10.73 -43.24 -22.51
C TYR D 489 -9.29 -42.96 -22.11
N PHE D 490 -8.38 -43.11 -23.06
CA PHE D 490 -6.97 -42.84 -22.80
C PHE D 490 -6.67 -41.36 -23.04
N PRO D 491 -5.60 -40.83 -22.44
CA PRO D 491 -5.52 -39.38 -22.29
C PRO D 491 -5.40 -38.60 -23.59
N LEU D 492 -4.43 -38.93 -24.42
CA LEU D 492 -4.14 -38.12 -25.60
C LEU D 492 -5.25 -38.27 -26.62
N GLN D 493 -5.85 -37.15 -27.01
CA GLN D 493 -6.77 -37.10 -28.13
C GLN D 493 -6.23 -36.13 -29.17
N SER D 494 -6.10 -36.60 -30.39
CA SER D 494 -5.46 -35.85 -31.46
C SER D 494 -6.23 -34.57 -31.76
N TYR D 495 -5.57 -33.71 -32.57
CA TYR D 495 -6.19 -32.46 -33.05
C TYR D 495 -6.14 -32.49 -34.58
N GLY D 496 -7.26 -32.20 -35.25
CA GLY D 496 -7.38 -32.22 -36.68
C GLY D 496 -7.42 -30.84 -37.29
N PHE D 497 -6.57 -30.62 -38.29
CA PHE D 497 -6.41 -29.31 -38.91
C PHE D 497 -6.87 -29.35 -40.36
N GLN D 498 -7.05 -28.16 -40.95
CA GLN D 498 -7.40 -28.07 -42.37
C GLN D 498 -7.14 -26.67 -42.93
N VAL D 503 -10.12 -20.17 -38.20
CA VAL D 503 -8.97 -19.39 -37.77
C VAL D 503 -8.74 -19.62 -36.29
N GLY D 504 -9.74 -20.22 -35.65
CA GLY D 504 -9.53 -20.71 -34.31
C GLY D 504 -8.93 -22.09 -34.30
N TYR D 505 -8.91 -22.74 -35.45
CA TYR D 505 -8.35 -24.08 -35.57
C TYR D 505 -7.18 -24.11 -36.55
N GLN D 506 -6.69 -22.96 -36.96
CA GLN D 506 -5.37 -22.93 -37.57
C GLN D 506 -4.36 -23.49 -36.57
N PRO D 507 -3.50 -24.40 -36.99
CA PRO D 507 -2.40 -24.81 -36.13
C PRO D 507 -1.41 -23.68 -36.00
N TYR D 508 -1.11 -23.33 -34.75
CA TYR D 508 -0.14 -22.28 -34.48
C TYR D 508 1.11 -22.91 -33.92
N ARG D 509 2.26 -22.55 -34.48
CA ARG D 509 3.54 -22.99 -33.94
C ARG D 509 3.96 -22.03 -32.84
N VAL D 510 4.37 -22.57 -31.72
CA VAL D 510 4.70 -21.77 -30.54
C VAL D 510 6.08 -22.13 -30.08
N VAL D 511 6.91 -21.12 -29.86
CA VAL D 511 8.23 -21.29 -29.28
C VAL D 511 8.35 -20.33 -28.11
N VAL D 512 8.86 -20.82 -26.99
CA VAL D 512 8.87 -20.08 -25.75
C VAL D 512 10.30 -19.98 -25.27
N LEU D 513 10.81 -18.77 -25.11
CA LEU D 513 12.16 -18.54 -24.63
C LEU D 513 12.10 -18.18 -23.16
N SER D 514 12.48 -19.11 -22.30
CA SER D 514 12.45 -18.86 -20.87
C SER D 514 13.87 -18.64 -20.38
N PHE D 515 14.18 -17.41 -20.00
CA PHE D 515 15.53 -17.04 -19.60
C PHE D 515 15.78 -17.49 -18.18
N GLU D 516 16.90 -18.19 -17.97
CA GLU D 516 17.32 -18.63 -16.65
C GLU D 516 18.28 -17.57 -16.13
N LEU D 517 17.76 -16.66 -15.32
CA LEU D 517 18.51 -15.53 -14.83
C LEU D 517 19.00 -15.80 -13.41
N LEU D 518 20.24 -15.39 -13.16
CA LEU D 518 20.90 -15.52 -11.86
C LEU D 518 20.99 -16.96 -11.38
N HIS D 519 21.86 -17.76 -11.98
CA HIS D 519 22.16 -19.09 -11.46
C HIS D 519 23.66 -19.32 -11.31
N ALA D 520 24.50 -18.60 -12.04
CA ALA D 520 25.91 -18.93 -12.23
C ALA D 520 26.57 -17.75 -12.93
N PRO D 521 27.83 -17.84 -13.35
CA PRO D 521 28.36 -16.81 -14.25
C PRO D 521 27.55 -16.75 -15.54
N ALA D 522 27.53 -15.56 -16.15
CA ALA D 522 26.80 -15.38 -17.39
C ALA D 522 27.32 -16.31 -18.47
N THR D 523 26.44 -16.64 -19.41
CA THR D 523 26.82 -17.53 -20.51
C THR D 523 26.27 -17.11 -21.86
N VAL D 524 25.13 -16.43 -21.92
CA VAL D 524 24.52 -16.00 -23.17
C VAL D 524 24.38 -14.50 -23.12
N CYS D 525 25.10 -13.80 -23.99
CA CYS D 525 25.08 -12.34 -23.96
C CYS D 525 24.90 -11.81 -25.37
N GLY D 526 23.97 -10.89 -25.50
CA GLY D 526 23.64 -10.31 -26.77
C GLY D 526 24.80 -9.49 -27.32
N PRO D 527 24.60 -8.90 -28.48
CA PRO D 527 25.67 -8.12 -29.10
C PRO D 527 25.89 -6.81 -28.37
N LYS D 528 27.09 -6.67 -27.83
CA LYS D 528 27.50 -5.39 -27.27
C LYS D 528 29.02 -5.36 -27.28
N LYS D 529 29.58 -4.50 -28.12
CA LYS D 529 31.02 -4.38 -28.22
C LYS D 529 31.60 -3.89 -26.91
N SER D 530 32.34 -4.75 -26.24
CA SER D 530 32.97 -4.36 -25.00
C SER D 530 34.00 -3.28 -25.25
N THR D 531 34.30 -2.51 -24.23
CA THR D 531 35.38 -1.53 -24.29
C THR D 531 36.39 -1.89 -23.22
N ASN D 532 37.62 -1.41 -23.38
CA ASN D 532 38.62 -1.63 -22.36
C ASN D 532 38.18 -0.95 -21.07
N LEU D 533 38.65 -1.47 -19.95
CA LEU D 533 38.26 -0.95 -18.64
C LEU D 533 39.23 0.13 -18.20
N VAL D 534 38.76 0.96 -17.26
CA VAL D 534 39.57 2.03 -16.69
C VAL D 534 39.65 1.82 -15.19
N LYS D 535 40.30 2.71 -14.46
CA LYS D 535 40.35 2.63 -13.02
C LYS D 535 40.26 4.01 -12.40
N ASN D 536 39.86 4.04 -11.15
CA ASN D 536 39.94 5.23 -10.30
C ASN D 536 39.22 6.44 -10.89
N LYS D 537 38.38 6.23 -11.88
CA LYS D 537 37.44 7.24 -12.33
C LYS D 537 36.06 6.62 -12.24
N CYS D 538 35.12 7.30 -11.61
CA CYS D 538 33.85 6.65 -11.38
C CYS D 538 33.07 6.63 -12.69
N VAL D 539 32.77 5.41 -13.15
CA VAL D 539 32.26 5.16 -14.48
C VAL D 539 30.95 4.39 -14.37
N ASN D 540 30.11 4.55 -15.37
CA ASN D 540 28.87 3.79 -15.46
C ASN D 540 29.21 2.44 -16.07
N PHE D 541 29.70 1.52 -15.25
CA PHE D 541 30.24 0.27 -15.74
C PHE D 541 29.12 -0.71 -16.04
N ASN D 542 29.50 -1.82 -16.67
CA ASN D 542 28.56 -2.88 -17.00
C ASN D 542 29.38 -4.17 -17.12
N PHE D 543 29.56 -4.86 -16.01
CA PHE D 543 30.34 -6.08 -16.00
C PHE D 543 29.37 -7.24 -16.11
N ASN D 544 29.24 -7.80 -17.31
CA ASN D 544 28.52 -9.04 -17.52
C ASN D 544 27.03 -8.89 -17.23
N GLY D 545 26.53 -7.67 -17.24
CA GLY D 545 25.13 -7.44 -16.92
C GLY D 545 24.92 -6.66 -15.64
N LEU D 546 25.87 -6.77 -14.72
CA LEU D 546 25.84 -6.02 -13.47
C LEU D 546 26.05 -4.55 -13.77
N THR D 547 24.99 -3.76 -13.68
CA THR D 547 25.01 -2.38 -14.16
C THR D 547 25.08 -1.45 -12.95
N GLY D 548 26.11 -0.63 -12.89
CA GLY D 548 26.27 0.24 -11.75
C GLY D 548 27.09 1.46 -12.08
N THR D 549 27.67 2.03 -11.03
CA THR D 549 28.60 3.14 -11.10
C THR D 549 29.62 3.00 -9.99
N GLY D 550 30.72 3.72 -10.12
CA GLY D 550 31.71 3.74 -9.06
C GLY D 550 33.11 3.68 -9.62
N VAL D 551 34.08 3.73 -8.70
CA VAL D 551 35.49 3.64 -9.05
C VAL D 551 35.93 2.20 -8.84
N LEU D 552 36.80 1.71 -9.71
CA LEU D 552 37.26 0.34 -9.67
C LEU D 552 38.73 0.30 -9.30
N THR D 553 39.06 -0.50 -8.30
CA THR D 553 40.42 -0.63 -7.81
C THR D 553 40.81 -2.09 -7.87
N GLU D 554 42.10 -2.34 -8.05
CA GLU D 554 42.60 -3.70 -7.97
C GLU D 554 42.30 -4.28 -6.59
N SER D 555 42.04 -5.58 -6.55
CA SER D 555 41.62 -6.24 -5.31
C SER D 555 42.73 -7.10 -4.77
N ASN D 556 42.88 -7.09 -3.44
CA ASN D 556 43.66 -8.13 -2.77
C ASN D 556 42.76 -9.23 -2.25
N LYS D 557 41.45 -9.09 -2.37
CA LYS D 557 40.52 -10.04 -1.77
C LYS D 557 40.64 -11.38 -2.46
N LYS D 558 40.97 -12.41 -1.69
CA LYS D 558 41.19 -13.74 -2.24
C LYS D 558 39.88 -14.30 -2.79
N PHE D 559 39.69 -14.23 -4.09
CA PHE D 559 38.58 -14.93 -4.70
C PHE D 559 38.93 -16.41 -4.78
N LEU D 560 37.97 -17.20 -5.24
CA LEU D 560 38.24 -18.56 -5.64
C LEU D 560 37.83 -18.76 -7.09
N PRO D 561 38.49 -19.66 -7.80
CA PRO D 561 38.24 -19.81 -9.24
C PRO D 561 36.80 -20.08 -9.63
N PHE D 562 35.90 -20.18 -8.67
CA PHE D 562 34.49 -20.40 -8.94
C PHE D 562 33.64 -19.34 -8.26
N GLN D 563 34.25 -18.23 -7.89
CA GLN D 563 33.54 -17.10 -7.29
C GLN D 563 33.48 -15.98 -8.32
N GLN D 564 32.31 -15.41 -8.52
CA GLN D 564 32.14 -14.36 -9.52
C GLN D 564 32.12 -12.97 -8.94
N PHE D 565 31.56 -12.79 -7.74
CA PHE D 565 31.61 -11.51 -7.07
C PHE D 565 31.35 -11.68 -5.59
N GLY D 566 31.35 -10.56 -4.88
CA GLY D 566 31.07 -10.53 -3.46
C GLY D 566 30.13 -9.40 -3.13
N ARG D 567 29.40 -9.60 -2.04
CA ARG D 567 28.51 -8.57 -1.54
C ARG D 567 28.61 -8.54 -0.03
N ASP D 568 29.05 -7.41 0.52
CA ASP D 568 29.28 -7.34 1.96
C ASP D 568 27.99 -7.49 2.75
N ILE D 569 26.96 -6.73 2.39
CA ILE D 569 25.64 -6.86 3.01
C ILE D 569 24.67 -6.02 2.19
N ALA D 570 23.40 -6.40 2.24
CA ALA D 570 22.32 -5.60 1.68
C ALA D 570 22.48 -5.44 0.18
N ASP D 571 22.86 -6.56 -0.46
CA ASP D 571 23.02 -6.66 -1.90
C ASP D 571 24.01 -5.64 -2.46
N THR D 572 24.92 -5.15 -1.63
CA THR D 572 25.95 -4.22 -2.08
C THR D 572 27.04 -5.02 -2.76
N THR D 573 26.97 -5.13 -4.08
CA THR D 573 28.05 -5.75 -4.82
C THR D 573 29.33 -4.96 -4.60
N ASP D 574 30.24 -5.53 -3.85
CA ASP D 574 31.46 -4.84 -3.46
C ASP D 574 32.63 -5.16 -4.37
N ALA D 575 32.75 -6.40 -4.83
CA ALA D 575 33.83 -6.78 -5.72
C ALA D 575 33.26 -7.51 -6.91
N VAL D 576 34.06 -7.64 -7.96
CA VAL D 576 33.66 -8.39 -9.15
C VAL D 576 34.89 -8.76 -9.96
N ARG D 577 34.89 -9.95 -10.54
CA ARG D 577 35.98 -10.33 -11.44
C ARG D 577 35.53 -10.06 -12.87
N ASP D 578 36.34 -9.31 -13.59
CA ASP D 578 35.99 -8.98 -14.95
C ASP D 578 35.91 -10.26 -15.77
N PRO D 579 35.06 -10.33 -16.80
CA PRO D 579 34.90 -11.59 -17.53
C PRO D 579 36.09 -11.97 -18.37
N GLN D 580 36.84 -11.00 -18.91
CA GLN D 580 37.95 -11.29 -19.80
C GLN D 580 39.26 -11.45 -19.07
N THR D 581 39.68 -10.44 -18.32
CA THR D 581 40.95 -10.47 -17.62
C THR D 581 40.97 -11.46 -16.48
N LEU D 582 39.80 -11.86 -15.97
CA LEU D 582 39.70 -12.71 -14.78
C LEU D 582 40.32 -12.02 -13.56
N GLU D 583 40.41 -10.70 -13.61
CA GLU D 583 40.98 -9.90 -12.55
C GLU D 583 39.88 -9.36 -11.64
N ILE D 584 40.14 -9.39 -10.34
CA ILE D 584 39.16 -9.04 -9.33
C ILE D 584 39.36 -7.60 -8.91
N LEU D 585 38.28 -6.85 -8.80
CA LEU D 585 38.33 -5.43 -8.52
C LEU D 585 37.33 -5.09 -7.42
N ASP D 586 37.61 -4.04 -6.67
CA ASP D 586 36.65 -3.55 -5.70
C ASP D 586 35.90 -2.36 -6.25
N ILE D 587 34.64 -2.21 -5.84
CA ILE D 587 33.75 -1.19 -6.35
C ILE D 587 33.30 -0.31 -5.20
N THR D 588 33.85 0.89 -5.10
CA THR D 588 33.38 1.84 -4.13
C THR D 588 32.71 3.00 -4.85
N PRO D 589 31.46 3.31 -4.53
CA PRO D 589 30.72 4.30 -5.32
C PRO D 589 31.33 5.67 -5.15
N CYS D 590 31.37 6.43 -6.25
CA CYS D 590 32.14 7.66 -6.21
C CYS D 590 31.52 8.66 -5.24
N SER D 591 32.40 9.40 -4.57
CA SER D 591 32.11 10.13 -3.34
C SER D 591 30.88 11.02 -3.49
N PHE D 592 30.12 11.11 -2.40
CA PHE D 592 28.96 11.96 -2.36
C PHE D 592 28.76 12.44 -0.93
N GLY D 593 28.08 13.57 -0.79
CA GLY D 593 27.83 14.13 0.51
C GLY D 593 26.80 15.23 0.40
N GLY D 594 26.38 15.73 1.56
CA GLY D 594 25.52 16.90 1.56
C GLY D 594 26.33 18.16 1.35
N VAL D 595 25.63 19.23 0.98
CA VAL D 595 26.22 20.55 0.85
C VAL D 595 25.39 21.52 1.66
N SER D 596 26.00 22.13 2.66
CA SER D 596 25.29 23.06 3.51
C SER D 596 26.03 24.39 3.54
N VAL D 597 25.28 25.46 3.44
CA VAL D 597 25.84 26.80 3.31
C VAL D 597 25.83 27.47 4.66
N ILE D 598 26.75 28.40 4.86
CA ILE D 598 26.92 29.11 6.12
C ILE D 598 26.72 30.58 5.87
N THR D 599 25.55 31.10 6.24
CA THR D 599 25.24 32.49 5.96
C THR D 599 25.20 33.25 7.27
N PRO D 600 25.56 34.54 7.25
CA PRO D 600 25.43 35.38 8.44
C PRO D 600 24.05 35.96 8.63
N GLY D 601 23.09 35.59 7.79
CA GLY D 601 21.82 36.26 7.71
C GLY D 601 21.63 36.87 6.33
N THR D 602 20.49 37.49 6.13
CA THR D 602 20.32 38.18 4.86
C THR D 602 20.53 39.68 4.97
N ASN D 603 19.88 40.33 5.94
CA ASN D 603 20.09 41.75 6.14
C ASN D 603 21.53 42.07 6.50
N THR D 604 22.23 41.14 7.14
CA THR D 604 23.62 41.40 7.46
C THR D 604 24.51 41.32 6.23
N SER D 605 24.29 40.34 5.35
CA SER D 605 25.10 40.25 4.15
C SER D 605 24.49 39.25 3.19
N ASN D 606 25.14 39.09 2.05
CA ASN D 606 24.83 38.06 1.08
C ASN D 606 26.02 37.17 0.79
N GLN D 607 27.14 37.40 1.46
CA GLN D 607 28.26 36.52 1.29
C GLN D 607 28.06 35.26 2.12
N VAL D 608 28.49 34.12 1.58
CA VAL D 608 28.24 32.83 2.21
C VAL D 608 29.48 31.98 2.03
N ALA D 609 29.59 30.96 2.87
CA ALA D 609 30.52 29.86 2.66
C ALA D 609 29.71 28.65 2.24
N VAL D 610 30.40 27.54 2.00
CA VAL D 610 29.74 26.30 1.63
C VAL D 610 30.57 25.14 2.17
N LEU D 611 29.90 24.18 2.77
CA LEU D 611 30.56 23.06 3.40
C LEU D 611 30.26 21.79 2.63
N TYR D 612 31.30 21.12 2.16
CA TYR D 612 31.17 19.84 1.48
C TYR D 612 31.49 18.75 2.49
N GLN D 613 30.43 18.16 3.05
CA GLN D 613 30.61 17.27 4.19
C GLN D 613 31.42 16.05 3.79
N ASP D 614 32.25 15.58 4.72
CA ASP D 614 33.02 14.34 4.63
C ASP D 614 33.57 14.07 3.23
N VAL D 615 34.19 15.09 2.63
CA VAL D 615 34.83 14.94 1.35
C VAL D 615 36.24 15.53 1.44
N ASN D 616 37.21 14.79 0.92
CA ASN D 616 38.58 15.27 0.90
C ASN D 616 38.67 16.47 -0.04
N CYS D 617 39.51 17.44 0.32
CA CYS D 617 39.62 18.64 -0.50
C CYS D 617 40.39 18.34 -1.78
N THR D 618 39.81 17.50 -2.62
CA THR D 618 40.34 17.21 -3.94
C THR D 618 39.28 17.25 -5.02
N GLU D 619 38.01 17.24 -4.67
CA GLU D 619 36.93 17.32 -5.64
C GLU D 619 36.37 18.74 -5.64
N VAL D 620 35.41 19.00 -6.51
CA VAL D 620 34.96 20.36 -6.77
C VAL D 620 34.21 20.93 -5.58
N ASN D 641 38.45 31.16 -0.64
CA ASN D 641 39.49 30.26 -0.16
C ASN D 641 38.98 28.82 -0.08
N VAL D 642 39.86 27.89 0.26
CA VAL D 642 39.49 26.49 0.47
C VAL D 642 40.20 26.00 1.72
N PHE D 643 39.42 25.49 2.68
CA PHE D 643 39.95 25.06 3.97
C PHE D 643 39.38 23.70 4.28
N GLN D 644 40.23 22.82 4.81
CA GLN D 644 39.85 21.46 5.13
C GLN D 644 39.62 21.30 6.62
N THR D 645 38.56 20.60 6.99
CA THR D 645 38.25 20.33 8.38
C THR D 645 38.23 18.84 8.63
N ARG D 646 37.82 18.45 9.83
CA ARG D 646 37.48 17.05 10.06
C ARG D 646 36.06 16.74 9.60
N ALA D 647 35.21 17.76 9.50
CA ALA D 647 33.85 17.55 9.05
C ALA D 647 33.76 17.48 7.54
N GLY D 648 34.64 18.17 6.84
CA GLY D 648 34.62 18.17 5.39
C GLY D 648 35.48 19.29 4.85
N CYS D 649 35.24 19.60 3.58
CA CYS D 649 35.97 20.63 2.87
C CYS D 649 35.12 21.89 2.81
N LEU D 650 35.60 22.95 3.44
CA LEU D 650 34.84 24.18 3.57
C LEU D 650 35.49 25.24 2.71
N ILE D 651 34.77 25.71 1.69
CA ILE D 651 35.26 26.74 0.79
C ILE D 651 34.42 27.98 1.01
N GLY D 652 35.07 29.13 1.00
CA GLY D 652 34.41 30.40 1.21
C GLY D 652 34.75 31.04 2.53
N ALA D 653 35.33 30.30 3.45
CA ALA D 653 35.72 30.84 4.74
C ALA D 653 37.23 30.94 4.83
N GLU D 654 37.68 31.98 5.52
CA GLU D 654 39.09 32.27 5.68
C GLU D 654 39.53 31.86 7.07
N HIS D 655 40.32 30.79 7.15
CA HIS D 655 40.68 30.22 8.43
C HIS D 655 41.56 31.17 9.24
N VAL D 656 41.35 31.22 10.55
CA VAL D 656 42.11 32.10 11.42
C VAL D 656 42.68 31.29 12.58
N ASN D 657 43.36 31.98 13.49
CA ASN D 657 44.03 31.30 14.58
C ASN D 657 43.54 31.69 15.96
N ASN D 658 43.28 32.97 16.22
CA ASN D 658 42.76 33.33 17.52
C ASN D 658 41.34 32.80 17.67
N SER D 659 41.04 32.28 18.85
CA SER D 659 39.77 31.63 19.12
C SER D 659 38.73 32.64 19.54
N TYR D 660 37.47 32.33 19.28
CA TYR D 660 36.35 33.16 19.72
C TYR D 660 35.25 32.27 20.29
N GLU D 661 34.28 32.88 20.94
CA GLU D 661 33.05 32.17 21.24
C GLU D 661 32.33 31.93 19.93
N CYS D 662 31.87 30.71 19.68
CA CYS D 662 31.64 30.38 18.30
C CYS D 662 30.20 30.63 17.91
N ASP D 663 30.00 31.04 16.66
CA ASP D 663 28.71 31.54 16.18
C ASP D 663 27.87 30.43 15.57
N ILE D 664 28.34 29.85 14.48
CA ILE D 664 27.60 28.93 13.65
C ILE D 664 28.31 27.58 13.72
N PRO D 665 27.88 26.66 14.57
CA PRO D 665 28.64 25.43 14.76
C PRO D 665 28.79 24.66 13.46
N ILE D 666 30.00 24.20 13.20
CA ILE D 666 30.28 23.50 11.96
C ILE D 666 30.55 22.04 12.23
N GLY D 667 31.38 21.76 13.20
CA GLY D 667 31.63 20.37 13.54
C GLY D 667 33.07 20.15 13.93
N ALA D 668 33.28 19.12 14.73
CA ALA D 668 34.61 18.68 15.14
C ALA D 668 35.35 19.79 15.87
N GLY D 669 34.60 20.69 16.52
CA GLY D 669 35.21 21.76 17.27
C GLY D 669 35.39 23.06 16.52
N ILE D 670 34.90 23.17 15.30
CA ILE D 670 35.16 24.33 14.46
C ILE D 670 33.85 25.07 14.23
N CYS D 671 33.89 26.39 14.39
CA CYS D 671 32.71 27.20 14.16
C CYS D 671 33.03 28.33 13.19
N ALA D 672 32.03 29.13 12.91
CA ALA D 672 32.16 30.18 11.93
C ALA D 672 31.59 31.48 12.41
N VAL D 687 30.49 36.11 10.59
CA VAL D 687 31.11 37.21 9.87
C VAL D 687 31.81 38.09 10.86
N ALA D 688 32.91 38.68 10.43
CA ALA D 688 33.64 39.63 11.26
C ALA D 688 34.46 40.51 10.34
N SER D 689 34.03 41.75 10.18
CA SER D 689 34.66 42.68 9.25
C SER D 689 34.61 42.15 7.82
N GLN D 690 33.39 42.07 7.28
CA GLN D 690 33.12 41.84 5.85
C GLN D 690 33.76 40.54 5.33
N SER D 691 33.98 39.58 6.20
CA SER D 691 34.54 38.30 5.76
C SER D 691 34.04 37.20 6.69
N ILE D 692 34.01 35.99 6.16
CA ILE D 692 33.59 34.81 6.91
C ILE D 692 34.81 34.06 7.43
N ILE D 693 34.90 33.93 8.74
CA ILE D 693 36.06 33.32 9.36
C ILE D 693 35.65 32.02 10.01
N ALA D 694 36.47 30.99 9.86
CA ALA D 694 36.21 29.68 10.42
C ALA D 694 37.34 29.31 11.36
N TYR D 695 37.03 29.19 12.64
CA TYR D 695 38.06 29.06 13.66
C TYR D 695 37.74 27.88 14.55
N THR D 696 38.56 27.72 15.58
CA THR D 696 38.32 26.72 16.60
C THR D 696 37.48 27.32 17.71
N MET D 697 36.54 26.54 18.24
CA MET D 697 35.75 27.04 19.35
C MET D 697 36.66 27.42 20.49
N SER D 698 36.23 28.37 21.30
CA SER D 698 36.87 28.60 22.57
C SER D 698 35.96 28.14 23.68
N LEU D 699 36.55 27.50 24.68
CA LEU D 699 35.74 27.16 25.84
C LEU D 699 35.47 28.37 26.71
N GLY D 700 36.15 29.47 26.44
CA GLY D 700 36.05 30.65 27.29
C GLY D 700 37.42 31.02 27.81
N ALA D 701 37.45 32.12 28.54
CA ALA D 701 38.71 32.60 29.09
C ALA D 701 39.27 31.62 30.09
N GLU D 702 40.51 31.22 29.87
CA GLU D 702 41.17 30.24 30.71
C GLU D 702 41.80 30.98 31.88
N ASN D 703 41.25 30.79 33.07
CA ASN D 703 41.84 31.34 34.28
C ASN D 703 41.89 30.25 35.34
N SER D 704 43.10 29.90 35.76
CA SER D 704 43.25 28.97 36.86
C SER D 704 43.49 29.75 38.14
N VAL D 705 42.71 29.43 39.16
CA VAL D 705 42.69 30.25 40.37
C VAL D 705 43.84 29.83 41.27
N ALA D 706 44.28 30.76 42.11
CA ALA D 706 45.47 30.59 42.93
C ALA D 706 45.23 29.74 44.17
N TYR D 707 45.37 28.42 44.04
CA TYR D 707 45.21 27.56 45.19
C TYR D 707 46.38 27.72 46.15
N SER D 708 46.09 27.60 47.43
CA SER D 708 47.10 27.58 48.47
C SER D 708 46.83 26.35 49.32
N ASN D 709 47.61 26.19 50.39
CA ASN D 709 47.20 25.27 51.43
C ASN D 709 46.66 26.02 52.64
N ASN D 710 46.72 27.34 52.62
CA ASN D 710 46.31 28.08 53.81
C ASN D 710 45.67 29.42 53.50
N SER D 711 45.14 29.63 52.31
CA SER D 711 44.65 30.96 51.97
C SER D 711 43.24 30.87 51.41
N ILE D 712 42.31 31.58 52.03
CA ILE D 712 40.94 31.64 51.56
C ILE D 712 40.67 33.01 50.98
N ALA D 713 39.59 33.13 50.22
CA ALA D 713 39.19 34.40 49.63
C ALA D 713 37.69 34.59 49.84
N ILE D 714 37.31 35.65 50.53
CA ILE D 714 35.92 35.81 50.95
C ILE D 714 35.34 37.08 50.34
N PRO D 715 34.17 37.02 49.73
CA PRO D 715 33.63 38.21 49.05
C PRO D 715 33.21 39.27 50.04
N THR D 716 33.11 40.51 49.56
CA THR D 716 32.77 41.64 50.41
C THR D 716 31.59 42.44 49.86
N ASN D 717 31.00 42.01 48.75
CA ASN D 717 29.84 42.70 48.20
C ASN D 717 29.18 41.78 47.21
N PHE D 718 27.90 42.02 46.97
CA PHE D 718 27.10 41.11 46.17
C PHE D 718 26.27 41.90 45.20
N THR D 719 25.63 41.20 44.28
CA THR D 719 24.67 41.81 43.38
C THR D 719 23.49 40.86 43.27
N ILE D 720 22.34 41.29 43.75
CA ILE D 720 21.13 40.52 43.53
C ILE D 720 20.64 40.82 42.12
N SER D 721 20.54 39.79 41.29
CA SER D 721 20.32 39.95 39.87
C SER D 721 19.14 39.12 39.44
N VAL D 722 18.50 39.54 38.36
CA VAL D 722 17.28 38.89 37.89
C VAL D 722 17.58 38.35 36.50
N THR D 723 17.80 37.06 36.41
CA THR D 723 17.76 36.42 35.11
C THR D 723 16.33 36.20 34.71
N THR D 724 16.13 35.50 33.60
CA THR D 724 14.82 34.98 33.26
C THR D 724 14.97 33.51 32.94
N GLU D 725 13.84 32.88 32.67
CA GLU D 725 13.83 31.46 32.33
C GLU D 725 12.51 31.13 31.69
N ILE D 726 12.54 30.78 30.41
CA ILE D 726 11.33 30.59 29.64
C ILE D 726 11.10 29.10 29.50
N LEU D 727 9.84 28.67 29.63
CA LEU D 727 9.48 27.29 29.45
C LEU D 727 8.13 27.25 28.74
N PRO D 728 7.97 26.45 27.71
CA PRO D 728 6.64 26.17 27.21
C PRO D 728 5.91 25.30 28.20
N VAL D 729 4.58 25.41 28.20
CA VAL D 729 3.80 24.53 29.06
C VAL D 729 2.65 23.90 28.30
N SER D 730 2.38 24.37 27.08
CA SER D 730 1.26 23.77 26.38
C SER D 730 1.31 24.17 24.91
N MET D 731 0.72 23.33 24.08
CA MET D 731 0.64 23.60 22.67
C MET D 731 -0.80 23.82 22.33
N THR D 732 -1.07 24.27 21.11
CA THR D 732 -2.43 24.59 20.74
C THR D 732 -3.25 23.32 20.61
N LYS D 733 -4.45 23.33 21.18
CA LYS D 733 -5.29 22.15 21.21
C LYS D 733 -5.91 21.96 19.84
N THR D 734 -5.05 21.74 18.85
CA THR D 734 -5.58 21.49 17.53
C THR D 734 -6.24 20.13 17.49
N SER D 735 -7.21 20.00 16.59
CA SER D 735 -7.91 18.75 16.42
C SER D 735 -8.27 18.62 14.95
N VAL D 736 -8.36 17.39 14.49
CA VAL D 736 -8.60 17.12 13.09
C VAL D 736 -9.66 16.03 13.00
N ASP D 737 -10.66 16.25 12.17
CA ASP D 737 -11.66 15.22 11.90
C ASP D 737 -11.11 14.30 10.84
N CYS D 738 -11.01 13.01 11.16
CA CYS D 738 -10.34 12.10 10.25
C CYS D 738 -11.10 11.98 8.94
N THR D 739 -12.35 11.52 8.99
CA THR D 739 -13.04 11.20 7.75
C THR D 739 -13.21 12.41 6.86
N MET D 740 -13.35 13.60 7.44
CA MET D 740 -13.53 14.76 6.60
C MET D 740 -12.21 15.19 5.97
N TYR D 741 -11.09 14.83 6.58
CA TYR D 741 -9.81 15.09 5.93
C TYR D 741 -9.60 14.14 4.77
N ILE D 742 -9.85 12.86 4.98
CA ILE D 742 -9.52 11.87 3.98
C ILE D 742 -10.53 11.87 2.86
N CYS D 743 -11.82 11.93 3.20
CA CYS D 743 -12.87 11.94 2.20
C CYS D 743 -13.33 13.35 1.87
N GLY D 744 -13.72 14.13 2.86
CA GLY D 744 -14.11 15.49 2.62
C GLY D 744 -15.49 15.61 2.04
N ASP D 745 -16.49 15.12 2.75
CA ASP D 745 -17.87 15.17 2.31
C ASP D 745 -18.06 14.45 0.99
N SER D 746 -17.81 13.15 0.99
CA SER D 746 -18.05 12.29 -0.15
C SER D 746 -18.63 10.99 0.37
N THR D 747 -19.65 10.48 -0.30
CA THR D 747 -20.27 9.24 0.14
C THR D 747 -19.54 8.04 -0.42
N GLU D 748 -18.99 8.18 -1.62
CA GLU D 748 -18.27 7.07 -2.23
C GLU D 748 -16.98 6.79 -1.48
N CYS D 749 -16.28 7.83 -1.06
CA CYS D 749 -15.02 7.65 -0.37
C CYS D 749 -15.21 7.04 1.01
N SER D 750 -16.21 7.50 1.76
CA SER D 750 -16.37 7.03 3.13
C SER D 750 -16.61 5.53 3.17
N ASN D 751 -17.56 5.05 2.38
CA ASN D 751 -17.86 3.62 2.40
C ASN D 751 -16.66 2.78 2.02
N LEU D 752 -15.65 3.39 1.42
CA LEU D 752 -14.36 2.73 1.30
C LEU D 752 -13.60 2.81 2.60
N LEU D 753 -13.54 3.99 3.18
CA LEU D 753 -12.80 4.19 4.41
C LEU D 753 -13.34 3.32 5.53
N LEU D 754 -14.57 2.86 5.40
CA LEU D 754 -15.11 1.97 6.41
C LEU D 754 -14.46 0.59 6.38
N GLN D 755 -13.78 0.25 5.30
CA GLN D 755 -13.12 -1.04 5.22
C GLN D 755 -11.82 -1.07 5.97
N TYR D 756 -11.22 0.07 6.25
CA TYR D 756 -9.97 0.13 6.99
C TYR D 756 -10.21 0.04 8.48
N GLY D 757 -11.28 -0.60 8.88
CA GLY D 757 -11.48 -0.86 10.28
C GLY D 757 -11.72 0.40 11.06
N SER D 758 -11.00 0.54 12.17
CA SER D 758 -11.14 1.70 13.03
C SER D 758 -9.90 2.56 13.04
N PHE D 759 -9.33 2.85 11.89
CA PHE D 759 -8.24 3.81 11.85
C PHE D 759 -8.75 5.20 12.16
N CYS D 760 -9.88 5.57 11.57
CA CYS D 760 -10.46 6.88 11.82
C CYS D 760 -10.76 7.08 13.28
N THR D 761 -11.42 6.10 13.90
CA THR D 761 -11.74 6.21 15.31
C THR D 761 -10.48 6.28 16.16
N GLN D 762 -9.43 5.62 15.70
CA GLN D 762 -8.24 5.47 16.51
C GLN D 762 -7.43 6.75 16.56
N LEU D 763 -7.28 7.43 15.42
CA LEU D 763 -6.54 8.68 15.41
C LEU D 763 -7.30 9.75 16.15
N ASN D 764 -8.60 9.82 15.91
CA ASN D 764 -9.41 10.86 16.53
C ASN D 764 -9.33 10.79 18.04
N ARG D 765 -9.22 9.59 18.57
CA ARG D 765 -9.06 9.44 20.02
C ARG D 765 -7.68 9.90 20.46
N ALA D 766 -6.67 9.64 19.64
CA ALA D 766 -5.32 10.05 20.00
C ALA D 766 -5.22 11.57 20.05
N LEU D 767 -5.87 12.25 19.12
CA LEU D 767 -5.73 13.69 19.06
C LEU D 767 -6.51 14.39 20.15
N THR D 768 -7.64 13.83 20.59
CA THR D 768 -8.32 14.43 21.72
C THR D 768 -7.76 13.90 23.02
N GLY D 769 -6.79 12.99 22.96
CA GLY D 769 -6.13 12.58 24.17
C GLY D 769 -5.08 13.57 24.61
N ILE D 770 -4.50 14.28 23.65
CA ILE D 770 -3.50 15.27 23.98
C ILE D 770 -4.12 16.65 24.02
N ALA D 771 -5.29 16.81 23.40
CA ALA D 771 -5.99 18.06 23.55
C ALA D 771 -6.52 18.20 24.96
N VAL D 772 -7.04 17.13 25.53
CA VAL D 772 -7.50 17.21 26.91
C VAL D 772 -6.35 17.22 27.89
N GLU D 773 -5.13 17.01 27.42
CA GLU D 773 -3.99 17.05 28.32
C GLU D 773 -3.42 18.45 28.40
N GLN D 774 -3.50 19.21 27.32
CA GLN D 774 -3.05 20.61 27.37
C GLN D 774 -3.79 21.36 28.45
N ASP D 775 -4.98 20.91 28.81
CA ASP D 775 -5.70 21.53 29.90
C ASP D 775 -5.17 21.09 31.25
N LYS D 776 -4.51 19.94 31.31
CA LYS D 776 -3.92 19.52 32.57
C LYS D 776 -2.55 20.13 32.77
N ASN D 777 -1.92 20.57 31.70
CA ASN D 777 -0.62 21.22 31.85
C ASN D 777 -0.79 22.59 32.47
N THR D 778 -1.66 23.42 31.91
CA THR D 778 -1.84 24.75 32.46
C THR D 778 -2.53 24.70 33.81
N GLN D 779 -3.21 23.60 34.10
CA GLN D 779 -3.90 23.48 35.37
C GLN D 779 -2.94 23.07 36.46
N GLU D 780 -1.71 22.73 36.10
CA GLU D 780 -0.74 22.31 37.09
C GLU D 780 0.27 23.40 37.36
N VAL D 781 0.68 24.10 36.30
CA VAL D 781 1.68 25.14 36.47
C VAL D 781 1.10 26.30 37.25
N PHE D 782 -0.12 26.69 36.94
CA PHE D 782 -0.72 27.88 37.54
C PHE D 782 -1.62 27.55 38.71
N ALA D 783 -2.60 26.66 38.53
CA ALA D 783 -3.58 26.37 39.56
C ALA D 783 -2.94 25.62 40.73
N GLN D 784 -2.03 26.29 41.41
CA GLN D 784 -1.39 25.73 42.58
C GLN D 784 -1.94 26.27 43.87
N VAL D 785 -2.81 27.28 43.82
CA VAL D 785 -3.24 28.01 44.99
C VAL D 785 -4.73 27.81 45.18
N LYS D 786 -5.18 27.89 46.42
CA LYS D 786 -6.60 27.72 46.71
C LYS D 786 -7.38 28.97 46.38
N GLN D 787 -7.12 30.06 47.09
CA GLN D 787 -7.87 31.28 46.94
C GLN D 787 -7.04 32.31 46.20
N ILE D 788 -7.73 33.22 45.54
CA ILE D 788 -7.10 34.22 44.69
C ILE D 788 -6.76 35.41 45.57
N TYR D 789 -5.52 35.50 45.98
CA TYR D 789 -5.12 36.61 46.83
C TYR D 789 -5.13 37.89 46.03
N LYS D 790 -5.38 38.99 46.73
CA LYS D 790 -5.46 40.30 46.13
C LYS D 790 -4.41 41.21 46.73
N THR D 791 -3.71 41.91 45.88
CA THR D 791 -2.62 42.75 46.35
C THR D 791 -3.20 43.98 47.02
N PRO D 792 -2.54 44.52 48.05
CA PRO D 792 -3.13 45.62 48.81
C PRO D 792 -3.14 46.91 48.01
N PRO D 793 -3.97 47.87 48.40
CA PRO D 793 -3.94 49.18 47.72
C PRO D 793 -2.63 49.91 47.90
N ILE D 794 -2.24 50.18 49.15
CA ILE D 794 -0.98 50.88 49.40
C ILE D 794 0.18 49.92 49.22
N LYS D 795 1.25 50.41 48.61
CA LYS D 795 2.41 49.61 48.27
C LYS D 795 3.63 50.22 48.93
N ASP D 796 4.02 49.68 50.08
CA ASP D 796 5.07 50.26 50.91
C ASP D 796 6.19 49.27 51.08
N PHE D 797 6.48 48.51 50.03
CA PHE D 797 7.32 47.33 50.18
C PHE D 797 8.76 47.70 50.44
N GLY D 798 9.01 48.27 51.63
CA GLY D 798 10.34 48.51 52.13
C GLY D 798 11.31 49.13 51.15
N GLY D 799 10.81 49.80 50.13
CA GLY D 799 11.65 50.32 49.07
C GLY D 799 11.67 49.48 47.82
N PHE D 800 11.31 48.19 47.90
CA PHE D 800 11.27 47.35 46.73
C PHE D 800 10.11 47.81 45.86
N ASN D 801 10.38 48.05 44.58
CA ASN D 801 9.39 48.57 43.64
C ASN D 801 8.91 47.43 42.76
N PHE D 802 7.67 47.02 42.94
CA PHE D 802 7.08 45.92 42.19
C PHE D 802 6.22 46.40 41.05
N SER D 803 6.33 47.66 40.66
CA SER D 803 5.41 48.21 39.67
C SER D 803 5.42 47.42 38.38
N GLN D 804 6.54 46.78 38.08
CA GLN D 804 6.68 46.13 36.80
C GLN D 804 5.91 44.83 36.69
N ILE D 805 5.80 44.07 37.77
CA ILE D 805 5.23 42.74 37.72
C ILE D 805 3.78 42.73 38.19
N LEU D 806 3.45 43.50 39.21
CA LEU D 806 2.09 43.46 39.69
C LEU D 806 1.15 44.04 38.66
N PRO D 807 -0.09 43.57 38.62
CA PRO D 807 -0.97 43.92 37.50
C PRO D 807 -1.30 45.40 37.46
N ASP D 808 -1.53 45.88 36.24
CA ASP D 808 -1.94 47.26 35.97
C ASP D 808 -3.33 47.23 35.34
N PRO D 809 -4.33 47.85 35.96
CA PRO D 809 -5.71 47.71 35.46
C PRO D 809 -5.98 48.49 34.19
N SER D 810 -4.94 49.13 33.64
CA SER D 810 -5.12 49.93 32.43
C SER D 810 -5.62 49.10 31.26
N LYS D 811 -5.36 47.80 31.27
CA LYS D 811 -5.75 46.94 30.17
C LYS D 811 -6.48 45.68 30.64
N ARG D 815 -3.69 42.79 33.41
CA ARG D 815 -2.44 42.19 32.95
C ARG D 815 -1.29 43.10 33.29
N SER D 816 -0.13 42.51 33.56
CA SER D 816 0.97 43.26 34.11
C SER D 816 1.72 44.00 33.02
N PHE D 817 2.74 44.75 33.44
CA PHE D 817 3.52 45.50 32.47
C PHE D 817 4.43 44.59 31.68
N ILE D 818 5.32 43.86 32.36
CA ILE D 818 6.21 42.94 31.65
C ILE D 818 5.43 41.92 30.86
N GLU D 819 4.40 41.34 31.47
CA GLU D 819 3.54 40.41 30.74
C GLU D 819 3.05 41.03 29.45
N ASP D 820 2.78 42.33 29.47
CA ASP D 820 2.27 42.98 28.28
C ASP D 820 3.33 43.02 27.19
N LEU D 821 4.59 43.13 27.59
CA LEU D 821 5.66 43.08 26.60
C LEU D 821 5.83 41.68 26.04
N LEU D 822 5.64 40.67 26.89
CA LEU D 822 5.73 39.29 26.43
C LEU D 822 4.65 39.00 25.40
N PHE D 823 3.45 39.52 25.61
CA PHE D 823 2.39 39.21 24.68
C PHE D 823 2.56 39.94 23.36
N ASN D 824 3.55 40.83 23.26
CA ASN D 824 3.79 41.48 21.99
C ASN D 824 4.90 40.81 21.19
N LYS D 825 5.71 39.98 21.82
CA LYS D 825 6.89 39.42 21.18
C LYS D 825 6.65 38.05 20.56
N VAL D 826 5.40 37.68 20.29
CA VAL D 826 5.11 36.44 19.60
C VAL D 826 4.12 36.71 18.48
N THR D 827 4.06 35.78 17.53
CA THR D 827 3.31 35.95 16.29
C THR D 827 2.38 34.78 16.05
N LEU D 828 1.57 34.46 17.06
CA LEU D 828 0.60 33.37 16.96
C LEU D 828 -0.30 33.50 15.75
N GLN D 853 -6.43 29.44 11.87
CA GLN D 853 -7.07 29.42 10.55
C GLN D 853 -7.38 27.99 10.15
N LYS D 854 -8.65 27.71 9.87
CA LYS D 854 -9.10 26.35 9.59
C LYS D 854 -9.66 26.23 8.18
N PHE D 855 -9.43 25.06 7.60
CA PHE D 855 -9.75 24.81 6.20
C PHE D 855 -10.76 23.70 6.02
N ASN D 856 -10.41 22.50 6.49
CA ASN D 856 -11.19 21.31 6.21
C ASN D 856 -10.82 20.24 7.23
N GLY D 857 -11.77 19.89 8.08
CA GLY D 857 -11.48 18.96 9.14
C GLY D 857 -10.60 19.52 10.24
N LEU D 858 -9.75 20.48 9.94
CA LEU D 858 -8.90 21.09 10.95
C LEU D 858 -9.75 22.00 11.81
N THR D 859 -9.26 22.25 13.01
CA THR D 859 -9.94 23.13 13.94
C THR D 859 -8.96 23.49 15.03
N VAL D 860 -9.35 24.41 15.89
CA VAL D 860 -8.55 24.76 17.05
C VAL D 860 -9.48 24.98 18.22
N LEU D 861 -9.65 23.96 19.02
CA LEU D 861 -10.44 24.15 20.21
C LEU D 861 -9.80 25.22 21.07
N PRO D 862 -10.59 26.03 21.76
CA PRO D 862 -10.01 27.06 22.59
C PRO D 862 -9.56 26.49 23.91
N PRO D 863 -8.49 27.01 24.49
CA PRO D 863 -8.04 26.51 25.77
C PRO D 863 -9.07 26.78 26.85
N LEU D 864 -9.12 25.89 27.82
CA LEU D 864 -10.14 26.03 28.86
C LEU D 864 -9.88 27.24 29.73
N LEU D 865 -8.68 27.40 30.25
CA LEU D 865 -8.34 28.54 31.09
C LEU D 865 -8.03 29.74 30.21
N THR D 866 -8.96 30.68 30.13
CA THR D 866 -8.74 31.84 29.30
C THR D 866 -7.56 32.66 29.78
N ASP D 867 -7.01 33.46 28.87
CA ASP D 867 -5.78 34.18 29.17
C ASP D 867 -5.97 35.18 30.29
N GLU D 868 -7.15 35.77 30.41
CA GLU D 868 -7.35 36.71 31.50
C GLU D 868 -7.66 35.96 32.80
N MET D 869 -7.77 34.64 32.74
CA MET D 869 -7.72 33.85 33.95
C MET D 869 -6.29 33.46 34.27
N ILE D 870 -5.58 32.93 33.28
CA ILE D 870 -4.18 32.61 33.46
C ILE D 870 -3.43 33.81 33.98
N ALA D 871 -3.79 35.00 33.49
CA ALA D 871 -3.19 36.20 34.03
C ALA D 871 -3.64 36.48 35.44
N GLN D 872 -4.69 35.82 35.90
CA GLN D 872 -5.16 36.08 37.26
C GLN D 872 -4.50 35.18 38.28
N TYR D 873 -4.37 33.89 37.97
CA TYR D 873 -3.59 33.00 38.81
C TYR D 873 -2.23 33.59 39.10
N THR D 874 -1.53 34.03 38.07
CA THR D 874 -0.21 34.61 38.25
C THR D 874 -0.25 35.93 38.99
N SER D 875 -1.43 36.39 39.40
CA SER D 875 -1.47 37.51 40.32
C SER D 875 -1.57 37.06 41.76
N ALA D 876 -2.39 36.06 42.05
CA ALA D 876 -2.40 35.50 43.38
C ALA D 876 -1.04 34.93 43.75
N LEU D 877 -0.44 34.18 42.83
CA LEU D 877 0.92 33.72 43.06
C LEU D 877 1.85 34.87 43.33
N LEU D 878 1.52 36.07 42.86
CA LEU D 878 2.34 37.23 43.12
C LEU D 878 1.98 37.89 44.43
N ALA D 879 0.69 37.94 44.76
CA ALA D 879 0.27 38.60 45.99
C ALA D 879 0.44 37.72 47.22
N GLY D 880 0.67 36.43 47.05
CA GLY D 880 0.94 35.59 48.19
C GLY D 880 2.41 35.60 48.48
N THR D 881 3.23 35.61 47.44
CA THR D 881 4.66 35.59 47.64
C THR D 881 5.19 36.96 48.00
N ILE D 882 4.41 38.01 47.79
CA ILE D 882 4.82 39.33 48.21
C ILE D 882 4.46 39.53 49.67
N THR D 883 3.22 39.22 50.02
CA THR D 883 2.75 39.39 51.38
C THR D 883 3.18 38.25 52.28
N SER D 884 2.83 37.02 51.93
CA SER D 884 2.94 35.91 52.85
C SER D 884 4.26 35.15 52.76
N GLY D 885 4.91 35.15 51.62
CA GLY D 885 6.21 34.52 51.52
C GLY D 885 6.10 33.07 51.15
N TRP D 886 6.65 32.20 52.00
CA TRP D 886 6.58 30.77 51.74
C TRP D 886 5.18 30.26 51.96
N THR D 887 4.50 30.78 52.96
CA THR D 887 3.50 30.04 53.68
C THR D 887 2.22 29.84 52.92
N PHE D 888 1.93 30.66 51.92
CA PHE D 888 0.66 30.48 51.23
C PHE D 888 0.68 29.19 50.43
N GLY D 889 1.82 28.52 50.40
CA GLY D 889 1.89 27.24 49.73
C GLY D 889 1.78 26.08 50.68
N ALA D 890 1.94 26.35 51.98
CA ALA D 890 1.99 25.27 52.94
C ALA D 890 0.67 25.13 53.69
N GLY D 891 -0.15 26.16 53.69
CA GLY D 891 -1.39 26.11 54.45
C GLY D 891 -2.14 27.41 54.52
N ALA D 892 -2.50 27.83 55.73
CA ALA D 892 -3.10 29.13 55.91
C ALA D 892 -2.07 30.22 55.67
N ALA D 893 -2.37 31.15 54.77
CA ALA D 893 -1.39 32.12 54.32
C ALA D 893 -1.15 33.16 55.41
N LEU D 894 0.02 33.09 56.03
CA LEU D 894 0.40 34.00 57.11
C LEU D 894 1.12 35.19 56.47
N GLN D 895 0.77 36.40 56.89
CA GLN D 895 1.41 37.57 56.33
C GLN D 895 2.62 37.96 57.16
N ILE D 896 3.61 38.55 56.50
CA ILE D 896 4.88 38.97 57.09
C ILE D 896 5.39 40.14 56.25
N PRO D 897 5.85 41.23 56.86
CA PRO D 897 6.27 42.39 56.08
C PRO D 897 7.43 42.06 55.18
N PHE D 898 7.37 42.52 53.93
CA PHE D 898 8.33 42.10 52.92
C PHE D 898 9.76 42.30 53.38
N ALA D 899 10.10 43.54 53.74
CA ALA D 899 11.46 43.82 54.18
C ALA D 899 11.93 42.82 55.22
N MET D 900 10.99 42.21 55.94
CA MET D 900 11.35 41.15 56.85
C MET D 900 11.47 39.82 56.14
N GLN D 901 10.71 39.62 55.07
CA GLN D 901 10.81 38.35 54.37
C GLN D 901 12.19 38.17 53.77
N MET D 902 12.62 39.13 52.95
CA MET D 902 13.94 39.03 52.33
C MET D 902 15.01 38.80 53.38
N ALA D 903 14.78 39.24 54.60
CA ALA D 903 15.70 38.92 55.67
C ALA D 903 15.66 37.45 56.00
N TYR D 904 14.50 36.84 55.82
CA TYR D 904 14.33 35.43 56.17
C TYR D 904 14.69 34.55 54.99
N ARG D 905 14.93 35.15 53.83
CA ARG D 905 15.51 34.41 52.72
C ARG D 905 17.03 34.59 52.68
N PHE D 906 17.53 35.75 53.07
CA PHE D 906 18.97 35.90 53.27
C PHE D 906 19.46 34.89 54.27
N ASN D 907 18.63 34.59 55.26
CA ASN D 907 18.96 33.56 56.22
C ASN D 907 18.90 32.19 55.60
N GLY D 908 18.53 32.11 54.32
CA GLY D 908 18.53 30.81 53.66
C GLY D 908 19.89 30.44 53.13
N ILE D 909 20.49 31.32 52.33
CA ILE D 909 21.68 30.95 51.58
C ILE D 909 22.92 30.98 52.46
N GLY D 910 22.78 31.40 53.71
CA GLY D 910 23.92 31.37 54.58
C GLY D 910 24.46 32.74 54.91
N VAL D 911 23.61 33.76 54.82
CA VAL D 911 23.96 35.11 55.20
C VAL D 911 23.10 35.50 56.38
N THR D 912 23.72 35.85 57.49
CA THR D 912 22.99 36.32 58.65
C THR D 912 22.13 37.51 58.25
N GLN D 913 20.98 37.64 58.89
CA GLN D 913 19.99 38.60 58.44
C GLN D 913 20.44 40.03 58.59
N ASN D 914 21.39 40.29 59.49
CA ASN D 914 21.80 41.65 59.72
C ASN D 914 22.27 42.30 58.44
N VAL D 915 22.77 41.51 57.51
CA VAL D 915 23.30 42.07 56.28
C VAL D 915 22.23 42.86 55.54
N LEU D 916 21.02 42.33 55.45
CA LEU D 916 19.98 43.02 54.71
C LEU D 916 19.67 44.38 55.32
N TYR D 917 19.13 44.39 56.54
CA TYR D 917 18.82 45.65 57.19
C TYR D 917 19.97 46.62 57.09
N GLU D 918 21.18 46.15 57.37
CA GLU D 918 22.31 47.04 57.35
C GLU D 918 22.62 47.52 55.94
N ASN D 919 21.96 46.92 54.94
CA ASN D 919 22.10 47.39 53.57
C ASN D 919 20.76 47.54 52.88
N GLN D 920 19.67 47.66 53.65
CA GLN D 920 18.34 47.57 53.08
C GLN D 920 18.14 48.53 51.93
N LYS D 921 18.55 49.79 52.09
CA LYS D 921 18.24 50.80 51.08
C LYS D 921 18.93 50.51 49.76
N LEU D 922 20.21 50.14 49.82
CA LEU D 922 20.92 49.82 48.58
C LEU D 922 20.38 48.55 47.95
N ILE D 923 20.16 47.52 48.76
CA ILE D 923 19.66 46.26 48.25
C ILE D 923 18.38 46.46 47.47
N ALA D 924 17.49 47.30 48.00
CA ALA D 924 16.24 47.58 47.31
C ALA D 924 16.48 48.25 45.98
N ASN D 925 17.55 49.04 45.88
CA ASN D 925 17.82 49.72 44.62
C ASN D 925 18.34 48.75 43.58
N GLN D 926 19.29 47.89 43.95
CA GLN D 926 19.76 46.87 43.03
C GLN D 926 18.60 46.04 42.52
N PHE D 927 17.75 45.57 43.42
CA PHE D 927 16.62 44.76 42.98
C PHE D 927 15.71 45.57 42.07
N ASN D 928 15.36 46.79 42.47
CA ASN D 928 14.49 47.61 41.63
C ASN D 928 15.14 47.87 40.28
N SER D 929 16.44 48.11 40.26
CA SER D 929 17.15 48.35 39.01
C SER D 929 17.25 47.11 38.16
N ALA D 930 17.56 45.95 38.77
CA ALA D 930 17.67 44.73 38.00
C ALA D 930 16.38 44.41 37.27
N ILE D 931 15.25 44.64 37.91
CA ILE D 931 13.96 44.40 37.25
C ILE D 931 13.80 45.31 36.06
N GLY D 932 14.35 46.52 36.15
CA GLY D 932 14.23 47.44 35.04
C GLY D 932 14.88 46.93 33.77
N LYS D 933 16.09 46.38 33.89
CA LYS D 933 16.80 45.94 32.70
C LYS D 933 16.09 44.80 32.01
N ILE D 934 15.23 44.09 32.72
CA ILE D 934 14.57 42.93 32.14
C ILE D 934 13.75 43.34 30.93
N GLN D 935 12.79 44.23 31.12
CA GLN D 935 11.95 44.64 30.01
C GLN D 935 12.76 45.26 28.89
N ASP D 936 13.86 45.93 29.23
CA ASP D 936 14.72 46.48 28.18
C ASP D 936 15.38 45.36 27.39
N SER D 937 16.01 44.42 28.08
CA SER D 937 16.60 43.28 27.41
C SER D 937 15.53 42.47 26.68
N LEU D 938 14.31 42.48 27.20
CA LEU D 938 13.24 41.76 26.51
C LEU D 938 12.75 42.54 25.30
N SER D 939 12.54 43.85 25.47
CA SER D 939 11.97 44.63 24.37
C SER D 939 12.99 44.78 23.24
N SER D 940 14.21 45.18 23.57
CA SER D 940 15.21 45.45 22.54
C SER D 940 15.56 44.19 21.78
N THR D 941 16.17 43.23 22.46
CA THR D 941 16.70 42.06 21.77
C THR D 941 15.55 41.17 21.31
N ALA D 942 15.31 41.15 20.00
CA ALA D 942 14.43 40.16 19.43
C ALA D 942 15.08 38.79 19.54
N SER D 943 14.28 37.74 19.32
CA SER D 943 14.70 36.36 19.55
C SER D 943 14.99 36.12 21.02
N ALA D 944 14.31 36.85 21.88
CA ALA D 944 14.42 36.65 23.32
C ALA D 944 13.51 35.54 23.83
N LEU D 945 12.45 35.24 23.09
CA LEU D 945 11.50 34.18 23.41
C LEU D 945 11.67 33.05 22.42
N GLY D 946 12.92 32.64 22.21
CA GLY D 946 13.17 31.58 21.26
C GLY D 946 12.41 30.32 21.60
N LYS D 947 12.32 30.00 22.89
CA LYS D 947 11.73 28.71 23.27
C LYS D 947 10.24 28.67 22.96
N LEU D 948 9.49 29.69 23.37
CA LEU D 948 8.07 29.68 23.10
C LEU D 948 7.76 29.77 21.62
N GLN D 949 8.64 30.42 20.85
CA GLN D 949 8.34 30.64 19.44
C GLN D 949 8.45 29.36 18.64
N ASP D 950 9.40 28.50 19.01
CA ASP D 950 9.52 27.24 18.29
C ASP D 950 8.28 26.41 18.44
N VAL D 951 7.85 26.18 19.68
CA VAL D 951 6.68 25.36 19.93
C VAL D 951 5.47 25.91 19.20
N VAL D 952 5.51 27.18 18.83
CA VAL D 952 4.49 27.70 17.92
C VAL D 952 4.90 27.47 16.48
N ASN D 953 6.18 27.67 16.17
CA ASN D 953 6.62 27.49 14.80
C ASN D 953 6.50 26.03 14.39
N GLN D 954 7.12 25.12 15.13
CA GLN D 954 7.06 23.71 14.77
C GLN D 954 5.63 23.25 14.63
N ASN D 955 4.82 23.49 15.65
CA ASN D 955 3.50 22.92 15.70
C ASN D 955 2.61 23.52 14.62
N ALA D 956 2.98 24.69 14.10
CA ALA D 956 2.23 25.25 12.98
C ALA D 956 2.83 24.85 11.65
N GLN D 957 4.15 24.73 11.60
CA GLN D 957 4.79 24.18 10.41
C GLN D 957 4.31 22.76 10.15
N ALA D 958 4.13 21.97 11.21
CA ALA D 958 3.70 20.59 11.02
C ALA D 958 2.29 20.53 10.47
N LEU D 959 1.42 21.43 10.92
CA LEU D 959 0.08 21.50 10.36
C LEU D 959 0.12 21.86 8.89
N ASN D 960 1.02 22.75 8.51
CA ASN D 960 1.11 23.17 7.13
C ASN D 960 1.37 22.00 6.21
N THR D 961 2.31 21.13 6.60
CA THR D 961 2.61 19.98 5.77
C THR D 961 1.43 19.05 5.69
N LEU D 962 0.60 19.03 6.72
CA LEU D 962 -0.55 18.14 6.70
C LEU D 962 -1.51 18.55 5.61
N VAL D 963 -1.63 19.84 5.35
CA VAL D 963 -2.56 20.32 4.36
C VAL D 963 -1.96 20.26 2.97
N LYS D 964 -0.69 20.63 2.84
CA LYS D 964 -0.01 20.50 1.55
C LYS D 964 -0.16 19.10 1.00
N GLN D 965 -0.24 18.11 1.88
CA GLN D 965 -0.36 16.74 1.43
C GLN D 965 -1.71 16.45 0.81
N LEU D 966 -2.66 17.37 0.92
CA LEU D 966 -3.93 17.14 0.25
C LEU D 966 -3.81 17.34 -1.24
N SER D 967 -2.76 17.99 -1.69
CA SER D 967 -2.58 18.29 -3.10
C SER D 967 -1.69 17.29 -3.81
N SER D 968 -1.47 16.11 -3.25
CA SER D 968 -0.58 15.14 -3.88
C SER D 968 -1.38 14.05 -4.58
N ASN D 969 -0.81 13.51 -5.64
CA ASN D 969 -1.47 12.45 -6.38
C ASN D 969 -1.45 11.13 -5.66
N PHE D 970 -0.33 10.79 -5.03
CA PHE D 970 -0.03 9.45 -4.56
C PHE D 970 -0.18 8.41 -5.66
N GLY D 971 -0.28 8.85 -6.91
CA GLY D 971 -0.43 7.92 -8.00
C GLY D 971 -1.78 7.91 -8.66
N ALA D 972 -2.79 8.52 -8.05
CA ALA D 972 -4.07 8.58 -8.71
C ALA D 972 -4.00 9.56 -9.89
N ILE D 973 -5.11 9.66 -10.61
CA ILE D 973 -5.11 10.51 -11.79
C ILE D 973 -5.11 11.97 -11.38
N SER D 974 -5.66 12.27 -10.21
CA SER D 974 -5.78 13.66 -9.81
C SER D 974 -5.94 13.72 -8.30
N SER D 975 -5.49 14.83 -7.73
CA SER D 975 -5.43 14.95 -6.28
C SER D 975 -6.71 15.49 -5.69
N VAL D 976 -7.66 15.92 -6.50
CA VAL D 976 -8.91 16.47 -5.98
C VAL D 976 -9.99 15.42 -6.08
N LEU D 977 -10.48 14.97 -4.92
CA LEU D 977 -11.35 13.81 -4.90
C LEU D 977 -12.61 14.04 -5.72
N ASN D 978 -12.98 15.31 -5.95
CA ASN D 978 -14.18 15.56 -6.72
C ASN D 978 -14.01 15.17 -8.18
N ASP D 979 -12.88 15.54 -8.79
CA ASP D 979 -12.72 15.26 -10.20
C ASP D 979 -12.64 13.76 -10.45
N ILE D 980 -11.75 13.06 -9.76
CA ILE D 980 -11.71 11.60 -9.90
C ILE D 980 -13.10 11.03 -9.69
N LEU D 981 -13.91 11.70 -8.88
CA LEU D 981 -15.28 11.25 -8.68
C LEU D 981 -16.19 11.80 -9.76
N SER D 982 -15.87 12.98 -10.28
CA SER D 982 -16.74 13.61 -11.26
C SER D 982 -16.72 12.84 -12.57
N ARG D 983 -15.56 12.35 -12.97
CA ARG D 983 -15.40 11.81 -14.32
C ARG D 983 -14.97 10.36 -14.36
N LEU D 984 -15.56 9.50 -13.52
CA LEU D 984 -15.21 8.09 -13.54
C LEU D 984 -16.37 7.27 -13.01
N ASP D 985 -16.55 6.10 -13.58
CA ASP D 985 -17.61 5.20 -13.13
C ASP D 985 -17.21 4.56 -11.81
N PRO D 986 -18.16 4.29 -10.93
CA PRO D 986 -17.82 3.85 -9.57
C PRO D 986 -16.93 2.61 -9.54
N PRO D 987 -17.12 1.62 -10.43
CA PRO D 987 -16.24 0.44 -10.36
C PRO D 987 -14.78 0.80 -10.54
N GLU D 988 -14.49 1.68 -11.48
CA GLU D 988 -13.10 2.03 -11.73
C GLU D 988 -12.64 3.12 -10.77
N ALA D 989 -13.54 4.04 -10.41
CA ALA D 989 -13.14 5.17 -9.60
C ALA D 989 -12.52 4.74 -8.29
N GLU D 990 -13.17 3.82 -7.58
CA GLU D 990 -12.69 3.46 -6.26
C GLU D 990 -11.29 2.85 -6.31
N VAL D 991 -10.82 2.48 -7.49
CA VAL D 991 -9.45 2.00 -7.61
C VAL D 991 -8.48 3.17 -7.50
N GLN D 992 -8.91 4.34 -7.94
CA GLN D 992 -8.10 5.54 -7.76
C GLN D 992 -8.33 6.15 -6.39
N ILE D 993 -9.60 6.20 -5.97
CA ILE D 993 -9.90 6.72 -4.65
C ILE D 993 -9.14 5.94 -3.59
N ASP D 994 -8.89 4.68 -3.85
CA ASP D 994 -8.14 3.88 -2.90
C ASP D 994 -6.70 4.34 -2.81
N ARG D 995 -6.16 4.90 -3.89
CA ARG D 995 -4.77 5.33 -3.85
C ARG D 995 -4.62 6.65 -3.11
N LEU D 996 -5.70 7.42 -3.04
CA LEU D 996 -5.67 8.62 -2.20
C LEU D 996 -5.87 8.26 -0.75
N ILE D 997 -6.92 7.51 -0.45
CA ILE D 997 -7.19 7.11 0.93
C ILE D 997 -5.95 6.46 1.54
N THR D 998 -5.31 5.57 0.80
CA THR D 998 -4.15 4.88 1.34
C THR D 998 -3.01 5.84 1.57
N GLY D 999 -3.09 7.03 0.99
CA GLY D 999 -2.04 8.00 1.18
C GLY D 999 -2.40 9.04 2.21
N ARG D 1000 -3.58 9.63 2.07
CA ARG D 1000 -4.01 10.62 3.03
C ARG D 1000 -4.08 10.03 4.41
N LEU D 1001 -4.32 8.73 4.52
CA LEU D 1001 -4.26 8.08 5.81
C LEU D 1001 -2.84 8.03 6.34
N GLN D 1002 -1.91 7.52 5.53
CA GLN D 1002 -0.54 7.41 5.98
C GLN D 1002 0.07 8.77 6.29
N SER D 1003 -0.44 9.82 5.67
CA SER D 1003 0.08 11.16 5.95
C SER D 1003 -0.63 11.81 7.12
N LEU D 1004 -1.83 11.34 7.45
CA LEU D 1004 -2.48 11.84 8.64
C LEU D 1004 -2.00 11.10 9.86
N GLN D 1005 -1.68 9.83 9.69
CA GLN D 1005 -1.20 9.03 10.81
C GLN D 1005 0.26 9.32 11.08
N THR D 1006 0.96 9.91 10.12
CA THR D 1006 2.30 10.42 10.40
C THR D 1006 2.23 11.68 11.23
N TYR D 1007 1.26 12.54 10.94
CA TYR D 1007 1.11 13.76 11.71
C TYR D 1007 0.75 13.44 13.15
N VAL D 1008 -0.16 12.49 13.36
CA VAL D 1008 -0.56 12.18 14.72
C VAL D 1008 0.62 11.70 15.53
N THR D 1009 1.40 10.78 14.97
CA THR D 1009 2.53 10.23 15.70
C THR D 1009 3.50 11.32 16.11
N GLN D 1010 3.81 12.24 15.20
CA GLN D 1010 4.77 13.27 15.55
C GLN D 1010 4.23 14.20 16.61
N GLN D 1011 2.90 14.27 16.76
CA GLN D 1011 2.34 15.09 17.83
C GLN D 1011 2.39 14.36 19.16
N LEU D 1012 2.05 13.08 19.17
CA LEU D 1012 2.12 12.31 20.39
C LEU D 1012 3.53 12.33 20.95
N ILE D 1013 4.52 12.43 20.07
CA ILE D 1013 5.91 12.55 20.53
C ILE D 1013 6.19 13.96 20.97
N ARG D 1014 5.66 14.93 20.23
CA ARG D 1014 5.92 16.32 20.54
C ARG D 1014 5.19 16.74 21.80
N ALA D 1015 4.03 16.15 22.06
CA ALA D 1015 3.29 16.49 23.27
C ALA D 1015 3.99 15.93 24.50
N ALA D 1016 4.69 14.82 24.35
CA ALA D 1016 5.40 14.27 25.48
C ALA D 1016 6.63 15.11 25.81
N GLU D 1017 7.11 15.88 24.83
CA GLU D 1017 8.21 16.79 25.13
C GLU D 1017 7.72 17.99 25.88
N ILE D 1018 6.44 18.31 25.75
CA ILE D 1018 5.89 19.45 26.46
C ILE D 1018 5.42 19.04 27.85
N ARG D 1019 4.84 17.85 27.97
CA ARG D 1019 4.48 17.35 29.28
C ARG D 1019 5.72 17.15 30.13
N ALA D 1020 6.88 17.11 29.49
CA ALA D 1020 8.12 17.06 30.26
C ALA D 1020 8.53 18.45 30.69
N SER D 1021 8.08 19.46 29.95
CA SER D 1021 8.36 20.83 30.36
C SER D 1021 7.27 21.37 31.27
N ALA D 1022 6.03 21.07 30.96
CA ALA D 1022 4.94 21.43 31.84
C ALA D 1022 5.16 20.86 33.24
N ASN D 1023 5.75 19.67 33.32
CA ASN D 1023 6.08 19.11 34.63
C ASN D 1023 7.26 19.81 35.24
N LEU D 1024 8.16 20.32 34.43
CA LEU D 1024 9.30 21.04 34.97
C LEU D 1024 8.89 22.42 35.44
N ALA D 1025 7.90 23.01 34.79
CA ALA D 1025 7.41 24.30 35.25
C ALA D 1025 6.50 24.12 36.44
N ALA D 1026 5.82 22.98 36.52
CA ALA D 1026 5.01 22.71 37.69
C ALA D 1026 5.89 22.52 38.91
N THR D 1027 7.15 22.17 38.68
CA THR D 1027 8.08 22.01 39.79
C THR D 1027 8.74 23.33 40.12
N LYS D 1028 9.19 24.06 39.11
CA LYS D 1028 9.88 25.31 39.37
C LYS D 1028 8.96 26.31 40.05
N MET D 1029 7.66 26.14 39.92
CA MET D 1029 6.73 27.02 40.62
C MET D 1029 6.50 26.53 42.03
N SER D 1030 6.51 25.23 42.24
CA SER D 1030 6.29 24.71 43.58
C SER D 1030 7.55 24.75 44.41
N GLU D 1031 8.70 24.81 43.75
CA GLU D 1031 9.97 24.72 44.44
C GLU D 1031 10.67 26.06 44.55
N CYS D 1032 10.26 27.05 43.79
CA CYS D 1032 10.95 28.34 43.79
C CYS D 1032 10.03 29.52 43.97
N VAL D 1033 8.79 29.44 43.53
CA VAL D 1033 7.82 30.48 43.81
C VAL D 1033 7.16 30.26 45.15
N LEU D 1034 6.87 29.02 45.49
CA LEU D 1034 6.22 28.71 46.75
C LEU D 1034 7.21 28.37 47.83
N GLY D 1035 8.48 28.62 47.60
CA GLY D 1035 9.49 28.38 48.62
C GLY D 1035 10.80 28.88 48.10
N GLN D 1036 11.84 28.72 48.91
CA GLN D 1036 13.19 29.08 48.48
C GLN D 1036 13.95 27.78 48.30
N SER D 1037 14.35 27.50 47.07
CA SER D 1037 14.92 26.21 46.76
C SER D 1037 16.40 26.16 47.07
N LYS D 1038 16.83 25.07 47.70
CA LYS D 1038 18.23 24.87 47.99
C LYS D 1038 18.97 24.12 46.90
N ARG D 1039 18.28 23.62 45.88
CA ARG D 1039 18.95 22.89 44.82
C ARG D 1039 19.89 23.82 44.09
N VAL D 1040 21.11 23.35 43.82
CA VAL D 1040 22.05 24.20 43.12
C VAL D 1040 21.66 24.35 41.67
N ASP D 1041 21.69 25.59 41.19
CA ASP D 1041 21.50 25.92 39.80
C ASP D 1041 20.17 25.47 39.24
N PHE D 1042 19.21 25.16 40.10
CA PHE D 1042 17.86 24.89 39.62
C PHE D 1042 17.16 26.16 39.22
N CYS D 1043 17.19 27.16 40.11
CA CYS D 1043 16.51 28.43 39.90
C CYS D 1043 17.57 29.52 39.76
N GLY D 1044 18.07 29.67 38.53
CA GLY D 1044 19.01 30.73 38.23
C GLY D 1044 20.42 30.48 38.71
N LYS D 1045 21.38 31.04 38.00
CA LYS D 1045 22.77 30.94 38.43
C LYS D 1045 22.99 31.78 39.68
N GLY D 1046 23.42 31.12 40.74
CA GLY D 1046 23.65 31.79 42.00
C GLY D 1046 22.77 31.21 43.09
N TYR D 1047 22.97 31.71 44.30
CA TYR D 1047 22.16 31.30 45.43
C TYR D 1047 20.79 31.91 45.23
N HIS D 1048 19.74 31.14 45.50
CA HIS D 1048 18.40 31.59 45.16
C HIS D 1048 17.85 32.51 46.23
N LEU D 1049 17.10 33.51 45.82
CA LEU D 1049 16.34 34.30 46.76
C LEU D 1049 14.84 34.16 46.60
N MET D 1050 14.32 34.28 45.38
CA MET D 1050 12.90 34.11 45.14
C MET D 1050 12.66 34.02 43.64
N SER D 1051 11.40 33.93 43.25
CA SER D 1051 11.12 33.94 41.84
C SER D 1051 9.70 34.42 41.61
N PHE D 1052 9.45 34.88 40.40
CA PHE D 1052 8.21 35.53 40.04
C PHE D 1052 7.65 34.90 38.78
N PRO D 1053 6.49 34.30 38.84
CA PRO D 1053 5.88 33.80 37.62
C PRO D 1053 5.49 34.96 36.75
N GLN D 1054 5.43 34.70 35.46
CA GLN D 1054 4.81 35.63 34.53
C GLN D 1054 4.21 34.81 33.42
N SER D 1055 2.94 35.02 33.14
CA SER D 1055 2.35 34.27 32.04
C SER D 1055 3.03 34.66 30.74
N ALA D 1056 2.70 33.95 29.71
CA ALA D 1056 3.28 34.19 28.41
C ALA D 1056 2.28 33.63 27.42
N PRO D 1057 2.47 33.78 26.12
CA PRO D 1057 1.49 33.21 25.19
C PRO D 1057 1.13 31.78 25.49
N HIS D 1058 2.10 30.87 25.45
CA HIS D 1058 1.82 29.46 25.69
C HIS D 1058 2.79 28.85 26.66
N GLY D 1059 3.42 29.65 27.49
CA GLY D 1059 4.44 29.13 28.35
C GLY D 1059 4.36 29.77 29.70
N VAL D 1060 5.53 29.99 30.27
CA VAL D 1060 5.66 30.69 31.54
C VAL D 1060 7.05 31.27 31.57
N VAL D 1061 7.22 32.38 32.29
CA VAL D 1061 8.50 33.06 32.37
C VAL D 1061 8.78 33.33 33.82
N PHE D 1062 9.91 32.86 34.31
CA PHE D 1062 10.29 33.04 35.69
C PHE D 1062 11.36 34.11 35.76
N LEU D 1063 11.33 34.90 36.81
CA LEU D 1063 12.28 35.97 37.02
C LEU D 1063 13.10 35.65 38.25
N HIS D 1064 14.08 34.78 38.10
CA HIS D 1064 14.78 34.23 39.24
C HIS D 1064 15.65 35.30 39.85
N VAL D 1065 15.25 35.81 41.02
CA VAL D 1065 16.03 36.80 41.75
C VAL D 1065 17.05 36.08 42.60
N THR D 1066 18.32 36.14 42.23
CA THR D 1066 19.34 35.37 42.90
C THR D 1066 20.43 36.27 43.43
N TYR D 1067 21.10 35.79 44.47
CA TYR D 1067 22.19 36.47 45.12
C TYR D 1067 23.50 36.01 44.52
N VAL D 1068 24.36 36.94 44.13
CA VAL D 1068 25.64 36.61 43.50
C VAL D 1068 26.75 37.41 44.18
N PRO D 1069 27.69 36.77 44.85
CA PRO D 1069 28.76 37.51 45.50
C PRO D 1069 29.71 38.14 44.49
N ALA D 1070 30.54 39.05 44.99
CA ALA D 1070 31.52 39.73 44.15
C ALA D 1070 32.51 40.45 45.04
N GLN D 1071 33.53 41.03 44.40
CA GLN D 1071 34.57 41.78 45.10
C GLN D 1071 35.20 40.95 46.21
N GLU D 1072 35.93 39.93 45.78
CA GLU D 1072 36.58 39.02 46.70
C GLU D 1072 37.98 39.53 47.05
N LYS D 1073 38.44 39.19 48.24
CA LYS D 1073 39.77 39.50 48.70
C LYS D 1073 40.39 38.27 49.35
N ASN D 1074 41.70 38.12 49.16
CA ASN D 1074 42.43 36.98 49.68
C ASN D 1074 42.69 37.21 51.16
N PHE D 1075 42.62 36.16 51.95
CA PHE D 1075 43.03 36.20 53.34
C PHE D 1075 43.81 34.93 53.65
N THR D 1076 44.25 34.83 54.89
CA THR D 1076 44.97 33.66 55.36
C THR D 1076 44.09 32.87 56.32
N THR D 1077 44.04 31.56 56.12
CA THR D 1077 43.09 30.68 56.79
C THR D 1077 43.84 29.76 57.74
N ALA D 1078 43.12 29.23 58.71
CA ALA D 1078 43.70 28.28 59.63
C ALA D 1078 42.59 27.45 60.25
N PRO D 1079 42.69 26.12 60.15
CA PRO D 1079 41.52 25.29 60.43
C PRO D 1079 41.01 25.40 61.84
N ALA D 1080 41.87 25.69 62.80
CA ALA D 1080 41.42 25.79 64.17
C ALA D 1080 42.38 26.70 64.92
N ILE D 1081 42.02 27.01 66.16
CA ILE D 1081 42.82 27.89 66.97
C ILE D 1081 43.21 27.18 68.25
N CYS D 1082 44.49 26.85 68.37
CA CYS D 1082 45.00 26.18 69.54
C CYS D 1082 45.18 27.21 70.64
N HIS D 1083 44.30 27.18 71.63
CA HIS D 1083 44.37 28.11 72.74
C HIS D 1083 44.39 27.28 74.00
N ASP D 1084 45.32 27.56 74.91
CA ASP D 1084 45.49 26.77 76.11
C ASP D 1084 45.58 25.29 75.78
N GLY D 1085 46.33 24.96 74.73
CA GLY D 1085 46.51 23.59 74.32
C GLY D 1085 45.30 22.96 73.67
N LYS D 1086 44.11 23.45 73.95
CA LYS D 1086 42.91 22.94 73.31
C LYS D 1086 42.71 23.64 71.99
N ALA D 1087 42.12 22.94 71.05
CA ALA D 1087 41.82 23.51 69.74
C ALA D 1087 40.52 24.29 69.85
N HIS D 1088 40.31 25.22 68.94
CA HIS D 1088 39.06 25.94 68.85
C HIS D 1088 38.65 25.95 67.39
N PHE D 1089 37.58 25.43 67.13
CA PHE D 1089 36.96 25.35 65.84
C PHE D 1089 35.83 26.35 65.73
N PRO D 1090 35.62 26.94 64.56
CA PRO D 1090 34.60 27.97 64.42
C PRO D 1090 33.22 27.35 64.43
N ARG D 1091 32.31 27.98 65.17
CA ARG D 1091 30.94 27.48 65.18
C ARG D 1091 30.30 27.62 63.80
N GLU D 1092 30.22 28.86 63.32
CA GLU D 1092 29.66 29.16 62.00
C GLU D 1092 30.54 30.24 61.40
N GLY D 1093 31.61 29.83 60.75
CA GLY D 1093 32.55 30.78 60.23
C GLY D 1093 33.86 30.13 59.85
N VAL D 1094 34.80 30.95 59.40
CA VAL D 1094 36.11 30.49 58.97
C VAL D 1094 37.14 31.35 59.66
N PHE D 1095 38.20 30.73 60.16
CA PHE D 1095 39.19 31.51 60.90
C PHE D 1095 40.04 32.29 59.92
N VAL D 1096 39.91 33.61 59.96
CA VAL D 1096 40.46 34.48 58.94
C VAL D 1096 41.33 35.51 59.61
N SER D 1097 42.42 35.88 58.95
CA SER D 1097 43.34 36.89 59.46
C SER D 1097 43.68 37.89 58.38
N ASN D 1098 43.67 39.17 58.73
CA ASN D 1098 44.16 40.20 57.83
C ASN D 1098 45.67 40.36 57.93
N GLY D 1099 46.38 39.26 58.17
CA GLY D 1099 47.81 39.28 58.34
C GLY D 1099 48.18 39.44 59.79
N THR D 1100 47.55 40.40 60.47
CA THR D 1100 47.93 40.79 61.81
C THR D 1100 46.97 40.30 62.88
N HIS D 1101 45.67 40.36 62.62
CA HIS D 1101 44.67 40.00 63.61
C HIS D 1101 43.80 38.89 63.05
N TRP D 1102 43.50 37.91 63.89
CA TRP D 1102 42.70 36.77 63.48
C TRP D 1102 41.24 37.04 63.75
N PHE D 1103 40.37 36.46 62.93
CA PHE D 1103 38.94 36.64 63.09
C PHE D 1103 38.22 35.39 62.61
N VAL D 1104 36.92 35.36 62.89
CA VAL D 1104 35.98 34.43 62.32
C VAL D 1104 35.06 35.25 61.43
N THR D 1105 34.46 34.62 60.42
CA THR D 1105 33.49 35.36 59.65
C THR D 1105 32.55 34.39 58.97
N GLN D 1106 31.33 34.85 58.70
CA GLN D 1106 30.38 34.03 57.97
C GLN D 1106 30.97 33.72 56.60
N ARG D 1107 30.73 32.51 56.11
CA ARG D 1107 31.57 32.02 55.04
C ARG D 1107 31.25 32.67 53.69
N ASN D 1108 30.27 33.58 53.62
CA ASN D 1108 29.88 34.08 52.30
C ASN D 1108 29.78 35.60 52.22
N PHE D 1109 30.31 36.32 53.21
CA PHE D 1109 30.24 37.77 53.18
C PHE D 1109 31.20 38.31 54.22
N TYR D 1110 32.17 39.11 53.79
CA TYR D 1110 33.22 39.51 54.72
C TYR D 1110 32.66 40.34 55.86
N GLU D 1111 32.68 39.76 57.05
CA GLU D 1111 32.31 40.48 58.28
C GLU D 1111 33.01 39.79 59.44
N PRO D 1112 34.24 40.19 59.74
CA PRO D 1112 35.01 39.52 60.77
C PRO D 1112 34.58 39.95 62.16
N GLN D 1113 34.94 39.13 63.15
CA GLN D 1113 34.65 39.47 64.52
C GLN D 1113 35.73 38.91 65.42
N ILE D 1114 35.79 39.46 66.64
CA ILE D 1114 36.79 39.05 67.62
C ILE D 1114 36.45 37.67 68.14
N ILE D 1115 37.48 36.83 68.28
CA ILE D 1115 37.25 35.42 68.57
C ILE D 1115 36.97 35.28 70.06
N THR D 1116 35.71 35.48 70.45
CA THR D 1116 35.31 35.22 71.82
C THR D 1116 35.12 33.73 71.95
N THR D 1117 34.50 33.30 73.05
CA THR D 1117 34.30 31.87 73.23
C THR D 1117 32.95 31.41 72.69
N ASP D 1118 31.96 32.29 72.65
CA ASP D 1118 30.62 31.90 72.25
C ASP D 1118 30.47 31.76 70.76
N ASN D 1119 31.52 32.02 69.99
CA ASN D 1119 31.49 31.74 68.57
C ASN D 1119 32.53 30.71 68.16
N THR D 1120 33.11 30.00 69.12
CA THR D 1120 33.96 28.85 68.85
C THR D 1120 33.54 27.71 69.78
N PHE D 1121 33.73 26.48 69.32
CA PHE D 1121 33.59 25.36 70.23
C PHE D 1121 34.87 24.54 70.26
N VAL D 1122 35.10 23.90 71.39
CA VAL D 1122 36.40 23.32 71.74
C VAL D 1122 36.30 21.81 71.70
N SER D 1123 37.43 21.15 71.41
CA SER D 1123 37.50 19.70 71.46
C SER D 1123 38.95 19.26 71.47
N GLY D 1124 39.38 18.63 72.54
CA GLY D 1124 40.68 17.99 72.59
C GLY D 1124 41.84 18.98 72.62
N ASN D 1125 43.03 18.44 72.91
CA ASN D 1125 44.25 19.21 72.87
C ASN D 1125 44.59 19.54 71.41
N CYS D 1126 45.56 20.43 71.22
CA CYS D 1126 45.87 20.93 69.89
C CYS D 1126 47.10 20.26 69.28
N ASP D 1127 47.24 18.95 69.42
CA ASP D 1127 48.34 18.24 68.78
C ASP D 1127 47.91 17.49 67.53
N VAL D 1128 46.61 17.24 67.38
CA VAL D 1128 46.15 16.38 66.31
C VAL D 1128 46.13 17.12 64.98
N VAL D 1129 45.23 18.08 64.84
CA VAL D 1129 44.85 18.60 63.53
C VAL D 1129 45.91 19.57 63.05
N ILE D 1130 46.37 19.38 61.83
CA ILE D 1130 47.52 20.11 61.31
C ILE D 1130 47.05 21.43 60.73
N GLY D 1131 47.79 22.49 61.00
CA GLY D 1131 47.52 23.79 60.42
C GLY D 1131 47.03 24.82 61.40
N ILE D 1132 46.73 24.43 62.62
CA ILE D 1132 46.20 25.37 63.60
C ILE D 1132 47.26 26.40 63.94
N VAL D 1133 46.85 27.50 64.55
CA VAL D 1133 47.79 28.53 64.97
C VAL D 1133 47.56 28.83 66.43
N ASN D 1134 48.58 29.39 67.07
CA ASN D 1134 48.49 29.79 68.46
C ASN D 1134 47.89 31.20 68.54
N ASN D 1135 46.82 31.35 69.30
CA ASN D 1135 46.14 32.63 69.38
C ASN D 1135 45.49 32.75 70.75
N THR D 1136 44.81 33.87 70.98
CA THR D 1136 44.13 34.12 72.23
C THR D 1136 42.64 34.32 72.00
N VAL D 1137 41.85 33.49 72.65
CA VAL D 1137 40.39 33.58 72.62
C VAL D 1137 39.95 34.22 73.92
N TYR D 1138 39.47 35.45 73.84
CA TYR D 1138 39.11 36.19 75.03
C TYR D 1138 37.76 35.73 75.55
N ASP D 1139 37.61 35.73 76.87
CA ASP D 1139 36.36 35.34 77.51
C ASP D 1139 35.62 36.60 77.96
N PRO D 1140 34.36 36.78 77.56
CA PRO D 1140 33.61 37.95 78.04
C PRO D 1140 33.25 37.88 79.51
N LEU D 1141 33.33 36.71 80.14
CA LEU D 1141 32.99 36.64 81.56
C LEU D 1141 34.05 37.33 82.42
N GLN D 1142 35.31 37.27 82.01
CA GLN D 1142 36.38 37.81 82.85
C GLN D 1142 36.24 39.30 83.11
N PRO D 1143 35.97 40.17 82.13
CA PRO D 1143 35.77 41.59 82.48
C PRO D 1143 34.59 41.85 83.39
N GLU D 1144 33.73 40.85 83.61
CA GLU D 1144 32.62 41.00 84.53
C GLU D 1144 32.93 40.48 85.92
N LEU D 1145 33.96 39.64 86.06
CA LEU D 1145 34.39 39.21 87.37
C LEU D 1145 35.09 40.31 88.15
N ASP D 1146 35.59 41.34 87.47
CA ASP D 1146 36.36 42.41 88.11
C ASP D 1146 35.54 43.69 88.23
N ALA E 27 25.97 -50.45 10.09
CA ALA E 27 27.32 -50.08 10.51
C ALA E 27 27.40 -48.59 10.80
N TYR E 28 26.33 -48.06 11.39
CA TYR E 28 26.13 -46.62 11.50
C TYR E 28 27.33 -45.92 12.14
N THR E 29 27.50 -44.64 11.79
CA THR E 29 28.51 -43.81 12.42
C THR E 29 27.99 -42.38 12.49
N ASN E 30 28.68 -41.54 13.26
CA ASN E 30 28.21 -40.18 13.47
C ASN E 30 28.85 -39.22 12.46
N SER E 31 28.01 -38.41 11.82
CA SER E 31 28.52 -37.51 10.75
C SER E 31 29.39 -36.39 11.33
N PHE E 32 29.31 -36.16 12.65
CA PHE E 32 30.09 -35.06 13.28
C PHE E 32 29.71 -33.73 12.63
N THR E 33 30.70 -33.01 12.10
CA THR E 33 30.45 -31.70 11.44
C THR E 33 31.04 -31.75 10.03
N ARG E 34 30.40 -32.51 9.13
CA ARG E 34 30.91 -32.67 7.74
C ARG E 34 29.74 -32.48 6.77
N GLY E 35 30.02 -32.19 5.50
CA GLY E 35 28.96 -32.03 4.49
C GLY E 35 28.63 -30.57 4.25
N VAL E 36 29.43 -29.66 4.80
CA VAL E 36 29.23 -28.24 4.61
C VAL E 36 29.89 -27.81 3.31
N TYR E 37 29.16 -27.06 2.50
CA TYR E 37 29.61 -26.71 1.16
C TYR E 37 29.15 -25.32 0.81
N TYR E 38 29.92 -24.64 -0.02
CA TYR E 38 29.58 -23.29 -0.44
C TYR E 38 28.30 -23.30 -1.24
N PRO E 39 27.23 -22.65 -0.78
CA PRO E 39 25.98 -22.71 -1.53
C PRO E 39 25.94 -21.84 -2.77
N ASP E 40 26.97 -21.04 -3.00
CA ASP E 40 26.99 -20.25 -4.27
C ASP E 40 28.41 -19.78 -4.49
N LYS E 41 28.58 -18.58 -5.04
CA LYS E 41 29.93 -18.02 -5.36
C LYS E 41 30.00 -16.66 -4.69
N VAL E 42 28.90 -15.91 -4.70
CA VAL E 42 28.77 -14.59 -4.06
C VAL E 42 29.81 -14.47 -2.96
N PHE E 43 30.98 -13.99 -3.29
CA PHE E 43 32.07 -13.89 -2.33
C PHE E 43 31.62 -13.08 -1.13
N ARG E 44 31.80 -13.66 0.06
CA ARG E 44 31.50 -12.98 1.30
C ARG E 44 32.69 -13.11 2.23
N SER E 45 32.85 -12.16 3.13
CA SER E 45 34.03 -12.18 4.00
C SER E 45 33.66 -11.68 5.38
N SER E 46 34.10 -12.43 6.39
CA SER E 46 33.83 -12.10 7.78
C SER E 46 32.37 -11.79 8.02
N VAL E 47 31.50 -12.73 7.71
CA VAL E 47 30.06 -12.56 7.85
C VAL E 47 29.47 -13.84 8.40
N LEU E 48 28.64 -13.72 9.42
CA LEU E 48 27.82 -14.84 9.88
C LEU E 48 26.56 -14.86 9.04
N HIS E 49 26.70 -15.35 7.82
CA HIS E 49 25.60 -15.32 6.88
C HIS E 49 24.70 -16.53 7.08
N SER E 50 23.41 -16.30 7.06
CA SER E 50 22.44 -17.36 7.23
C SER E 50 21.95 -17.80 5.87
N THR E 51 21.57 -19.06 5.77
CA THR E 51 21.03 -19.56 4.50
C THR E 51 20.13 -20.75 4.81
N GLN E 52 19.36 -21.16 3.82
CA GLN E 52 18.47 -22.31 3.95
C GLN E 52 18.62 -23.17 2.71
N ASP E 53 19.35 -24.27 2.85
CA ASP E 53 19.63 -25.14 1.72
C ASP E 53 19.52 -26.58 2.18
N LEU E 54 19.84 -27.49 1.27
CA LEU E 54 19.94 -28.92 1.55
C LEU E 54 21.35 -29.19 2.03
N PHE E 55 21.44 -29.71 3.25
CA PHE E 55 22.70 -29.98 3.91
C PHE E 55 22.66 -31.33 4.60
N LEU E 56 23.82 -31.76 5.08
CA LEU E 56 23.92 -32.95 5.89
C LEU E 56 23.68 -32.58 7.35
N PRO E 57 22.57 -32.98 7.95
CA PRO E 57 22.31 -32.62 9.35
C PRO E 57 23.47 -33.03 10.24
N PHE E 58 23.72 -32.22 11.26
CA PHE E 58 24.84 -32.51 12.15
C PHE E 58 24.56 -33.72 13.01
N PHE E 59 25.60 -34.51 13.25
CA PHE E 59 25.54 -35.69 14.11
C PHE E 59 24.44 -36.65 13.69
N SER E 60 24.40 -37.02 12.41
CA SER E 60 23.45 -38.04 11.98
C SER E 60 24.14 -39.38 11.84
N ASN E 61 23.35 -40.46 11.93
CA ASN E 61 23.90 -41.79 11.75
C ASN E 61 23.93 -42.15 10.27
N VAL E 62 25.10 -42.57 9.83
CA VAL E 62 25.37 -42.88 8.43
C VAL E 62 25.58 -44.37 8.30
N THR E 63 25.23 -44.91 7.14
CA THR E 63 25.37 -46.34 6.84
C THR E 63 26.77 -46.54 6.28
N TRP E 64 27.60 -47.27 7.01
CA TRP E 64 29.00 -47.46 6.66
C TRP E 64 29.12 -48.73 5.83
N PHE E 65 29.07 -48.57 4.52
CA PHE E 65 29.20 -49.72 3.63
C PHE E 65 30.66 -50.09 3.47
N HIS E 66 30.88 -51.32 3.01
CA HIS E 66 32.20 -51.90 2.99
C HIS E 66 32.27 -53.09 2.03
N ASP E 80 30.58 -55.99 -1.20
CA ASP E 80 29.42 -55.98 -2.07
C ASP E 80 28.66 -54.66 -1.96
N ASN E 81 28.15 -54.16 -3.09
CA ASN E 81 27.64 -52.80 -3.18
C ASN E 81 26.19 -52.79 -3.66
N PRO E 82 25.22 -52.76 -2.76
CA PRO E 82 23.81 -52.72 -3.19
C PRO E 82 23.42 -51.37 -3.77
N VAL E 83 22.20 -51.31 -4.28
CA VAL E 83 21.64 -50.08 -4.81
C VAL E 83 21.05 -49.27 -3.66
N LEU E 84 21.12 -47.95 -3.77
CA LEU E 84 20.77 -47.07 -2.66
C LEU E 84 19.90 -45.91 -3.13
N PRO E 85 18.87 -45.54 -2.37
CA PRO E 85 18.05 -44.39 -2.76
C PRO E 85 18.86 -43.11 -2.74
N PHE E 86 18.51 -42.18 -3.62
CA PHE E 86 19.19 -40.89 -3.61
C PHE E 86 18.69 -39.99 -2.50
N ASN E 87 17.37 -39.84 -2.40
CA ASN E 87 16.74 -39.00 -1.39
C ASN E 87 17.32 -37.57 -1.42
N ASP E 88 17.02 -36.88 -2.51
CA ASP E 88 17.32 -35.47 -2.73
C ASP E 88 18.81 -35.20 -2.82
N GLY E 89 19.66 -36.14 -2.44
CA GLY E 89 21.07 -35.86 -2.41
C GLY E 89 21.81 -36.76 -1.45
N VAL E 90 23.12 -36.93 -1.66
CA VAL E 90 23.84 -37.93 -0.91
C VAL E 90 25.23 -37.44 -0.54
N TYR E 91 25.59 -37.57 0.73
CA TYR E 91 26.98 -37.44 1.12
C TYR E 91 27.70 -38.76 0.91
N PHE E 92 28.96 -38.70 0.48
CA PHE E 92 29.73 -39.92 0.25
C PHE E 92 31.21 -39.66 0.46
N ALA E 93 31.81 -40.40 1.38
CA ALA E 93 33.20 -40.22 1.74
C ALA E 93 33.92 -41.55 1.70
N SER E 94 35.09 -41.56 1.07
CA SER E 94 35.90 -42.77 1.01
C SER E 94 37.33 -42.42 1.38
N THR E 95 38.07 -43.44 1.80
CA THR E 95 39.45 -43.23 2.21
C THR E 95 40.42 -43.73 1.16
N ASN E 99 43.87 -44.67 -3.63
CA ASN E 99 43.55 -44.71 -5.06
C ASN E 99 43.03 -46.08 -5.45
N ILE E 100 41.76 -46.32 -5.16
CA ILE E 100 41.12 -47.61 -5.39
C ILE E 100 39.77 -47.45 -6.09
N ILE E 101 38.90 -46.62 -5.51
CA ILE E 101 37.50 -46.60 -5.93
C ILE E 101 37.35 -45.99 -7.32
N ARG E 102 36.27 -46.36 -7.99
CA ARG E 102 35.97 -45.87 -9.33
C ARG E 102 34.69 -45.06 -9.27
N GLY E 103 34.16 -44.68 -10.44
CA GLY E 103 33.04 -43.77 -10.49
C GLY E 103 31.77 -44.35 -9.90
N TRP E 104 30.68 -43.61 -10.12
CA TRP E 104 29.37 -43.89 -9.56
C TRP E 104 28.37 -44.11 -10.68
N ILE E 105 27.19 -44.58 -10.29
CA ILE E 105 26.06 -44.68 -11.21
C ILE E 105 24.82 -44.25 -10.46
N PHE E 106 23.96 -43.48 -11.13
CA PHE E 106 22.70 -43.06 -10.56
C PHE E 106 21.61 -43.25 -11.61
N GLY E 107 20.37 -43.27 -11.18
CA GLY E 107 19.29 -43.32 -12.13
C GLY E 107 17.98 -43.64 -11.44
N THR E 108 16.97 -43.88 -12.27
CA THR E 108 15.67 -44.31 -11.79
C THR E 108 15.55 -45.83 -11.75
N THR E 109 15.97 -46.50 -12.82
CA THR E 109 15.94 -47.95 -12.88
C THR E 109 17.26 -48.56 -13.33
N LEU E 110 18.24 -47.75 -13.71
CA LEU E 110 19.59 -48.22 -14.04
C LEU E 110 19.56 -49.22 -15.20
N ASP E 111 18.75 -48.90 -16.21
CA ASP E 111 18.65 -49.74 -17.41
C ASP E 111 18.27 -48.86 -18.58
N SER E 112 18.46 -49.40 -19.80
CA SER E 112 18.11 -48.70 -21.02
C SER E 112 16.64 -48.33 -21.11
N LYS E 113 15.83 -48.79 -20.16
CA LYS E 113 14.40 -48.44 -20.16
C LYS E 113 14.21 -46.94 -19.96
N THR E 114 14.81 -46.40 -18.90
CA THR E 114 14.68 -45.00 -18.55
C THR E 114 16.05 -44.33 -18.55
N GLN E 115 16.05 -43.01 -18.52
CA GLN E 115 17.29 -42.24 -18.50
C GLN E 115 18.14 -42.60 -17.30
N SER E 116 19.45 -42.66 -17.51
CA SER E 116 20.39 -43.05 -16.46
C SER E 116 21.55 -42.07 -16.48
N LEU E 117 22.24 -41.95 -15.35
CA LEU E 117 23.40 -41.09 -15.24
C LEU E 117 24.59 -41.93 -14.79
N LEU E 118 25.69 -41.80 -15.52
CA LEU E 118 26.88 -42.60 -15.27
C LEU E 118 28.09 -41.68 -15.24
N ILE E 119 28.75 -41.61 -14.08
CA ILE E 119 30.00 -40.87 -13.96
C ILE E 119 31.10 -41.90 -13.73
N VAL E 120 31.87 -42.16 -14.79
CA VAL E 120 32.98 -43.10 -14.67
C VAL E 120 34.21 -42.33 -14.20
N ASN E 121 35.18 -43.03 -13.67
CA ASN E 121 36.44 -42.42 -13.28
C ASN E 121 37.55 -43.16 -14.00
N ASN E 122 38.38 -42.42 -14.73
CA ASN E 122 39.38 -43.00 -15.61
C ASN E 122 40.79 -42.96 -15.03
N ALA E 123 41.00 -42.22 -13.93
CA ALA E 123 42.32 -41.94 -13.38
C ALA E 123 43.15 -41.14 -14.37
N THR E 124 42.55 -40.78 -15.50
CA THR E 124 43.14 -39.94 -16.52
C THR E 124 42.24 -38.79 -16.92
N ASN E 125 40.92 -38.99 -16.87
CA ASN E 125 39.95 -37.93 -17.12
C ASN E 125 38.57 -38.41 -16.68
N VAL E 126 37.83 -37.53 -16.02
CA VAL E 126 36.48 -37.84 -15.57
C VAL E 126 35.55 -37.74 -16.78
N VAL E 127 34.73 -38.77 -16.97
CA VAL E 127 33.79 -38.83 -18.08
C VAL E 127 32.40 -39.10 -17.53
N ILE E 128 31.41 -38.46 -18.13
CA ILE E 128 30.02 -38.59 -17.71
C ILE E 128 29.19 -38.86 -18.95
N LYS E 129 28.14 -39.66 -18.77
CA LYS E 129 27.27 -40.02 -19.89
C LYS E 129 25.87 -40.26 -19.35
N VAL E 130 24.87 -39.75 -20.05
CA VAL E 130 23.48 -39.99 -19.71
C VAL E 130 22.92 -41.03 -20.68
N CYS E 131 23.80 -41.63 -21.49
CA CYS E 131 23.37 -42.68 -22.39
C CYS E 131 22.74 -43.83 -21.61
N GLU E 132 21.62 -44.34 -22.13
CA GLU E 132 20.79 -45.31 -21.39
C GLU E 132 21.40 -46.70 -21.50
N PHE E 133 22.36 -46.96 -20.61
CA PHE E 133 23.02 -48.25 -20.56
C PHE E 133 22.05 -49.33 -20.10
N GLN E 134 22.52 -50.58 -20.20
CA GLN E 134 21.74 -51.70 -19.68
C GLN E 134 22.09 -51.95 -18.21
N PHE E 135 21.27 -52.75 -17.56
CA PHE E 135 21.50 -53.10 -16.16
C PHE E 135 22.70 -54.03 -16.04
N CYS E 136 23.67 -53.63 -15.23
CA CYS E 136 24.84 -54.45 -14.92
C CYS E 136 24.87 -54.66 -13.42
N ASN E 137 24.20 -55.71 -12.94
CA ASN E 137 24.10 -55.93 -11.50
C ASN E 137 25.48 -56.06 -10.87
N ASP E 138 26.49 -56.38 -11.66
CA ASP E 138 27.88 -56.42 -11.20
C ASP E 138 28.73 -55.58 -12.15
N PRO E 139 29.16 -54.41 -11.74
CA PRO E 139 30.12 -53.64 -12.54
C PRO E 139 31.50 -54.28 -12.51
N PHE E 140 32.26 -54.06 -13.57
CA PHE E 140 33.61 -54.62 -13.68
C PHE E 140 34.43 -53.90 -14.74
N PHE E 157 36.90 -52.60 -18.93
CA PHE E 157 35.78 -51.90 -18.30
C PHE E 157 34.45 -52.60 -18.60
N ARG E 158 34.19 -53.69 -17.89
CA ARG E 158 33.02 -54.51 -18.13
C ARG E 158 31.75 -53.95 -17.50
N VAL E 159 31.83 -52.84 -16.78
CA VAL E 159 30.64 -52.22 -16.21
C VAL E 159 29.79 -51.55 -17.28
N TYR E 160 30.40 -51.12 -18.38
CA TYR E 160 29.66 -50.48 -19.46
C TYR E 160 28.91 -51.53 -20.28
N SER E 161 27.59 -51.59 -20.12
CA SER E 161 26.79 -52.55 -20.86
C SER E 161 26.67 -52.16 -22.32
N SER E 162 26.05 -51.02 -22.60
CA SER E 162 25.90 -50.55 -23.97
C SER E 162 25.76 -49.03 -23.94
N ALA E 163 26.49 -48.36 -24.82
CA ALA E 163 26.35 -46.91 -24.99
C ALA E 163 25.19 -46.56 -25.90
N ASN E 164 23.98 -46.95 -25.54
CA ASN E 164 22.81 -46.72 -26.38
C ASN E 164 22.15 -45.39 -26.06
N ASN E 165 21.54 -44.79 -27.08
CA ASN E 165 20.76 -43.54 -26.95
C ASN E 165 21.56 -42.46 -26.24
N CYS E 166 22.79 -42.25 -26.68
CA CYS E 166 23.64 -41.27 -26.03
C CYS E 166 23.06 -39.88 -26.15
N THR E 167 22.85 -39.23 -24.99
CA THR E 167 22.18 -37.95 -24.92
C THR E 167 23.06 -36.82 -24.42
N PHE E 168 23.93 -37.07 -23.45
CA PHE E 168 24.82 -36.04 -22.93
C PHE E 168 26.18 -36.70 -22.71
N GLU E 169 27.23 -35.89 -22.79
CA GLU E 169 28.58 -36.37 -22.58
C GLU E 169 29.43 -35.23 -22.05
N TYR E 170 30.39 -35.56 -21.20
CA TYR E 170 31.28 -34.55 -20.65
C TYR E 170 32.58 -35.21 -20.23
N VAL E 171 33.68 -34.50 -20.43
CA VAL E 171 35.01 -34.98 -20.10
C VAL E 171 35.80 -33.83 -19.49
N SER E 172 36.52 -34.11 -18.41
CA SER E 172 37.42 -33.11 -17.83
C SER E 172 38.53 -33.84 -17.08
N GLN E 173 39.36 -33.08 -16.35
CA GLN E 173 40.44 -33.68 -15.59
C GLN E 173 39.88 -34.65 -14.54
N PRO E 174 40.59 -35.72 -14.25
CA PRO E 174 40.08 -36.72 -13.30
C PRO E 174 40.09 -36.18 -11.88
N PHE E 175 39.25 -36.81 -11.05
CA PHE E 175 39.11 -36.35 -9.67
C PHE E 175 40.23 -36.90 -8.80
N LEU E 176 40.60 -38.16 -9.01
CA LEU E 176 41.62 -38.84 -8.21
C LEU E 176 41.21 -38.87 -6.74
N LYS E 187 44.61 -43.25 4.85
CA LYS E 187 45.70 -42.29 4.79
C LYS E 187 45.19 -40.92 4.34
N ASN E 188 44.17 -40.94 3.49
CA ASN E 188 43.55 -39.72 3.01
C ASN E 188 42.05 -39.79 3.19
N LEU E 189 41.32 -38.84 2.61
CA LEU E 189 39.86 -38.92 2.56
C LEU E 189 39.37 -38.03 1.43
N ARG E 190 38.53 -38.58 0.58
CA ARG E 190 37.81 -37.80 -0.42
C ARG E 190 36.34 -37.79 -0.06
N GLU E 191 35.74 -36.61 -0.07
CA GLU E 191 34.33 -36.46 0.24
C GLU E 191 33.62 -35.73 -0.90
N PHE E 192 32.40 -36.18 -1.19
CA PHE E 192 31.62 -35.69 -2.30
C PHE E 192 30.15 -35.57 -1.91
N VAL E 193 29.55 -34.46 -2.31
CA VAL E 193 28.12 -34.23 -2.17
C VAL E 193 27.54 -34.23 -3.57
N PHE E 194 26.47 -35.00 -3.76
CA PHE E 194 25.74 -35.03 -5.02
C PHE E 194 24.34 -34.53 -4.76
N LYS E 195 23.87 -33.60 -5.60
CA LYS E 195 22.48 -33.20 -5.55
C LYS E 195 21.98 -32.83 -6.94
N ASN E 196 20.71 -33.05 -7.19
CA ASN E 196 20.06 -32.69 -8.44
C ASN E 196 19.04 -31.60 -8.12
N ILE E 197 19.47 -30.36 -8.28
CA ILE E 197 18.65 -29.19 -8.00
C ILE E 197 18.16 -28.65 -9.34
N ASP E 198 16.87 -28.84 -9.61
CA ASP E 198 16.18 -28.18 -10.72
C ASP E 198 16.98 -28.29 -12.02
N GLY E 199 17.00 -29.49 -12.59
CA GLY E 199 17.70 -29.71 -13.84
C GLY E 199 19.19 -29.50 -13.80
N TYR E 200 19.77 -29.38 -12.62
CA TYR E 200 21.19 -29.09 -12.49
C TYR E 200 21.82 -30.06 -11.51
N PHE E 201 22.85 -30.79 -11.97
CA PHE E 201 23.51 -31.77 -11.11
C PHE E 201 24.75 -31.17 -10.48
N LYS E 202 24.61 -30.75 -9.23
CA LYS E 202 25.74 -30.16 -8.52
C LYS E 202 26.55 -31.25 -7.83
N ILE E 203 27.87 -31.16 -7.98
CA ILE E 203 28.80 -32.04 -7.29
C ILE E 203 29.78 -31.19 -6.49
N TYR E 204 30.06 -31.58 -5.27
CA TYR E 204 31.03 -30.90 -4.43
C TYR E 204 32.03 -31.90 -3.86
N SER E 205 33.26 -31.48 -3.68
CA SER E 205 34.26 -32.42 -3.21
C SER E 205 35.34 -31.71 -2.44
N LYS E 206 36.04 -32.49 -1.62
CA LYS E 206 37.29 -32.05 -1.03
C LYS E 206 38.06 -33.28 -0.59
N HIS E 207 39.35 -33.07 -0.34
CA HIS E 207 40.30 -34.15 -0.07
C HIS E 207 41.20 -33.72 1.08
N THR E 208 41.33 -34.59 2.07
CA THR E 208 41.90 -34.20 3.32
C THR E 208 42.82 -35.27 3.90
N PRO E 209 43.90 -34.88 4.56
CA PRO E 209 44.71 -35.86 5.28
C PRO E 209 44.02 -36.32 6.55
N ILE E 210 43.92 -37.64 6.70
CA ILE E 210 43.24 -38.24 7.85
C ILE E 210 43.85 -39.61 8.10
N ASN E 211 43.74 -40.08 9.34
CA ASN E 211 44.28 -41.37 9.73
C ASN E 211 43.32 -42.24 10.51
N LEU E 212 42.41 -41.66 11.30
CA LEU E 212 41.43 -42.42 12.06
C LEU E 212 40.52 -43.11 11.06
N VAL E 213 40.75 -44.40 10.83
CA VAL E 213 40.06 -45.11 9.76
C VAL E 213 38.77 -45.78 10.23
N ARG E 214 38.70 -46.23 11.48
CA ARG E 214 37.48 -46.89 11.93
C ARG E 214 36.31 -45.93 11.97
N ASP E 215 36.57 -44.66 12.23
CA ASP E 215 35.52 -43.66 12.35
C ASP E 215 35.78 -42.47 11.45
N LEU E 216 34.72 -41.74 11.16
CA LEU E 216 34.79 -40.57 10.29
C LEU E 216 35.35 -39.39 11.07
N PRO E 217 36.44 -38.78 10.61
CA PRO E 217 37.18 -37.84 11.47
C PRO E 217 36.31 -36.69 11.95
N GLN E 218 36.63 -36.21 13.14
CA GLN E 218 36.01 -35.05 13.73
C GLN E 218 36.81 -33.80 13.35
N GLY E 219 36.09 -32.76 13.00
CA GLY E 219 36.69 -31.56 12.49
C GLY E 219 35.81 -30.95 11.44
N PHE E 220 36.31 -29.92 10.78
CA PHE E 220 35.47 -29.16 9.86
C PHE E 220 36.15 -29.02 8.51
N SER E 221 35.33 -29.04 7.46
CA SER E 221 35.83 -28.93 6.09
C SER E 221 34.69 -28.56 5.17
N ALA E 222 34.95 -27.60 4.31
CA ALA E 222 34.01 -27.17 3.29
C ALA E 222 34.38 -27.81 1.95
N LEU E 223 33.38 -27.93 1.09
CA LEU E 223 33.55 -28.61 -0.18
C LEU E 223 33.12 -27.70 -1.31
N GLU E 224 34.09 -27.15 -2.03
CA GLU E 224 33.72 -26.24 -3.11
C GLU E 224 33.18 -27.04 -4.27
N PRO E 225 32.33 -26.45 -5.12
CA PRO E 225 31.80 -27.21 -6.24
C PRO E 225 32.84 -27.54 -7.30
N LEU E 226 32.64 -28.68 -7.94
CA LEU E 226 33.38 -29.04 -9.15
C LEU E 226 32.59 -28.68 -10.40
N VAL E 227 31.34 -29.10 -10.49
CA VAL E 227 30.56 -28.84 -11.69
C VAL E 227 29.08 -29.03 -11.41
N ASP E 228 28.29 -28.27 -12.17
CA ASP E 228 26.88 -28.51 -12.36
C ASP E 228 26.66 -29.07 -13.76
N LEU E 229 25.68 -29.95 -13.89
CA LEU E 229 25.36 -30.50 -15.20
C LEU E 229 23.90 -30.24 -15.55
N PRO E 230 23.63 -29.58 -16.66
CA PRO E 230 22.24 -29.33 -17.09
C PRO E 230 21.59 -30.58 -17.64
N ILE E 231 21.15 -31.47 -16.75
CA ILE E 231 20.64 -32.75 -17.21
C ILE E 231 19.13 -32.86 -16.98
N GLY E 232 18.71 -32.86 -15.73
CA GLY E 232 17.31 -33.07 -15.42
C GLY E 232 16.86 -34.52 -15.48
N ILE E 233 17.59 -35.42 -14.82
CA ILE E 233 17.25 -36.84 -14.79
C ILE E 233 16.66 -37.20 -13.43
N ASN E 234 15.53 -37.88 -13.47
CA ASN E 234 14.87 -38.33 -12.25
C ASN E 234 15.71 -39.46 -11.67
N ILE E 235 16.46 -39.17 -10.61
CA ILE E 235 17.30 -40.15 -9.95
C ILE E 235 16.63 -40.53 -8.64
N THR E 236 16.48 -41.85 -8.41
CA THR E 236 15.91 -42.31 -7.15
C THR E 236 16.67 -43.52 -6.61
N ARG E 237 17.69 -43.98 -7.33
CA ARG E 237 18.51 -45.08 -6.86
C ARG E 237 19.90 -44.91 -7.45
N PHE E 238 20.89 -45.50 -6.79
CA PHE E 238 22.25 -45.26 -7.21
C PHE E 238 23.16 -46.28 -6.53
N GLN E 239 24.38 -46.40 -7.04
CA GLN E 239 25.34 -47.36 -6.52
C GLN E 239 26.74 -47.00 -6.98
N THR E 240 27.72 -47.39 -6.19
CA THR E 240 29.11 -47.15 -6.55
C THR E 240 29.57 -48.17 -7.57
N LEU E 241 30.51 -47.77 -8.41
CA LEU E 241 31.12 -48.66 -9.39
C LEU E 241 32.54 -49.00 -8.98
N LEU E 242 32.94 -50.23 -9.33
CA LEU E 242 34.30 -50.68 -9.10
C LEU E 242 34.57 -51.86 -10.02
N ALA E 243 35.55 -51.72 -10.90
CA ALA E 243 36.05 -52.86 -11.66
C ALA E 243 36.84 -53.77 -10.72
N LEU E 244 36.39 -55.01 -10.58
CA LEU E 244 36.99 -55.91 -9.60
C LEU E 244 38.39 -56.35 -10.04
N HIS E 245 39.14 -56.90 -9.09
CA HIS E 245 40.42 -57.53 -9.38
C HIS E 245 40.41 -58.98 -8.92
N GLY E 261 35.07 -57.79 1.85
CA GLY E 261 36.38 -57.44 2.39
C GLY E 261 37.00 -56.25 1.69
N ALA E 262 36.25 -55.67 0.76
CA ALA E 262 36.75 -54.56 -0.05
C ALA E 262 36.86 -53.29 0.81
N ALA E 263 37.13 -52.17 0.14
CA ALA E 263 37.36 -50.90 0.82
C ALA E 263 36.11 -50.42 1.54
N ALA E 264 36.27 -49.33 2.29
CA ALA E 264 35.20 -48.75 3.09
C ALA E 264 34.85 -47.37 2.60
N TYR E 265 33.55 -47.09 2.59
CA TYR E 265 33.04 -45.76 2.27
C TYR E 265 31.77 -45.55 3.10
N TYR E 266 31.32 -44.29 3.15
CA TYR E 266 30.18 -43.93 3.97
C TYR E 266 29.16 -43.18 3.14
N VAL E 267 27.93 -43.16 3.64
CA VAL E 267 26.79 -42.59 2.91
C VAL E 267 25.98 -41.73 3.85
N GLY E 268 25.74 -40.47 3.46
CA GLY E 268 24.90 -39.58 4.22
C GLY E 268 23.89 -38.88 3.32
N TYR E 269 22.73 -38.60 3.90
CA TYR E 269 21.62 -38.01 3.17
C TYR E 269 21.49 -36.54 3.51
N LEU E 270 20.96 -35.78 2.56
CA LEU E 270 20.75 -34.35 2.73
C LEU E 270 19.30 -34.05 3.10
N GLN E 271 19.11 -32.95 3.79
CA GLN E 271 17.81 -32.51 4.26
C GLN E 271 17.70 -31.01 4.10
N PRO E 272 16.49 -30.47 4.06
CA PRO E 272 16.32 -29.02 3.97
C PRO E 272 16.53 -28.33 5.32
N ARG E 273 17.75 -27.97 5.65
CA ARG E 273 18.06 -27.47 6.99
C ARG E 273 18.67 -26.08 6.92
N THR E 274 18.21 -25.20 7.79
CA THR E 274 18.73 -23.85 7.87
C THR E 274 20.08 -23.85 8.56
N PHE E 275 21.03 -23.08 8.03
CA PHE E 275 22.38 -23.11 8.53
C PHE E 275 22.91 -21.69 8.70
N LEU E 276 23.60 -21.45 9.80
CA LEU E 276 24.41 -20.26 9.92
C LEU E 276 25.84 -20.62 9.55
N LEU E 277 26.50 -19.74 8.81
CA LEU E 277 27.83 -20.03 8.29
C LEU E 277 28.75 -18.85 8.56
N LYS E 278 29.91 -19.14 9.13
CA LYS E 278 30.87 -18.11 9.51
C LYS E 278 31.98 -18.09 8.48
N TYR E 279 32.02 -17.04 7.67
CA TYR E 279 32.97 -16.91 6.58
C TYR E 279 34.24 -16.25 7.10
N ASN E 280 35.38 -16.74 6.64
CA ASN E 280 36.64 -16.29 7.18
C ASN E 280 36.99 -14.92 6.65
N GLU E 281 38.14 -14.38 7.08
CA GLU E 281 38.59 -13.10 6.57
C GLU E 281 38.86 -13.15 5.08
N ASN E 282 39.35 -14.28 4.58
CA ASN E 282 39.41 -14.52 3.15
C ASN E 282 38.32 -15.47 2.65
N GLY E 283 37.10 -15.34 3.15
CA GLY E 283 35.96 -15.92 2.49
C GLY E 283 35.87 -17.42 2.51
N THR E 284 36.66 -18.10 3.35
CA THR E 284 36.54 -19.54 3.47
C THR E 284 35.63 -19.89 4.64
N ILE E 285 34.70 -20.80 4.39
CA ILE E 285 33.80 -21.26 5.43
C ILE E 285 34.61 -21.98 6.49
N THR E 286 34.59 -21.47 7.72
CA THR E 286 35.32 -22.10 8.80
C THR E 286 34.44 -22.79 9.82
N ASP E 287 33.19 -22.37 9.99
CA ASP E 287 32.33 -23.02 10.95
C ASP E 287 30.87 -22.79 10.56
N ALA E 288 29.99 -23.59 11.16
CA ALA E 288 28.59 -23.58 10.80
C ALA E 288 27.78 -24.04 12.01
N VAL E 289 26.52 -23.64 12.02
CA VAL E 289 25.59 -23.99 13.07
C VAL E 289 24.31 -24.50 12.42
N ASP E 290 23.82 -25.64 12.91
CA ASP E 290 22.59 -26.23 12.40
C ASP E 290 21.43 -25.64 13.18
N CYS E 291 20.70 -24.75 12.55
CA CYS E 291 19.64 -23.96 13.14
C CYS E 291 18.48 -24.80 13.61
N ALA E 292 18.47 -26.11 13.44
CA ALA E 292 17.34 -26.90 13.92
C ALA E 292 17.76 -28.14 14.70
N LEU E 293 19.04 -28.28 15.03
CA LEU E 293 19.47 -29.42 15.81
C LEU E 293 18.95 -29.33 17.24
N ASP E 294 19.39 -28.31 17.97
CA ASP E 294 19.12 -28.22 19.39
C ASP E 294 18.73 -26.79 19.77
N PRO E 295 17.96 -26.61 20.85
CA PRO E 295 17.75 -25.27 21.39
C PRO E 295 18.96 -24.38 21.42
N LEU E 296 20.07 -24.85 21.98
CA LEU E 296 21.24 -23.99 22.06
C LEU E 296 21.64 -23.49 20.69
N SER E 297 21.52 -24.32 19.67
CA SER E 297 21.79 -23.85 18.33
C SER E 297 20.69 -22.93 17.83
N GLU E 298 19.44 -23.14 18.25
CA GLU E 298 18.38 -22.23 17.82
C GLU E 298 18.67 -20.81 18.26
N THR E 299 19.13 -20.62 19.50
CA THR E 299 19.40 -19.27 19.97
C THR E 299 20.60 -18.68 19.23
N LYS E 300 21.63 -19.50 19.01
CA LYS E 300 22.79 -19.03 18.26
C LYS E 300 22.34 -18.56 16.89
N CYS E 301 21.31 -19.22 16.38
CA CYS E 301 20.81 -18.89 15.06
C CYS E 301 20.05 -17.56 15.07
N THR E 302 19.09 -17.42 15.99
CA THR E 302 18.28 -16.20 16.00
C THR E 302 19.11 -14.99 16.40
N LEU E 303 20.06 -15.16 17.29
CA LEU E 303 20.91 -14.05 17.69
C LEU E 303 21.90 -13.66 16.61
N LYS E 304 22.04 -14.47 15.57
CA LYS E 304 23.03 -14.25 14.51
C LYS E 304 24.42 -14.14 15.11
N SER E 305 24.76 -15.09 15.97
CA SER E 305 26.12 -15.15 16.47
C SER E 305 26.43 -16.56 16.89
N PHE E 306 27.71 -16.86 17.00
CA PHE E 306 28.16 -18.17 17.40
C PHE E 306 28.24 -18.31 18.91
N THR E 307 28.30 -17.20 19.63
CA THR E 307 28.40 -17.21 21.09
C THR E 307 27.25 -16.39 21.63
N VAL E 308 26.62 -16.89 22.70
CA VAL E 308 25.46 -16.22 23.29
C VAL E 308 25.79 -15.93 24.74
N GLU E 309 25.45 -14.74 25.21
CA GLU E 309 25.72 -14.40 26.59
C GLU E 309 24.61 -14.94 27.48
N LYS E 310 24.89 -15.03 28.77
CA LYS E 310 23.96 -15.61 29.73
C LYS E 310 22.65 -14.84 29.69
N GLY E 311 21.54 -15.53 29.82
CA GLY E 311 20.24 -14.89 29.80
C GLY E 311 19.19 -15.85 29.32
N ILE E 312 17.99 -15.32 29.13
CA ILE E 312 16.85 -16.07 28.59
C ILE E 312 16.46 -15.45 27.27
N TYR E 313 16.57 -16.22 26.19
CA TYR E 313 16.30 -15.72 24.86
C TYR E 313 15.09 -16.42 24.30
N GLN E 314 14.23 -15.68 23.62
CA GLN E 314 13.05 -16.25 23.01
C GLN E 314 13.40 -16.70 21.60
N THR E 315 13.45 -18.01 21.39
CA THR E 315 13.83 -18.56 20.10
C THR E 315 12.69 -18.65 19.11
N SER E 316 11.59 -19.27 19.48
CA SER E 316 10.51 -19.46 18.53
C SER E 316 9.22 -19.67 19.30
N ASN E 317 8.18 -20.03 18.58
CA ASN E 317 6.92 -20.39 19.19
C ASN E 317 6.64 -21.86 18.92
N PHE E 318 5.90 -22.48 19.84
CA PHE E 318 5.59 -23.93 19.70
C PHE E 318 4.08 -24.14 19.74
N ARG E 319 3.54 -24.96 18.83
CA ARG E 319 2.13 -25.28 18.84
C ARG E 319 2.00 -26.75 18.52
N VAL E 320 0.94 -27.35 19.08
CA VAL E 320 0.70 -28.81 18.88
C VAL E 320 0.04 -29.03 17.51
N GLN E 321 0.81 -29.54 16.55
CA GLN E 321 0.30 -29.84 15.20
C GLN E 321 -0.95 -30.72 15.33
N PRO E 322 -2.02 -30.47 14.56
CA PRO E 322 -3.26 -31.20 14.70
C PRO E 322 -3.10 -32.71 14.59
N THR E 323 -3.88 -33.48 15.36
CA THR E 323 -3.76 -34.95 15.36
C THR E 323 -4.37 -35.56 14.08
N GLU E 324 -5.62 -35.24 13.76
CA GLU E 324 -6.29 -35.85 12.59
C GLU E 324 -7.00 -34.81 11.75
N SER E 325 -8.02 -35.20 10.99
CA SER E 325 -8.81 -34.21 10.19
C SER E 325 -10.25 -34.72 10.06
N ILE E 326 -11.23 -33.95 10.58
CA ILE E 326 -12.59 -34.47 10.55
C ILE E 326 -13.41 -33.60 9.62
N VAL E 327 -14.48 -34.16 9.10
CA VAL E 327 -15.37 -33.48 8.17
C VAL E 327 -16.79 -33.88 8.54
N ARG E 328 -17.67 -32.90 8.66
CA ARG E 328 -19.07 -33.19 8.94
C ARG E 328 -19.97 -32.30 8.08
N PHE E 329 -20.52 -32.89 7.04
CA PHE E 329 -21.46 -32.24 6.14
C PHE E 329 -22.85 -32.78 6.46
N PRO E 330 -23.89 -32.05 6.09
CA PRO E 330 -25.25 -32.54 6.36
C PRO E 330 -25.52 -33.86 5.67
N ASN E 331 -26.66 -34.46 6.01
CA ASN E 331 -26.99 -35.81 5.59
C ASN E 331 -27.53 -35.91 4.17
N ILE E 332 -27.93 -34.78 3.56
CA ILE E 332 -28.70 -34.84 2.33
C ILE E 332 -27.94 -35.58 1.24
N THR E 333 -28.68 -36.27 0.38
CA THR E 333 -28.16 -36.84 -0.86
C THR E 333 -29.31 -36.82 -1.85
N ASN E 334 -29.43 -35.73 -2.60
CA ASN E 334 -30.52 -35.51 -3.53
C ASN E 334 -29.99 -34.91 -4.82
N LEU E 335 -28.96 -35.54 -5.38
CA LEU E 335 -28.01 -34.93 -6.31
C LEU E 335 -28.60 -33.83 -7.18
N CYS E 336 -27.95 -32.58 -7.14
CA CYS E 336 -28.47 -31.34 -7.70
C CYS E 336 -28.72 -31.46 -9.19
N PRO E 337 -29.83 -30.90 -9.63
CA PRO E 337 -30.20 -31.02 -11.05
C PRO E 337 -29.44 -30.03 -11.90
N PHE E 338 -28.43 -30.51 -12.61
CA PHE E 338 -27.73 -29.61 -13.52
C PHE E 338 -28.10 -29.88 -14.96
N GLY E 339 -28.26 -31.14 -15.35
CA GLY E 339 -28.72 -31.42 -16.69
C GLY E 339 -29.92 -30.59 -17.05
N GLU E 340 -30.90 -30.57 -16.15
CA GLU E 340 -32.09 -29.74 -16.30
C GLU E 340 -31.73 -28.30 -16.64
N VAL E 341 -30.64 -27.78 -16.06
CA VAL E 341 -30.15 -26.46 -16.44
C VAL E 341 -29.55 -26.52 -17.82
N PHE E 342 -28.67 -27.51 -18.03
CA PHE E 342 -27.82 -27.46 -19.19
C PHE E 342 -28.47 -28.13 -20.39
N ASN E 343 -29.08 -29.30 -20.20
CA ASN E 343 -29.55 -30.04 -21.37
C ASN E 343 -30.78 -29.40 -21.99
N ALA E 344 -31.42 -28.47 -21.29
CA ALA E 344 -32.68 -27.87 -21.71
C ALA E 344 -32.62 -27.37 -23.14
N THR E 345 -33.71 -27.57 -23.90
CA THR E 345 -33.74 -27.18 -25.29
C THR E 345 -34.20 -25.76 -25.50
N ARG E 346 -34.50 -25.03 -24.45
CA ARG E 346 -34.97 -23.66 -24.59
C ARG E 346 -34.23 -22.76 -23.63
N PHE E 347 -33.45 -21.84 -24.18
CA PHE E 347 -32.80 -20.80 -23.41
C PHE E 347 -33.53 -19.50 -23.70
N ALA E 348 -33.98 -18.83 -22.64
CA ALA E 348 -34.76 -17.62 -22.84
C ALA E 348 -33.90 -16.53 -23.47
N SER E 349 -34.57 -15.56 -24.07
CA SER E 349 -33.87 -14.42 -24.62
C SER E 349 -33.25 -13.60 -23.50
N VAL E 350 -32.13 -12.96 -23.80
CA VAL E 350 -31.44 -12.19 -22.78
C VAL E 350 -32.26 -10.99 -22.34
N TYR E 351 -33.28 -10.60 -23.12
CA TYR E 351 -34.18 -9.54 -22.67
C TYR E 351 -34.79 -9.90 -21.33
N ALA E 352 -35.31 -11.12 -21.21
CA ALA E 352 -35.87 -11.64 -19.97
C ALA E 352 -35.20 -12.98 -19.70
N TRP E 353 -34.04 -12.92 -19.05
CA TRP E 353 -33.26 -14.13 -18.82
C TRP E 353 -33.91 -14.99 -17.76
N ASN E 354 -33.92 -16.29 -18.00
CA ASN E 354 -34.47 -17.22 -17.03
C ASN E 354 -33.59 -17.27 -15.79
N ARG E 355 -34.12 -17.81 -14.72
CA ARG E 355 -33.34 -18.05 -13.51
C ARG E 355 -34.03 -19.09 -12.67
N LYS E 356 -33.29 -20.08 -12.21
CA LYS E 356 -33.79 -21.08 -11.29
C LYS E 356 -32.87 -21.18 -10.10
N ARG E 357 -33.44 -21.57 -8.98
CA ARG E 357 -32.72 -21.66 -7.71
C ARG E 357 -32.54 -23.13 -7.38
N ILE E 358 -31.30 -23.50 -7.05
CA ILE E 358 -30.98 -24.87 -6.70
C ILE E 358 -30.77 -24.94 -5.19
N SER E 359 -31.27 -26.01 -4.57
CA SER E 359 -31.24 -26.09 -3.13
C SER E 359 -31.32 -27.55 -2.69
N ASN E 360 -30.81 -27.79 -1.48
CA ASN E 360 -31.01 -29.04 -0.76
C ASN E 360 -30.58 -30.24 -1.59
N CYS E 361 -29.30 -30.32 -1.88
CA CYS E 361 -28.79 -31.40 -2.71
C CYS E 361 -27.28 -31.43 -2.65
N VAL E 362 -26.73 -32.46 -3.25
CA VAL E 362 -25.30 -32.60 -3.44
C VAL E 362 -25.00 -32.26 -4.89
N ALA E 363 -24.01 -31.39 -5.10
CA ALA E 363 -23.70 -30.87 -6.42
C ALA E 363 -22.31 -31.33 -6.81
N ASP E 364 -22.24 -32.37 -7.65
CA ASP E 364 -20.96 -32.72 -8.23
C ASP E 364 -20.59 -31.64 -9.23
N TYR E 365 -19.56 -30.86 -8.92
CA TYR E 365 -19.15 -29.79 -9.81
C TYR E 365 -18.15 -30.25 -10.85
N SER E 366 -17.53 -31.40 -10.65
CA SER E 366 -16.48 -31.85 -11.55
C SER E 366 -17.02 -32.03 -12.95
N VAL E 367 -18.28 -32.46 -13.07
CA VAL E 367 -18.87 -32.71 -14.37
C VAL E 367 -18.72 -31.49 -15.26
N LEU E 368 -18.91 -30.30 -14.68
CA LEU E 368 -18.80 -29.08 -15.47
C LEU E 368 -17.35 -28.73 -15.74
N TYR E 369 -16.51 -28.78 -14.72
CA TYR E 369 -15.14 -28.32 -14.88
C TYR E 369 -14.39 -29.19 -15.89
N ASN E 370 -14.33 -30.48 -15.64
CA ASN E 370 -13.49 -31.33 -16.48
C ASN E 370 -14.15 -31.71 -17.79
N SER E 371 -15.24 -31.08 -18.19
CA SER E 371 -15.79 -31.33 -19.51
C SER E 371 -15.07 -30.48 -20.54
N ALA E 372 -14.66 -31.10 -21.64
CA ALA E 372 -13.93 -30.41 -22.68
C ALA E 372 -14.84 -29.70 -23.67
N SER E 373 -16.12 -29.57 -23.36
CA SER E 373 -17.03 -28.96 -24.32
C SER E 373 -17.03 -27.45 -24.18
N PHE E 374 -17.14 -26.96 -22.95
CA PHE E 374 -17.41 -25.55 -22.69
C PHE E 374 -16.31 -24.66 -23.22
N SER E 375 -16.71 -23.62 -23.94
CA SER E 375 -15.72 -22.70 -24.50
C SER E 375 -15.06 -21.87 -23.40
N THR E 376 -15.79 -20.94 -22.80
CA THR E 376 -15.20 -20.04 -21.82
C THR E 376 -15.74 -20.38 -20.45
N PHE E 377 -14.95 -21.14 -19.68
CA PHE E 377 -15.34 -21.47 -18.28
C PHE E 377 -14.43 -20.68 -17.35
N LYS E 378 -14.89 -19.52 -16.87
CA LYS E 378 -14.07 -18.66 -16.02
C LYS E 378 -14.83 -18.29 -14.77
N CYS E 379 -14.20 -18.48 -13.62
CA CYS E 379 -14.83 -18.23 -12.34
C CYS E 379 -14.26 -16.97 -11.70
N TYR E 380 -15.11 -16.26 -10.97
CA TYR E 380 -14.73 -15.05 -10.26
C TYR E 380 -14.93 -15.30 -8.78
N GLY E 381 -13.96 -14.90 -7.97
CA GLY E 381 -14.06 -15.03 -6.55
C GLY E 381 -13.95 -16.45 -6.03
N VAL E 382 -14.03 -17.45 -6.89
CA VAL E 382 -13.89 -18.85 -6.53
C VAL E 382 -13.04 -19.51 -7.59
N SER E 383 -12.24 -20.49 -7.20
CA SER E 383 -11.46 -21.24 -8.17
C SER E 383 -12.21 -22.52 -8.55
N PRO E 384 -12.25 -22.89 -9.82
CA PRO E 384 -13.13 -24.00 -10.23
C PRO E 384 -12.75 -25.31 -9.59
N THR E 385 -11.46 -25.57 -9.41
CA THR E 385 -11.02 -26.85 -8.89
C THR E 385 -11.39 -27.06 -7.44
N LYS E 386 -11.99 -26.08 -6.78
CA LYS E 386 -12.32 -26.20 -5.37
C LYS E 386 -13.82 -26.21 -5.11
N LEU E 387 -14.63 -26.09 -6.15
CA LEU E 387 -16.07 -26.00 -5.95
C LEU E 387 -16.61 -27.22 -5.22
N ASN E 388 -15.87 -28.32 -5.23
CA ASN E 388 -16.36 -29.52 -4.57
C ASN E 388 -16.32 -29.38 -3.06
N ASP E 389 -15.45 -28.54 -2.54
CA ASP E 389 -15.19 -28.51 -1.11
C ASP E 389 -15.83 -27.33 -0.41
N LEU E 390 -16.87 -26.74 -0.97
CA LEU E 390 -17.53 -25.58 -0.39
C LEU E 390 -18.98 -25.93 -0.11
N CYS E 391 -19.61 -25.19 0.79
CA CYS E 391 -21.04 -25.29 1.00
C CYS E 391 -21.68 -23.93 0.78
N PHE E 392 -22.73 -23.89 -0.01
CA PHE E 392 -23.37 -22.63 -0.35
C PHE E 392 -24.80 -22.63 0.15
N THR E 393 -25.30 -21.43 0.42
CA THR E 393 -26.70 -21.27 0.80
C THR E 393 -27.61 -21.44 -0.40
N ASN E 394 -27.41 -20.61 -1.42
CA ASN E 394 -28.21 -20.68 -2.63
C ASN E 394 -27.30 -20.65 -3.83
N VAL E 395 -27.75 -21.29 -4.90
CA VAL E 395 -27.04 -21.30 -6.16
C VAL E 395 -28.04 -20.97 -7.24
N TYR E 396 -27.80 -19.88 -7.95
CA TYR E 396 -28.68 -19.45 -9.03
C TYR E 396 -28.03 -19.77 -10.35
N ALA E 397 -28.80 -20.28 -11.29
CA ALA E 397 -28.31 -20.59 -12.61
C ALA E 397 -29.15 -19.87 -13.64
N ASP E 398 -28.71 -18.69 -14.04
CA ASP E 398 -29.41 -17.88 -15.03
C ASP E 398 -28.88 -18.24 -16.39
N SER E 399 -29.77 -18.51 -17.33
CA SER E 399 -29.39 -19.04 -18.63
C SER E 399 -30.03 -18.26 -19.77
N PHE E 400 -29.26 -18.00 -20.82
CA PHE E 400 -29.74 -17.22 -21.95
C PHE E 400 -28.75 -17.35 -23.09
N VAL E 401 -29.15 -16.84 -24.25
CA VAL E 401 -28.34 -16.90 -25.46
C VAL E 401 -27.90 -15.50 -25.84
N ILE E 402 -26.85 -15.41 -26.65
CA ILE E 402 -26.19 -14.15 -26.92
C ILE E 402 -25.30 -14.29 -28.15
N ARG E 403 -25.00 -13.18 -28.79
CA ARG E 403 -24.07 -13.19 -29.90
C ARG E 403 -22.65 -13.40 -29.39
N GLY E 404 -21.89 -14.20 -30.12
CA GLY E 404 -20.63 -14.72 -29.59
C GLY E 404 -19.68 -13.63 -29.16
N ASP E 405 -19.51 -12.60 -29.99
CA ASP E 405 -18.56 -11.53 -29.65
C ASP E 405 -18.90 -10.87 -28.33
N GLU E 406 -20.13 -11.03 -27.85
CA GLU E 406 -20.55 -10.39 -26.62
C GLU E 406 -20.30 -11.24 -25.38
N VAL E 407 -19.70 -12.42 -25.50
CA VAL E 407 -19.48 -13.23 -24.30
C VAL E 407 -18.58 -12.50 -23.33
N ARG E 408 -17.75 -11.59 -23.84
CA ARG E 408 -16.93 -10.78 -22.96
C ARG E 408 -17.76 -9.76 -22.19
N GLN E 409 -18.99 -9.49 -22.62
CA GLN E 409 -19.81 -8.57 -21.88
C GLN E 409 -20.28 -9.14 -20.55
N ILE E 410 -20.35 -10.46 -20.44
CA ILE E 410 -20.89 -11.10 -19.24
C ILE E 410 -19.71 -11.31 -18.30
N ALA E 411 -19.43 -10.28 -17.51
CA ALA E 411 -18.35 -10.31 -16.54
C ALA E 411 -18.51 -9.11 -15.64
N PRO E 412 -18.08 -9.21 -14.39
CA PRO E 412 -18.26 -8.08 -13.48
C PRO E 412 -17.51 -6.86 -13.97
N GLY E 413 -18.21 -5.73 -13.93
CA GLY E 413 -17.58 -4.46 -14.23
C GLY E 413 -17.28 -4.20 -15.68
N GLN E 414 -17.91 -4.93 -16.60
CA GLN E 414 -17.78 -4.65 -18.02
C GLN E 414 -19.00 -3.87 -18.48
N THR E 415 -18.84 -3.15 -19.59
CA THR E 415 -19.90 -2.30 -20.12
C THR E 415 -20.13 -2.60 -21.58
N GLY E 416 -21.26 -2.16 -22.08
CA GLY E 416 -21.69 -2.39 -23.44
C GLY E 416 -23.20 -2.44 -23.51
N LYS E 417 -23.70 -2.89 -24.64
CA LYS E 417 -25.16 -2.96 -24.81
C LYS E 417 -25.74 -4.06 -23.92
N ILE E 418 -25.14 -5.24 -23.93
CA ILE E 418 -25.67 -6.35 -23.16
C ILE E 418 -25.42 -6.15 -21.67
N ALA E 419 -24.23 -5.63 -21.33
CA ALA E 419 -23.85 -5.54 -19.93
C ALA E 419 -24.56 -4.39 -19.23
N ASP E 420 -25.16 -3.48 -19.99
CA ASP E 420 -25.79 -2.33 -19.37
C ASP E 420 -27.30 -2.34 -19.49
N TYR E 421 -27.83 -2.74 -20.63
CA TYR E 421 -29.25 -2.64 -20.88
C TYR E 421 -30.00 -3.94 -20.63
N ASN E 422 -29.32 -5.05 -20.47
CA ASN E 422 -30.01 -6.32 -20.48
C ASN E 422 -29.74 -7.19 -19.27
N TYR E 423 -28.50 -7.29 -18.82
CA TYR E 423 -28.17 -8.23 -17.75
C TYR E 423 -26.83 -7.86 -17.15
N LYS E 424 -26.83 -7.24 -15.98
CA LYS E 424 -25.62 -6.72 -15.41
C LYS E 424 -25.30 -7.44 -14.11
N LEU E 425 -24.09 -7.95 -14.01
CA LEU E 425 -23.59 -8.59 -12.81
C LEU E 425 -22.93 -7.57 -11.91
N PRO E 426 -23.06 -7.72 -10.59
CA PRO E 426 -22.48 -6.73 -9.69
C PRO E 426 -20.97 -6.84 -9.65
N ASP E 427 -20.34 -5.82 -9.09
CA ASP E 427 -18.90 -5.86 -8.92
C ASP E 427 -18.48 -6.99 -8.00
N ASP E 428 -19.26 -7.28 -6.95
CA ASP E 428 -19.09 -8.51 -6.22
C ASP E 428 -19.32 -9.69 -7.14
N PHE E 429 -18.70 -10.81 -6.83
CA PHE E 429 -18.54 -11.87 -7.81
C PHE E 429 -19.86 -12.51 -8.18
N THR E 430 -19.92 -13.01 -9.41
CA THR E 430 -20.74 -14.15 -9.77
C THR E 430 -19.83 -15.37 -9.85
N GLY E 431 -20.34 -16.52 -9.41
CA GLY E 431 -19.48 -17.67 -9.24
C GLY E 431 -18.68 -18.00 -10.49
N CYS E 432 -19.34 -18.50 -11.52
CA CYS E 432 -18.63 -18.91 -12.72
C CYS E 432 -19.53 -18.67 -13.90
N VAL E 433 -18.94 -18.36 -15.03
CA VAL E 433 -19.68 -18.20 -16.26
C VAL E 433 -19.26 -19.30 -17.22
N ILE E 434 -20.21 -20.10 -17.67
CA ILE E 434 -19.95 -21.10 -18.68
C ILE E 434 -20.65 -20.68 -19.95
N ALA E 435 -20.00 -20.88 -21.08
CA ALA E 435 -20.63 -20.56 -22.35
C ALA E 435 -20.08 -21.49 -23.40
N TRP E 436 -20.96 -21.92 -24.30
CA TRP E 436 -20.54 -22.83 -25.35
C TRP E 436 -21.24 -22.45 -26.64
N ASN E 437 -20.48 -22.49 -27.73
CA ASN E 437 -21.02 -22.12 -29.02
C ASN E 437 -22.18 -23.03 -29.40
N SER E 438 -23.26 -22.43 -29.87
CA SER E 438 -24.52 -23.16 -30.04
C SER E 438 -25.28 -22.73 -31.29
N ASN E 439 -24.64 -22.72 -32.44
CA ASN E 439 -25.38 -22.39 -33.66
C ASN E 439 -26.04 -23.62 -34.27
N ASN E 440 -25.75 -24.81 -33.74
CA ASN E 440 -26.41 -26.00 -34.24
C ASN E 440 -27.87 -26.04 -33.84
N LEU E 441 -28.16 -25.82 -32.56
CA LEU E 441 -29.53 -25.79 -32.09
C LEU E 441 -30.21 -24.46 -32.32
N ASP E 442 -29.69 -23.40 -31.73
CA ASP E 442 -30.38 -22.14 -31.72
C ASP E 442 -29.87 -21.17 -32.77
N SER E 443 -29.80 -21.55 -34.05
CA SER E 443 -29.53 -20.44 -34.96
C SER E 443 -30.62 -20.16 -35.98
N LYS E 444 -30.59 -20.83 -37.13
CA LYS E 444 -31.72 -21.30 -37.93
C LYS E 444 -31.19 -21.43 -39.37
N VAL E 445 -32.02 -21.94 -40.28
CA VAL E 445 -31.75 -21.77 -41.70
C VAL E 445 -31.77 -20.30 -42.07
N GLY E 446 -32.70 -19.55 -41.49
CA GLY E 446 -32.71 -18.11 -41.63
C GLY E 446 -32.46 -17.42 -40.31
N GLY E 447 -32.79 -16.14 -40.27
CA GLY E 447 -32.68 -15.41 -39.01
C GLY E 447 -33.68 -15.96 -38.00
N ASN E 448 -33.18 -16.26 -36.80
CA ASN E 448 -34.06 -16.84 -35.80
C ASN E 448 -35.13 -15.85 -35.37
N TYR E 449 -34.71 -14.66 -34.96
CA TYR E 449 -35.61 -13.57 -34.61
C TYR E 449 -36.42 -13.85 -33.35
N ASN E 450 -36.24 -15.01 -32.72
CA ASN E 450 -36.87 -15.25 -31.43
C ASN E 450 -36.04 -14.67 -30.30
N TYR E 451 -34.73 -14.84 -30.36
CA TYR E 451 -33.85 -14.29 -29.36
C TYR E 451 -33.64 -12.80 -29.61
N LEU E 452 -33.83 -12.00 -28.57
CA LEU E 452 -33.80 -10.56 -28.80
C LEU E 452 -33.37 -9.84 -27.53
N TYR E 453 -32.95 -8.59 -27.72
CA TYR E 453 -32.36 -7.78 -26.68
C TYR E 453 -32.75 -6.33 -26.90
N ARG E 454 -32.77 -5.56 -25.82
CA ARG E 454 -33.15 -4.16 -25.90
C ARG E 454 -31.90 -3.31 -26.09
N LEU E 455 -31.97 -2.32 -26.96
CA LEU E 455 -30.90 -1.34 -27.14
C LEU E 455 -31.29 0.03 -26.65
N PHE E 456 -32.45 0.18 -26.04
CA PHE E 456 -32.99 1.50 -25.75
C PHE E 456 -33.66 1.56 -24.39
N ARG E 457 -33.09 0.90 -23.39
CA ARG E 457 -33.45 1.19 -22.01
C ARG E 457 -32.96 2.59 -21.68
N LYS E 458 -33.73 3.31 -20.86
CA LYS E 458 -33.41 4.70 -20.58
C LYS E 458 -32.47 4.83 -19.40
N SER E 459 -32.56 3.88 -18.48
CA SER E 459 -31.95 3.98 -17.16
C SER E 459 -31.21 2.70 -16.80
N ASN E 460 -30.20 2.32 -17.59
CA ASN E 460 -29.58 1.00 -17.55
C ASN E 460 -29.54 0.39 -16.16
N LEU E 461 -29.90 -0.89 -16.08
CA LEU E 461 -30.46 -1.50 -14.87
C LEU E 461 -29.40 -1.84 -13.85
N LYS E 462 -29.84 -1.93 -12.60
CA LYS E 462 -28.99 -2.31 -11.49
C LYS E 462 -28.66 -3.80 -11.57
N PRO E 463 -27.71 -4.27 -10.76
CA PRO E 463 -27.41 -5.70 -10.75
C PRO E 463 -28.64 -6.58 -10.59
N PHE E 464 -28.76 -7.56 -11.47
CA PHE E 464 -29.81 -8.57 -11.39
C PHE E 464 -31.20 -7.94 -11.38
N GLU E 465 -31.52 -7.23 -12.45
CA GLU E 465 -32.85 -6.69 -12.64
C GLU E 465 -33.40 -7.21 -13.95
N ARG E 466 -34.63 -7.64 -13.95
CA ARG E 466 -35.23 -8.29 -15.11
C ARG E 466 -36.37 -7.40 -15.60
N ASP E 467 -36.05 -6.46 -16.47
CA ASP E 467 -37.02 -5.48 -16.96
C ASP E 467 -37.55 -5.93 -18.31
N ILE E 468 -38.79 -6.43 -18.32
CA ILE E 468 -39.40 -6.95 -19.52
C ILE E 468 -40.46 -6.01 -20.09
N SER E 469 -40.28 -4.71 -19.91
CA SER E 469 -41.26 -3.75 -20.41
C SER E 469 -40.99 -3.38 -21.86
N THR E 470 -41.95 -2.67 -22.46
CA THR E 470 -41.86 -2.19 -23.83
C THR E 470 -42.50 -0.81 -23.92
N GLU E 471 -41.69 0.25 -23.91
CA GLU E 471 -42.20 1.60 -23.80
C GLU E 471 -41.84 2.49 -25.00
N ILE E 472 -41.30 1.91 -26.08
CA ILE E 472 -41.07 2.62 -27.33
C ILE E 472 -40.28 3.91 -27.11
N TYR E 473 -39.01 3.74 -26.74
CA TYR E 473 -38.09 4.85 -26.54
C TYR E 473 -38.24 5.90 -27.63
N GLN E 474 -38.26 7.17 -27.23
CA GLN E 474 -38.60 8.25 -28.14
C GLN E 474 -37.49 8.47 -29.16
N ALA E 475 -37.91 8.90 -30.36
CA ALA E 475 -36.97 9.24 -31.43
C ALA E 475 -36.09 10.43 -31.06
N PHE E 486 -45.33 5.36 -29.73
CA PHE E 486 -46.29 4.91 -30.73
C PHE E 486 -45.59 4.57 -32.04
N ASN E 487 -44.84 5.53 -32.57
CA ASN E 487 -44.01 5.29 -33.74
C ASN E 487 -42.54 5.17 -33.41
N CYS E 488 -42.08 5.83 -32.35
CA CYS E 488 -40.66 5.86 -32.04
C CYS E 488 -40.15 4.46 -31.71
N TYR E 489 -38.86 4.25 -32.03
CA TYR E 489 -38.26 2.90 -31.92
C TYR E 489 -38.48 2.25 -30.56
N PHE E 490 -39.03 1.03 -30.57
CA PHE E 490 -39.27 0.32 -29.35
C PHE E 490 -38.02 -0.49 -28.97
N PRO E 491 -37.87 -0.85 -27.70
CA PRO E 491 -36.53 -1.23 -27.22
C PRO E 491 -35.97 -2.50 -27.83
N LEU E 492 -36.71 -3.60 -27.76
CA LEU E 492 -36.17 -4.89 -28.17
C LEU E 492 -35.98 -4.93 -29.68
N GLN E 493 -34.76 -5.20 -30.13
CA GLN E 493 -34.50 -5.50 -31.51
C GLN E 493 -33.88 -6.89 -31.61
N SER E 494 -34.48 -7.73 -32.43
CA SER E 494 -34.10 -9.13 -32.52
C SER E 494 -32.66 -9.29 -33.00
N TYR E 495 -32.18 -10.54 -32.88
CA TYR E 495 -30.83 -10.91 -33.37
C TYR E 495 -31.01 -12.06 -34.38
N GLY E 496 -30.40 -11.97 -35.55
CA GLY E 496 -30.51 -12.96 -36.59
C GLY E 496 -29.27 -13.82 -36.73
N PHE E 497 -29.46 -15.12 -36.74
CA PHE E 497 -28.35 -16.08 -36.76
C PHE E 497 -28.35 -16.87 -38.06
N GLN E 498 -27.25 -17.55 -38.33
CA GLN E 498 -27.15 -18.43 -39.51
C GLN E 498 -25.99 -19.42 -39.39
N VAL E 503 -18.46 -16.10 -36.98
CA VAL E 503 -18.12 -16.72 -35.71
C VAL E 503 -18.28 -15.69 -34.61
N GLY E 504 -18.42 -14.43 -35.03
CA GLY E 504 -18.82 -13.41 -34.08
C GLY E 504 -20.33 -13.35 -33.94
N TYR E 505 -21.04 -14.02 -34.83
CA TYR E 505 -22.50 -14.03 -34.80
C TYR E 505 -23.04 -15.44 -34.63
N GLN E 506 -22.19 -16.40 -34.30
CA GLN E 506 -22.68 -17.64 -33.76
C GLN E 506 -23.48 -17.34 -32.49
N PRO E 507 -24.68 -17.88 -32.36
CA PRO E 507 -25.38 -17.78 -31.08
C PRO E 507 -24.68 -18.62 -30.04
N TYR E 508 -24.36 -17.99 -28.92
CA TYR E 508 -23.70 -18.69 -27.83
C TYR E 508 -24.69 -18.82 -26.69
N ARG E 509 -24.81 -20.04 -26.16
CA ARG E 509 -25.64 -20.27 -24.99
C ARG E 509 -24.80 -20.01 -23.74
N VAL E 510 -25.35 -19.25 -22.82
CA VAL E 510 -24.62 -18.81 -21.64
C VAL E 510 -25.42 -19.20 -20.41
N VAL E 511 -24.75 -19.83 -19.46
CA VAL E 511 -25.34 -20.14 -18.17
C VAL E 511 -24.39 -19.63 -17.10
N VAL E 512 -24.92 -18.97 -16.09
CA VAL E 512 -24.13 -18.28 -15.10
C VAL E 512 -24.51 -18.81 -13.73
N LEU E 513 -23.56 -19.36 -13.01
CA LEU E 513 -23.80 -19.89 -11.68
C LEU E 513 -23.30 -18.87 -10.67
N SER E 514 -24.22 -18.18 -10.01
CA SER E 514 -23.87 -17.17 -9.03
C SER E 514 -24.12 -17.73 -7.64
N PHE E 515 -23.06 -18.01 -6.91
CA PHE E 515 -23.18 -18.63 -5.60
C PHE E 515 -23.55 -17.60 -4.56
N GLU E 516 -24.57 -17.89 -3.78
CA GLU E 516 -25.02 -17.04 -2.69
C GLU E 516 -24.34 -17.55 -1.43
N LEU E 517 -23.24 -16.91 -1.07
CA LEU E 517 -22.41 -17.34 0.04
C LEU E 517 -22.72 -16.51 1.28
N LEU E 518 -22.77 -17.18 2.42
CA LEU E 518 -23.00 -16.57 3.72
C LEU E 518 -24.33 -15.84 3.81
N HIS E 519 -25.45 -16.56 3.84
CA HIS E 519 -26.74 -15.96 4.13
C HIS E 519 -27.48 -16.66 5.25
N ALA E 520 -27.18 -17.92 5.51
CA ALA E 520 -28.01 -18.80 6.32
C ALA E 520 -27.22 -20.08 6.58
N PRO E 521 -27.80 -21.12 7.18
CA PRO E 521 -27.12 -22.42 7.18
C PRO E 521 -26.87 -22.90 5.76
N ALA E 522 -25.82 -23.70 5.59
CA ALA E 522 -25.50 -24.24 4.29
C ALA E 522 -26.64 -25.08 3.75
N THR E 523 -26.72 -25.14 2.42
CA THR E 523 -27.78 -25.91 1.77
C THR E 523 -27.31 -26.71 0.57
N VAL E 524 -26.27 -26.29 -0.15
CA VAL E 524 -25.78 -26.98 -1.33
C VAL E 524 -24.32 -27.31 -1.06
N CYS E 525 -24.01 -28.60 -0.98
CA CYS E 525 -22.65 -29.01 -0.67
C CYS E 525 -22.22 -30.10 -1.62
N GLY E 526 -21.03 -29.92 -2.17
CA GLY E 526 -20.49 -30.86 -3.12
C GLY E 526 -20.19 -32.19 -2.49
N PRO E 527 -19.68 -33.12 -3.28
CA PRO E 527 -19.40 -34.45 -2.76
C PRO E 527 -18.20 -34.45 -1.84
N LYS E 528 -18.45 -34.80 -0.58
CA LYS E 528 -17.36 -35.02 0.35
C LYS E 528 -17.88 -35.95 1.44
N LYS E 529 -17.37 -37.17 1.46
CA LYS E 529 -17.78 -38.14 2.46
C LYS E 529 -17.41 -37.66 3.85
N SER E 530 -18.43 -37.35 4.64
CA SER E 530 -18.18 -36.92 6.00
C SER E 530 -17.58 -38.07 6.80
N THR E 531 -16.87 -37.72 7.86
CA THR E 531 -16.37 -38.70 8.80
C THR E 531 -16.98 -38.41 10.15
N ASN E 532 -16.98 -39.41 11.03
CA ASN E 532 -17.45 -39.18 12.38
C ASN E 532 -16.54 -38.17 13.06
N LEU E 533 -17.10 -37.46 14.04
CA LEU E 533 -16.36 -36.42 14.75
C LEU E 533 -15.67 -37.00 15.97
N VAL E 534 -14.65 -36.28 16.43
CA VAL E 534 -13.89 -36.66 17.62
C VAL E 534 -13.99 -35.53 18.62
N LYS E 535 -13.32 -35.67 19.76
CA LYS E 535 -13.30 -34.59 20.74
C LYS E 535 -11.92 -34.51 21.38
N ASN E 536 -11.63 -33.34 21.94
CA ASN E 536 -10.49 -33.13 22.82
C ASN E 536 -9.16 -33.50 22.17
N LYS E 537 -9.13 -33.66 20.86
CA LYS E 537 -7.90 -33.74 20.11
C LYS E 537 -7.97 -32.66 19.05
N CYS E 538 -6.94 -31.85 18.94
CA CYS E 538 -7.06 -30.71 18.05
C CYS E 538 -6.92 -31.20 16.62
N VAL E 539 -7.98 -31.00 15.83
CA VAL E 539 -8.15 -31.60 14.53
C VAL E 539 -8.38 -30.51 13.50
N ASN E 540 -8.03 -30.79 12.27
CA ASN E 540 -8.28 -29.89 11.16
C ASN E 540 -9.71 -30.13 10.71
N PHE E 541 -10.67 -29.54 11.41
CA PHE E 541 -12.07 -29.85 11.20
C PHE E 541 -12.60 -29.10 9.99
N ASN E 542 -13.83 -29.46 9.61
CA ASN E 542 -14.50 -28.82 8.49
C ASN E 542 -16.00 -29.00 8.72
N PHE E 543 -16.61 -28.08 9.43
CA PHE E 543 -18.03 -28.16 9.73
C PHE E 543 -18.77 -27.31 8.73
N ASN E 544 -19.33 -27.95 7.71
CA ASN E 544 -20.24 -27.29 6.79
C ASN E 544 -19.55 -26.24 5.95
N GLY E 545 -18.23 -26.32 5.85
CA GLY E 545 -17.49 -25.31 5.11
C GLY E 545 -16.58 -24.48 5.99
N LEU E 546 -16.93 -24.32 7.25
CA LEU E 546 -16.12 -23.61 8.21
C LEU E 546 -14.86 -24.41 8.48
N THR E 547 -13.73 -23.95 7.95
CA THR E 547 -12.50 -24.74 7.95
C THR E 547 -11.56 -24.17 8.99
N GLY E 548 -11.15 -24.99 9.95
CA GLY E 548 -10.30 -24.50 11.01
C GLY E 548 -9.50 -25.61 11.64
N THR E 549 -9.08 -25.35 12.88
CA THR E 549 -8.39 -26.30 13.73
C THR E 549 -8.80 -26.04 15.17
N GLY E 550 -8.54 -27.02 16.03
CA GLY E 550 -8.78 -26.83 17.44
C GLY E 550 -9.39 -28.06 18.06
N VAL E 551 -9.63 -27.97 19.36
CA VAL E 551 -10.25 -29.05 20.12
C VAL E 551 -11.72 -28.72 20.27
N LEU E 552 -12.56 -29.74 20.21
CA LEU E 552 -14.00 -29.58 20.27
C LEU E 552 -14.54 -30.16 21.56
N THR E 553 -15.31 -29.37 22.29
CA THR E 553 -15.87 -29.78 23.56
C THR E 553 -17.38 -29.63 23.50
N GLU E 554 -18.09 -30.45 24.25
CA GLU E 554 -19.52 -30.26 24.36
C GLU E 554 -19.84 -28.90 24.94
N SER E 555 -20.94 -28.31 24.51
CA SER E 555 -21.30 -26.95 24.87
C SER E 555 -22.46 -26.95 25.86
N ASN E 556 -22.37 -26.06 26.84
CA ASN E 556 -23.55 -25.71 27.62
C ASN E 556 -24.21 -24.44 27.10
N LYS E 557 -23.62 -23.79 26.10
CA LYS E 557 -24.10 -22.50 25.64
C LYS E 557 -25.46 -22.68 24.98
N LYS E 558 -26.46 -21.99 25.51
CA LYS E 558 -27.82 -22.15 25.01
C LYS E 558 -27.93 -21.58 23.60
N PHE E 559 -27.90 -22.46 22.61
CA PHE E 559 -28.21 -22.03 21.26
C PHE E 559 -29.71 -21.85 21.12
N LEU E 560 -30.14 -21.37 19.97
CA LEU E 560 -31.54 -21.41 19.61
C LEU E 560 -31.70 -22.18 18.31
N PRO E 561 -32.84 -22.83 18.11
CA PRO E 561 -33.02 -23.71 16.95
C PRO E 561 -32.78 -23.05 15.60
N PHE E 562 -32.46 -21.78 15.57
CA PHE E 562 -32.19 -21.06 14.34
C PHE E 562 -30.84 -20.37 14.40
N GLN E 563 -29.98 -20.79 15.33
CA GLN E 563 -28.63 -20.27 15.46
C GLN E 563 -27.67 -21.34 14.98
N GLN E 564 -26.73 -20.95 14.12
CA GLN E 564 -25.79 -21.91 13.57
C GLN E 564 -24.43 -21.89 14.24
N PHE E 565 -23.97 -20.73 14.67
CA PHE E 565 -22.73 -20.66 15.43
C PHE E 565 -22.65 -19.34 16.18
N GLY E 566 -21.56 -19.17 16.91
CA GLY E 566 -21.31 -17.96 17.64
C GLY E 566 -19.88 -17.49 17.44
N ARG E 567 -19.70 -16.19 17.60
CA ARG E 567 -18.38 -15.59 17.52
C ARG E 567 -18.26 -14.55 18.61
N ASP E 568 -17.32 -14.74 19.52
CA ASP E 568 -17.20 -13.83 20.66
C ASP E 568 -16.81 -12.43 20.22
N ILE E 569 -15.76 -12.30 19.42
CA ILE E 569 -15.35 -11.03 18.86
C ILE E 569 -14.30 -11.30 17.80
N ALA E 570 -14.18 -10.39 16.84
CA ALA E 570 -13.10 -10.40 15.88
C ALA E 570 -13.15 -11.66 15.01
N ASP E 571 -14.38 -12.02 14.63
CA ASP E 571 -14.67 -13.16 13.77
C ASP E 571 -14.12 -14.47 14.32
N THR E 572 -13.92 -14.55 15.63
CA THR E 572 -13.47 -15.78 16.27
C THR E 572 -14.67 -16.69 16.42
N THR E 573 -14.86 -17.60 15.46
CA THR E 573 -15.90 -18.60 15.61
C THR E 573 -15.60 -19.45 16.84
N ASP E 574 -16.40 -19.26 17.88
CA ASP E 574 -16.16 -19.92 19.16
C ASP E 574 -16.96 -21.20 19.32
N ALA E 575 -18.20 -21.23 18.83
CA ALA E 575 -19.03 -22.42 18.93
C ALA E 575 -19.61 -22.73 17.57
N VAL E 576 -20.10 -23.97 17.42
CA VAL E 576 -20.76 -24.37 16.18
C VAL E 576 -21.61 -25.60 16.44
N ARG E 577 -22.77 -25.67 15.81
CA ARG E 577 -23.59 -26.86 15.90
C ARG E 577 -23.31 -27.74 14.68
N ASP E 578 -22.98 -28.99 14.93
CA ASP E 578 -22.66 -29.88 13.84
C ASP E 578 -23.90 -30.05 12.98
N PRO E 579 -23.74 -30.29 11.68
CA PRO E 579 -24.92 -30.35 10.81
C PRO E 579 -25.78 -31.58 11.02
N GLN E 580 -25.20 -32.72 11.38
CA GLN E 580 -25.94 -33.96 11.53
C GLN E 580 -26.51 -34.14 12.93
N THR E 581 -25.65 -34.15 13.93
CA THR E 581 -26.08 -34.39 15.30
C THR E 581 -26.90 -33.24 15.87
N LEU E 582 -26.81 -32.04 15.30
CA LEU E 582 -27.45 -30.85 15.83
C LEU E 582 -26.93 -30.52 17.22
N GLU E 583 -25.73 -31.00 17.54
CA GLU E 583 -25.09 -30.81 18.83
C GLU E 583 -24.14 -29.65 18.76
N ILE E 584 -24.13 -28.83 19.80
CA ILE E 584 -23.37 -27.58 19.85
C ILE E 584 -22.07 -27.85 20.59
N LEU E 585 -20.97 -27.36 20.04
CA LEU E 585 -19.63 -27.60 20.57
C LEU E 585 -18.87 -26.29 20.66
N ASP E 586 -17.92 -26.23 21.58
CA ASP E 586 -17.04 -25.08 21.65
C ASP E 586 -15.70 -25.39 21.00
N ILE E 587 -15.09 -24.38 20.41
CA ILE E 587 -13.85 -24.54 19.65
C ILE E 587 -12.78 -23.68 20.28
N THR E 588 -11.85 -24.31 21.00
CA THR E 588 -10.70 -23.59 21.51
C THR E 588 -9.46 -24.08 20.80
N PRO E 589 -8.69 -23.18 20.18
CA PRO E 589 -7.58 -23.63 19.34
C PRO E 589 -6.50 -24.29 20.19
N CYS E 590 -5.91 -25.35 19.65
CA CYS E 590 -5.05 -26.17 20.49
C CYS E 590 -3.81 -25.38 20.91
N SER E 591 -3.38 -25.64 22.14
CA SER E 591 -2.49 -24.77 22.90
C SER E 591 -1.24 -24.41 22.12
N PHE E 592 -0.78 -23.18 22.32
CA PHE E 592 0.44 -22.71 21.69
C PHE E 592 1.09 -21.69 22.61
N GLY E 593 2.38 -21.51 22.45
CA GLY E 593 3.12 -20.57 23.26
C GLY E 593 4.50 -20.38 22.70
N GLY E 594 5.21 -19.43 23.27
CA GLY E 594 6.61 -19.25 22.90
C GLY E 594 7.47 -20.27 23.61
N VAL E 595 8.68 -20.45 23.10
CA VAL E 595 9.68 -21.31 23.71
C VAL E 595 10.96 -20.51 23.86
N SER E 596 11.39 -20.32 25.10
CA SER E 596 12.58 -19.55 25.36
C SER E 596 13.55 -20.36 26.20
N VAL E 597 14.82 -20.32 25.81
CA VAL E 597 15.84 -21.16 26.42
C VAL E 597 16.60 -20.36 27.45
N ILE E 598 17.14 -21.05 28.44
CA ILE E 598 17.84 -20.43 29.56
C ILE E 598 19.26 -20.93 29.56
N THR E 599 20.19 -20.12 29.07
CA THR E 599 21.57 -20.57 28.98
C THR E 599 22.42 -19.80 29.97
N PRO E 600 23.47 -20.43 30.50
CA PRO E 600 24.40 -19.72 31.37
C PRO E 600 25.47 -18.93 30.64
N GLY E 601 25.39 -18.87 29.32
CA GLY E 601 26.47 -18.37 28.49
C GLY E 601 26.98 -19.47 27.58
N THR E 602 27.95 -19.13 26.77
CA THR E 602 28.53 -20.17 25.94
C THR E 602 29.85 -20.66 26.48
N ASN E 603 30.78 -19.76 26.81
CA ASN E 603 32.05 -20.17 27.40
C ASN E 603 31.86 -20.86 28.73
N THR E 604 30.80 -20.52 29.46
CA THR E 604 30.57 -21.20 30.72
C THR E 604 30.06 -22.62 30.52
N SER E 605 29.16 -22.84 29.57
CA SER E 605 28.66 -24.19 29.33
C SER E 605 27.86 -24.23 28.04
N ASN E 606 27.40 -25.42 27.71
CA ASN E 606 26.46 -25.64 26.62
C ASN E 606 25.18 -26.30 27.09
N GLN E 607 25.05 -26.54 28.38
CA GLN E 607 23.80 -27.07 28.89
C GLN E 607 22.78 -25.94 29.02
N VAL E 608 21.53 -26.27 28.73
CA VAL E 608 20.49 -25.25 28.70
C VAL E 608 19.22 -25.86 29.29
N ALA E 609 18.31 -24.99 29.70
CA ALA E 609 16.95 -25.38 29.99
C ALA E 609 16.07 -24.84 28.87
N VAL E 610 14.77 -25.09 28.96
CA VAL E 610 13.82 -24.60 27.98
C VAL E 610 12.50 -24.34 28.68
N LEU E 611 11.90 -23.19 28.40
CA LEU E 611 10.66 -22.79 29.06
C LEU E 611 9.53 -22.79 28.05
N TYR E 612 8.49 -23.56 28.34
CA TYR E 612 7.29 -23.60 27.52
C TYR E 612 6.26 -22.70 28.18
N GLN E 613 6.14 -21.47 27.68
CA GLN E 613 5.35 -20.47 28.37
C GLN E 613 3.89 -20.88 28.42
N ASP E 614 3.25 -20.55 29.54
CA ASP E 614 1.81 -20.70 29.77
C ASP E 614 1.24 -21.98 29.16
N VAL E 615 1.90 -23.09 29.44
CA VAL E 615 1.41 -24.39 29.00
C VAL E 615 1.45 -25.34 30.19
N ASN E 616 0.37 -26.08 30.38
CA ASN E 616 0.32 -27.07 31.45
C ASN E 616 1.31 -28.19 31.16
N CYS E 617 1.95 -28.71 32.20
CA CYS E 617 2.94 -29.76 31.99
C CYS E 617 2.27 -31.07 31.62
N THR E 618 1.63 -31.09 30.47
CA THR E 618 1.06 -32.31 29.91
C THR E 618 1.37 -32.48 28.44
N GLU E 619 1.86 -31.45 27.76
CA GLU E 619 2.24 -31.55 26.36
C GLU E 619 3.76 -31.64 26.27
N VAL E 620 4.28 -31.79 25.05
CA VAL E 620 5.68 -32.14 24.85
C VAL E 620 6.57 -30.97 25.23
N ASN E 641 14.98 -32.96 33.75
CA ASN E 641 13.81 -32.95 34.61
C ASN E 641 12.67 -32.15 33.99
N VAL E 642 11.52 -32.14 34.65
CA VAL E 642 10.37 -31.34 34.23
C VAL E 642 9.78 -30.69 35.46
N PHE E 643 9.66 -29.36 35.43
CA PHE E 643 9.19 -28.59 36.57
C PHE E 643 8.15 -27.60 36.08
N GLN E 644 7.09 -27.45 36.85
CA GLN E 644 5.98 -26.57 36.50
C GLN E 644 6.06 -25.28 37.30
N THR E 645 5.82 -24.16 36.63
CA THR E 645 5.81 -22.87 37.29
C THR E 645 4.45 -22.22 37.11
N ARG E 646 4.34 -20.96 37.53
CA ARG E 646 3.19 -20.15 37.14
C ARG E 646 3.37 -19.56 35.76
N ALA E 647 4.62 -19.44 35.30
CA ALA E 647 4.87 -18.89 33.98
C ALA E 647 4.71 -19.93 32.90
N GLY E 648 4.96 -21.19 33.22
CA GLY E 648 4.85 -22.24 32.23
C GLY E 648 5.53 -23.51 32.72
N CYS E 649 5.79 -24.39 31.77
CA CYS E 649 6.42 -25.68 32.05
C CYS E 649 7.89 -25.59 31.67
N LEU E 650 8.75 -25.74 32.66
CA LEU E 650 10.18 -25.56 32.48
C LEU E 650 10.86 -26.91 32.58
N ILE E 651 11.46 -27.37 31.50
CA ILE E 651 12.16 -28.65 31.46
C ILE E 651 13.64 -28.36 31.28
N GLY E 652 14.47 -29.11 31.98
CA GLY E 652 15.91 -28.94 31.92
C GLY E 652 16.49 -28.36 33.17
N ALA E 653 15.66 -27.80 34.05
CA ALA E 653 16.15 -27.25 35.30
C ALA E 653 15.71 -28.11 36.46
N GLU E 654 16.57 -28.18 37.46
CA GLU E 654 16.34 -29.01 38.64
C GLU E 654 15.93 -28.11 39.80
N HIS E 655 14.67 -28.20 40.19
CA HIS E 655 14.12 -27.29 41.16
C HIS E 655 14.75 -27.51 42.54
N VAL E 656 14.98 -26.43 43.27
CA VAL E 656 15.61 -26.50 44.58
C VAL E 656 14.75 -25.74 45.59
N ASN E 657 15.23 -25.69 46.83
CA ASN E 657 14.45 -25.08 47.89
C ASN E 657 15.12 -23.86 48.54
N ASN E 658 16.41 -23.91 48.80
CA ASN E 658 17.06 -22.75 49.37
C ASN E 658 17.10 -21.62 48.35
N SER E 659 16.82 -20.41 48.80
CA SER E 659 16.70 -19.25 47.93
C SER E 659 18.06 -18.63 47.69
N TYR E 660 18.20 -17.97 46.54
CA TYR E 660 19.41 -17.23 46.22
C TYR E 660 19.03 -15.89 45.62
N GLU E 661 20.01 -15.00 45.49
CA GLU E 661 19.82 -13.83 44.66
C GLU E 661 19.75 -14.29 43.22
N CYS E 662 18.76 -13.82 42.47
CA CYS E 662 18.41 -14.62 41.31
C CYS E 662 19.13 -14.11 40.07
N ASP E 663 19.47 -15.05 39.19
CA ASP E 663 20.36 -14.78 38.05
C ASP E 663 19.58 -14.39 36.81
N ILE E 664 18.77 -15.31 36.30
CA ILE E 664 18.10 -15.20 35.01
C ILE E 664 16.60 -15.16 35.28
N PRO E 665 15.98 -14.00 35.34
CA PRO E 665 14.58 -13.95 35.75
C PRO E 665 13.70 -14.75 34.83
N ILE E 666 12.81 -15.53 35.41
CA ILE E 666 11.95 -16.41 34.64
C ILE E 666 10.51 -15.93 34.70
N GLY E 667 10.04 -15.62 35.88
CA GLY E 667 8.69 -15.10 35.99
C GLY E 667 8.01 -15.59 37.23
N ALA E 668 7.04 -14.81 37.69
CA ALA E 668 6.20 -15.18 38.82
C ALA E 668 7.03 -15.42 40.08
N GLY E 669 8.18 -14.76 40.17
CA GLY E 669 9.03 -14.89 41.32
C GLY E 669 10.10 -15.95 41.24
N ILE E 670 10.27 -16.60 40.10
CA ILE E 670 11.18 -17.73 39.97
C ILE E 670 12.32 -17.34 39.06
N CYS E 671 13.55 -17.64 39.46
CA CYS E 671 14.71 -17.36 38.64
C CYS E 671 15.54 -18.61 38.47
N ALA E 672 16.63 -18.46 37.73
CA ALA E 672 17.45 -19.59 37.40
C ALA E 672 18.92 -19.28 37.58
N VAL E 687 23.45 -21.38 36.58
CA VAL E 687 24.17 -22.62 36.78
C VAL E 687 24.83 -22.58 38.13
N ALA E 688 24.95 -23.74 38.76
CA ALA E 688 25.63 -23.84 40.03
C ALA E 688 26.08 -25.29 40.20
N SER E 689 27.38 -25.52 40.05
CA SER E 689 27.93 -26.87 40.08
C SER E 689 27.32 -27.74 38.98
N GLN E 690 27.65 -27.38 37.72
CA GLN E 690 27.40 -28.22 36.54
C GLN E 690 25.92 -28.59 36.36
N SER E 691 25.02 -27.77 36.91
CA SER E 691 23.60 -28.04 36.74
C SER E 691 22.84 -26.73 36.75
N ILE E 692 21.68 -26.74 36.13
CA ILE E 692 20.81 -25.56 36.07
C ILE E 692 19.72 -25.69 37.12
N ILE E 693 19.67 -24.73 38.04
CA ILE E 693 18.74 -24.79 39.16
C ILE E 693 17.74 -23.65 39.01
N ALA E 694 16.48 -23.95 39.27
CA ALA E 694 15.41 -22.98 39.18
C ALA E 694 14.74 -22.84 40.53
N TYR E 695 14.85 -21.67 41.14
CA TYR E 695 14.45 -21.49 42.52
C TYR E 695 13.55 -20.28 42.64
N THR E 696 13.21 -19.96 43.88
CA THR E 696 12.45 -18.76 44.17
C THR E 696 13.40 -17.62 44.44
N MET E 697 13.07 -16.43 43.95
CA MET E 697 13.92 -15.28 44.23
C MET E 697 14.04 -15.10 45.73
N SER E 698 15.16 -14.53 46.15
CA SER E 698 15.24 -14.04 47.51
C SER E 698 15.24 -12.53 47.49
N LEU E 699 14.53 -11.95 48.44
CA LEU E 699 14.61 -10.51 48.57
C LEU E 699 15.91 -10.07 49.21
N GLY E 700 16.66 -11.00 49.76
CA GLY E 700 17.87 -10.67 50.50
C GLY E 700 17.76 -11.22 51.90
N ALA E 701 18.84 -11.03 52.65
CA ALA E 701 18.88 -11.54 54.02
C ALA E 701 17.85 -10.82 54.88
N GLU E 702 17.01 -11.61 55.53
CA GLU E 702 15.94 -11.08 56.36
C GLU E 702 16.52 -10.82 57.74
N ASN E 703 16.63 -9.55 58.10
CA ASN E 703 17.04 -9.17 59.45
C ASN E 703 16.11 -8.09 59.96
N SER E 704 15.38 -8.39 61.01
CA SER E 704 14.55 -7.38 61.66
C SER E 704 15.31 -6.81 62.84
N VAL E 705 15.39 -5.49 62.90
CA VAL E 705 16.26 -4.83 63.86
C VAL E 705 15.54 -4.73 65.20
N ALA E 706 16.33 -4.64 66.28
CA ALA E 706 15.80 -4.71 67.63
C ALA E 706 15.22 -3.38 68.10
N TYR E 707 13.93 -3.16 67.84
CA TYR E 707 13.29 -1.96 68.30
C TYR E 707 13.09 -1.99 69.81
N SER E 708 13.21 -0.83 70.43
CA SER E 708 12.91 -0.66 71.84
C SER E 708 11.95 0.50 71.96
N ASN E 709 11.61 0.88 73.19
CA ASN E 709 11.01 2.18 73.39
C ASN E 709 11.99 3.18 73.96
N ASN E 710 13.20 2.72 74.28
CA ASN E 710 14.14 3.62 74.93
C ASN E 710 15.60 3.36 74.56
N SER E 711 15.87 2.73 73.43
CA SER E 711 17.25 2.38 73.14
C SER E 711 17.62 2.83 71.74
N ILE E 712 18.68 3.62 71.64
CA ILE E 712 19.18 4.09 70.36
C ILE E 712 20.50 3.40 70.08
N ALA E 713 20.94 3.44 68.83
CA ALA E 713 22.21 2.87 68.42
C ALA E 713 22.94 3.85 67.53
N ILE E 714 24.12 4.28 67.94
CA ILE E 714 24.81 5.36 67.26
C ILE E 714 26.15 4.87 66.72
N PRO E 715 26.47 5.14 65.45
CA PRO E 715 27.70 4.61 64.87
C PRO E 715 28.92 5.26 65.46
N THR E 716 30.06 4.59 65.33
CA THR E 716 31.32 5.08 65.89
C THR E 716 32.43 5.13 64.86
N ASN E 717 32.15 4.80 63.61
CA ASN E 717 33.16 4.87 62.57
C ASN E 717 32.46 4.81 61.23
N PHE E 718 33.12 5.32 60.21
CA PHE E 718 32.49 5.50 58.92
C PHE E 718 33.45 5.02 57.84
N THR E 719 32.94 4.93 56.62
CA THR E 719 33.77 4.66 55.47
C THR E 719 33.31 5.58 54.36
N ILE E 720 34.17 6.49 53.93
CA ILE E 720 33.87 7.29 52.75
C ILE E 720 34.19 6.44 51.53
N SER E 721 33.21 6.20 50.69
CA SER E 721 33.30 5.23 49.62
C SER E 721 32.93 5.88 48.32
N VAL E 722 33.45 5.34 47.23
CA VAL E 722 33.24 5.90 45.90
C VAL E 722 32.52 4.86 45.08
N THR E 723 31.22 5.06 44.89
CA THR E 723 30.52 4.32 43.88
C THR E 723 30.80 4.95 42.53
N THR E 724 30.13 4.46 41.50
CA THR E 724 30.09 5.14 40.23
C THR E 724 28.65 5.26 39.80
N GLU E 725 28.43 5.93 38.69
CA GLU E 725 27.10 6.11 38.15
C GLU E 725 27.21 6.53 36.70
N ILE E 726 26.76 5.67 35.79
CA ILE E 726 26.94 5.88 34.38
C ILE E 726 25.63 6.37 33.80
N LEU E 727 25.70 7.36 32.91
CA LEU E 727 24.53 7.86 32.22
C LEU E 727 24.93 8.14 30.79
N PRO E 728 24.14 7.72 29.81
CA PRO E 728 24.32 8.23 28.46
C PRO E 728 23.87 9.67 28.42
N VAL E 729 24.44 10.43 27.49
CA VAL E 729 24.00 11.81 27.31
C VAL E 729 23.76 12.12 25.85
N SER E 730 24.18 11.23 24.95
CA SER E 730 23.97 11.56 23.55
C SER E 730 24.19 10.33 22.70
N MET E 731 23.55 10.32 21.54
CA MET E 731 23.70 9.23 20.60
C MET E 731 24.41 9.79 19.39
N THR E 732 24.81 8.90 18.48
CA THR E 732 25.56 9.34 17.32
C THR E 732 24.66 10.13 16.39
N LYS E 733 25.16 11.27 15.91
CA LYS E 733 24.37 12.16 15.07
C LYS E 733 24.29 11.56 13.69
N THR E 734 23.70 10.39 13.59
CA THR E 734 23.54 9.80 12.28
C THR E 734 22.51 10.58 11.48
N SER E 735 22.66 10.53 10.18
CA SER E 735 21.73 11.20 9.29
C SER E 735 21.61 10.37 8.03
N VAL E 736 20.46 10.45 7.39
CA VAL E 736 20.17 9.65 6.22
C VAL E 736 19.53 10.54 5.19
N ASP E 737 20.03 10.46 3.96
CA ASP E 737 19.41 11.17 2.85
C ASP E 737 18.25 10.34 2.34
N CYS E 738 17.06 10.91 2.34
CA CYS E 738 15.89 10.11 2.02
C CYS E 738 15.94 9.63 0.57
N THR E 739 15.97 10.55 -0.38
CA THR E 739 15.81 10.15 -1.77
C THR E 739 16.91 9.22 -2.22
N MET E 740 18.12 9.38 -1.67
CA MET E 740 19.18 8.50 -2.11
C MET E 740 19.04 7.12 -1.50
N TYR E 741 18.36 7.01 -0.38
CA TYR E 741 18.09 5.69 0.16
C TYR E 741 17.04 4.98 -0.66
N ILE E 742 15.96 5.68 -0.97
CA ILE E 742 14.82 5.05 -1.61
C ILE E 742 15.09 4.82 -3.09
N CYS E 743 15.63 5.82 -3.76
CA CYS E 743 15.93 5.71 -5.18
C CYS E 743 17.38 5.30 -5.42
N GLY E 744 18.34 6.05 -4.88
CA GLY E 744 19.72 5.68 -5.03
C GLY E 744 20.27 6.03 -6.38
N ASP E 745 20.25 7.32 -6.72
CA ASP E 745 20.76 7.80 -7.99
C ASP E 745 20.03 7.15 -9.16
N SER E 746 18.74 7.40 -9.25
CA SER E 746 17.92 6.96 -10.37
C SER E 746 16.97 8.09 -10.71
N THR E 747 16.81 8.36 -12.01
CA THR E 747 15.92 9.44 -12.42
C THR E 747 14.48 8.94 -12.53
N GLU E 748 14.31 7.69 -12.90
CA GLU E 748 12.97 7.14 -13.02
C GLU E 748 12.30 7.00 -11.67
N CYS E 749 13.06 6.58 -10.67
CA CYS E 749 12.49 6.40 -9.35
C CYS E 749 12.13 7.72 -8.70
N SER E 750 12.99 8.73 -8.81
CA SER E 750 12.73 9.98 -8.11
C SER E 750 11.43 10.62 -8.58
N ASN E 751 11.25 10.74 -9.89
CA ASN E 751 10.04 11.37 -10.41
C ASN E 751 8.79 10.62 -9.98
N LEU E 752 8.94 9.39 -9.52
CA LEU E 752 7.84 8.74 -8.82
C LEU E 752 7.75 9.22 -7.39
N LEU E 753 8.89 9.26 -6.70
CA LEU E 753 8.91 9.66 -5.31
C LEU E 753 8.41 11.07 -5.14
N LEU E 754 8.40 11.86 -6.21
CA LEU E 754 7.86 13.21 -6.13
C LEU E 754 6.36 13.21 -5.97
N GLN E 755 5.70 12.11 -6.28
CA GLN E 755 4.25 12.05 -6.13
C GLN E 755 3.82 11.84 -4.70
N TYR E 756 4.68 11.32 -3.85
CA TYR E 756 4.36 11.12 -2.46
C TYR E 756 4.50 12.38 -1.66
N GLY E 757 4.31 13.52 -2.28
CA GLY E 757 4.27 14.76 -1.55
C GLY E 757 5.60 15.09 -0.93
N SER E 758 5.58 15.45 0.35
CA SER E 758 6.78 15.82 1.06
C SER E 758 7.12 14.82 2.15
N PHE E 759 7.09 13.52 1.85
CA PHE E 759 7.58 12.56 2.81
C PHE E 759 9.08 12.68 2.95
N CYS E 760 9.78 12.80 1.82
CA CYS E 760 11.23 12.92 1.86
C CYS E 760 11.65 14.14 2.66
N THR E 761 11.05 15.29 2.39
CA THR E 761 11.39 16.49 3.13
C THR E 761 11.08 16.34 4.61
N GLN E 762 10.03 15.57 4.91
CA GLN E 762 9.53 15.52 6.27
C GLN E 762 10.43 14.68 7.15
N LEU E 763 10.90 13.53 6.64
CA LEU E 763 11.80 12.69 7.44
C LEU E 763 13.13 13.39 7.61
N ASN E 764 13.66 13.96 6.54
CA ASN E 764 14.96 14.58 6.60
C ASN E 764 15.00 15.67 7.64
N ARG E 765 13.89 16.37 7.83
CA ARG E 765 13.83 17.39 8.86
C ARG E 765 13.79 16.75 10.24
N ALA E 766 13.12 15.62 10.37
CA ALA E 766 13.04 14.95 11.65
C ALA E 766 14.41 14.47 12.09
N LEU E 767 15.20 13.96 11.15
CA LEU E 767 16.49 13.39 11.52
C LEU E 767 17.51 14.46 11.84
N THR E 768 17.45 15.62 11.20
CA THR E 768 18.34 16.70 11.61
C THR E 768 17.77 17.49 12.75
N GLY E 769 16.58 17.13 13.21
CA GLY E 769 16.05 17.76 14.40
C GLY E 769 16.63 17.15 15.65
N ILE E 770 17.00 15.88 15.58
CA ILE E 770 17.59 15.22 16.73
C ILE E 770 19.10 15.21 16.60
N ALA E 771 19.61 15.40 15.40
CA ALA E 771 21.03 15.55 15.26
C ALA E 771 21.49 16.86 15.85
N VAL E 772 20.73 17.93 15.63
CA VAL E 772 21.09 19.20 16.23
C VAL E 772 20.78 19.23 17.71
N GLU E 773 20.10 18.22 18.23
CA GLU E 773 19.79 18.19 19.65
C GLU E 773 20.90 17.49 20.42
N GLN E 774 21.54 16.50 19.79
CA GLN E 774 22.67 15.85 20.44
C GLN E 774 23.75 16.86 20.80
N ASP E 775 23.78 17.98 20.09
CA ASP E 775 24.72 19.04 20.44
C ASP E 775 24.24 19.84 21.61
N LYS E 776 22.94 19.83 21.89
CA LYS E 776 22.45 20.55 23.05
C LYS E 776 22.54 19.70 24.30
N ASN E 777 22.63 18.39 24.14
CA ASN E 777 22.77 17.52 25.29
C ASN E 777 24.16 17.67 25.89
N THR E 778 25.19 17.52 25.06
CA THR E 778 26.54 17.63 25.58
C THR E 778 26.86 19.05 25.98
N GLN E 779 26.11 20.02 25.44
CA GLN E 779 26.36 21.41 25.78
C GLN E 779 25.73 21.77 27.11
N GLU E 780 24.94 20.87 27.66
CA GLU E 780 24.29 21.15 28.93
C GLU E 780 24.96 20.40 30.06
N VAL E 781 25.37 19.17 29.81
CA VAL E 781 25.99 18.38 30.85
C VAL E 781 27.34 18.95 31.21
N PHE E 782 28.13 19.33 30.20
CA PHE E 782 29.49 19.77 30.45
C PHE E 782 29.61 21.28 30.50
N ALA E 783 29.13 21.99 29.49
CA ALA E 783 29.31 23.44 29.43
C ALA E 783 28.48 24.16 30.49
N GLN E 784 28.85 23.91 31.74
CA GLN E 784 28.19 24.57 32.86
C GLN E 784 29.01 25.69 33.44
N VAL E 785 30.24 25.86 32.99
CA VAL E 785 31.19 26.77 33.63
C VAL E 785 31.56 27.85 32.64
N LYS E 786 31.91 29.02 33.17
CA LYS E 786 32.28 30.13 32.31
C LYS E 786 33.70 29.98 31.80
N GLN E 787 34.68 30.02 32.69
CA GLN E 787 36.07 29.98 32.32
C GLN E 787 36.66 28.62 32.64
N ILE E 788 37.69 28.27 31.90
CA ILE E 788 38.33 26.96 31.99
C ILE E 788 39.38 27.05 33.08
N TYR E 789 39.05 26.57 34.26
CA TYR E 789 40.02 26.63 35.35
C TYR E 789 41.14 25.65 35.09
N LYS E 790 42.31 25.99 35.61
CA LYS E 790 43.50 25.21 35.43
C LYS E 790 44.02 24.75 36.78
N THR E 791 44.34 23.47 36.86
CA THR E 791 44.77 22.92 38.13
C THR E 791 46.18 23.38 38.43
N PRO E 792 46.54 23.58 39.70
CA PRO E 792 47.83 24.17 40.02
C PRO E 792 48.96 23.20 39.76
N PRO E 793 50.20 23.69 39.63
CA PRO E 793 51.33 22.77 39.48
C PRO E 793 51.55 21.89 40.70
N ILE E 794 51.77 22.51 41.86
CA ILE E 794 51.99 21.72 43.07
C ILE E 794 50.67 21.18 43.58
N LYS E 795 50.69 19.94 44.05
CA LYS E 795 49.48 19.24 44.48
C LYS E 795 49.67 18.81 45.92
N ASP E 796 49.14 19.59 46.85
CA ASP E 796 49.37 19.41 48.27
C ASP E 796 48.05 19.16 48.98
N PHE E 797 47.15 18.45 48.32
CA PHE E 797 45.77 18.41 48.77
C PHE E 797 45.62 17.64 50.06
N GLY E 798 46.15 18.18 51.15
CA GLY E 798 45.95 17.69 52.48
C GLY E 798 46.08 16.19 52.64
N GLY E 799 46.80 15.53 51.76
CA GLY E 799 46.88 14.09 51.77
C GLY E 799 45.98 13.40 50.76
N PHE E 800 44.94 14.06 50.29
CA PHE E 800 44.06 13.49 49.29
C PHE E 800 44.82 13.39 47.99
N ASN E 801 44.84 12.21 47.39
CA ASN E 801 45.59 11.94 46.17
C ASN E 801 44.62 11.93 44.99
N PHE E 802 44.71 12.94 44.14
CA PHE E 802 43.84 13.06 42.98
C PHE E 802 44.49 12.58 41.70
N SER E 803 45.60 11.85 41.80
CA SER E 803 46.34 11.50 40.60
C SER E 803 45.49 10.78 39.58
N GLN E 804 44.46 10.09 40.03
CA GLN E 804 43.69 9.24 39.14
C GLN E 804 42.76 10.02 38.24
N ILE E 805 42.19 11.12 38.73
CA ILE E 805 41.16 11.83 38.00
C ILE E 805 41.71 13.05 37.28
N LEU E 806 42.63 13.76 37.88
CA LEU E 806 43.13 14.95 37.22
C LEU E 806 43.92 14.57 35.98
N PRO E 807 43.93 15.43 34.97
CA PRO E 807 44.47 15.02 33.67
C PRO E 807 45.96 14.72 33.73
N ASP E 808 46.38 13.82 32.85
CA ASP E 808 47.78 13.45 32.68
C ASP E 808 48.21 13.82 31.26
N PRO E 809 49.19 14.69 31.08
CA PRO E 809 49.51 15.19 29.74
C PRO E 809 50.23 14.17 28.87
N SER E 810 50.40 12.95 29.38
CA SER E 810 51.10 11.91 28.62
C SER E 810 50.40 11.60 27.31
N LYS E 811 49.10 11.85 27.22
CA LYS E 811 48.34 11.52 26.03
C LYS E 811 47.49 12.69 25.55
N ARG E 815 44.04 13.96 28.76
CA ARG E 815 42.99 13.05 29.21
C ARG E 815 43.44 12.34 30.47
N SER E 816 42.51 12.03 31.35
CA SER E 816 42.86 11.54 32.67
C SER E 816 43.17 10.05 32.64
N PHE E 817 43.53 9.53 33.80
CA PHE E 817 43.86 8.12 33.88
C PHE E 817 42.62 7.26 33.81
N ILE E 818 41.68 7.46 34.74
CA ILE E 818 40.44 6.68 34.71
C ILE E 818 39.71 6.87 33.40
N GLU E 819 39.60 8.12 32.95
CA GLU E 819 38.98 8.37 31.65
C GLU E 819 39.62 7.52 30.58
N ASP E 820 40.92 7.30 30.67
CA ASP E 820 41.61 6.52 29.65
C ASP E 820 41.17 5.07 29.70
N LEU E 821 40.84 4.58 30.88
CA LEU E 821 40.33 3.22 30.98
C LEU E 821 38.92 3.14 30.43
N LEU E 822 38.11 4.18 30.65
CA LEU E 822 36.77 4.21 30.10
C LEU E 822 36.79 4.19 28.59
N PHE E 823 37.73 4.90 27.98
CA PHE E 823 37.75 4.93 26.53
C PHE E 823 38.24 3.63 25.94
N ASN E 824 38.69 2.70 26.77
CA ASN E 824 39.10 1.41 26.23
C ASN E 824 38.01 0.37 26.35
N LYS E 825 37.00 0.59 27.17
CA LYS E 825 36.00 -0.41 27.47
C LYS E 825 34.76 -0.32 26.59
N VAL E 826 34.84 0.34 25.43
CA VAL E 826 33.72 0.38 24.50
C VAL E 826 34.24 0.07 23.11
N THR E 827 33.31 -0.33 22.23
CA THR E 827 33.64 -0.85 20.92
C THR E 827 32.87 -0.11 19.83
N LEU E 828 32.94 1.22 19.85
CA LEU E 828 32.28 2.07 18.87
C LEU E 828 32.61 1.67 17.45
N GLN E 853 30.72 3.69 9.61
CA GLN E 853 30.81 3.11 8.28
C GLN E 853 29.56 3.43 7.48
N LYS E 854 29.73 4.07 6.33
CA LYS E 854 28.61 4.54 5.52
C LYS E 854 28.57 3.87 4.16
N PHE E 855 27.35 3.65 3.68
CA PHE E 855 27.12 2.89 2.47
C PHE E 855 26.43 3.70 1.39
N ASN E 856 25.23 4.19 1.69
CA ASN E 856 24.38 4.82 0.68
C ASN E 856 23.35 5.69 1.41
N GLY E 857 23.45 7.00 1.23
CA GLY E 857 22.56 7.87 1.94
C GLY E 857 22.87 8.00 3.41
N LEU E 858 23.43 6.98 4.03
CA LEU E 858 23.77 7.03 5.43
C LEU E 858 25.00 7.90 5.61
N THR E 859 25.17 8.43 6.81
CA THR E 859 26.32 9.26 7.13
C THR E 859 26.39 9.36 8.64
N VAL E 860 27.46 9.95 9.12
CA VAL E 860 27.60 10.22 10.54
C VAL E 860 28.24 11.59 10.69
N LEU E 861 27.43 12.58 10.89
CA LEU E 861 27.99 13.88 11.15
C LEU E 861 28.83 13.82 12.42
N PRO E 862 29.94 14.55 12.48
CA PRO E 862 30.76 14.50 13.67
C PRO E 862 30.18 15.39 14.75
N PRO E 863 30.34 15.02 16.01
CA PRO E 863 29.82 15.86 17.09
C PRO E 863 30.53 17.18 17.12
N LEU E 864 29.81 18.21 17.54
CA LEU E 864 30.40 19.54 17.54
C LEU E 864 31.52 19.66 18.56
N LEU E 865 31.28 19.28 19.80
CA LEU E 865 32.28 19.35 20.84
C LEU E 865 33.21 18.15 20.73
N THR E 866 34.41 18.37 20.23
CA THR E 866 35.33 17.26 20.07
C THR E 866 35.72 16.67 21.41
N ASP E 867 36.18 15.41 21.37
CA ASP E 867 36.41 14.69 22.61
C ASP E 867 37.51 15.33 23.43
N GLU E 868 38.51 15.93 22.80
CA GLU E 868 39.55 16.59 23.57
C GLU E 868 39.08 17.95 24.06
N MET E 869 37.89 18.38 23.65
CA MET E 869 37.24 19.49 24.34
C MET E 869 36.40 18.99 25.48
N ILE E 870 35.56 17.99 25.21
CA ILE E 870 34.76 17.38 26.26
C ILE E 870 35.67 16.95 27.41
N ALA E 871 36.85 16.45 27.08
CA ALA E 871 37.80 16.12 28.13
C ALA E 871 38.35 17.35 28.80
N GLN E 872 38.16 18.52 28.22
CA GLN E 872 38.68 19.73 28.84
C GLN E 872 37.70 20.37 29.79
N TYR E 873 36.43 20.45 29.41
CA TYR E 873 35.40 20.88 30.34
C TYR E 873 35.48 20.09 31.63
N THR E 874 35.54 18.78 31.53
CA THR E 874 35.62 17.95 32.72
C THR E 874 36.93 18.11 33.46
N SER E 875 37.81 18.98 33.00
CA SER E 875 38.95 19.35 33.82
C SER E 875 38.70 20.62 34.62
N ALA E 876 38.08 21.62 34.00
CA ALA E 876 37.69 22.79 34.75
C ALA E 876 36.71 22.42 35.84
N LEU E 877 35.71 21.61 35.51
CA LEU E 877 34.82 21.10 36.53
C LEU E 877 35.57 20.40 37.63
N LEU E 878 36.76 19.88 37.34
CA LEU E 878 37.57 19.24 38.35
C LEU E 878 38.43 20.23 39.10
N ALA E 879 38.96 21.22 38.42
CA ALA E 879 39.84 22.18 39.07
C ALA E 879 39.08 23.25 39.82
N GLY E 880 37.78 23.39 39.59
CA GLY E 880 37.00 24.32 40.36
C GLY E 880 36.51 23.66 41.62
N THR E 881 36.13 22.39 41.51
CA THR E 881 35.61 21.69 42.67
C THR E 881 36.72 21.22 43.57
N ILE E 882 37.96 21.22 43.09
CA ILE E 882 39.07 20.89 43.96
C ILE E 882 39.52 22.12 44.72
N THR E 883 39.71 23.22 44.00
CA THR E 883 40.16 24.46 44.60
C THR E 883 39.02 25.21 45.27
N SER E 884 37.97 25.53 44.51
CA SER E 884 36.98 26.49 44.96
C SER E 884 35.80 25.87 45.69
N GLY E 885 35.47 24.63 45.40
CA GLY E 885 34.40 23.96 46.13
C GLY E 885 33.06 24.19 45.49
N TRP E 886 32.14 24.75 46.27
CA TRP E 886 30.81 25.05 45.73
C TRP E 886 30.86 26.20 44.76
N THR E 887 31.67 27.19 45.06
CA THR E 887 31.41 28.55 44.67
C THR E 887 31.63 28.82 43.19
N PHE E 888 32.41 28.00 42.51
CA PHE E 888 32.64 28.29 41.10
C PHE E 888 31.35 28.09 40.30
N GLY E 889 30.32 27.59 40.96
CA GLY E 889 29.05 27.43 40.29
C GLY E 889 28.09 28.57 40.59
N ALA E 890 28.41 29.34 41.62
CA ALA E 890 27.47 30.36 42.07
C ALA E 890 27.88 31.75 41.59
N GLY E 891 29.14 31.92 41.23
CA GLY E 891 29.59 33.24 40.83
C GLY E 891 31.09 33.34 40.62
N ALA E 892 31.71 34.33 41.26
CA ALA E 892 33.16 34.43 41.22
C ALA E 892 33.77 33.30 42.05
N ALA E 893 34.66 32.54 41.42
CA ALA E 893 35.18 31.32 42.04
C ALA E 893 36.14 31.67 43.17
N LEU E 894 35.72 31.45 44.40
CA LEU E 894 36.52 31.74 45.57
C LEU E 894 37.30 30.49 45.92
N GLN E 895 38.59 30.64 46.21
CA GLN E 895 39.40 29.47 46.55
C GLN E 895 39.39 29.25 48.05
N ILE E 896 39.53 27.99 48.44
CA ILE E 896 39.51 27.54 49.83
C ILE E 896 40.34 26.26 49.89
N PRO E 897 41.24 26.10 50.86
CA PRO E 897 42.08 24.91 50.88
C PRO E 897 41.28 23.65 51.05
N PHE E 898 41.62 22.63 50.27
CA PHE E 898 40.80 21.43 50.19
C PHE E 898 40.51 20.85 51.56
N ALA E 899 41.56 20.54 52.31
CA ALA E 899 41.38 19.96 53.64
C ALA E 899 40.37 20.76 54.46
N MET E 900 40.22 22.04 54.13
CA MET E 900 39.17 22.83 54.77
C MET E 900 37.83 22.63 54.09
N GLN E 901 37.82 22.35 52.79
CA GLN E 901 36.55 22.16 52.13
C GLN E 901 35.84 20.94 52.68
N MET E 902 36.50 19.78 52.64
CA MET E 902 35.88 18.57 53.16
C MET E 902 35.36 18.77 54.57
N ALA E 903 35.97 19.68 55.32
CA ALA E 903 35.43 20.02 56.63
C ALA E 903 34.11 20.73 56.48
N TYR E 904 33.95 21.49 55.41
CA TYR E 904 32.73 22.27 55.21
C TYR E 904 31.67 21.45 54.50
N ARG E 905 32.05 20.26 54.04
CA ARG E 905 31.04 19.32 53.56
C ARG E 905 30.65 18.33 54.64
N PHE E 906 31.59 17.96 55.51
CA PHE E 906 31.23 17.20 56.70
C PHE E 906 30.19 17.96 57.51
N ASN E 907 30.31 19.28 57.51
CA ASN E 907 29.32 20.10 58.17
C ASN E 907 28.01 20.10 57.41
N GLY E 908 27.96 19.39 56.28
CA GLY E 908 26.71 19.30 55.56
C GLY E 908 25.81 18.20 56.10
N ILE E 909 26.35 17.00 56.19
CA ILE E 909 25.50 15.83 56.46
C ILE E 909 25.17 15.73 57.94
N GLY E 910 25.72 16.62 58.75
CA GLY E 910 25.35 16.60 60.14
C GLY E 910 26.45 16.10 61.06
N VAL E 911 27.70 16.23 60.61
CA VAL E 911 28.87 15.88 61.39
C VAL E 911 29.65 17.16 61.64
N THR E 912 29.84 17.50 62.91
CA THR E 912 30.65 18.65 63.25
C THR E 912 32.03 18.51 62.63
N GLN E 913 32.62 19.63 62.26
CA GLN E 913 33.83 19.59 61.45
C GLN E 913 35.00 19.01 62.19
N ASN E 914 34.98 19.03 63.52
CA ASN E 914 36.12 18.54 64.26
C ASN E 914 36.44 17.11 63.89
N VAL E 915 35.44 16.36 63.44
CA VAL E 915 35.66 14.96 63.12
C VAL E 915 36.72 14.82 62.04
N LEU E 916 36.65 15.64 61.00
CA LEU E 916 37.60 15.50 59.90
C LEU E 916 39.02 15.72 60.39
N TYR E 917 39.34 16.95 60.82
CA TYR E 917 40.69 17.24 61.30
C TYR E 917 41.16 16.17 62.26
N GLU E 918 40.31 15.80 63.22
CA GLU E 918 40.73 14.83 64.20
C GLU E 918 40.93 13.47 63.58
N ASN E 919 40.53 13.30 62.32
CA ASN E 919 40.80 12.05 61.61
C ASN E 919 41.35 12.30 60.22
N GLN E 920 41.93 13.48 59.99
CA GLN E 920 42.26 13.89 58.63
C GLN E 920 43.13 12.86 57.92
N LYS E 921 44.16 12.36 58.60
CA LYS E 921 45.12 11.49 57.92
C LYS E 921 44.49 10.18 57.47
N LEU E 922 43.69 9.57 58.34
CA LEU E 922 43.03 8.33 57.96
C LEU E 922 41.99 8.57 56.89
N ILE E 923 41.19 9.61 57.05
CA ILE E 923 40.14 9.91 56.08
C ILE E 923 40.74 10.05 54.69
N ALA E 924 41.88 10.73 54.59
CA ALA E 924 42.53 10.87 53.30
C ALA E 924 42.93 9.53 52.73
N ASN E 925 43.27 8.58 53.59
CA ASN E 925 43.69 7.27 53.10
C ASN E 925 42.51 6.49 52.57
N GLN E 926 41.41 6.47 53.31
CA GLN E 926 40.21 5.81 52.81
C GLN E 926 39.82 6.37 51.46
N PHE E 927 39.76 7.69 51.34
CA PHE E 927 39.39 8.28 50.08
C PHE E 927 40.38 7.91 49.00
N ASN E 928 41.68 8.05 49.27
CA ASN E 928 42.67 7.69 48.26
C ASN E 928 42.56 6.22 47.88
N SER E 929 42.31 5.36 48.87
CA SER E 929 42.18 3.94 48.59
C SER E 929 40.90 3.63 47.82
N ALA E 930 39.78 4.25 48.19
CA ALA E 930 38.53 3.98 47.51
C ALA E 930 38.63 4.31 46.03
N ILE E 931 39.31 5.39 45.69
CA ILE E 931 39.50 5.75 44.29
C ILE E 931 40.30 4.68 43.58
N GLY E 932 41.23 4.05 44.29
CA GLY E 932 42.03 3.02 43.65
C GLY E 932 41.21 1.84 43.18
N LYS E 933 40.27 1.38 44.00
CA LYS E 933 39.49 0.20 43.63
C LYS E 933 38.64 0.47 42.40
N ILE E 934 38.35 1.73 42.11
CA ILE E 934 37.46 2.03 41.00
C ILE E 934 38.03 1.51 39.70
N GLN E 935 39.22 1.95 39.33
CA GLN E 935 39.80 1.51 38.07
C GLN E 935 39.99 0.01 38.04
N ASP E 936 40.24 -0.60 39.20
CA ASP E 936 40.35 -2.06 39.24
C ASP E 936 39.00 -2.70 38.95
N SER E 937 37.96 -2.28 39.66
CA SER E 937 36.62 -2.78 39.38
C SER E 937 36.20 -2.44 37.96
N LEU E 938 36.69 -1.33 37.43
CA LEU E 938 36.35 -0.99 36.06
C LEU E 938 37.15 -1.82 35.08
N SER E 939 38.46 -1.96 35.31
CA SER E 939 39.28 -2.68 34.34
C SER E 939 38.95 -4.17 34.35
N SER E 940 38.92 -4.78 35.53
CA SER E 940 38.72 -6.22 35.61
C SER E 940 37.35 -6.61 35.09
N THR E 941 36.29 -6.19 35.77
CA THR E 941 34.95 -6.65 35.43
C THR E 941 34.51 -6.03 34.12
N ALA E 942 34.47 -6.86 33.08
CA ALA E 942 33.80 -6.46 31.85
C ALA E 942 32.30 -6.34 32.10
N SER E 943 31.61 -5.70 31.16
CA SER E 943 30.19 -5.37 31.31
C SER E 943 29.99 -4.38 32.45
N ALA E 944 31.00 -3.55 32.69
CA ALA E 944 30.89 -2.48 33.68
C ALA E 944 30.24 -1.24 33.13
N LEU E 945 30.28 -1.05 31.81
CA LEU E 945 29.67 0.07 31.12
C LEU E 945 28.46 -0.42 30.35
N GLY E 946 27.61 -1.19 31.01
CA GLY E 946 26.46 -1.73 30.33
C GLY E 946 25.59 -0.65 29.75
N LYS E 947 25.45 0.47 30.46
CA LYS E 947 24.51 1.49 30.03
C LYS E 947 24.97 2.17 28.75
N LEU E 948 26.22 2.61 28.71
CA LEU E 948 26.70 3.27 27.50
C LEU E 948 26.77 2.32 26.32
N GLN E 949 26.98 1.03 26.57
CA GLN E 949 27.18 0.10 25.46
C GLN E 949 25.87 -0.17 24.75
N ASP E 950 24.76 -0.20 25.47
CA ASP E 950 23.48 -0.43 24.82
C ASP E 950 23.18 0.68 23.84
N VAL E 951 23.23 1.92 24.31
CA VAL E 951 22.91 3.07 23.48
C VAL E 951 23.79 3.08 22.24
N VAL E 952 24.92 2.38 22.29
CA VAL E 952 25.70 2.17 21.08
C VAL E 952 25.21 0.93 20.36
N ASN E 953 24.90 -0.13 21.10
CA ASN E 953 24.44 -1.35 20.47
C ASN E 953 23.10 -1.15 19.79
N GLN E 954 22.11 -0.69 20.54
CA GLN E 954 20.80 -0.49 19.96
C GLN E 954 20.86 0.41 18.75
N ASN E 955 21.47 1.57 18.90
CA ASN E 955 21.42 2.57 17.85
C ASN E 955 22.20 2.13 16.63
N ALA E 956 23.09 1.16 16.80
CA ALA E 956 23.80 0.61 15.65
C ALA E 956 23.09 -0.62 15.10
N GLN E 957 22.49 -1.41 15.98
CA GLN E 957 21.65 -2.50 15.54
C GLN E 957 20.48 -1.98 14.72
N ALA E 958 19.91 -0.85 15.12
CA ALA E 958 18.77 -0.31 14.39
C ALA E 958 19.18 0.15 13.01
N LEU E 959 20.36 0.73 12.87
CA LEU E 959 20.86 1.09 11.55
C LEU E 959 21.05 -0.13 10.68
N ASN E 960 21.51 -1.22 11.27
CA ASN E 960 21.75 -2.42 10.51
C ASN E 960 20.48 -2.90 9.84
N THR E 961 19.38 -2.92 10.56
CA THR E 961 18.11 -3.36 9.99
C THR E 961 17.68 -2.43 8.88
N LEU E 962 18.05 -1.16 8.98
CA LEU E 962 17.64 -0.22 7.95
C LEU E 962 18.27 -0.58 6.62
N VAL E 963 19.49 -1.10 6.66
CA VAL E 963 20.18 -1.42 5.42
C VAL E 963 19.78 -2.79 4.91
N LYS E 964 19.67 -3.75 5.81
CA LYS E 964 19.18 -5.07 5.42
C LYS E 964 17.89 -4.96 4.64
N GLN E 965 17.07 -3.97 4.95
CA GLN E 965 15.80 -3.81 4.28
C GLN E 965 15.97 -3.38 2.84
N LEU E 966 17.18 -3.00 2.43
CA LEU E 966 17.36 -2.68 1.03
C LEU E 966 17.37 -3.91 0.16
N SER E 967 17.55 -5.07 0.75
CA SER E 967 17.64 -6.30 0.00
C SER E 967 16.33 -7.06 -0.04
N SER E 968 15.20 -6.42 0.22
CA SER E 968 13.93 -7.12 0.25
C SER E 968 13.14 -6.84 -1.02
N ASN E 969 12.33 -7.80 -1.44
CA ASN E 969 11.52 -7.63 -2.64
C ASN E 969 10.35 -6.70 -2.42
N PHE E 970 9.69 -6.81 -1.28
CA PHE E 970 8.38 -6.23 -1.04
C PHE E 970 7.37 -6.64 -2.10
N GLY E 971 7.70 -7.64 -2.91
CA GLY E 971 6.80 -8.08 -3.93
C GLY E 971 7.22 -7.74 -5.34
N ALA E 972 8.21 -6.89 -5.52
CA ALA E 972 8.67 -6.63 -6.88
C ALA E 972 9.44 -7.83 -7.40
N ILE E 973 9.88 -7.73 -8.66
CA ILE E 973 10.56 -8.87 -9.25
C ILE E 973 11.95 -9.02 -8.66
N SER E 974 12.53 -7.91 -8.21
CA SER E 974 13.90 -7.96 -7.73
C SER E 974 14.15 -6.76 -6.83
N SER E 975 15.06 -6.95 -5.89
CA SER E 975 15.29 -5.95 -4.87
C SER E 975 16.30 -4.90 -5.26
N VAL E 976 16.97 -5.06 -6.39
CA VAL E 976 17.98 -4.10 -6.82
C VAL E 976 17.39 -3.20 -7.88
N LEU E 977 17.25 -1.93 -7.57
CA LEU E 977 16.49 -1.03 -8.43
C LEU E 977 17.10 -0.96 -9.82
N ASN E 978 18.37 -1.29 -9.96
CA ASN E 978 18.97 -1.22 -11.28
C ASN E 978 18.42 -2.29 -12.20
N ASP E 979 18.31 -3.52 -11.73
CA ASP E 979 17.85 -4.58 -12.61
C ASP E 979 16.41 -4.36 -13.04
N ILE E 980 15.51 -4.16 -12.10
CA ILE E 980 14.12 -3.85 -12.47
C ILE E 980 14.12 -2.68 -13.45
N LEU E 981 15.10 -1.80 -13.34
CA LEU E 981 15.21 -0.70 -14.29
C LEU E 981 15.94 -1.13 -15.54
N SER E 982 16.88 -2.05 -15.41
CA SER E 982 17.68 -2.46 -16.55
C SER E 982 16.85 -3.21 -17.57
N ARG E 983 15.93 -4.05 -17.12
CA ARG E 983 15.26 -4.98 -18.01
C ARG E 983 13.75 -4.82 -18.04
N LEU E 984 13.24 -3.59 -18.08
CA LEU E 984 11.80 -3.39 -18.16
C LEU E 984 11.51 -2.04 -18.80
N ASP E 985 10.43 -2.01 -19.57
CA ASP E 985 10.03 -0.77 -20.22
C ASP E 985 9.41 0.17 -19.19
N PRO E 986 9.57 1.47 -19.33
CA PRO E 986 9.16 2.42 -18.30
C PRO E 986 7.70 2.28 -17.90
N PRO E 987 6.76 2.03 -18.83
CA PRO E 987 5.37 1.92 -18.42
C PRO E 987 5.14 0.81 -17.41
N GLU E 988 5.78 -0.34 -17.65
CA GLU E 988 5.59 -1.45 -16.74
C GLU E 988 6.51 -1.36 -15.54
N ALA E 989 7.73 -0.83 -15.74
CA ALA E 989 8.71 -0.81 -14.67
C ALA E 989 8.18 -0.09 -13.46
N GLU E 990 7.63 1.11 -13.64
CA GLU E 990 7.24 1.91 -12.49
C GLU E 990 6.17 1.22 -11.66
N VAL E 991 5.54 0.18 -12.20
CA VAL E 991 4.60 -0.59 -11.39
C VAL E 991 5.35 -1.45 -10.38
N GLN E 992 6.56 -1.86 -10.72
CA GLN E 992 7.39 -2.58 -9.77
C GLN E 992 8.16 -1.62 -8.90
N ILE E 993 8.70 -0.56 -9.50
CA ILE E 993 9.41 0.45 -8.73
C ILE E 993 8.51 1.00 -7.65
N ASP E 994 7.22 1.05 -7.91
CA ASP E 994 6.29 1.55 -6.91
C ASP E 994 6.21 0.61 -5.73
N ARG E 995 6.44 -0.67 -5.94
CA ARG E 995 6.33 -1.62 -4.83
C ARG E 995 7.57 -1.56 -3.96
N LEU E 996 8.68 -1.09 -4.50
CA LEU E 996 9.85 -0.86 -3.67
C LEU E 996 9.72 0.45 -2.91
N ILE E 997 9.44 1.54 -3.64
CA ILE E 997 9.28 2.83 -3.00
C ILE E 997 8.29 2.75 -1.85
N THR E 998 7.17 2.07 -2.07
CA THR E 998 6.16 2.00 -1.03
C THR E 998 6.66 1.19 0.15
N GLY E 999 7.74 0.44 -0.05
CA GLY E 999 8.28 -0.34 1.05
C GLY E 999 9.47 0.32 1.68
N ARG E 1000 10.43 0.75 0.87
CA ARG E 1000 11.59 1.42 1.42
C ARG E 1000 11.18 2.68 2.17
N LEU E 1001 10.07 3.28 1.78
CA LEU E 1001 9.56 4.42 2.55
C LEU E 1001 9.05 3.96 3.90
N GLN E 1002 8.17 2.96 3.92
CA GLN E 1002 7.62 2.51 5.18
C GLN E 1002 8.69 1.96 6.10
N SER E 1003 9.79 1.48 5.56
CA SER E 1003 10.86 0.98 6.40
C SER E 1003 11.82 2.06 6.82
N LEU E 1004 11.86 3.17 6.09
CA LEU E 1004 12.67 4.29 6.52
C LEU E 1004 11.91 5.14 7.50
N GLN E 1005 10.60 5.20 7.35
CA GLN E 1005 9.79 5.99 8.26
C GLN E 1005 9.55 5.23 9.56
N THR E 1006 9.76 3.92 9.54
CA THR E 1006 9.77 3.17 10.79
C THR E 1006 11.04 3.45 11.57
N TYR E 1007 12.17 3.54 10.87
CA TYR E 1007 13.42 3.84 11.54
C TYR E 1007 13.38 5.21 12.17
N VAL E 1008 12.86 6.19 11.45
CA VAL E 1008 12.84 7.54 12.00
C VAL E 1008 12.03 7.58 13.28
N THR E 1009 10.84 6.98 13.26
CA THR E 1009 9.99 7.01 14.44
C THR E 1009 10.69 6.41 15.64
N GLN E 1010 11.35 5.26 15.46
CA GLN E 1010 11.99 4.63 16.60
C GLN E 1010 13.14 5.47 17.12
N GLN E 1011 13.70 6.35 16.29
CA GLN E 1011 14.75 7.22 16.77
C GLN E 1011 14.18 8.41 17.53
N LEU E 1012 13.12 8.99 17.02
CA LEU E 1012 12.48 10.09 17.73
C LEU E 1012 12.04 9.66 19.10
N ILE E 1013 11.70 8.39 19.26
CA ILE E 1013 11.35 7.87 20.57
C ILE E 1013 12.61 7.59 21.37
N ARG E 1014 13.62 7.06 20.71
CA ARG E 1014 14.86 6.72 21.40
C ARG E 1014 15.61 7.96 21.81
N ALA E 1015 15.52 9.03 21.02
CA ALA E 1015 16.20 10.26 21.37
C ALA E 1015 15.54 10.93 22.56
N ALA E 1016 14.24 10.74 22.72
CA ALA E 1016 13.58 11.30 23.88
C ALA E 1016 13.93 10.56 25.15
N GLU E 1017 14.40 9.32 25.02
CA GLU E 1017 14.86 8.61 26.19
C GLU E 1017 16.23 9.09 26.61
N ILE E 1018 16.97 9.67 25.67
CA ILE E 1018 18.30 10.17 25.99
C ILE E 1018 18.21 11.61 26.48
N ARG E 1019 17.33 12.40 25.89
CA ARG E 1019 17.10 13.75 26.40
C ARG E 1019 16.55 13.69 27.81
N ALA E 1020 16.03 12.54 28.21
CA ALA E 1020 15.61 12.39 29.60
C ALA E 1020 16.80 12.03 30.47
N SER E 1021 17.84 11.44 29.89
CA SER E 1021 19.03 11.16 30.66
C SER E 1021 20.00 12.32 30.59
N ALA E 1022 20.14 12.93 29.42
CA ALA E 1022 20.95 14.13 29.32
C ALA E 1022 20.47 15.20 30.27
N ASN E 1023 19.17 15.27 30.51
CA ASN E 1023 18.64 16.22 31.48
C ASN E 1023 18.92 15.76 32.90
N LEU E 1024 18.99 14.44 33.10
CA LEU E 1024 19.30 13.94 34.44
C LEU E 1024 20.77 14.13 34.75
N ALA E 1025 21.62 14.05 33.73
CA ALA E 1025 23.02 14.30 33.97
C ALA E 1025 23.30 15.79 34.07
N ALA E 1026 22.50 16.59 33.39
CA ALA E 1026 22.64 18.03 33.54
C ALA E 1026 22.25 18.46 34.93
N THR E 1027 21.45 17.64 35.60
CA THR E 1027 21.06 17.95 36.97
C THR E 1027 22.08 17.40 37.95
N LYS E 1028 22.51 16.16 37.75
CA LYS E 1028 23.45 15.56 38.69
C LYS E 1028 24.76 16.32 38.70
N MET E 1029 25.06 17.05 37.64
CA MET E 1029 26.27 17.85 37.63
C MET E 1029 26.03 19.19 38.30
N SER E 1030 24.84 19.73 38.17
CA SER E 1030 24.57 21.02 38.79
C SER E 1030 24.21 20.86 40.25
N GLU E 1031 23.80 19.67 40.65
CA GLU E 1031 23.32 19.45 41.99
C GLU E 1031 24.31 18.71 42.87
N CYS E 1032 25.31 18.08 42.27
CA CYS E 1032 26.26 17.28 43.04
C CYS E 1032 27.71 17.60 42.76
N VAL E 1033 28.04 18.05 41.57
CA VAL E 1033 29.38 18.52 41.28
C VAL E 1033 29.54 19.97 41.65
N LEU E 1034 28.52 20.77 41.40
CA LEU E 1034 28.58 22.19 41.71
C LEU E 1034 28.01 22.51 43.07
N GLY E 1035 27.75 21.50 43.88
CA GLY E 1035 27.25 21.72 45.22
C GLY E 1035 27.21 20.40 45.93
N GLN E 1036 26.76 20.42 47.17
CA GLN E 1036 26.56 19.19 47.93
C GLN E 1036 25.07 19.00 48.07
N SER E 1037 24.55 17.93 47.48
CA SER E 1037 23.11 17.74 47.40
C SER E 1037 22.56 17.11 48.66
N LYS E 1038 21.46 17.65 49.16
CA LYS E 1038 20.78 17.09 50.30
C LYS E 1038 19.73 16.05 49.94
N ARG E 1039 19.43 15.87 48.67
CA ARG E 1039 18.41 14.92 48.29
C ARG E 1039 18.87 13.52 48.67
N VAL E 1040 17.97 12.74 49.25
CA VAL E 1040 18.35 11.40 49.65
C VAL E 1040 18.50 10.51 48.44
N ASP E 1041 19.60 9.77 48.40
CA ASP E 1041 19.85 8.73 47.41
C ASP E 1041 19.86 9.26 46.00
N PHE E 1042 19.99 10.57 45.81
CA PHE E 1042 20.18 11.10 44.47
C PHE E 1042 21.60 10.85 43.98
N CYS E 1043 22.58 11.17 44.80
CA CYS E 1043 23.99 11.03 44.45
C CYS E 1043 24.61 9.97 45.34
N GLY E 1044 24.47 8.72 44.92
CA GLY E 1044 25.07 7.61 45.61
C GLY E 1044 24.37 7.19 46.89
N LYS E 1045 24.48 5.92 47.24
CA LYS E 1045 23.92 5.44 48.48
C LYS E 1045 24.73 5.99 49.65
N GLY E 1046 24.07 6.71 50.53
CA GLY E 1046 24.72 7.31 51.67
C GLY E 1046 24.59 8.81 51.64
N TYR E 1047 25.08 9.44 52.70
CA TYR E 1047 25.10 10.89 52.78
C TYR E 1047 26.15 11.36 51.80
N HIS E 1048 25.84 12.42 51.07
CA HIS E 1048 26.71 12.84 49.98
C HIS E 1048 27.86 13.69 50.50
N LEU E 1049 29.02 13.52 49.90
CA LEU E 1049 30.13 14.44 50.16
C LEU E 1049 30.51 15.26 48.94
N MET E 1050 30.70 14.64 47.79
CA MET E 1050 31.04 15.36 46.57
C MET E 1050 30.91 14.42 45.39
N SER E 1051 31.24 14.92 44.21
CA SER E 1051 31.22 14.03 43.06
C SER E 1051 32.16 14.56 42.01
N PHE E 1052 32.57 13.67 41.12
CA PHE E 1052 33.59 13.96 40.14
C PHE E 1052 33.10 13.54 38.77
N PRO E 1053 32.96 14.47 37.84
CA PRO E 1053 32.61 14.09 36.49
C PRO E 1053 33.75 13.32 35.88
N GLN E 1054 33.42 12.48 34.90
CA GLN E 1054 34.42 11.87 34.05
C GLN E 1054 33.77 11.66 32.70
N SER E 1055 34.41 12.15 31.66
CA SER E 1055 33.83 11.92 30.35
C SER E 1055 33.82 10.43 30.06
N ALA E 1056 33.20 10.08 28.98
CA ALA E 1056 33.09 8.69 28.58
C ALA E 1056 32.84 8.73 27.09
N PRO E 1057 32.79 7.60 26.39
CA PRO E 1057 32.55 7.68 24.94
C PRO E 1057 31.36 8.55 24.59
N HIS E 1058 30.18 8.22 25.05
CA HIS E 1058 28.99 8.99 24.70
C HIS E 1058 28.15 9.31 25.92
N GLY E 1059 28.75 9.32 27.09
CA GLY E 1059 27.97 9.50 28.28
C GLY E 1059 28.71 10.35 29.27
N VAL E 1060 28.55 10.01 30.53
CA VAL E 1060 29.27 10.65 31.61
C VAL E 1060 29.30 9.67 32.76
N VAL E 1061 30.32 9.76 33.58
CA VAL E 1061 30.51 8.84 34.70
C VAL E 1061 30.79 9.68 35.93
N PHE E 1062 29.99 9.51 36.96
CA PHE E 1062 30.14 10.24 38.19
C PHE E 1062 30.75 9.33 39.23
N LEU E 1063 31.59 9.89 40.08
CA LEU E 1063 32.26 9.14 41.13
C LEU E 1063 31.77 9.66 42.46
N HIS E 1064 30.60 9.24 42.87
CA HIS E 1064 29.94 9.82 44.01
C HIS E 1064 30.68 9.44 45.28
N VAL E 1065 31.39 10.38 45.87
CA VAL E 1065 32.10 10.15 47.13
C VAL E 1065 31.13 10.39 48.27
N THR E 1066 30.70 9.33 48.94
CA THR E 1066 29.68 9.46 49.96
C THR E 1066 30.16 8.93 51.28
N TYR E 1067 29.56 9.43 52.35
CA TYR E 1067 29.87 9.06 53.71
C TYR E 1067 28.91 7.97 54.16
N VAL E 1068 29.43 6.87 54.70
CA VAL E 1068 28.62 5.76 55.13
C VAL E 1068 29.00 5.34 56.54
N PRO E 1069 28.12 5.48 57.53
CA PRO E 1069 28.50 5.09 58.89
C PRO E 1069 28.65 3.59 59.02
N ALA E 1070 29.23 3.18 60.14
CA ALA E 1070 29.43 1.76 60.42
C ALA E 1070 29.83 1.61 61.88
N GLN E 1071 29.94 0.35 62.31
CA GLN E 1071 30.33 0.03 63.68
C GLN E 1071 29.42 0.72 64.69
N GLU E 1072 28.17 0.28 64.71
CA GLU E 1072 27.17 0.85 65.61
C GLU E 1072 27.17 0.11 66.93
N LYS E 1073 26.80 0.83 67.98
CA LYS E 1073 26.64 0.27 69.31
C LYS E 1073 25.34 0.75 69.92
N ASN E 1074 24.70 -0.12 70.70
CA ASN E 1074 23.43 0.18 71.33
C ASN E 1074 23.69 1.04 72.55
N PHE E 1075 22.81 1.99 72.79
CA PHE E 1075 22.82 2.76 74.02
C PHE E 1075 21.40 2.91 74.52
N THR E 1076 21.25 3.60 75.63
CA THR E 1076 19.94 3.88 76.20
C THR E 1076 19.61 5.35 76.05
N THR E 1077 18.39 5.64 75.60
CA THR E 1077 17.98 6.96 75.18
C THR E 1077 16.95 7.50 76.15
N ALA E 1078 16.80 8.80 76.16
CA ALA E 1078 15.79 9.43 76.99
C ALA E 1078 15.46 10.81 76.43
N PRO E 1079 14.20 11.08 76.15
CA PRO E 1079 13.87 12.24 75.32
C PRO E 1079 14.29 13.55 75.92
N ALA E 1080 14.32 13.66 77.24
CA ALA E 1080 14.71 14.92 77.85
C ALA E 1080 15.27 14.63 79.22
N ILE E 1081 15.80 15.66 79.86
CA ILE E 1081 16.41 15.51 81.17
C ILE E 1081 15.72 16.44 82.14
N CYS E 1082 14.96 15.87 83.05
CA CYS E 1082 14.25 16.63 84.06
C CYS E 1082 15.25 17.02 85.15
N HIS E 1083 15.62 18.29 85.17
CA HIS E 1083 16.57 18.80 86.16
C HIS E 1083 15.89 19.98 86.82
N ASP E 1084 15.90 20.00 88.16
CA ASP E 1084 15.22 21.03 88.92
C ASP E 1084 13.77 21.19 88.44
N GLY E 1085 13.11 20.06 88.20
CA GLY E 1085 11.74 20.06 87.77
C GLY E 1085 11.53 20.49 86.34
N LYS E 1086 12.44 21.27 85.77
CA LYS E 1086 12.34 21.68 84.38
C LYS E 1086 12.95 20.59 83.52
N ALA E 1087 12.42 20.46 82.31
CA ALA E 1087 12.94 19.51 81.35
C ALA E 1087 14.14 20.12 80.66
N HIS E 1088 15.00 19.28 80.11
CA HIS E 1088 16.12 19.75 79.30
C HIS E 1088 16.15 18.91 78.04
N PHE E 1089 16.03 19.52 77.00
CA PHE E 1089 16.06 18.96 75.67
C PHE E 1089 17.39 19.25 75.00
N PRO E 1090 17.90 18.33 74.20
CA PRO E 1090 19.21 18.52 73.60
C PRO E 1090 19.14 19.55 72.49
N ARG E 1091 20.12 20.44 72.47
CA ARG E 1091 20.16 21.42 71.38
C ARG E 1091 20.39 20.74 70.05
N GLU E 1092 21.52 20.06 69.93
CA GLU E 1092 21.89 19.33 68.72
C GLU E 1092 22.52 18.01 69.17
N GLY E 1093 21.69 17.03 69.42
CA GLY E 1093 22.19 15.78 69.95
C GLY E 1093 21.08 14.92 70.49
N VAL E 1094 21.47 13.78 71.05
CA VAL E 1094 20.53 12.82 71.59
C VAL E 1094 21.02 12.45 72.98
N PHE E 1095 20.10 12.38 73.94
CA PHE E 1095 20.53 12.09 75.29
C PHE E 1095 20.86 10.62 75.42
N VAL E 1096 22.14 10.33 75.63
CA VAL E 1096 22.65 8.97 75.53
C VAL E 1096 23.36 8.63 76.82
N SER E 1097 23.24 7.38 77.26
CA SER E 1097 23.89 6.91 78.46
C SER E 1097 24.60 5.59 78.20
N ASN E 1098 25.82 5.47 78.71
CA ASN E 1098 26.52 4.19 78.68
C ASN E 1098 26.14 3.33 79.86
N GLY E 1099 24.88 3.41 80.28
CA GLY E 1099 24.40 2.67 81.43
C GLY E 1099 24.55 3.48 82.70
N THR E 1100 25.72 4.05 82.90
CA THR E 1100 26.07 4.71 84.15
C THR E 1100 26.06 6.22 84.06
N HIS E 1101 26.56 6.80 82.98
CA HIS E 1101 26.68 8.24 82.84
C HIS E 1101 25.92 8.68 81.61
N TRP E 1102 25.18 9.78 81.75
CA TRP E 1102 24.37 10.30 80.66
C TRP E 1102 25.17 11.31 79.86
N PHE E 1103 24.88 11.38 78.56
CA PHE E 1103 25.58 12.30 77.68
C PHE E 1103 24.64 12.76 76.57
N VAL E 1104 25.11 13.75 75.83
CA VAL E 1104 24.52 14.18 74.57
C VAL E 1104 25.53 13.81 73.50
N THR E 1105 25.08 13.62 72.27
CA THR E 1105 26.05 13.41 71.22
C THR E 1105 25.43 13.76 69.88
N GLN E 1106 26.27 14.15 68.93
CA GLN E 1106 25.79 14.42 67.59
C GLN E 1106 25.17 13.15 67.03
N ARG E 1107 24.09 13.30 66.29
CA ARG E 1107 23.23 12.16 66.05
C ARG E 1107 23.83 11.15 65.07
N ASN E 1108 25.02 11.40 64.52
CA ASN E 1108 25.51 10.50 63.47
C ASN E 1108 26.95 10.05 63.68
N PHE E 1109 27.52 10.24 64.86
CA PHE E 1109 28.88 9.83 65.11
C PHE E 1109 29.13 9.85 66.61
N TYR E 1110 29.49 8.72 67.18
CA TYR E 1110 29.55 8.66 68.63
C TYR E 1110 30.63 9.58 69.16
N GLU E 1111 30.20 10.64 69.85
CA GLU E 1111 31.10 11.53 70.57
C GLU E 1111 30.32 12.19 71.68
N PRO E 1112 30.28 11.55 72.84
CA PRO E 1112 29.46 12.06 73.94
C PRO E 1112 30.14 13.21 74.65
N GLN E 1113 29.34 13.98 75.38
CA GLN E 1113 29.89 15.07 76.17
C GLN E 1113 29.05 15.27 77.43
N ILE E 1114 29.64 15.97 78.39
CA ILE E 1114 28.99 16.21 79.67
C ILE E 1114 27.88 17.22 79.48
N ILE E 1115 26.75 16.97 80.12
CA ILE E 1115 25.54 17.75 79.87
C ILE E 1115 25.65 19.07 80.62
N THR E 1116 26.32 20.04 80.02
CA THR E 1116 26.35 21.38 80.59
C THR E 1116 25.05 22.04 80.22
N THR E 1117 24.98 23.36 80.42
CA THR E 1117 23.73 24.04 80.09
C THR E 1117 23.75 24.59 78.67
N ASP E 1118 24.92 24.89 78.12
CA ASP E 1118 25.00 25.52 76.81
C ASP E 1118 24.79 24.53 75.68
N ASN E 1119 24.57 23.26 75.98
CA ASN E 1119 24.21 22.31 74.95
C ASN E 1119 22.85 21.71 75.21
N THR E 1120 22.05 22.28 76.11
CA THR E 1120 20.66 21.92 76.28
C THR E 1120 19.84 23.20 76.36
N PHE E 1121 18.59 23.12 75.92
CA PHE E 1121 17.67 24.23 76.18
C PHE E 1121 16.45 23.72 76.95
N VAL E 1122 15.88 24.62 77.73
CA VAL E 1122 14.90 24.28 78.76
C VAL E 1122 13.53 24.77 78.34
N SER E 1123 12.49 24.08 78.82
CA SER E 1123 11.12 24.53 78.59
C SER E 1123 10.18 23.78 79.54
N GLY E 1124 9.54 24.52 80.43
CA GLY E 1124 8.48 23.97 81.25
C GLY E 1124 8.98 23.00 82.31
N ASN E 1125 8.08 22.67 83.23
CA ASN E 1125 8.36 21.67 84.24
C ASN E 1125 8.41 20.28 83.59
N CYS E 1126 8.86 19.29 84.35
CA CYS E 1126 9.09 17.97 83.79
C CYS E 1126 7.98 16.98 84.12
N ASP E 1127 6.73 17.41 84.04
CA ASP E 1127 5.61 16.49 84.25
C ASP E 1127 4.97 16.05 82.95
N VAL E 1128 5.18 16.79 81.86
CA VAL E 1128 4.45 16.53 80.64
C VAL E 1128 5.03 15.34 79.89
N VAL E 1129 6.24 15.48 79.36
CA VAL E 1129 6.74 14.57 78.33
C VAL E 1129 7.22 13.30 78.97
N ILE E 1130 6.76 12.17 78.45
CA ILE E 1130 6.98 10.87 79.08
C ILE E 1130 8.32 10.32 78.64
N GLY E 1131 9.06 9.77 79.58
CA GLY E 1131 10.31 9.10 79.29
C GLY E 1131 11.54 9.80 79.80
N ILE E 1132 11.40 11.01 80.32
CA ILE E 1132 12.53 11.76 80.80
C ILE E 1132 13.14 11.06 82.00
N VAL E 1133 14.36 11.42 82.35
CA VAL E 1133 15.02 10.86 83.52
C VAL E 1133 15.52 11.99 84.39
N ASN E 1134 15.72 11.68 85.66
CA ASN E 1134 16.25 12.64 86.62
C ASN E 1134 17.78 12.62 86.54
N ASN E 1135 18.38 13.79 86.31
CA ASN E 1135 19.81 13.89 86.15
C ASN E 1135 20.28 15.25 86.62
N THR E 1136 21.59 15.48 86.53
CA THR E 1136 22.18 16.73 86.94
C THR E 1136 22.88 17.39 85.76
N VAL E 1137 22.45 18.60 85.44
CA VAL E 1137 23.07 19.42 84.41
C VAL E 1137 23.93 20.46 85.10
N TYR E 1138 25.24 20.32 84.96
CA TYR E 1138 26.15 21.19 85.67
C TYR E 1138 26.27 22.52 84.93
N ASP E 1139 26.44 23.59 85.70
CA ASP E 1139 26.59 24.94 85.16
C ASP E 1139 28.06 25.32 85.19
N PRO E 1140 28.65 25.72 84.06
CA PRO E 1140 30.05 26.16 84.10
C PRO E 1140 30.24 27.49 84.80
N LEU E 1141 29.19 28.28 85.04
CA LEU E 1141 29.38 29.55 85.72
C LEU E 1141 29.71 29.35 87.19
N GLN E 1142 29.16 28.31 87.81
CA GLN E 1142 29.36 28.11 89.24
C GLN E 1142 30.81 27.95 89.65
N PRO E 1143 31.63 27.12 88.99
CA PRO E 1143 33.05 27.05 89.38
C PRO E 1143 33.79 28.37 89.19
N GLU E 1144 33.20 29.34 88.51
CA GLU E 1144 33.82 30.65 88.35
C GLU E 1144 33.34 31.65 89.40
N LEU E 1145 32.22 31.38 90.05
CA LEU E 1145 31.77 32.24 91.14
C LEU E 1145 32.62 32.06 92.39
N ASP E 1146 33.32 30.94 92.52
CA ASP E 1146 34.09 30.64 93.71
C ASP E 1146 35.59 30.82 93.49
N GLN F 1 -8.79 -23.45 -67.06
CA GLN F 1 -8.14 -24.75 -67.23
C GLN F 1 -7.27 -25.08 -66.01
N SER F 2 -6.41 -24.13 -65.63
CA SER F 2 -5.56 -24.25 -64.47
C SER F 2 -6.11 -23.37 -63.36
N VAL F 3 -5.84 -23.75 -62.12
CA VAL F 3 -6.35 -23.00 -60.98
C VAL F 3 -5.75 -21.60 -60.95
N LEU F 4 -4.63 -21.41 -61.63
CA LEU F 4 -4.16 -20.08 -62.02
C LEU F 4 -4.47 -19.89 -63.49
N THR F 5 -4.70 -18.65 -63.89
CA THR F 5 -5.01 -18.32 -65.26
C THR F 5 -3.90 -17.46 -65.84
N GLN F 6 -3.46 -17.80 -67.03
CA GLN F 6 -2.33 -17.14 -67.67
C GLN F 6 -2.66 -16.72 -69.09
N PRO F 7 -1.93 -15.75 -69.64
CA PRO F 7 -2.05 -15.46 -71.05
C PRO F 7 -1.42 -16.57 -71.87
N PRO F 8 -1.86 -16.77 -73.11
CA PRO F 8 -1.24 -17.80 -73.95
C PRO F 8 0.11 -17.38 -74.49
N SER F 9 0.24 -16.13 -74.92
CA SER F 9 1.52 -15.66 -75.45
C SER F 9 1.51 -14.15 -75.54
N VAL F 10 2.70 -13.59 -75.78
CA VAL F 10 2.91 -12.18 -76.04
C VAL F 10 4.03 -12.06 -77.06
N SER F 11 4.25 -10.84 -77.54
CA SER F 11 5.42 -10.54 -78.35
C SER F 11 5.67 -9.04 -78.38
N ALA F 12 6.95 -8.67 -78.35
CA ALA F 12 7.36 -7.28 -78.40
C ALA F 12 8.82 -7.23 -78.79
N ALA F 13 9.20 -6.11 -79.39
CA ALA F 13 10.52 -5.99 -79.99
C ALA F 13 11.60 -5.97 -78.91
N PRO F 14 12.86 -6.21 -79.29
CA PRO F 14 13.96 -6.03 -78.34
C PRO F 14 14.10 -4.57 -77.92
N GLY F 15 14.18 -4.36 -76.62
CA GLY F 15 14.24 -3.03 -76.05
C GLY F 15 12.95 -2.55 -75.45
N GLN F 16 11.88 -3.33 -75.53
CA GLN F 16 10.58 -2.94 -75.00
C GLN F 16 10.42 -3.46 -73.58
N LYS F 17 9.45 -2.92 -72.85
CA LYS F 17 9.23 -3.23 -71.45
C LYS F 17 7.96 -4.05 -71.32
N VAL F 18 8.11 -5.36 -71.15
CA VAL F 18 6.99 -6.28 -71.31
C VAL F 18 6.52 -6.73 -69.94
N THR F 19 5.20 -6.68 -69.72
CA THR F 19 4.58 -7.07 -68.47
C THR F 19 3.45 -8.05 -68.76
N ILE F 20 3.68 -9.31 -68.43
CA ILE F 20 2.65 -10.34 -68.51
C ILE F 20 2.06 -10.55 -67.12
N SER F 21 0.83 -11.05 -67.05
CA SER F 21 0.20 -11.22 -65.75
C SER F 21 -0.64 -12.49 -65.73
N CYS F 22 -0.56 -13.20 -64.61
CA CYS F 22 -1.27 -14.46 -64.43
C CYS F 22 -2.11 -14.38 -63.17
N SER F 23 -3.32 -14.94 -63.23
CA SER F 23 -4.29 -14.71 -62.18
C SER F 23 -4.75 -16.03 -61.57
N GLY F 24 -5.18 -15.95 -60.33
CA GLY F 24 -5.70 -17.10 -59.60
C GLY F 24 -6.56 -16.63 -58.47
N SER F 25 -6.87 -17.54 -57.56
CA SER F 25 -7.74 -17.20 -56.43
C SER F 25 -6.97 -16.41 -55.37
N SER F 26 -7.67 -16.05 -54.30
CA SER F 26 -7.02 -15.48 -53.14
C SER F 26 -6.89 -16.47 -52.00
N SER F 27 -7.39 -17.70 -52.16
CA SER F 27 -7.07 -18.75 -51.22
C SER F 27 -5.59 -19.09 -51.23
N ASN F 28 -4.92 -18.81 -52.34
CA ASN F 28 -3.49 -19.03 -52.46
C ASN F 28 -2.73 -17.72 -52.65
N ILE F 29 -2.98 -17.01 -53.75
CA ILE F 29 -2.07 -15.95 -54.15
C ILE F 29 -2.18 -14.74 -53.24
N GLY F 30 -3.36 -14.48 -52.71
CA GLY F 30 -3.53 -13.33 -51.85
C GLY F 30 -2.67 -13.40 -50.59
N ASN F 31 -2.38 -14.63 -50.14
CA ASN F 31 -1.65 -14.79 -48.85
C ASN F 31 -0.28 -15.41 -49.09
N ASN F 32 -0.13 -16.19 -50.17
CA ASN F 32 1.16 -16.91 -50.40
C ASN F 32 1.94 -16.22 -51.51
N PRO F 33 3.23 -15.90 -51.30
CA PRO F 33 4.03 -15.15 -52.29
C PRO F 33 4.32 -15.90 -53.62
N VAL F 34 4.37 -15.14 -54.73
CA VAL F 34 4.34 -15.73 -56.11
C VAL F 34 5.74 -16.03 -56.65
N SER F 35 5.91 -17.20 -57.26
CA SER F 35 7.23 -17.56 -57.87
C SER F 35 7.08 -17.71 -59.38
N TRP F 36 8.07 -17.28 -60.16
CA TRP F 36 8.04 -17.35 -61.61
C TRP F 36 9.31 -18.01 -62.11
N TYR F 37 9.17 -18.83 -63.14
CA TYR F 37 10.30 -19.53 -63.73
C TYR F 37 10.31 -19.32 -65.23
N ARG F 38 11.46 -19.57 -65.84
CA ARG F 38 11.62 -19.51 -67.28
C ARG F 38 12.07 -20.89 -67.77
N GLN F 39 11.55 -21.29 -68.92
CA GLN F 39 11.89 -22.57 -69.54
C GLN F 39 12.16 -22.31 -71.02
N VAL F 40 13.37 -22.61 -71.45
CA VAL F 40 13.69 -22.57 -72.88
C VAL F 40 13.38 -23.95 -73.47
N PRO F 41 12.83 -24.02 -74.68
CA PRO F 41 12.56 -25.33 -75.28
C PRO F 41 13.78 -26.23 -75.27
N GLY F 42 13.65 -27.33 -74.52
CA GLY F 42 14.76 -28.25 -74.35
C GLY F 42 15.63 -27.97 -73.15
N THR F 43 15.24 -27.05 -72.28
CA THR F 43 16.02 -26.73 -71.09
C THR F 43 15.10 -26.78 -69.88
N ALA F 44 15.56 -27.45 -68.84
CA ALA F 44 14.73 -27.61 -67.66
C ALA F 44 14.49 -26.26 -66.99
N PRO F 45 13.31 -26.04 -66.44
CA PRO F 45 12.99 -24.71 -65.91
C PRO F 45 13.94 -24.32 -64.80
N LYS F 46 14.22 -23.02 -64.74
CA LYS F 46 15.11 -22.47 -63.73
C LYS F 46 14.36 -21.43 -62.94
N LEU F 47 14.82 -21.20 -61.71
CA LEU F 47 14.17 -20.20 -60.87
C LEU F 47 14.45 -18.80 -61.38
N LEU F 48 13.40 -18.03 -61.63
CA LEU F 48 13.53 -16.68 -62.15
C LEU F 48 13.24 -15.61 -61.11
N ILE F 49 12.04 -15.63 -60.55
CA ILE F 49 11.58 -14.59 -59.64
C ILE F 49 10.96 -15.23 -58.42
N TYR F 50 11.42 -14.85 -57.23
CA TYR F 50 10.87 -15.53 -56.06
C TYR F 50 10.30 -14.56 -55.06
N ASP F 51 10.07 -15.02 -53.84
CA ASP F 51 8.78 -14.93 -53.17
C ASP F 51 7.90 -13.82 -53.72
N ASN F 52 8.47 -12.64 -53.90
CA ASN F 52 7.79 -11.57 -54.62
C ASN F 52 8.88 -10.67 -55.14
N ASN F 53 8.74 -10.21 -56.38
CA ASN F 53 9.55 -9.14 -56.95
C ASN F 53 11.05 -9.35 -56.73
N LYS F 54 11.48 -10.58 -56.47
CA LYS F 54 12.87 -10.82 -56.10
C LYS F 54 13.45 -11.93 -56.95
N ARG F 55 14.70 -11.73 -57.35
CA ARG F 55 15.42 -12.61 -58.25
C ARG F 55 16.65 -13.17 -57.55
N PRO F 56 17.05 -14.38 -57.91
CA PRO F 56 18.26 -14.95 -57.31
C PRO F 56 19.51 -14.23 -57.77
N SER F 57 20.66 -14.73 -57.35
CA SER F 57 21.92 -14.24 -57.90
C SER F 57 22.20 -14.91 -59.23
N GLY F 58 22.87 -14.20 -60.11
CA GLY F 58 23.07 -14.66 -61.47
C GLY F 58 22.03 -14.19 -62.46
N ILE F 59 20.83 -13.86 -61.99
CA ILE F 59 19.78 -13.33 -62.86
C ILE F 59 19.96 -11.82 -62.93
N PRO F 60 20.00 -11.24 -64.13
CA PRO F 60 20.21 -9.79 -64.23
C PRO F 60 19.02 -9.01 -63.69
N ASP F 61 19.29 -7.80 -63.27
CA ASP F 61 18.33 -6.89 -62.64
C ASP F 61 17.20 -6.50 -63.54
N ARG F 62 17.23 -6.88 -64.81
CA ARG F 62 16.22 -6.42 -65.75
C ARG F 62 14.85 -6.97 -65.39
N PHE F 63 14.80 -8.09 -64.68
CA PHE F 63 13.55 -8.75 -64.34
C PHE F 63 12.96 -8.16 -63.06
N SER F 64 11.64 -8.08 -63.00
CA SER F 64 10.95 -7.59 -61.82
C SER F 64 9.56 -8.20 -61.77
N GLY F 65 8.94 -8.13 -60.59
CA GLY F 65 7.62 -8.71 -60.41
C GLY F 65 6.80 -7.89 -59.46
N SER F 66 5.52 -8.23 -59.38
CA SER F 66 4.61 -7.51 -58.50
C SER F 66 3.33 -8.31 -58.35
N LYS F 67 2.95 -8.57 -57.10
CA LYS F 67 1.71 -9.27 -56.82
C LYS F 67 0.66 -8.26 -56.41
N SER F 68 -0.56 -8.44 -56.91
CA SER F 68 -1.67 -7.59 -56.52
C SER F 68 -2.87 -8.47 -56.25
N GLY F 69 -3.36 -8.43 -55.01
CA GLY F 69 -4.55 -9.17 -54.66
C GLY F 69 -4.44 -10.65 -54.91
N ALA F 70 -5.11 -11.13 -55.94
CA ALA F 70 -5.12 -12.54 -56.30
C ALA F 70 -4.52 -12.78 -57.68
N SER F 71 -3.62 -11.90 -58.10
CA SER F 71 -2.94 -12.07 -59.37
C SER F 71 -1.52 -11.55 -59.26
N ALA F 72 -0.73 -11.81 -60.30
CA ALA F 72 0.69 -11.47 -60.31
C ALA F 72 1.09 -10.94 -61.68
N THR F 73 2.14 -10.12 -61.69
CA THR F 73 2.68 -9.51 -62.89
C THR F 73 4.18 -9.75 -62.93
N LEU F 74 4.67 -10.19 -64.07
CA LEU F 74 6.09 -10.36 -64.33
C LEU F 74 6.50 -9.40 -65.45
N GLY F 75 7.46 -8.54 -65.16
CA GLY F 75 7.93 -7.55 -66.11
C GLY F 75 9.42 -7.69 -66.41
N ILE F 76 9.79 -7.36 -67.64
CA ILE F 76 11.15 -7.47 -68.12
C ILE F 76 11.48 -6.24 -68.95
N THR F 77 12.66 -5.68 -68.70
CA THR F 77 13.20 -4.56 -69.46
C THR F 77 14.38 -5.05 -70.28
N GLY F 78 14.72 -4.25 -71.30
CA GLY F 78 15.85 -4.56 -72.16
C GLY F 78 15.72 -5.92 -72.82
N LEU F 79 14.53 -6.19 -73.36
CA LEU F 79 14.26 -7.50 -73.96
C LEU F 79 15.26 -7.80 -75.07
N GLN F 80 15.69 -9.05 -75.15
CA GLN F 80 16.56 -9.52 -76.21
C GLN F 80 16.04 -10.86 -76.72
N THR F 81 16.54 -11.25 -77.90
CA THR F 81 15.96 -12.41 -78.59
C THR F 81 16.21 -13.73 -77.86
N GLY F 82 17.34 -13.86 -77.17
CA GLY F 82 17.58 -15.05 -76.41
C GLY F 82 16.72 -15.19 -75.17
N ASP F 83 15.92 -14.16 -74.86
CA ASP F 83 14.97 -14.19 -73.77
C ASP F 83 13.65 -14.83 -74.18
N GLU F 84 13.50 -15.18 -75.44
CA GLU F 84 12.34 -15.92 -75.92
C GLU F 84 12.25 -17.23 -75.18
N ALA F 85 11.09 -17.55 -74.63
CA ALA F 85 10.96 -18.75 -73.81
C ALA F 85 9.50 -18.99 -73.50
N ASP F 86 9.28 -19.89 -72.54
CA ASP F 86 8.01 -20.00 -71.84
C ASP F 86 8.22 -19.53 -70.40
N TYR F 87 7.20 -18.89 -69.85
CA TYR F 87 7.27 -18.29 -68.53
C TYR F 87 6.11 -18.82 -67.69
N TYR F 88 6.38 -19.19 -66.43
CA TYR F 88 5.39 -19.83 -65.59
C TYR F 88 5.33 -19.21 -64.21
N CYS F 89 4.13 -19.20 -63.63
CA CYS F 89 3.89 -18.68 -62.30
C CYS F 89 3.38 -19.79 -61.39
N GLY F 90 3.90 -19.83 -60.17
CA GLY F 90 3.59 -20.89 -59.23
C GLY F 90 3.70 -20.45 -57.80
N THR F 91 3.01 -21.17 -56.91
CA THR F 91 2.91 -20.84 -55.50
C THR F 91 2.09 -21.89 -54.76
N TRP F 92 2.60 -22.32 -53.59
CA TRP F 92 1.87 -23.20 -52.64
C TRP F 92 0.45 -22.67 -52.36
N HIS F 93 -0.60 -23.40 -52.78
CA HIS F 93 -1.98 -23.04 -52.53
C HIS F 93 -2.37 -23.51 -51.14
N THR F 94 -2.95 -22.60 -50.35
CA THR F 94 -3.15 -22.87 -48.94
C THR F 94 -4.28 -23.85 -48.69
N SER F 95 -5.43 -23.63 -49.31
CA SER F 95 -6.60 -24.44 -48.99
C SER F 95 -6.37 -25.92 -49.30
N LEU F 96 -6.04 -26.24 -50.54
CA LEU F 96 -5.79 -27.63 -50.89
C LEU F 96 -4.46 -28.12 -50.36
N SER F 97 -3.71 -27.28 -49.64
CA SER F 97 -2.42 -27.66 -49.07
C SER F 97 -1.51 -28.30 -50.12
N SER F 98 -1.57 -27.82 -51.35
CA SER F 98 -0.96 -28.53 -52.46
C SER F 98 0.13 -27.72 -53.16
N GLY F 99 -0.16 -26.53 -53.63
CA GLY F 99 0.84 -25.85 -54.42
C GLY F 99 0.62 -26.15 -55.88
N VAL F 100 0.64 -25.10 -56.70
CA VAL F 100 0.21 -25.19 -58.09
C VAL F 100 1.01 -24.26 -58.97
N PHE F 101 0.74 -24.37 -60.28
CA PHE F 101 1.37 -23.59 -61.33
C PHE F 101 0.32 -22.87 -62.15
N GLY F 102 0.77 -21.85 -62.87
CA GLY F 102 -0.04 -21.25 -63.92
C GLY F 102 -0.12 -22.15 -65.13
N GLY F 103 -0.67 -21.60 -66.22
CA GLY F 103 -0.80 -22.38 -67.44
C GLY F 103 0.42 -22.35 -68.32
N GLY F 104 1.11 -21.21 -68.39
CA GLY F 104 2.25 -21.06 -69.28
C GLY F 104 2.06 -19.90 -70.22
N THR F 105 3.12 -19.13 -70.46
CA THR F 105 3.05 -18.01 -71.37
C THR F 105 4.19 -18.08 -72.37
N LYS F 106 3.87 -17.95 -73.65
CA LYS F 106 4.84 -18.05 -74.73
C LYS F 106 5.37 -16.66 -75.05
N LEU F 107 6.55 -16.34 -74.52
CA LEU F 107 7.17 -15.08 -74.88
C LEU F 107 8.00 -15.32 -76.13
N THR F 108 7.59 -14.69 -77.24
CA THR F 108 8.33 -14.72 -78.49
C THR F 108 8.77 -13.30 -78.84
N VAL F 109 10.07 -13.13 -79.03
CA VAL F 109 10.65 -11.84 -79.37
C VAL F 109 10.23 -11.47 -80.78
N LEU F 110 10.13 -10.17 -81.05
CA LEU F 110 9.99 -9.75 -82.44
C LEU F 110 11.36 -9.67 -83.12
N SER F 111 11.46 -10.28 -84.29
CA SER F 111 12.68 -10.27 -85.07
C SER F 111 12.59 -11.14 -86.32
N GLN G 1 -24.57 -37.30 -55.93
CA GLN G 1 -26.03 -37.40 -55.87
C GLN G 1 -26.53 -36.93 -54.51
N SER G 2 -25.93 -37.45 -53.44
CA SER G 2 -26.24 -37.06 -52.08
C SER G 2 -25.12 -36.18 -51.55
N VAL G 3 -25.48 -35.31 -50.60
CA VAL G 3 -24.49 -34.39 -50.05
C VAL G 3 -23.40 -35.15 -49.31
N LEU G 4 -23.69 -36.38 -48.92
CA LEU G 4 -22.67 -37.35 -48.56
C LEU G 4 -22.51 -38.32 -49.71
N THR G 5 -21.30 -38.85 -49.87
CA THR G 5 -21.01 -39.79 -50.94
C THR G 5 -20.66 -41.14 -50.34
N GLN G 6 -21.24 -42.19 -50.90
CA GLN G 6 -21.10 -43.54 -50.37
C GLN G 6 -20.71 -44.51 -51.47
N PRO G 7 -20.13 -45.65 -51.10
CA PRO G 7 -19.94 -46.71 -52.07
C PRO G 7 -21.27 -47.36 -52.39
N PRO G 8 -21.41 -47.95 -53.59
CA PRO G 8 -22.67 -48.63 -53.92
C PRO G 8 -22.81 -49.98 -53.22
N SER G 9 -21.74 -50.75 -53.14
CA SER G 9 -21.81 -52.05 -52.48
C SER G 9 -20.41 -52.58 -52.23
N VAL G 10 -20.34 -53.62 -51.41
CA VAL G 10 -19.13 -54.38 -51.14
C VAL G 10 -19.51 -55.84 -51.00
N SER G 11 -18.50 -56.69 -50.89
CA SER G 11 -18.73 -58.09 -50.53
C SER G 11 -17.42 -58.72 -50.04
N ALA G 12 -17.54 -59.57 -49.03
CA ALA G 12 -16.40 -60.28 -48.48
C ALA G 12 -16.91 -61.46 -47.68
N ALA G 13 -16.07 -62.47 -47.56
CA ALA G 13 -16.49 -63.74 -46.99
C ALA G 13 -16.76 -63.60 -45.50
N PRO G 14 -17.47 -64.56 -44.91
CA PRO G 14 -17.62 -64.57 -43.45
C PRO G 14 -16.28 -64.79 -42.76
N GLY G 15 -16.00 -63.93 -41.78
CA GLY G 15 -14.74 -63.95 -41.08
C GLY G 15 -13.77 -62.88 -41.51
N GLN G 16 -14.12 -62.06 -42.49
CA GLN G 16 -13.23 -61.02 -42.98
C GLN G 16 -13.53 -59.70 -42.27
N LYS G 17 -12.62 -58.74 -42.36
CA LYS G 17 -12.70 -57.49 -41.64
C LYS G 17 -12.98 -56.38 -42.64
N VAL G 18 -14.24 -55.94 -42.70
CA VAL G 18 -14.71 -55.11 -43.81
C VAL G 18 -14.83 -53.68 -43.33
N THR G 19 -14.30 -52.75 -44.11
CA THR G 19 -14.32 -51.32 -43.81
C THR G 19 -14.85 -50.56 -45.02
N ILE G 20 -16.07 -50.07 -44.91
CA ILE G 20 -16.66 -49.20 -45.92
C ILE G 20 -16.51 -47.77 -45.46
N SER G 21 -16.53 -46.81 -46.40
CA SER G 21 -16.35 -45.42 -46.02
C SER G 21 -17.21 -44.52 -46.89
N CYS G 22 -17.80 -43.52 -46.23
CA CYS G 22 -18.71 -42.58 -46.88
C CYS G 22 -18.20 -41.16 -46.63
N SER G 23 -18.30 -40.32 -47.66
CA SER G 23 -17.64 -39.02 -47.61
C SER G 23 -18.65 -37.90 -47.81
N GLY G 24 -18.30 -36.74 -47.28
CA GLY G 24 -19.12 -35.55 -47.41
C GLY G 24 -18.27 -34.33 -47.16
N SER G 25 -18.92 -33.19 -46.97
CA SER G 25 -18.20 -31.95 -46.78
C SER G 25 -17.64 -31.86 -45.36
N SER G 26 -16.96 -30.76 -45.07
CA SER G 26 -16.57 -30.46 -43.70
C SER G 26 -17.43 -29.39 -43.07
N SER G 27 -18.39 -28.84 -43.80
CA SER G 27 -19.41 -28.01 -43.16
C SER G 27 -20.26 -28.80 -42.19
N ASN G 28 -20.35 -30.12 -42.38
CA ASN G 28 -21.07 -30.99 -41.48
C ASN G 28 -20.15 -31.99 -40.79
N ILE G 29 -19.50 -32.86 -41.55
CA ILE G 29 -18.88 -34.04 -40.93
C ILE G 29 -17.65 -33.65 -40.15
N GLY G 30 -16.92 -32.63 -40.60
CA GLY G 30 -15.71 -32.25 -39.89
C GLY G 30 -15.98 -31.81 -38.46
N ASN G 31 -17.20 -31.35 -38.19
CA ASN G 31 -17.52 -30.76 -36.90
C ASN G 31 -18.65 -31.46 -36.17
N ASN G 32 -19.51 -32.15 -36.92
CA ASN G 32 -20.67 -32.85 -36.30
C ASN G 32 -20.40 -34.36 -36.34
N PRO G 33 -20.56 -35.08 -35.21
CA PRO G 33 -20.24 -36.52 -35.14
C PRO G 33 -21.15 -37.44 -35.97
N VAL G 34 -20.60 -38.56 -36.48
CA VAL G 34 -21.27 -39.39 -37.54
C VAL G 34 -22.06 -40.55 -36.94
N SER G 35 -23.30 -40.73 -37.38
CA SER G 35 -24.15 -41.85 -36.88
C SER G 35 -24.47 -42.82 -38.01
N TRP G 36 -24.27 -44.12 -37.79
CA TRP G 36 -24.50 -45.14 -38.85
C TRP G 36 -25.70 -46.02 -38.49
N TYR G 37 -26.41 -46.55 -39.50
CA TYR G 37 -27.51 -47.45 -39.24
C TYR G 37 -27.46 -48.62 -40.19
N ARG G 38 -28.16 -49.69 -39.82
CA ARG G 38 -28.31 -50.87 -40.65
C ARG G 38 -29.78 -51.09 -40.95
N GLN G 39 -30.08 -51.51 -42.17
CA GLN G 39 -31.43 -51.77 -42.62
C GLN G 39 -31.43 -53.11 -43.35
N VAL G 40 -32.18 -54.07 -42.84
CA VAL G 40 -32.39 -55.33 -43.55
C VAL G 40 -33.61 -55.15 -44.46
N PRO G 41 -33.59 -55.70 -45.68
CA PRO G 41 -34.75 -55.58 -46.56
C PRO G 41 -36.04 -56.03 -45.86
N GLY G 42 -36.94 -55.08 -45.69
CA GLY G 42 -38.18 -55.32 -44.98
C GLY G 42 -38.13 -55.04 -43.50
N THR G 43 -37.06 -54.45 -43.01
CA THR G 43 -36.93 -54.13 -41.59
C THR G 43 -36.54 -52.67 -41.45
N ALA G 44 -37.24 -51.97 -40.58
CA ALA G 44 -36.99 -50.54 -40.41
C ALA G 44 -35.58 -50.33 -39.86
N PRO G 45 -34.89 -49.27 -40.28
CA PRO G 45 -33.49 -49.09 -39.87
C PRO G 45 -33.37 -48.96 -38.37
N LYS G 46 -32.27 -49.48 -37.86
CA LYS G 46 -31.99 -49.43 -36.43
C LYS G 46 -30.68 -48.70 -36.21
N LEU G 47 -30.52 -48.14 -35.03
CA LEU G 47 -29.29 -47.44 -34.71
C LEU G 47 -28.14 -48.42 -34.54
N LEU G 48 -27.07 -48.19 -35.30
CA LEU G 48 -25.92 -49.08 -35.27
C LEU G 48 -24.72 -48.44 -34.56
N ILE G 49 -24.25 -47.31 -35.05
CA ILE G 49 -23.03 -46.68 -34.54
C ILE G 49 -23.31 -45.21 -34.32
N TYR G 50 -23.01 -44.71 -33.11
CA TYR G 50 -23.33 -43.32 -32.87
C TYR G 50 -22.13 -42.53 -32.40
N ASP G 51 -22.37 -41.35 -31.85
CA ASP G 51 -21.76 -40.11 -32.30
C ASP G 51 -20.47 -40.33 -33.06
N ASN G 52 -19.59 -41.16 -32.52
CA ASN G 52 -18.42 -41.61 -33.27
C ASN G 52 -18.02 -42.92 -32.64
N ASN G 53 -17.66 -43.90 -33.47
CA ASN G 53 -17.02 -45.14 -33.03
C ASN G 53 -17.73 -45.81 -31.86
N LYS G 54 -19.00 -45.50 -31.64
CA LYS G 54 -19.68 -45.97 -30.46
C LYS G 54 -21.01 -46.62 -30.84
N ARG G 55 -21.30 -47.73 -30.18
CA ARG G 55 -22.47 -48.55 -30.44
C ARG G 55 -23.36 -48.60 -29.23
N PRO G 56 -24.66 -48.73 -29.43
CA PRO G 56 -25.57 -48.85 -28.29
C PRO G 56 -25.40 -50.15 -27.55
N SER G 57 -26.24 -50.39 -26.55
CA SER G 57 -26.29 -51.69 -25.91
C SER G 57 -27.14 -52.63 -26.75
N GLY G 58 -26.80 -53.91 -26.71
CA GLY G 58 -27.42 -54.90 -27.56
C GLY G 58 -26.69 -55.14 -28.86
N ILE G 59 -25.91 -54.18 -29.34
CA ILE G 59 -25.12 -54.36 -30.55
C ILE G 59 -23.79 -54.97 -30.15
N PRO G 60 -23.36 -56.06 -30.79
CA PRO G 60 -22.12 -56.71 -30.40
C PRO G 60 -20.92 -55.84 -30.72
N ASP G 61 -19.84 -56.06 -29.99
CA ASP G 61 -18.61 -55.28 -30.06
C ASP G 61 -17.90 -55.40 -31.38
N ARG G 62 -18.38 -56.25 -32.29
CA ARG G 62 -17.68 -56.47 -33.54
C ARG G 62 -17.66 -55.22 -34.40
N PHE G 63 -18.62 -54.32 -34.20
CA PHE G 63 -18.74 -53.12 -35.01
C PHE G 63 -17.88 -52.00 -34.45
N SER G 64 -17.31 -51.19 -35.34
CA SER G 64 -16.50 -50.05 -34.94
C SER G 64 -16.56 -48.99 -36.03
N GLY G 65 -16.17 -47.77 -35.68
CA GLY G 65 -16.22 -46.67 -36.62
C GLY G 65 -15.08 -45.73 -36.40
N SER G 66 -14.93 -44.80 -37.34
CA SER G 66 -13.84 -43.82 -37.25
C SER G 66 -14.11 -42.70 -38.23
N LYS G 67 -14.11 -41.47 -37.73
CA LYS G 67 -14.29 -40.30 -38.58
C LYS G 67 -12.93 -39.68 -38.84
N SER G 68 -12.70 -39.27 -40.08
CA SER G 68 -11.48 -38.57 -40.44
C SER G 68 -11.84 -37.38 -41.30
N GLY G 69 -11.52 -36.19 -40.82
CA GLY G 69 -11.74 -34.99 -41.59
C GLY G 69 -13.18 -34.79 -42.00
N ALA G 70 -13.48 -35.01 -43.27
CA ALA G 70 -14.82 -34.83 -43.81
C ALA G 70 -15.37 -36.14 -44.36
N SER G 71 -14.92 -37.26 -43.79
CA SER G 71 -15.43 -38.56 -44.21
C SER G 71 -15.45 -39.49 -43.00
N ALA G 72 -16.07 -40.64 -43.19
CA ALA G 72 -16.27 -41.60 -42.11
C ALA G 72 -16.04 -43.02 -42.61
N THR G 73 -15.67 -43.91 -41.70
CA THR G 73 -15.40 -45.31 -41.98
C THR G 73 -16.16 -46.16 -40.99
N LEU G 74 -16.85 -47.17 -41.49
CA LEU G 74 -17.55 -48.16 -40.68
C LEU G 74 -16.91 -49.52 -40.93
N GLY G 75 -16.43 -50.15 -39.86
CA GLY G 75 -15.78 -51.44 -39.94
C GLY G 75 -16.46 -52.50 -39.12
N ILE G 76 -16.39 -53.74 -39.59
CA ILE G 76 -17.03 -54.87 -38.96
C ILE G 76 -16.09 -56.07 -39.02
N THR G 77 -15.96 -56.76 -37.89
CA THR G 77 -15.20 -57.97 -37.77
C THR G 77 -16.14 -59.15 -37.58
N GLY G 78 -15.62 -60.36 -37.84
CA GLY G 78 -16.39 -61.56 -37.67
C GLY G 78 -17.66 -61.57 -38.50
N LEU G 79 -17.54 -61.18 -39.76
CA LEU G 79 -18.71 -61.05 -40.63
C LEU G 79 -19.44 -62.39 -40.73
N GLN G 80 -20.75 -62.33 -40.74
CA GLN G 80 -21.61 -63.48 -40.92
C GLN G 80 -22.71 -63.15 -41.92
N THR G 81 -23.37 -64.20 -42.44
CA THR G 81 -24.29 -64.01 -43.55
C THR G 81 -25.53 -63.22 -43.17
N GLY G 82 -26.01 -63.34 -41.94
CA GLY G 82 -27.13 -62.55 -41.51
C GLY G 82 -26.84 -61.08 -41.33
N ASP G 83 -25.57 -60.69 -41.47
CA ASP G 83 -25.16 -59.30 -41.44
C ASP G 83 -25.30 -58.62 -42.79
N GLU G 84 -25.70 -59.36 -43.82
CA GLU G 84 -26.00 -58.79 -45.12
C GLU G 84 -27.13 -57.80 -44.97
N ALA G 85 -26.94 -56.60 -45.50
CA ALA G 85 -27.94 -55.55 -45.30
C ALA G 85 -27.61 -54.36 -46.20
N ASP G 86 -28.27 -53.25 -45.90
CA ASP G 86 -27.86 -51.93 -46.37
C ASP G 86 -27.37 -51.14 -45.16
N TYR G 87 -26.36 -50.32 -45.38
CA TYR G 87 -25.72 -49.56 -44.33
C TYR G 87 -25.71 -48.09 -44.72
N TYR G 88 -26.03 -47.21 -43.76
CA TYR G 88 -26.20 -45.79 -44.05
C TYR G 88 -25.47 -44.92 -43.05
N CYS G 89 -24.98 -43.77 -43.51
CA CYS G 89 -24.29 -42.80 -42.68
C CYS G 89 -25.06 -41.49 -42.68
N GLY G 90 -25.17 -40.88 -41.50
CA GLY G 90 -25.96 -39.68 -41.34
C GLY G 90 -25.47 -38.82 -40.20
N THR G 91 -25.81 -37.52 -40.26
CA THR G 91 -25.33 -36.52 -39.32
C THR G 91 -25.95 -35.17 -39.64
N TRP G 92 -26.43 -34.47 -38.59
CA TRP G 92 -26.89 -33.06 -38.67
C TRP G 92 -25.87 -32.18 -39.39
N HIS G 93 -26.20 -31.64 -40.57
CA HIS G 93 -25.36 -30.72 -41.31
C HIS G 93 -25.52 -29.32 -40.76
N THR G 94 -24.40 -28.67 -40.47
CA THR G 94 -24.44 -27.41 -39.72
C THR G 94 -24.93 -26.25 -40.58
N SER G 95 -24.37 -26.09 -41.77
CA SER G 95 -24.67 -24.91 -42.56
C SER G 95 -26.14 -24.83 -42.93
N LEU G 96 -26.67 -25.84 -43.59
CA LEU G 96 -28.08 -25.83 -43.93
C LEU G 96 -28.98 -26.09 -42.73
N SER G 97 -28.40 -26.27 -41.53
CA SER G 97 -29.17 -26.49 -40.31
C SER G 97 -30.19 -27.62 -40.49
N SER G 98 -29.83 -28.64 -41.26
CA SER G 98 -30.81 -29.62 -41.71
C SER G 98 -30.52 -31.02 -41.23
N GLY G 99 -29.34 -31.56 -41.50
CA GLY G 99 -29.15 -32.95 -41.16
C GLY G 99 -29.46 -33.82 -42.35
N VAL G 100 -28.58 -34.76 -42.65
CA VAL G 100 -28.63 -35.50 -43.91
C VAL G 100 -28.14 -36.92 -43.72
N PHE G 101 -28.26 -37.69 -44.81
CA PHE G 101 -27.86 -39.09 -44.89
C PHE G 101 -26.88 -39.28 -46.04
N GLY G 102 -26.15 -40.40 -45.98
CA GLY G 102 -25.41 -40.87 -47.12
C GLY G 102 -26.32 -41.45 -48.18
N GLY G 103 -25.71 -42.09 -49.18
CA GLY G 103 -26.49 -42.68 -50.25
C GLY G 103 -26.99 -44.08 -49.96
N GLY G 104 -26.19 -44.89 -49.27
CA GLY G 104 -26.53 -46.27 -49.01
C GLY G 104 -25.47 -47.21 -49.53
N THR G 105 -25.16 -48.25 -48.77
CA THR G 105 -24.17 -49.23 -49.18
C THR G 105 -24.75 -50.63 -49.04
N LYS G 106 -24.62 -51.43 -50.10
CA LYS G 106 -25.16 -52.78 -50.14
C LYS G 106 -24.10 -53.75 -49.68
N LEU G 107 -24.17 -54.17 -48.42
CA LEU G 107 -23.26 -55.19 -47.94
C LEU G 107 -23.89 -56.55 -48.23
N THR G 108 -23.26 -57.30 -49.13
CA THR G 108 -23.66 -58.68 -49.44
C THR G 108 -22.54 -59.62 -49.04
N VAL G 109 -22.87 -60.59 -48.21
CA VAL G 109 -21.91 -61.59 -47.75
C VAL G 109 -21.54 -62.49 -48.91
N LEU G 110 -20.33 -63.03 -48.88
CA LEU G 110 -20.01 -64.11 -49.81
C LEU G 110 -20.48 -65.44 -49.27
N SER G 111 -21.19 -66.19 -50.11
CA SER G 111 -21.70 -67.50 -49.75
C SER G 111 -22.57 -68.11 -50.83
N GLU H 1 28.19 -27.60 -54.88
CA GLU H 1 27.12 -27.34 -55.83
C GLU H 1 26.14 -28.52 -55.92
N VAL H 2 24.89 -28.21 -55.61
CA VAL H 2 23.84 -29.21 -55.60
C VAL H 2 23.58 -29.74 -57.00
N GLN H 3 23.29 -31.03 -57.10
CA GLN H 3 22.88 -31.63 -58.35
C GLN H 3 21.86 -32.73 -58.08
N LEU H 4 20.82 -32.77 -58.89
CA LEU H 4 19.88 -33.86 -58.87
C LEU H 4 19.90 -34.53 -60.23
N VAL H 5 20.06 -35.84 -60.23
CA VAL H 5 20.19 -36.62 -61.46
C VAL H 5 19.09 -37.66 -61.50
N GLN H 6 18.50 -37.83 -62.68
CA GLN H 6 17.41 -38.76 -62.86
C GLN H 6 17.83 -39.89 -63.81
N SER H 7 17.03 -40.93 -63.83
CA SER H 7 17.28 -42.08 -64.66
C SER H 7 17.18 -41.69 -66.14
N GLY H 8 17.71 -42.55 -67.00
CA GLY H 8 17.78 -42.26 -68.41
C GLY H 8 16.43 -42.34 -69.10
N ALA H 9 16.49 -42.36 -70.43
CA ALA H 9 15.28 -42.39 -71.25
C ALA H 9 14.46 -43.63 -70.91
N GLU H 10 13.15 -43.43 -70.74
CA GLU H 10 12.27 -44.48 -70.28
C GLU H 10 11.05 -44.53 -71.19
N VAL H 11 10.68 -45.74 -71.63
CA VAL H 11 9.45 -45.97 -72.36
C VAL H 11 8.86 -47.30 -71.90
N LYS H 12 7.55 -47.29 -71.65
CA LYS H 12 6.84 -48.48 -71.20
C LYS H 12 5.46 -48.51 -71.82
N LYS H 13 4.76 -49.63 -71.65
CA LYS H 13 3.45 -49.83 -72.24
C LYS H 13 2.36 -49.69 -71.18
N PRO H 14 1.21 -49.16 -71.55
CA PRO H 14 0.08 -49.14 -70.61
C PRO H 14 -0.20 -50.51 -70.03
N GLY H 15 -0.51 -50.54 -68.74
CA GLY H 15 -0.71 -51.76 -67.99
C GLY H 15 0.37 -52.06 -66.98
N GLU H 16 1.42 -51.24 -66.90
CA GLU H 16 2.60 -51.54 -66.10
C GLU H 16 2.79 -50.51 -64.99
N SER H 17 3.70 -50.84 -64.06
CA SER H 17 4.06 -50.01 -62.93
C SER H 17 5.45 -49.40 -63.15
N LEU H 18 5.70 -48.29 -62.48
CA LEU H 18 6.98 -47.60 -62.64
C LEU H 18 7.51 -47.14 -61.29
N LYS H 19 8.82 -46.95 -61.24
CA LYS H 19 9.48 -46.37 -60.08
C LYS H 19 10.70 -45.61 -60.61
N ILE H 20 10.54 -44.31 -60.81
CA ILE H 20 11.59 -43.47 -61.34
C ILE H 20 12.48 -42.99 -60.20
N SER H 21 13.74 -42.72 -60.52
CA SER H 21 14.75 -42.44 -59.51
C SER H 21 15.18 -40.99 -59.58
N CYS H 22 15.54 -40.43 -58.44
CA CYS H 22 16.17 -39.12 -58.40
C CYS H 22 17.22 -39.14 -57.31
N LYS H 23 18.42 -38.69 -57.65
CA LYS H 23 19.55 -38.67 -56.73
C LYS H 23 20.01 -37.24 -56.49
N GLY H 24 20.29 -36.93 -55.23
CA GLY H 24 20.75 -35.60 -54.85
C GLY H 24 22.15 -35.65 -54.28
N SER H 25 22.96 -34.66 -54.65
CA SER H 25 24.36 -34.66 -54.26
C SER H 25 24.84 -33.23 -54.07
N GLY H 26 25.62 -33.02 -53.02
CA GLY H 26 26.23 -31.74 -52.78
C GLY H 26 25.55 -30.89 -51.74
N TYR H 27 24.62 -31.46 -50.98
CA TYR H 27 23.91 -30.70 -49.97
C TYR H 27 23.34 -31.67 -48.95
N SER H 28 23.01 -31.13 -47.78
CA SER H 28 22.41 -31.96 -46.74
C SER H 28 21.06 -32.44 -47.24
N PHE H 29 21.01 -33.67 -47.71
CA PHE H 29 19.79 -34.17 -48.32
C PHE H 29 18.68 -34.34 -47.31
N SER H 30 19.00 -34.63 -46.06
CA SER H 30 17.98 -34.97 -45.09
C SER H 30 17.40 -33.75 -44.40
N ASN H 31 17.49 -32.58 -45.03
CA ASN H 31 16.97 -31.36 -44.45
C ASN H 31 16.23 -30.48 -45.46
N TYR H 32 15.92 -30.98 -46.64
CA TYR H 32 15.21 -30.21 -47.64
C TYR H 32 14.09 -31.05 -48.20
N TRP H 33 12.98 -30.41 -48.52
CA TRP H 33 11.88 -31.14 -49.13
C TRP H 33 12.23 -31.49 -50.57
N ILE H 34 11.71 -32.63 -51.02
CA ILE H 34 11.94 -33.03 -52.41
C ILE H 34 10.64 -33.58 -52.99
N GLY H 35 10.33 -33.18 -54.21
CA GLY H 35 9.05 -33.48 -54.80
C GLY H 35 9.07 -33.35 -56.31
N TRP H 36 7.93 -33.71 -56.91
CA TRP H 36 7.84 -33.97 -58.34
C TRP H 36 6.88 -33.00 -59.00
N VAL H 37 7.20 -32.62 -60.23
CA VAL H 37 6.39 -31.72 -61.03
C VAL H 37 6.41 -32.22 -62.46
N ARG H 38 5.23 -32.36 -63.08
CA ARG H 38 5.14 -32.97 -64.44
C ARG H 38 4.95 -31.90 -65.53
N HIS H 39 5.88 -31.81 -66.48
CA HIS H 39 5.72 -30.87 -67.62
C HIS H 39 5.39 -31.70 -68.87
N MET H 40 4.27 -31.40 -69.54
CA MET H 40 3.87 -32.25 -70.70
C MET H 40 4.37 -31.60 -72.00
N PRO H 41 4.61 -32.31 -73.14
CA PRO H 41 5.15 -31.63 -74.34
C PRO H 41 4.15 -30.63 -74.89
N GLY H 42 4.61 -29.41 -75.10
CA GLY H 42 3.72 -28.34 -75.49
C GLY H 42 2.65 -28.08 -74.47
N LYS H 43 2.88 -28.48 -73.22
CA LYS H 43 1.94 -28.26 -72.14
C LYS H 43 2.72 -27.79 -70.91
N GLY H 44 2.00 -27.29 -69.92
CA GLY H 44 2.60 -26.64 -68.78
C GLY H 44 2.91 -27.59 -67.65
N LEU H 45 3.73 -27.11 -66.71
CA LEU H 45 4.13 -27.95 -65.58
C LEU H 45 2.96 -28.15 -64.64
N GLU H 46 2.83 -29.36 -64.12
CA GLU H 46 1.83 -29.67 -63.12
C GLU H 46 2.52 -30.01 -61.80
N TRP H 47 2.01 -29.43 -60.72
CA TRP H 47 2.52 -29.75 -59.40
C TRP H 47 1.99 -31.10 -58.94
N MET H 48 2.89 -32.01 -58.58
CA MET H 48 2.48 -33.38 -58.29
C MET H 48 2.34 -33.65 -56.80
N GLY H 49 3.43 -33.47 -56.04
CA GLY H 49 3.45 -33.87 -54.65
C GLY H 49 4.89 -33.96 -54.18
N ILE H 50 5.05 -33.84 -52.87
CA ILE H 50 6.38 -33.75 -52.29
C ILE H 50 6.47 -34.58 -51.01
N ILE H 51 7.68 -34.70 -50.50
CA ILE H 51 7.94 -35.45 -49.28
C ILE H 51 9.12 -34.82 -48.56
N TYR H 52 9.10 -34.94 -47.23
CA TYR H 52 10.20 -34.52 -46.40
C TYR H 52 11.12 -35.70 -46.16
N PRO H 53 12.29 -35.73 -46.79
CA PRO H 53 13.20 -36.87 -46.62
C PRO H 53 13.50 -37.22 -45.19
N GLY H 54 13.61 -36.25 -44.29
CA GLY H 54 14.06 -36.56 -42.95
C GLY H 54 13.12 -37.49 -42.21
N ASP H 55 11.81 -37.37 -42.46
CA ASP H 55 10.85 -38.16 -41.70
C ASP H 55 9.80 -38.82 -42.56
N SER H 56 9.95 -38.82 -43.88
CA SER H 56 9.00 -39.50 -44.76
C SER H 56 7.59 -38.98 -44.58
N ASP H 57 7.46 -37.66 -44.45
CA ASP H 57 6.17 -36.99 -44.42
C ASP H 57 5.88 -36.49 -45.82
N THR H 58 4.69 -36.76 -46.33
CA THR H 58 4.33 -36.49 -47.70
C THR H 58 3.17 -35.51 -47.78
N ARG H 59 3.19 -34.68 -48.81
CA ARG H 59 2.08 -33.83 -49.19
C ARG H 59 1.70 -34.21 -50.62
N TYR H 60 0.43 -34.48 -50.85
CA TYR H 60 -0.04 -34.87 -52.18
C TYR H 60 -1.07 -33.90 -52.70
N SER H 61 -0.83 -33.39 -53.90
CA SER H 61 -1.85 -32.64 -54.58
C SER H 61 -3.05 -33.55 -54.85
N PRO H 62 -4.27 -33.03 -54.73
CA PRO H 62 -5.44 -33.89 -54.93
C PRO H 62 -5.51 -34.45 -56.34
N SER H 63 -5.04 -33.72 -57.32
CA SER H 63 -5.03 -34.17 -58.71
C SER H 63 -4.11 -35.35 -58.93
N PHE H 64 -3.41 -35.80 -57.90
CA PHE H 64 -2.55 -36.96 -58.02
C PHE H 64 -2.63 -37.86 -56.80
N GLN H 65 -3.55 -37.62 -55.88
CA GLN H 65 -3.65 -38.45 -54.69
C GLN H 65 -4.04 -39.85 -55.11
N GLY H 66 -3.38 -40.85 -54.54
CA GLY H 66 -3.60 -42.22 -54.90
C GLY H 66 -2.96 -42.65 -56.20
N GLN H 67 -2.78 -41.72 -57.14
CA GLN H 67 -2.10 -42.04 -58.39
C GLN H 67 -0.69 -42.55 -58.12
N VAL H 68 0.16 -41.70 -57.55
CA VAL H 68 1.58 -42.02 -57.41
C VAL H 68 1.95 -41.90 -55.95
N THR H 69 2.50 -42.97 -55.39
CA THR H 69 2.98 -42.97 -54.01
C THR H 69 4.48 -42.74 -54.03
N ILE H 70 4.91 -41.62 -53.47
CA ILE H 70 6.28 -41.16 -53.58
C ILE H 70 6.99 -41.39 -52.27
N SER H 71 8.16 -42.02 -52.32
CA SER H 71 8.90 -42.41 -51.14
C SER H 71 10.38 -42.06 -51.31
N VAL H 72 11.15 -42.34 -50.26
CA VAL H 72 12.54 -41.93 -50.20
C VAL H 72 13.37 -43.07 -49.62
N ASP H 73 14.68 -42.95 -49.80
CA ASP H 73 15.70 -43.77 -49.15
C ASP H 73 16.76 -42.77 -48.68
N THR H 74 16.68 -42.39 -47.40
CA THR H 74 17.67 -41.47 -46.88
C THR H 74 19.01 -42.14 -46.65
N SER H 75 19.08 -43.46 -46.78
CA SER H 75 20.37 -44.14 -46.62
C SER H 75 21.35 -43.72 -47.69
N ILE H 76 20.87 -43.46 -48.90
CA ILE H 76 21.71 -43.03 -50.00
C ILE H 76 21.17 -41.77 -50.68
N SER H 77 20.19 -41.12 -50.06
CA SER H 77 19.69 -39.82 -50.51
C SER H 77 19.13 -39.91 -51.93
N THR H 78 18.12 -40.76 -52.07
CA THR H 78 17.50 -41.03 -53.36
C THR H 78 16.00 -41.19 -53.18
N ALA H 79 15.23 -40.50 -54.02
CA ALA H 79 13.78 -40.52 -53.93
C ALA H 79 13.19 -41.19 -55.15
N TYR H 80 12.01 -41.78 -55.00
CA TYR H 80 11.35 -42.47 -56.09
C TYR H 80 9.84 -42.34 -55.98
N LEU H 81 9.17 -42.72 -57.06
CA LEU H 81 7.72 -42.75 -57.15
C LEU H 81 7.27 -44.20 -57.30
N GLN H 82 5.97 -44.42 -57.21
CA GLN H 82 5.39 -45.72 -57.52
C GLN H 82 3.99 -45.55 -58.08
N TRP H 83 3.66 -46.38 -59.07
CA TRP H 83 2.40 -46.29 -59.77
C TRP H 83 1.57 -47.53 -59.56
N SER H 84 0.48 -47.59 -60.31
CA SER H 84 -0.38 -48.76 -60.43
C SER H 84 -0.50 -49.27 -61.85
N SER H 85 -0.76 -48.38 -62.81
CA SER H 85 -1.00 -48.78 -64.20
C SER H 85 -0.75 -47.57 -65.08
N LEU H 86 0.28 -47.64 -65.92
CA LEU H 86 0.58 -46.51 -66.78
C LEU H 86 -0.55 -46.27 -67.76
N LYS H 87 -0.88 -45.01 -67.98
CA LYS H 87 -1.82 -44.64 -69.03
C LYS H 87 -1.05 -44.13 -70.24
N ALA H 88 -1.67 -44.23 -71.41
CA ALA H 88 -0.99 -43.85 -72.63
C ALA H 88 -0.69 -42.35 -72.65
N SER H 89 -1.60 -41.55 -72.11
CA SER H 89 -1.41 -40.11 -71.98
C SER H 89 -0.47 -39.74 -70.83
N ASP H 90 0.13 -40.73 -70.16
CA ASP H 90 1.16 -40.45 -69.17
C ASP H 90 2.46 -40.01 -69.81
N THR H 91 2.53 -39.97 -71.13
CA THR H 91 3.75 -39.53 -71.81
C THR H 91 3.95 -38.03 -71.61
N ALA H 92 4.89 -37.69 -70.74
CA ALA H 92 5.21 -36.30 -70.43
C ALA H 92 6.60 -36.29 -69.83
N MET H 93 7.16 -35.09 -69.66
CA MET H 93 8.47 -34.92 -69.05
C MET H 93 8.25 -34.64 -67.56
N TYR H 94 8.53 -35.64 -66.74
CA TYR H 94 8.43 -35.48 -65.30
C TYR H 94 9.71 -34.84 -64.76
N TYR H 95 9.65 -34.37 -63.53
CA TYR H 95 10.77 -33.64 -62.96
C TYR H 95 10.81 -33.84 -61.46
N CYS H 96 11.99 -34.13 -60.93
CA CYS H 96 12.24 -34.19 -59.50
C CYS H 96 13.02 -32.94 -59.11
N THR H 97 12.72 -32.39 -57.92
CA THR H 97 13.39 -31.17 -57.53
C THR H 97 13.29 -30.94 -56.04
N ARG H 98 14.22 -30.13 -55.54
CA ARG H 98 14.29 -29.70 -54.16
C ARG H 98 13.83 -28.26 -54.08
N HIS H 99 13.03 -27.95 -53.08
CA HIS H 99 12.42 -26.63 -52.96
C HIS H 99 12.33 -26.25 -51.50
N GLN H 100 12.79 -25.05 -51.18
CA GLN H 100 12.59 -24.54 -49.84
C GLN H 100 11.10 -24.45 -49.57
N TYR H 101 10.70 -25.01 -48.45
CA TYR H 101 9.31 -25.05 -48.05
C TYR H 101 9.20 -24.60 -46.60
N GLY H 102 10.25 -23.99 -46.10
CA GLY H 102 10.38 -23.74 -44.68
C GLY H 102 9.45 -22.67 -44.18
N TYR H 103 9.71 -22.21 -42.96
CA TYR H 103 8.95 -21.07 -42.37
C TYR H 103 10.04 -20.22 -41.74
N ASN H 104 10.79 -19.46 -42.54
CA ASN H 104 11.96 -18.75 -42.02
C ASN H 104 11.65 -17.96 -40.77
N TYR H 105 10.86 -16.91 -40.88
CA TYR H 105 9.94 -16.48 -39.82
C TYR H 105 8.57 -16.21 -40.41
N GLY H 106 8.55 -15.64 -41.61
CA GLY H 106 7.35 -15.55 -42.43
C GLY H 106 7.49 -16.50 -43.61
N TYR H 107 6.42 -17.23 -43.88
CA TYR H 107 6.41 -18.42 -44.70
C TYR H 107 6.83 -18.14 -46.13
N PHE H 108 7.53 -19.11 -46.73
CA PHE H 108 8.11 -18.95 -48.05
C PHE H 108 8.16 -20.28 -48.76
N TYR H 109 8.07 -20.22 -50.08
CA TYR H 109 8.01 -21.36 -50.99
C TYR H 109 8.99 -21.13 -52.14
N TYR H 110 9.42 -22.22 -52.78
CA TYR H 110 10.49 -21.97 -53.77
C TYR H 110 10.75 -23.13 -54.71
N TYR H 111 11.81 -23.01 -55.48
CA TYR H 111 12.34 -24.05 -56.36
C TYR H 111 13.77 -23.69 -56.70
N ILE H 112 14.68 -24.58 -56.35
CA ILE H 112 16.10 -24.29 -56.49
C ILE H 112 16.58 -24.80 -57.84
N ASP H 113 16.36 -26.08 -58.12
CA ASP H 113 16.82 -26.61 -59.38
C ASP H 113 16.19 -27.96 -59.60
N VAL H 114 16.15 -28.36 -60.87
CA VAL H 114 15.52 -29.61 -61.27
C VAL H 114 16.51 -30.48 -62.03
N TRP H 115 16.97 -29.96 -63.17
CA TRP H 115 17.76 -30.67 -64.17
C TRP H 115 17.47 -32.15 -64.24
N GLY H 116 16.26 -32.52 -64.65
CA GLY H 116 15.87 -33.90 -64.78
C GLY H 116 15.36 -34.23 -66.17
N LYS H 117 14.76 -35.42 -66.27
CA LYS H 117 14.17 -35.91 -67.50
C LYS H 117 13.41 -37.19 -67.20
N GLY H 118 12.26 -37.33 -67.85
CA GLY H 118 11.52 -38.57 -67.75
C GLY H 118 10.45 -38.61 -68.81
N THR H 119 10.11 -39.82 -69.23
CA THR H 119 9.02 -40.02 -70.17
C THR H 119 8.58 -41.47 -70.07
N THR H 120 7.54 -41.81 -70.81
CA THR H 120 6.87 -43.08 -70.63
C THR H 120 6.37 -43.67 -71.94
N GLU I 1 -40.69 -49.14 -22.28
CA GLU I 1 -40.16 -49.29 -23.63
C GLU I 1 -40.89 -48.41 -24.63
N VAL I 2 -40.13 -47.52 -25.27
CA VAL I 2 -40.68 -46.58 -26.22
C VAL I 2 -41.20 -47.30 -27.44
N GLN I 3 -42.30 -46.80 -28.00
CA GLN I 3 -42.82 -47.30 -29.26
C GLN I 3 -43.46 -46.16 -30.03
N LEU I 4 -43.18 -46.13 -31.33
CA LEU I 4 -43.85 -45.22 -32.24
C LEU I 4 -44.61 -46.04 -33.26
N VAL I 5 -45.88 -45.73 -33.44
CA VAL I 5 -46.76 -46.48 -34.31
C VAL I 5 -47.33 -45.54 -35.36
N GLN I 6 -47.38 -46.01 -36.59
CA GLN I 6 -47.88 -45.21 -37.70
C GLN I 6 -49.15 -45.82 -38.27
N SER I 7 -49.83 -45.02 -39.08
CA SER I 7 -51.07 -45.45 -39.70
C SER I 7 -50.79 -46.60 -40.66
N GLY I 8 -51.86 -47.30 -41.04
CA GLY I 8 -51.75 -48.47 -41.88
C GLY I 8 -51.40 -48.15 -43.32
N ALA I 9 -51.54 -49.17 -44.16
CA ALA I 9 -51.22 -49.05 -45.58
C ALA I 9 -52.04 -47.93 -46.20
N GLU I 10 -51.36 -47.07 -46.98
CA GLU I 10 -51.97 -45.89 -47.54
C GLU I 10 -51.66 -45.82 -49.03
N VAL I 11 -52.70 -45.56 -49.83
CA VAL I 11 -52.53 -45.28 -51.26
C VAL I 11 -53.51 -44.19 -51.66
N LYS I 12 -53.01 -43.21 -52.42
CA LYS I 12 -53.82 -42.10 -52.88
C LYS I 12 -53.39 -41.74 -54.30
N LYS I 13 -54.17 -40.84 -54.92
CA LYS I 13 -53.93 -40.43 -56.29
C LYS I 13 -53.33 -39.04 -56.34
N PRO I 14 -52.43 -38.78 -57.29
CA PRO I 14 -51.93 -37.41 -57.47
C PRO I 14 -53.06 -36.40 -57.58
N GLY I 15 -52.84 -35.24 -56.94
CA GLY I 15 -53.85 -34.21 -56.84
C GLY I 15 -54.42 -34.01 -55.46
N GLU I 16 -54.03 -34.83 -54.49
CA GLU I 16 -54.66 -34.84 -53.18
C GLU I 16 -53.68 -34.46 -52.08
N SER I 17 -54.24 -34.22 -50.89
CA SER I 17 -53.49 -33.85 -49.69
C SER I 17 -53.45 -35.03 -48.72
N LEU I 18 -52.44 -35.02 -47.85
CA LEU I 18 -52.28 -36.11 -46.90
C LEU I 18 -51.93 -35.56 -45.53
N LYS I 19 -52.22 -36.37 -44.51
CA LYS I 19 -51.82 -36.09 -43.14
C LYS I 19 -51.60 -37.44 -42.46
N ILE I 20 -50.35 -37.88 -42.43
CA ILE I 20 -50.00 -39.17 -41.85
C ILE I 20 -49.77 -39.00 -40.37
N SER I 21 -50.00 -40.06 -39.61
CA SER I 21 -50.03 -40.01 -38.15
C SER I 21 -48.84 -40.77 -37.59
N CYS I 22 -48.34 -40.30 -36.45
CA CYS I 22 -47.35 -41.04 -35.69
C CYS I 22 -47.66 -40.87 -34.21
N LYS I 23 -47.70 -41.97 -33.49
CA LYS I 23 -48.01 -41.98 -32.07
C LYS I 23 -46.83 -42.50 -31.27
N GLY I 24 -46.52 -41.83 -30.16
CA GLY I 24 -45.43 -42.22 -29.30
C GLY I 24 -45.93 -42.64 -27.93
N SER I 25 -45.33 -43.69 -27.39
CA SER I 25 -45.80 -44.24 -26.13
C SER I 25 -44.63 -44.82 -25.34
N GLY I 26 -44.63 -44.58 -24.05
CA GLY I 26 -43.64 -45.15 -23.17
C GLY I 26 -42.51 -44.23 -22.79
N TYR I 27 -42.63 -42.94 -23.06
CA TYR I 27 -41.58 -42.00 -22.73
C TYR I 27 -42.18 -40.61 -22.68
N SER I 28 -41.46 -39.70 -22.01
CA SER I 28 -41.93 -38.32 -21.93
C SER I 28 -41.93 -37.74 -23.33
N PHE I 29 -43.10 -37.69 -23.95
CA PHE I 29 -43.17 -37.25 -25.33
C PHE I 29 -42.83 -35.79 -25.49
N SER I 30 -43.11 -34.96 -24.50
CA SER I 30 -42.97 -33.53 -24.64
C SER I 30 -41.57 -33.04 -24.34
N ASN I 31 -40.57 -33.91 -24.44
CA ASN I 31 -39.19 -33.55 -24.18
C ASN I 31 -38.20 -34.12 -25.18
N TYR I 32 -38.66 -34.67 -26.30
CA TYR I 32 -37.78 -35.22 -27.31
C TYR I 32 -38.20 -34.70 -28.67
N TRP I 33 -37.23 -34.47 -29.53
CA TRP I 33 -37.57 -34.05 -30.88
C TRP I 33 -38.14 -35.21 -31.66
N ILE I 34 -39.06 -34.89 -32.57
CA ILE I 34 -39.64 -35.92 -33.43
C ILE I 34 -39.73 -35.41 -34.85
N GLY I 35 -39.35 -36.26 -35.80
CA GLY I 35 -39.22 -35.83 -37.18
C GLY I 35 -39.25 -37.00 -38.14
N TRP I 36 -39.23 -36.66 -39.43
CA TRP I 36 -39.56 -37.59 -40.49
C TRP I 36 -38.36 -37.80 -41.41
N VAL I 37 -38.24 -39.01 -41.92
CA VAL I 37 -37.18 -39.40 -42.84
C VAL I 37 -37.79 -40.32 -43.89
N ARG I 38 -37.54 -40.02 -45.18
CA ARG I 38 -38.19 -40.79 -46.28
C ARG I 38 -37.23 -41.82 -46.91
N HIS I 39 -37.58 -43.10 -46.85
CA HIS I 39 -36.74 -44.13 -47.53
C HIS I 39 -37.50 -44.61 -48.78
N MET I 40 -36.89 -44.53 -49.95
CA MET I 40 -37.64 -44.89 -51.19
C MET I 40 -37.33 -46.36 -51.57
N PRO I 41 -38.18 -47.13 -52.30
CA PRO I 41 -37.85 -48.53 -52.58
C PRO I 41 -36.61 -48.65 -53.44
N GLY I 42 -35.65 -49.46 -52.99
CA GLY I 42 -34.37 -49.55 -53.66
C GLY I 42 -33.66 -48.22 -53.69
N LYS I 43 -34.00 -47.31 -52.77
CA LYS I 43 -33.36 -46.01 -52.68
C LYS I 43 -33.10 -45.71 -51.21
N GLY I 44 -32.29 -44.69 -50.95
CA GLY I 44 -31.79 -44.42 -49.62
C GLY I 44 -32.68 -43.47 -48.85
N LEU I 45 -32.46 -43.40 -47.54
CA LEU I 45 -33.27 -42.57 -46.68
C LEU I 45 -32.95 -41.11 -46.94
N GLU I 46 -33.99 -40.28 -46.93
CA GLU I 46 -33.82 -38.83 -47.06
C GLU I 46 -34.26 -38.16 -45.76
N TRP I 47 -33.45 -37.24 -45.28
CA TRP I 47 -33.82 -36.47 -44.11
C TRP I 47 -34.83 -35.40 -44.47
N MET I 48 -35.97 -35.40 -43.78
CA MET I 48 -37.07 -34.52 -44.17
C MET I 48 -37.15 -33.25 -43.34
N GLY I 49 -37.29 -33.39 -42.02
CA GLY I 49 -37.56 -32.25 -41.16
C GLY I 49 -38.11 -32.74 -39.84
N ILE I 50 -37.95 -31.90 -38.82
CA ILE I 50 -38.29 -32.29 -37.47
C ILE I 50 -38.98 -31.14 -36.74
N ILE I 51 -39.48 -31.46 -35.56
CA ILE I 51 -40.17 -30.48 -34.73
C ILE I 51 -39.93 -30.85 -33.26
N TYR I 52 -39.92 -29.81 -32.42
CA TYR I 52 -39.86 -29.98 -30.99
C TYR I 52 -41.26 -29.99 -30.42
N PRO I 53 -41.77 -31.15 -30.01
CA PRO I 53 -43.14 -31.22 -29.49
C PRO I 53 -43.46 -30.24 -28.39
N GLY I 54 -42.50 -29.94 -27.52
CA GLY I 54 -42.83 -29.12 -26.36
C GLY I 54 -43.29 -27.72 -26.74
N ASP I 55 -42.73 -27.16 -27.81
CA ASP I 55 -43.04 -25.79 -28.17
C ASP I 55 -43.36 -25.59 -29.65
N SER I 56 -43.53 -26.66 -30.41
CA SER I 56 -43.91 -26.54 -31.83
C SER I 56 -42.89 -25.72 -32.60
N ASP I 57 -41.62 -25.94 -32.32
CA ASP I 57 -40.53 -25.35 -33.08
C ASP I 57 -40.07 -26.37 -34.11
N THR I 58 -39.94 -25.94 -35.36
CA THR I 58 -39.68 -26.83 -36.47
C THR I 58 -38.36 -26.49 -37.14
N ARG I 59 -37.69 -27.52 -37.63
CA ARG I 59 -36.53 -27.40 -38.50
C ARG I 59 -36.87 -28.11 -39.81
N TYR I 60 -36.68 -27.44 -40.93
CA TYR I 60 -37.00 -28.02 -42.23
C TYR I 60 -35.77 -28.09 -43.11
N SER I 61 -35.50 -29.28 -43.62
CA SER I 61 -34.49 -29.40 -44.65
C SER I 61 -34.93 -28.62 -45.87
N PRO I 62 -34.00 -27.94 -46.56
CA PRO I 62 -34.39 -27.14 -47.71
C PRO I 62 -35.00 -27.95 -48.82
N SER I 63 -34.58 -29.21 -48.98
CA SER I 63 -35.12 -30.09 -50.00
C SER I 63 -36.58 -30.44 -49.74
N PHE I 64 -37.15 -29.97 -48.65
CA PHE I 64 -38.56 -30.23 -48.35
C PHE I 64 -39.26 -28.99 -47.80
N GLN I 65 -38.61 -27.83 -47.80
CA GLN I 65 -39.24 -26.64 -47.25
C GLN I 65 -40.45 -26.29 -48.11
N GLY I 66 -41.56 -25.96 -47.47
CA GLY I 66 -42.78 -25.67 -48.16
C GLY I 66 -43.52 -26.89 -48.66
N GLN I 67 -42.80 -27.98 -48.96
CA GLN I 67 -43.46 -29.22 -49.37
C GLN I 67 -44.42 -29.70 -48.30
N VAL I 68 -43.90 -30.06 -47.13
CA VAL I 68 -44.68 -30.70 -46.09
C VAL I 68 -44.58 -29.87 -44.82
N THR I 69 -45.72 -29.47 -44.28
CA THR I 69 -45.78 -28.74 -43.03
C THR I 69 -46.10 -29.71 -41.91
N ILE I 70 -45.17 -29.89 -40.99
CA ILE I 70 -45.25 -30.95 -40.00
C ILE I 70 -45.60 -30.32 -38.66
N SER I 71 -46.61 -30.86 -37.99
CA SER I 71 -47.14 -30.32 -36.76
C SER I 71 -47.35 -31.43 -35.75
N VAL I 72 -47.81 -31.03 -34.55
CA VAL I 72 -47.92 -31.94 -33.44
C VAL I 72 -49.22 -31.66 -32.69
N ASP I 73 -49.61 -32.63 -31.86
CA ASP I 73 -50.68 -32.50 -30.86
C ASP I 73 -50.08 -33.08 -29.59
N THR I 74 -49.60 -32.20 -28.71
CA THR I 74 -49.05 -32.70 -27.45
C THR I 74 -50.13 -33.12 -26.48
N SER I 75 -51.40 -32.86 -26.80
CA SER I 75 -52.48 -33.30 -25.93
C SER I 75 -52.53 -34.81 -25.85
N ILE I 76 -52.23 -35.50 -26.95
CA ILE I 76 -52.23 -36.95 -26.99
C ILE I 76 -50.93 -37.51 -27.54
N SER I 77 -49.92 -36.67 -27.69
CA SER I 77 -48.57 -37.10 -28.07
C SER I 77 -48.58 -37.79 -29.44
N THR I 78 -49.02 -37.02 -30.43
CA THR I 78 -49.15 -37.52 -31.79
C THR I 78 -48.75 -36.45 -32.78
N ALA I 79 -47.91 -36.82 -33.73
CA ALA I 79 -47.39 -35.88 -34.72
C ALA I 79 -47.91 -36.23 -36.11
N TYR I 80 -48.02 -35.22 -36.97
CA TYR I 80 -48.51 -35.43 -38.31
C TYR I 80 -47.84 -34.49 -39.30
N LEU I 81 -48.05 -34.77 -40.58
CA LEU I 81 -47.57 -33.97 -41.68
C LEU I 81 -48.75 -33.36 -42.41
N GLN I 82 -48.48 -32.45 -43.34
CA GLN I 82 -49.51 -31.94 -44.22
C GLN I 82 -48.89 -31.57 -45.56
N TRP I 83 -49.63 -31.85 -46.63
CA TRP I 83 -49.16 -31.65 -47.99
C TRP I 83 -50.00 -30.60 -48.71
N SER I 84 -49.72 -30.49 -50.00
CA SER I 84 -50.51 -29.71 -50.94
C SER I 84 -51.06 -30.54 -52.09
N SER I 85 -50.22 -31.36 -52.71
CA SER I 85 -50.63 -32.13 -53.89
C SER I 85 -49.68 -33.29 -54.04
N LEU I 86 -50.18 -34.51 -53.88
CA LEU I 86 -49.33 -35.67 -54.00
C LEU I 86 -48.79 -35.80 -55.41
N LYS I 87 -47.51 -36.15 -55.52
CA LYS I 87 -46.93 -36.47 -56.81
C LYS I 87 -46.84 -37.99 -56.95
N ALA I 88 -46.80 -38.45 -58.20
CA ALA I 88 -46.81 -39.89 -58.45
C ALA I 88 -45.54 -40.53 -57.92
N SER I 89 -44.42 -39.83 -58.05
CA SER I 89 -43.13 -40.29 -57.51
C SER I 89 -43.04 -40.11 -56.00
N ASP I 90 -44.11 -39.67 -55.34
CA ASP I 90 -44.13 -39.64 -53.87
C ASP I 90 -44.26 -41.02 -53.27
N THR I 91 -44.35 -42.07 -54.09
CA THR I 91 -44.44 -43.43 -53.58
C THR I 91 -43.11 -43.85 -52.99
N ALA I 92 -43.05 -43.88 -51.66
CA ALA I 92 -41.85 -44.26 -50.93
C ALA I 92 -42.29 -44.65 -49.53
N MET I 93 -41.36 -45.22 -48.76
CA MET I 93 -41.63 -45.61 -47.38
C MET I 93 -41.16 -44.46 -46.49
N TYR I 94 -42.11 -43.71 -45.96
CA TYR I 94 -41.79 -42.64 -45.03
C TYR I 94 -41.61 -43.21 -43.63
N TYR I 95 -41.04 -42.40 -42.74
CA TYR I 95 -40.73 -42.86 -41.41
C TYR I 95 -40.79 -41.70 -40.43
N CYS I 96 -41.44 -41.94 -39.29
CA CYS I 96 -41.45 -41.01 -38.17
C CYS I 96 -40.55 -41.56 -37.09
N THR I 97 -39.82 -40.68 -36.40
CA THR I 97 -38.89 -41.16 -35.39
C THR I 97 -38.51 -40.06 -34.42
N ARG I 98 -38.06 -40.50 -33.25
CA ARG I 98 -37.55 -39.65 -32.20
C ARG I 98 -36.04 -39.75 -32.16
N HIS I 99 -35.38 -38.62 -32.01
CA HIS I 99 -33.93 -38.57 -32.08
C HIS I 99 -33.41 -37.55 -31.09
N GLN I 100 -32.44 -37.95 -30.28
CA GLN I 100 -31.75 -37.00 -29.43
C GLN I 100 -31.12 -35.95 -30.29
N TYR I 101 -31.35 -34.68 -29.92
CA TYR I 101 -30.77 -33.52 -30.66
C TYR I 101 -30.38 -32.48 -29.60
N GLY I 102 -30.30 -32.90 -28.34
CA GLY I 102 -30.01 -31.97 -27.23
C GLY I 102 -28.55 -31.52 -27.17
N TYR I 103 -28.27 -30.50 -26.36
CA TYR I 103 -26.89 -29.95 -26.23
C TYR I 103 -26.56 -29.80 -24.73
N ASN I 104 -26.52 -30.92 -24.01
CA ASN I 104 -26.28 -30.87 -22.54
C ASN I 104 -24.90 -30.25 -22.29
N TYR I 105 -23.88 -30.74 -23.01
CA TYR I 105 -22.52 -30.17 -22.89
C TYR I 105 -21.95 -30.10 -24.31
N GLY I 106 -21.66 -31.26 -24.90
CA GLY I 106 -21.10 -31.30 -26.28
C GLY I 106 -22.17 -31.70 -27.27
N TYR I 107 -22.24 -31.01 -28.41
CA TYR I 107 -23.34 -31.27 -29.37
C TYR I 107 -23.41 -32.75 -29.76
N PHE I 108 -24.62 -33.31 -29.81
CA PHE I 108 -24.79 -34.69 -30.24
C PHE I 108 -26.12 -34.84 -30.97
N TYR I 109 -26.14 -35.79 -31.90
CA TYR I 109 -27.25 -36.08 -32.79
C TYR I 109 -27.51 -37.58 -32.80
N TYR I 110 -28.73 -37.99 -33.14
CA TYR I 110 -28.97 -39.43 -32.99
C TYR I 110 -30.22 -39.93 -33.68
N TYR I 111 -30.56 -41.18 -33.42
CA TYR I 111 -31.79 -41.83 -33.84
C TYR I 111 -32.01 -43.05 -32.97
N ILE I 112 -33.14 -43.06 -32.27
CA ILE I 112 -33.39 -44.10 -31.29
C ILE I 112 -34.16 -45.23 -31.96
N ASP I 113 -35.29 -44.91 -32.57
CA ASP I 113 -36.06 -45.98 -33.20
C ASP I 113 -37.11 -45.34 -34.08
N VAL I 114 -37.57 -46.14 -35.04
CA VAL I 114 -38.54 -45.68 -36.02
C VAL I 114 -39.77 -46.57 -36.00
N TRP I 115 -39.57 -47.85 -36.33
CA TRP I 115 -40.60 -48.85 -36.59
C TRP I 115 -41.88 -48.28 -37.15
N GLY I 116 -41.82 -47.74 -38.37
CA GLY I 116 -42.98 -47.18 -39.03
C GLY I 116 -43.22 -47.81 -40.39
N LYS I 117 -44.11 -47.17 -41.14
CA LYS I 117 -44.46 -47.58 -42.50
C LYS I 117 -45.34 -46.50 -43.12
N GLY I 118 -45.13 -46.26 -44.39
CA GLY I 118 -46.00 -45.36 -45.12
C GLY I 118 -45.75 -45.49 -46.60
N THR I 119 -46.78 -45.23 -47.37
CA THR I 119 -46.66 -45.22 -48.82
C THR I 119 -47.83 -44.44 -49.39
N THR I 120 -47.83 -44.27 -50.70
CA THR I 120 -48.76 -43.34 -51.32
C THR I 120 -49.25 -43.83 -52.69
#